data_1ORT
#
_entry.id   1ORT
#
_cell.length_a   110.360
_cell.length_b   126.420
_cell.length_c   134.540
_cell.angle_alpha   85.07
_cell.angle_beta   59.24
_cell.angle_gamma   111.97
#
_symmetry.space_group_name_H-M   'P 1'
#
_entity_poly.entity_id   1
_entity_poly.type   'polypeptide(L)'
_entity_poly.pdbx_seq_one_letter_code
;AFNMHNRNLLSLMHHSTRELRYLLDLSRDLKRAKYTGTEQQHLKRKNIALIFEKTSTRTRCAFEVAAYDQGANVTYIDPN
SSQIGHKESMKDTARVLGRMYDAIGYRGFKQEIVEELAKFAGVPVFNGLTDEYHPTQMLADVLTMREHSDKPLHDISYAY
LGDARNNMGNSLLLIGAKLGMDVRIAAPKALWPHDEFVAQCKKFAEESGAKLTLTEDPKEAVKGVDFVHTDVWVSMGEPV
EAWGERIKELLPYQVNMEIMKATGNPRAKFMHCLPAFHNSETKVGKQIAEQYPNLANGIEVTEDVFESPYNIAFEQAENR
MHTIKAILVSTLADI
;
_entity_poly.pdbx_strand_id   A,B,C,D,E,F,G,H,I,J,K,L
#
# COMPACT_ATOMS: atom_id res chain seq x y z
N ALA A 1 -19.03 3.09 20.81
CA ALA A 1 -18.23 2.99 21.99
C ALA A 1 -18.79 1.95 22.96
N PHE A 2 -18.67 2.17 24.27
CA PHE A 2 -18.74 1.24 25.40
C PHE A 2 -17.26 0.93 25.29
N ASN A 3 -16.59 1.61 26.18
CA ASN A 3 -15.15 1.61 26.23
C ASN A 3 -14.71 1.86 27.66
N MET A 4 -13.45 1.52 27.92
CA MET A 4 -12.79 1.86 29.15
C MET A 4 -11.43 2.46 28.77
N HIS A 5 -11.52 3.21 27.67
CA HIS A 5 -10.44 3.97 27.06
C HIS A 5 -9.79 4.78 28.14
N ASN A 6 -8.46 4.79 28.29
CA ASN A 6 -7.74 5.54 29.30
C ASN A 6 -7.82 5.17 30.76
N ARG A 7 -8.63 4.17 31.01
CA ARG A 7 -8.77 3.74 32.36
C ARG A 7 -7.49 2.99 32.76
N ASN A 8 -6.81 3.36 33.86
CA ASN A 8 -5.74 2.53 34.41
C ASN A 8 -6.33 1.17 34.77
N LEU A 9 -5.62 0.05 34.68
CA LEU A 9 -6.15 -1.15 35.31
C LEU A 9 -5.28 -1.21 36.55
N LEU A 10 -5.25 -0.29 37.53
CA LEU A 10 -4.31 -0.58 38.59
C LEU A 10 -5.01 -1.35 39.70
N SER A 11 -5.38 -2.59 39.37
CA SER A 11 -5.93 -3.56 40.32
C SER A 11 -7.36 -3.41 40.80
N LEU A 12 -8.31 -3.82 39.97
CA LEU A 12 -9.64 -3.53 40.42
C LEU A 12 -10.70 -4.43 41.00
N MET A 13 -10.65 -4.04 42.27
CA MET A 13 -11.66 -4.36 43.28
C MET A 13 -12.93 -3.62 42.85
N HIS A 14 -12.89 -2.58 42.00
CA HIS A 14 -14.08 -1.88 41.54
C HIS A 14 -14.17 -1.97 40.03
N HIS A 15 -15.26 -2.62 39.55
CA HIS A 15 -15.61 -3.02 38.17
C HIS A 15 -16.92 -3.78 38.12
N SER A 16 -17.78 -3.17 37.34
CA SER A 16 -19.11 -3.68 36.98
C SER A 16 -19.14 -5.15 36.63
N THR A 17 -20.11 -6.07 36.91
CA THR A 17 -20.01 -7.37 36.24
C THR A 17 -19.98 -7.17 34.75
N ARG A 18 -20.56 -6.06 34.25
CA ARG A 18 -20.51 -5.62 32.85
C ARG A 18 -19.10 -5.30 32.35
N GLU A 19 -18.17 -4.60 33.05
CA GLU A 19 -16.82 -4.37 32.53
C GLU A 19 -16.00 -5.65 32.54
N LEU A 20 -16.14 -6.46 33.60
CA LEU A 20 -15.42 -7.70 33.70
C LEU A 20 -15.93 -8.53 32.56
N ARG A 21 -17.23 -8.65 32.28
CA ARG A 21 -17.54 -9.43 31.12
C ARG A 21 -17.06 -8.90 29.77
N TYR A 22 -16.99 -7.58 29.60
CA TYR A 22 -16.41 -6.99 28.42
C TYR A 22 -14.96 -7.39 28.33
N LEU A 23 -14.19 -7.21 29.39
CA LEU A 23 -12.79 -7.59 29.39
C LEU A 23 -12.52 -9.06 29.10
N LEU A 24 -13.35 -10.03 29.49
CA LEU A 24 -13.09 -11.42 29.16
C LEU A 24 -13.59 -11.80 27.78
N ASP A 25 -14.62 -11.09 27.24
CA ASP A 25 -15.06 -11.37 25.92
C ASP A 25 -13.91 -10.85 25.10
N LEU A 26 -13.43 -9.63 25.29
CA LEU A 26 -12.33 -9.16 24.47
C LEU A 26 -11.10 -10.05 24.51
N SER A 27 -10.66 -10.66 25.63
CA SER A 27 -9.48 -11.50 25.57
C SER A 27 -9.78 -12.82 24.87
N ARG A 28 -11.04 -13.23 24.91
CA ARG A 28 -11.42 -14.47 24.27
C ARG A 28 -11.26 -14.28 22.78
N ASP A 29 -11.78 -13.14 22.29
CA ASP A 29 -11.73 -12.81 20.89
C ASP A 29 -10.39 -12.37 20.43
N LEU A 30 -9.51 -11.84 21.29
CA LEU A 30 -8.18 -11.53 20.86
C LEU A 30 -7.33 -12.81 20.82
N LYS A 31 -7.71 -13.92 21.50
CA LYS A 31 -6.95 -15.17 21.48
C LYS A 31 -7.22 -15.84 20.17
N ARG A 32 -8.53 -15.91 19.93
CA ARG A 32 -8.97 -16.43 18.66
C ARG A 32 -8.38 -15.60 17.53
N ALA A 33 -8.18 -14.27 17.67
CA ALA A 33 -7.71 -13.50 16.52
C ALA A 33 -6.28 -13.84 16.20
N LYS A 34 -5.46 -14.13 17.22
CA LYS A 34 -4.07 -14.45 16.98
C LYS A 34 -4.00 -15.74 16.19
N TYR A 35 -4.65 -16.80 16.71
CA TYR A 35 -4.66 -18.12 16.09
C TYR A 35 -5.07 -18.40 14.67
N THR A 36 -6.01 -17.54 14.31
CA THR A 36 -6.66 -17.49 13.02
C THR A 36 -5.98 -16.51 12.10
N GLY A 37 -5.14 -15.63 12.65
CA GLY A 37 -4.47 -14.61 11.82
C GLY A 37 -5.38 -13.49 11.29
N THR A 38 -6.45 -13.29 12.01
CA THR A 38 -7.42 -12.29 11.82
C THR A 38 -6.98 -11.08 12.65
N GLU A 39 -5.95 -11.16 13.52
CA GLU A 39 -5.51 -10.05 14.35
C GLU A 39 -4.93 -8.88 13.58
N GLN A 40 -5.44 -7.67 13.79
CA GLN A 40 -4.94 -6.44 13.19
C GLN A 40 -4.15 -5.68 14.28
N GLN A 41 -3.05 -4.98 13.99
CA GLN A 41 -2.34 -4.25 15.01
C GLN A 41 -2.96 -2.90 15.31
N HIS A 42 -3.60 -2.69 16.46
CA HIS A 42 -4.18 -1.42 16.84
C HIS A 42 -3.40 -0.62 17.89
N LEU A 43 -2.11 -0.90 18.10
CA LEU A 43 -1.26 -0.14 19.01
C LEU A 43 0.03 0.25 18.31
N LYS A 44 0.03 0.36 16.98
CA LYS A 44 1.25 0.70 16.24
C LYS A 44 1.67 2.06 16.69
N ARG A 45 2.96 2.25 16.93
CA ARG A 45 3.49 3.59 17.25
C ARG A 45 3.17 3.95 18.70
N LYS A 46 2.84 3.02 19.62
CA LYS A 46 2.58 3.28 21.03
C LYS A 46 3.79 2.71 21.77
N ASN A 47 4.46 3.36 22.72
CA ASN A 47 5.63 2.80 23.37
C ASN A 47 5.29 2.60 24.82
N ILE A 48 5.41 1.44 25.47
CA ILE A 48 5.08 1.39 26.88
C ILE A 48 6.39 1.08 27.61
N ALA A 49 6.48 1.50 28.89
CA ALA A 49 7.63 1.41 29.80
C ALA A 49 7.29 0.29 30.75
N LEU A 50 8.18 -0.50 31.32
CA LEU A 50 7.77 -1.60 32.18
C LEU A 50 8.70 -1.43 33.35
N ILE A 51 8.26 -0.90 34.49
CA ILE A 51 9.10 -0.69 35.65
C ILE A 51 8.87 -1.94 36.49
N PHE A 52 9.83 -2.84 36.64
CA PHE A 52 9.58 -4.01 37.47
C PHE A 52 10.43 -3.91 38.73
N GLU A 53 9.91 -3.75 39.96
CA GLU A 53 10.74 -3.74 41.16
C GLU A 53 11.06 -5.19 41.52
N LYS A 54 10.22 -6.23 41.45
CA LYS A 54 10.78 -7.57 41.62
C LYS A 54 10.91 -8.14 40.20
N THR A 55 11.98 -8.89 39.86
CA THR A 55 12.05 -9.61 38.59
C THR A 55 10.92 -10.62 38.53
N SER A 56 10.15 -10.62 37.43
CA SER A 56 9.08 -11.56 37.18
C SER A 56 8.96 -11.92 35.70
N THR A 57 9.81 -12.78 35.19
CA THR A 57 9.84 -13.16 33.79
C THR A 57 8.56 -13.52 33.10
N ARG A 58 7.71 -14.35 33.70
CA ARG A 58 6.45 -14.73 33.13
C ARG A 58 5.54 -13.52 33.01
N THR A 59 5.67 -12.48 33.83
CA THR A 59 4.77 -11.36 33.64
C THR A 59 5.38 -10.33 32.71
N ARG A 60 6.70 -10.22 32.68
CA ARG A 60 7.35 -9.42 31.69
C ARG A 60 7.03 -10.07 30.35
N CYS A 61 7.39 -11.32 30.00
CA CYS A 61 7.06 -11.89 28.71
C CYS A 61 5.62 -11.73 28.28
N ALA A 62 4.63 -11.89 29.18
CA ALA A 62 3.24 -11.64 28.80
C ALA A 62 3.06 -10.19 28.39
N PHE A 63 3.60 -9.17 29.08
CA PHE A 63 3.45 -7.79 28.63
C PHE A 63 4.17 -7.64 27.30
N GLU A 64 5.41 -8.09 27.22
CA GLU A 64 6.20 -7.95 26.04
C GLU A 64 5.56 -8.59 24.82
N VAL A 65 5.22 -9.88 24.74
CA VAL A 65 4.52 -10.45 23.62
C VAL A 65 3.19 -9.76 23.33
N ALA A 66 2.34 -9.39 24.31
CA ALA A 66 1.09 -8.71 23.99
C ALA A 66 1.27 -7.35 23.36
N ALA A 67 2.21 -6.58 23.92
CA ALA A 67 2.49 -5.28 23.38
C ALA A 67 3.03 -5.39 21.98
N TYR A 68 3.90 -6.37 21.69
CA TYR A 68 4.44 -6.59 20.38
C TYR A 68 3.48 -7.08 19.36
N ASP A 69 2.56 -7.99 19.65
CA ASP A 69 1.65 -8.42 18.65
C ASP A 69 0.83 -7.27 18.07
N GLN A 70 0.54 -6.32 18.94
CA GLN A 70 -0.24 -5.20 18.58
C GLN A 70 0.66 -4.10 18.05
N GLY A 71 1.82 -4.32 17.47
CA GLY A 71 2.65 -3.22 17.05
C GLY A 71 3.19 -2.24 18.12
N ALA A 72 3.07 -2.37 19.45
CA ALA A 72 3.65 -1.38 20.33
C ALA A 72 5.13 -1.64 20.56
N ASN A 73 5.81 -0.84 21.38
CA ASN A 73 7.22 -1.04 21.64
C ASN A 73 7.42 -0.98 23.11
N VAL A 74 8.40 -1.65 23.72
CA VAL A 74 8.43 -1.80 25.16
C VAL A 74 9.78 -1.39 25.71
N THR A 75 9.93 -0.59 26.76
CA THR A 75 11.24 -0.36 27.38
C THR A 75 11.25 -1.14 28.67
N TYR A 76 11.93 -2.27 28.90
CA TYR A 76 11.95 -2.88 30.21
C TYR A 76 12.96 -2.16 31.12
N ILE A 77 12.52 -1.75 32.31
CA ILE A 77 13.34 -1.07 33.29
C ILE A 77 13.31 -2.01 34.48
N ASP A 78 14.47 -2.57 34.79
CA ASP A 78 14.74 -3.47 35.92
C ASP A 78 14.34 -3.33 37.35
N PRO A 79 14.61 -4.34 38.18
CA PRO A 79 14.97 -4.13 39.56
C PRO A 79 16.40 -3.63 39.64
N ASN A 80 17.41 -4.17 38.95
CA ASN A 80 18.80 -3.71 39.19
C ASN A 80 19.06 -2.23 39.08
N SER A 81 18.32 -1.45 38.29
CA SER A 81 18.72 -0.08 38.09
C SER A 81 17.63 0.90 37.69
N SER A 82 16.69 0.86 38.62
CA SER A 82 15.60 1.78 38.71
C SER A 82 15.73 2.01 40.21
N GLN A 83 16.74 2.76 40.67
CA GLN A 83 16.88 2.95 42.10
C GLN A 83 15.80 3.95 42.58
N ILE A 84 14.53 3.49 42.56
CA ILE A 84 13.35 4.33 42.72
C ILE A 84 13.31 5.15 43.98
N GLY A 85 13.15 4.55 45.15
CA GLY A 85 13.08 5.38 46.34
C GLY A 85 14.43 6.02 46.62
N HIS A 86 15.52 5.62 45.93
CA HIS A 86 16.85 6.02 46.33
C HIS A 86 17.04 7.52 46.45
N LYS A 87 17.00 8.16 45.30
CA LYS A 87 17.22 9.57 45.20
C LYS A 87 16.21 10.18 44.23
N GLU A 88 15.08 9.52 43.96
CA GLU A 88 14.17 10.19 43.08
C GLU A 88 12.74 10.24 43.56
N SER A 89 11.96 9.16 43.69
CA SER A 89 10.56 9.14 44.13
C SER A 89 9.67 8.92 42.95
N MET A 90 8.82 7.90 43.07
CA MET A 90 7.81 7.55 42.10
C MET A 90 7.06 8.76 41.57
N LYS A 91 6.71 9.72 42.43
CA LYS A 91 5.96 10.89 41.97
C LYS A 91 6.75 11.68 40.97
N ASP A 92 8.05 11.87 41.19
CA ASP A 92 8.89 12.59 40.25
C ASP A 92 9.30 11.79 39.05
N THR A 93 9.44 10.47 39.15
CA THR A 93 9.86 9.82 37.93
C THR A 93 8.62 9.43 37.11
N ALA A 94 7.39 9.27 37.62
CA ALA A 94 6.22 9.04 36.79
C ALA A 94 5.95 10.28 35.96
N ARG A 95 6.15 11.48 36.52
CA ARG A 95 5.94 12.67 35.74
C ARG A 95 6.92 12.76 34.59
N VAL A 96 8.18 12.32 34.75
CA VAL A 96 9.04 12.36 33.60
C VAL A 96 8.58 11.28 32.64
N LEU A 97 8.44 10.04 33.08
CA LEU A 97 8.05 8.95 32.19
C LEU A 97 6.65 9.05 31.52
N GLY A 98 5.61 9.72 32.00
CA GLY A 98 4.40 9.85 31.24
C GLY A 98 4.65 10.86 30.12
N ARG A 99 5.75 11.58 30.15
CA ARG A 99 5.99 12.47 29.04
C ARG A 99 6.67 11.74 27.92
N MET A 100 7.44 10.70 28.16
CA MET A 100 7.97 9.99 27.04
C MET A 100 7.17 8.78 26.65
N TYR A 101 6.56 8.00 27.57
CA TYR A 101 5.81 6.82 27.21
C TYR A 101 4.33 7.04 26.98
N ASP A 102 3.63 6.00 26.55
CA ASP A 102 2.20 6.06 26.26
C ASP A 102 1.35 5.34 27.27
N ALA A 103 1.93 4.48 28.07
CA ALA A 103 1.23 3.73 29.10
C ALA A 103 2.34 3.22 29.99
N ILE A 104 2.18 2.69 31.20
CA ILE A 104 3.35 2.21 31.97
C ILE A 104 2.94 0.91 32.63
N GLY A 105 3.74 -0.15 32.67
CA GLY A 105 3.33 -1.37 33.34
C GLY A 105 4.09 -1.38 34.64
N TYR A 106 3.47 -1.79 35.74
CA TYR A 106 4.22 -1.77 36.95
C TYR A 106 4.11 -3.07 37.68
N ARG A 107 5.21 -3.41 38.32
CA ARG A 107 5.23 -4.61 39.11
C ARG A 107 6.29 -4.52 40.19
N GLY A 108 5.76 -4.30 41.38
CA GLY A 108 6.56 -4.08 42.54
C GLY A 108 5.82 -4.76 43.65
N PHE A 109 6.30 -4.52 44.86
CA PHE A 109 5.68 -5.18 45.99
C PHE A 109 4.52 -4.35 46.53
N LYS A 110 4.92 -3.10 46.74
CA LYS A 110 4.15 -2.20 47.55
C LYS A 110 3.00 -1.46 46.89
N GLN A 111 1.85 -2.09 46.62
CA GLN A 111 0.68 -1.45 45.99
C GLN A 111 0.54 0.03 46.29
N GLU A 112 0.81 0.48 47.53
CA GLU A 112 0.89 1.89 47.88
C GLU A 112 1.64 2.68 46.77
N ILE A 113 2.88 2.32 46.35
CA ILE A 113 3.60 2.95 45.22
C ILE A 113 2.88 2.95 43.87
N VAL A 114 2.24 1.85 43.47
CA VAL A 114 1.47 1.76 42.23
C VAL A 114 0.54 2.94 42.15
N GLU A 115 -0.12 3.25 43.27
CA GLU A 115 -1.02 4.38 43.32
C GLU A 115 -0.29 5.68 43.05
N GLU A 116 0.94 5.98 43.51
CA GLU A 116 1.60 7.24 43.13
C GLU A 116 1.80 7.36 41.64
N LEU A 117 2.26 6.25 41.08
CA LEU A 117 2.54 6.11 39.66
C LEU A 117 1.25 6.42 38.94
N ALA A 118 0.17 5.73 39.31
CA ALA A 118 -1.09 5.92 38.65
C ALA A 118 -1.57 7.35 38.83
N LYS A 119 -1.29 7.97 39.98
CA LYS A 119 -1.83 9.28 40.22
C LYS A 119 -1.16 10.39 39.41
N PHE A 120 0.18 10.38 39.37
CA PHE A 120 0.99 11.40 38.71
C PHE A 120 1.45 11.12 37.30
N ALA A 121 1.52 9.89 36.83
CA ALA A 121 2.07 9.65 35.51
C ALA A 121 1.44 10.42 34.37
N GLY A 122 0.11 10.54 34.31
CA GLY A 122 -0.54 11.28 33.25
C GLY A 122 -0.92 10.40 32.07
N VAL A 123 -0.68 9.08 32.16
CA VAL A 123 -0.91 8.19 31.04
C VAL A 123 -1.38 6.84 31.59
N PRO A 124 -2.23 5.96 31.03
CA PRO A 124 -2.57 4.65 31.60
C PRO A 124 -1.52 3.89 32.41
N VAL A 125 -1.80 3.56 33.65
CA VAL A 125 -0.82 2.77 34.38
C VAL A 125 -1.46 1.40 34.61
N PHE A 126 -0.79 0.34 34.22
CA PHE A 126 -1.39 -0.97 34.33
C PHE A 126 -0.60 -1.64 35.40
N ASN A 127 -1.29 -1.96 36.46
CA ASN A 127 -0.60 -2.73 37.45
C ASN A 127 -0.46 -4.14 36.91
N GLY A 128 0.75 -4.50 36.47
CA GLY A 128 1.06 -5.87 36.16
C GLY A 128 0.80 -6.62 37.46
N LEU A 129 1.30 -6.15 38.62
CA LEU A 129 0.96 -6.61 39.98
C LEU A 129 1.78 -6.11 41.18
N THR A 130 1.29 -6.45 42.39
CA THR A 130 1.92 -6.17 43.67
C THR A 130 1.47 -7.24 44.64
N ASP A 131 1.71 -7.16 45.96
CA ASP A 131 1.27 -8.13 46.97
C ASP A 131 -0.24 -8.21 47.06
N GLU A 132 -0.84 -7.01 47.06
CA GLU A 132 -2.28 -6.75 47.06
C GLU A 132 -2.83 -7.53 45.87
N TYR A 133 -1.99 -7.63 44.81
CA TYR A 133 -2.25 -8.57 43.74
C TYR A 133 -3.35 -8.19 42.78
N HIS A 134 -3.11 -9.03 41.76
CA HIS A 134 -3.72 -9.34 40.48
C HIS A 134 -5.16 -9.39 39.96
N PRO A 135 -5.54 -8.26 39.41
CA PRO A 135 -6.48 -8.19 38.34
C PRO A 135 -6.23 -9.11 37.12
N THR A 136 -5.04 -9.32 36.52
CA THR A 136 -5.00 -10.14 35.31
C THR A 136 -4.85 -11.62 35.49
N GLN A 137 -4.24 -12.17 36.57
CA GLN A 137 -4.24 -13.63 36.64
C GLN A 137 -5.68 -13.93 37.01
N MET A 138 -6.44 -13.05 37.71
CA MET A 138 -7.87 -13.28 37.90
C MET A 138 -8.68 -13.53 36.65
N LEU A 139 -8.55 -12.68 35.63
CA LEU A 139 -9.27 -12.85 34.39
C LEU A 139 -8.62 -13.89 33.49
N ALA A 140 -7.32 -14.23 33.62
CA ALA A 140 -6.70 -15.30 32.85
C ALA A 140 -7.37 -16.61 33.26
N ASP A 141 -7.37 -16.95 34.55
CA ASP A 141 -8.02 -18.15 35.03
C ASP A 141 -9.44 -18.24 34.65
N VAL A 142 -10.26 -17.20 34.82
CA VAL A 142 -11.63 -17.46 34.45
C VAL A 142 -11.71 -17.51 32.93
N LEU A 143 -10.86 -16.81 32.12
CA LEU A 143 -10.80 -17.02 30.67
C LEU A 143 -10.50 -18.50 30.50
N THR A 144 -9.64 -19.11 31.31
CA THR A 144 -9.32 -20.52 31.12
C THR A 144 -10.45 -21.44 31.53
N MET A 145 -11.17 -21.13 32.61
CA MET A 145 -12.20 -22.06 33.01
C MET A 145 -13.28 -22.02 31.95
N ARG A 146 -13.51 -20.83 31.39
CA ARG A 146 -14.59 -20.72 30.45
C ARG A 146 -14.33 -21.35 29.10
N GLU A 147 -13.11 -21.31 28.57
CA GLU A 147 -12.96 -21.94 27.28
C GLU A 147 -12.74 -23.41 27.19
N HIS A 148 -12.30 -23.90 28.34
CA HIS A 148 -12.01 -25.29 28.43
C HIS A 148 -13.28 -26.01 28.78
N SER A 149 -14.13 -25.53 29.70
CA SER A 149 -15.31 -26.27 30.05
C SER A 149 -16.39 -26.17 28.99
N ASP A 150 -16.35 -25.10 28.19
CA ASP A 150 -17.29 -24.84 27.11
C ASP A 150 -18.74 -24.60 27.58
N LYS A 151 -18.87 -24.25 28.87
CA LYS A 151 -20.11 -23.99 29.59
C LYS A 151 -20.26 -22.48 29.76
N PRO A 152 -21.43 -21.88 29.98
CA PRO A 152 -21.57 -20.44 30.25
C PRO A 152 -20.82 -20.08 31.52
N LEU A 153 -20.33 -18.87 31.83
CA LEU A 153 -19.67 -18.64 33.13
C LEU A 153 -20.42 -19.25 34.34
N HIS A 154 -21.67 -18.89 34.60
CA HIS A 154 -22.45 -19.49 35.67
C HIS A 154 -22.67 -21.00 35.67
N ASP A 155 -22.06 -21.87 34.88
CA ASP A 155 -22.25 -23.30 35.11
C ASP A 155 -20.84 -23.79 35.29
N ILE A 156 -19.95 -22.99 35.85
CA ILE A 156 -18.60 -23.47 36.06
C ILE A 156 -18.49 -23.40 37.56
N SER A 157 -18.04 -24.49 38.15
CA SER A 157 -17.75 -24.45 39.56
C SER A 157 -16.32 -24.88 39.75
N TYR A 158 -15.63 -24.41 40.76
CA TYR A 158 -14.24 -24.76 40.98
C TYR A 158 -13.87 -24.69 42.45
N ALA A 159 -12.76 -25.25 42.93
CA ALA A 159 -12.41 -25.23 44.33
C ALA A 159 -10.99 -24.76 44.50
N TYR A 160 -10.67 -24.17 45.65
CA TYR A 160 -9.32 -23.70 45.88
C TYR A 160 -8.87 -24.48 47.10
N LEU A 161 -7.73 -25.16 47.15
CA LEU A 161 -7.39 -25.90 48.32
C LEU A 161 -6.19 -25.38 49.10
N GLY A 162 -6.62 -24.82 50.22
CA GLY A 162 -5.78 -24.45 51.35
C GLY A 162 -4.74 -23.37 51.32
N ASP A 163 -5.11 -22.47 52.23
CA ASP A 163 -4.48 -21.22 52.62
C ASP A 163 -5.21 -20.29 51.70
N ALA A 164 -6.46 -20.06 52.08
CA ALA A 164 -7.20 -19.16 51.27
C ALA A 164 -6.91 -17.79 51.85
N ARG A 165 -5.65 -17.38 52.03
CA ARG A 165 -5.34 -16.07 52.62
C ARG A 165 -4.27 -15.43 51.80
N ASN A 166 -3.15 -16.16 51.59
CA ASN A 166 -2.22 -15.92 50.49
C ASN A 166 -3.28 -15.88 49.36
N ASN A 167 -3.48 -14.63 48.96
CA ASN A 167 -4.66 -14.17 48.27
C ASN A 167 -5.10 -14.70 46.93
N MET A 168 -4.51 -15.76 46.37
CA MET A 168 -5.10 -16.40 45.20
C MET A 168 -6.46 -16.94 45.66
N GLY A 169 -6.55 -17.26 46.96
CA GLY A 169 -7.77 -17.64 47.62
C GLY A 169 -8.73 -16.47 47.58
N ASN A 170 -8.30 -15.24 47.87
CA ASN A 170 -9.22 -14.10 47.81
C ASN A 170 -9.62 -13.68 46.42
N SER A 171 -8.70 -13.83 45.48
CA SER A 171 -8.97 -13.31 44.19
C SER A 171 -9.83 -14.34 43.52
N LEU A 172 -9.66 -15.65 43.75
CA LEU A 172 -10.61 -16.56 43.16
C LEU A 172 -12.00 -16.37 43.73
N LEU A 173 -12.20 -16.23 45.05
CA LEU A 173 -13.51 -15.95 45.62
C LEU A 173 -14.11 -14.65 45.09
N LEU A 174 -13.31 -13.58 44.95
CA LEU A 174 -13.82 -12.31 44.48
C LEU A 174 -14.40 -12.46 43.08
N ILE A 175 -13.69 -13.07 42.12
CA ILE A 175 -14.25 -13.09 40.81
C ILE A 175 -15.30 -14.17 40.71
N GLY A 176 -15.20 -15.37 41.31
CA GLY A 176 -16.35 -16.28 41.31
C GLY A 176 -17.63 -15.56 41.80
N ALA A 177 -17.52 -14.64 42.77
CA ALA A 177 -18.67 -13.94 43.30
C ALA A 177 -19.25 -12.94 42.30
N LYS A 178 -18.46 -12.07 41.68
CA LYS A 178 -19.04 -11.12 40.74
C LYS A 178 -19.56 -11.76 39.47
N LEU A 179 -19.07 -12.92 39.04
CA LEU A 179 -19.54 -13.44 37.78
C LEU A 179 -20.56 -14.55 37.95
N GLY A 180 -20.89 -14.87 39.19
CA GLY A 180 -21.95 -15.83 39.43
C GLY A 180 -21.61 -17.26 39.14
N MET A 181 -20.35 -17.62 39.39
CA MET A 181 -19.94 -18.99 39.19
C MET A 181 -20.17 -19.67 40.53
N ASP A 182 -19.85 -20.96 40.65
CA ASP A 182 -20.00 -21.69 41.88
C ASP A 182 -18.61 -21.90 42.47
N VAL A 183 -18.18 -21.00 43.34
CA VAL A 183 -16.84 -21.10 43.91
C VAL A 183 -16.75 -21.69 45.32
N ARG A 184 -15.98 -22.77 45.55
CA ARG A 184 -15.86 -23.40 46.86
C ARG A 184 -14.46 -23.26 47.43
N ILE A 185 -14.20 -22.74 48.64
CA ILE A 185 -12.82 -22.75 49.12
C ILE A 185 -12.61 -23.86 50.14
N ALA A 186 -11.51 -24.61 50.11
CA ALA A 186 -11.27 -25.71 51.02
C ALA A 186 -10.00 -25.50 51.79
N ALA A 187 -10.08 -24.91 52.97
CA ALA A 187 -8.88 -24.67 53.75
C ALA A 187 -9.22 -24.82 55.23
N PRO A 188 -8.28 -25.02 56.15
CA PRO A 188 -8.56 -25.08 57.57
C PRO A 188 -9.02 -23.70 58.05
N LYS A 189 -10.05 -23.57 58.88
CA LYS A 189 -10.58 -22.30 59.40
C LYS A 189 -9.61 -21.23 59.85
N ALA A 190 -8.39 -21.58 60.27
CA ALA A 190 -7.38 -20.58 60.62
C ALA A 190 -6.87 -19.80 59.42
N LEU A 191 -7.25 -20.29 58.24
CA LEU A 191 -6.76 -19.87 56.94
C LEU A 191 -7.86 -19.56 55.91
N TRP A 192 -9.03 -19.16 56.36
CA TRP A 192 -10.12 -18.74 55.48
C TRP A 192 -9.91 -17.26 55.14
N PRO A 193 -10.48 -16.61 54.11
CA PRO A 193 -10.33 -15.17 53.87
C PRO A 193 -10.86 -14.38 55.09
N HIS A 194 -10.46 -13.19 55.62
CA HIS A 194 -11.17 -12.78 56.84
C HIS A 194 -12.57 -12.40 56.40
N ASP A 195 -13.37 -12.95 57.29
CA ASP A 195 -14.79 -12.85 57.23
C ASP A 195 -15.34 -11.50 56.82
N GLU A 196 -14.76 -10.29 57.02
CA GLU A 196 -15.47 -9.15 56.42
C GLU A 196 -15.35 -9.20 54.90
N PHE A 197 -14.24 -9.73 54.36
CA PHE A 197 -14.07 -9.95 52.93
C PHE A 197 -15.04 -11.06 52.57
N VAL A 198 -15.20 -12.23 53.21
CA VAL A 198 -16.26 -13.13 52.77
C VAL A 198 -17.60 -12.40 52.84
N ALA A 199 -17.84 -11.46 53.77
CA ALA A 199 -19.12 -10.76 53.81
C ALA A 199 -19.31 -9.97 52.53
N GLN A 200 -18.21 -9.41 52.00
CA GLN A 200 -18.30 -8.68 50.74
C GLN A 200 -18.60 -9.68 49.66
N CYS A 201 -17.78 -10.73 49.52
CA CYS A 201 -18.05 -11.74 48.52
C CYS A 201 -19.45 -12.27 48.66
N LYS A 202 -20.14 -12.20 49.80
CA LYS A 202 -21.50 -12.64 49.78
C LYS A 202 -22.46 -11.57 49.28
N LYS A 203 -22.17 -10.28 49.52
CA LYS A 203 -22.97 -9.17 48.99
C LYS A 203 -23.02 -9.41 47.49
N PHE A 204 -21.83 -9.44 46.87
CA PHE A 204 -21.67 -9.74 45.46
C PHE A 204 -22.35 -11.02 45.01
N ALA A 205 -22.07 -12.10 45.72
CA ALA A 205 -22.60 -13.40 45.35
C ALA A 205 -24.10 -13.50 45.25
N GLU A 206 -24.82 -12.50 45.74
CA GLU A 206 -26.26 -12.52 45.75
C GLU A 206 -26.91 -11.83 44.56
N GLU A 207 -26.23 -10.77 44.09
CA GLU A 207 -26.73 -10.00 42.98
C GLU A 207 -26.61 -10.96 41.77
N SER A 208 -25.46 -11.60 41.56
CA SER A 208 -25.30 -12.69 40.58
C SER A 208 -25.81 -13.99 41.21
N GLY A 209 -26.00 -15.15 40.60
CA GLY A 209 -26.40 -16.31 41.40
C GLY A 209 -25.17 -17.02 41.98
N ALA A 210 -24.22 -16.37 42.62
CA ALA A 210 -23.00 -17.10 42.92
C ALA A 210 -23.06 -18.00 44.16
N LYS A 211 -22.60 -19.26 44.15
CA LYS A 211 -22.59 -20.06 45.37
C LYS A 211 -21.19 -20.00 45.97
N LEU A 212 -20.99 -19.71 47.27
CA LEU A 212 -19.68 -19.68 47.89
C LEU A 212 -19.62 -20.69 49.04
N THR A 213 -19.06 -21.91 49.03
CA THR A 213 -18.96 -22.62 50.31
C THR A 213 -17.61 -22.17 50.89
N LEU A 214 -17.26 -22.55 52.11
CA LEU A 214 -15.92 -22.40 52.64
C LEU A 214 -15.97 -23.58 53.59
N THR A 215 -15.25 -24.66 53.33
CA THR A 215 -15.26 -25.84 54.18
C THR A 215 -13.83 -26.01 54.69
N GLU A 216 -13.44 -27.16 55.27
CA GLU A 216 -12.08 -27.51 55.70
C GLU A 216 -11.85 -28.95 55.27
N ASP A 217 -12.85 -29.52 54.60
CA ASP A 217 -12.88 -30.88 54.12
C ASP A 217 -12.63 -30.86 52.61
N PRO A 218 -11.43 -31.11 52.04
CA PRO A 218 -11.20 -31.25 50.61
C PRO A 218 -12.17 -32.12 49.84
N LYS A 219 -12.25 -33.43 50.04
CA LYS A 219 -13.16 -34.28 49.28
C LYS A 219 -14.58 -33.72 49.10
N GLU A 220 -15.02 -32.91 50.04
CA GLU A 220 -16.32 -32.26 49.95
C GLU A 220 -16.24 -31.10 48.97
N ALA A 221 -15.34 -30.16 49.28
CA ALA A 221 -15.14 -28.93 48.51
C ALA A 221 -15.02 -29.19 47.02
N VAL A 222 -14.21 -30.18 46.71
CA VAL A 222 -13.96 -30.58 45.36
C VAL A 222 -15.03 -31.48 44.75
N LYS A 223 -16.24 -31.68 45.33
CA LYS A 223 -17.15 -32.67 44.78
C LYS A 223 -17.85 -32.13 43.54
N GLY A 224 -17.78 -32.90 42.44
CA GLY A 224 -18.41 -32.53 41.15
C GLY A 224 -18.04 -31.19 40.49
N VAL A 225 -16.90 -30.66 40.85
CA VAL A 225 -16.39 -29.40 40.35
C VAL A 225 -15.79 -29.65 38.97
N ASP A 226 -15.53 -28.59 38.21
CA ASP A 226 -14.80 -28.66 36.93
C ASP A 226 -13.54 -27.93 37.39
N PHE A 227 -12.23 -28.21 37.32
CA PHE A 227 -11.18 -27.26 37.77
C PHE A 227 -11.06 -27.17 39.29
N VAL A 228 -9.87 -27.58 39.74
CA VAL A 228 -9.38 -27.70 41.12
C VAL A 228 -8.20 -26.73 41.06
N HIS A 229 -8.03 -25.74 41.94
CA HIS A 229 -6.92 -24.77 41.89
C HIS A 229 -6.08 -24.95 43.11
N THR A 230 -4.78 -24.76 43.07
CA THR A 230 -4.04 -24.72 44.31
C THR A 230 -2.93 -23.71 44.15
N ASP A 231 -2.02 -23.57 45.11
CA ASP A 231 -0.91 -22.65 45.01
C ASP A 231 0.15 -22.91 46.06
N VAL A 232 1.44 -22.59 45.86
CA VAL A 232 2.50 -22.95 46.80
C VAL A 232 2.18 -22.22 48.08
N TRP A 233 2.07 -22.98 49.17
CA TRP A 233 1.86 -22.43 50.50
C TRP A 233 3.08 -22.28 51.40
N VAL A 234 4.24 -22.79 51.03
CA VAL A 234 5.40 -22.69 51.90
C VAL A 234 6.05 -21.38 51.50
N SER A 235 6.41 -20.54 52.47
CA SER A 235 7.04 -19.26 52.20
C SER A 235 8.55 -19.34 52.28
N MET A 236 9.09 -19.54 51.06
CA MET A 236 10.51 -19.48 50.77
C MET A 236 11.05 -18.29 51.56
N GLY A 237 11.93 -18.53 52.50
CA GLY A 237 12.46 -17.40 53.23
C GLY A 237 12.15 -17.51 54.70
N GLU A 238 10.89 -17.64 55.15
CA GLU A 238 10.61 -17.82 56.58
C GLU A 238 11.24 -19.21 56.73
N PRO A 239 12.39 -19.29 57.45
CA PRO A 239 13.62 -19.91 56.97
C PRO A 239 13.36 -21.13 56.11
N VAL A 240 13.15 -22.29 56.74
CA VAL A 240 12.85 -23.55 56.08
C VAL A 240 12.85 -24.63 57.15
N GLU A 241 13.87 -24.56 58.00
CA GLU A 241 13.98 -25.35 59.22
C GLU A 241 12.68 -25.06 59.89
N ALA A 242 12.03 -26.21 59.85
CA ALA A 242 10.68 -26.29 60.32
C ALA A 242 9.76 -25.35 59.55
N TRP A 243 9.42 -25.84 58.36
CA TRP A 243 8.15 -25.40 57.87
C TRP A 243 7.21 -26.33 58.64
N GLY A 244 7.65 -27.54 59.01
CA GLY A 244 6.95 -28.51 59.87
C GLY A 244 5.52 -28.22 60.28
N GLU A 245 5.17 -27.21 61.11
CA GLU A 245 3.75 -27.01 61.41
C GLU A 245 2.97 -26.61 60.17
N ARG A 246 3.44 -25.66 59.36
CA ARG A 246 2.78 -25.30 58.10
C ARG A 246 2.62 -26.57 57.27
N ILE A 247 3.69 -27.37 57.19
CA ILE A 247 3.61 -28.57 56.39
C ILE A 247 2.63 -29.55 57.01
N LYS A 248 2.43 -29.58 58.33
CA LYS A 248 1.51 -30.55 58.87
C LYS A 248 0.10 -30.03 58.61
N GLU A 249 -0.10 -28.71 58.54
CA GLU A 249 -1.42 -28.15 58.30
C GLU A 249 -1.97 -28.35 56.93
N LEU A 250 -1.22 -27.84 55.96
CA LEU A 250 -1.78 -27.84 54.65
C LEU A 250 -1.56 -29.15 53.97
N LEU A 251 -0.73 -30.07 54.50
CA LEU A 251 -0.48 -31.31 53.78
C LEU A 251 -1.77 -32.14 53.60
N PRO A 252 -2.87 -32.11 54.37
CA PRO A 252 -4.10 -32.75 53.96
C PRO A 252 -4.65 -32.14 52.68
N TYR A 253 -4.51 -30.82 52.44
CA TYR A 253 -4.99 -30.11 51.24
C TYR A 253 -4.12 -30.21 49.99
N GLN A 254 -3.27 -31.23 49.92
CA GLN A 254 -2.33 -31.42 48.85
C GLN A 254 -3.15 -31.76 47.61
N VAL A 255 -3.24 -31.04 46.48
CA VAL A 255 -4.04 -31.61 45.39
C VAL A 255 -3.28 -32.83 44.91
N ASN A 256 -3.89 -34.02 44.89
CA ASN A 256 -3.21 -35.21 44.39
C ASN A 256 -4.20 -36.14 43.72
N MET A 257 -3.80 -37.26 43.12
CA MET A 257 -4.77 -38.10 42.42
C MET A 257 -5.92 -38.61 43.26
N GLU A 258 -5.91 -38.51 44.60
CA GLU A 258 -7.05 -38.91 45.39
C GLU A 258 -7.94 -37.70 45.21
N ILE A 259 -7.58 -36.48 45.65
CA ILE A 259 -8.39 -35.28 45.44
C ILE A 259 -8.92 -35.07 44.02
N MET A 260 -8.09 -35.32 43.00
CA MET A 260 -8.55 -35.14 41.63
C MET A 260 -9.59 -36.20 41.34
N LYS A 261 -9.37 -37.49 41.62
CA LYS A 261 -10.39 -38.51 41.40
C LYS A 261 -11.58 -38.31 42.34
N ALA A 262 -11.35 -37.63 43.47
CA ALA A 262 -12.36 -37.34 44.46
C ALA A 262 -13.39 -36.42 43.91
N THR A 263 -13.03 -35.62 42.89
CA THR A 263 -14.02 -34.79 42.25
C THR A 263 -14.92 -35.82 41.58
N GLY A 264 -16.09 -35.40 41.17
CA GLY A 264 -16.92 -36.43 40.56
C GLY A 264 -16.45 -36.80 39.17
N ASN A 265 -15.78 -35.87 38.48
CA ASN A 265 -15.96 -35.95 37.05
C ASN A 265 -14.74 -36.16 36.20
N PRO A 266 -14.71 -36.99 35.13
CA PRO A 266 -13.49 -37.32 34.40
C PRO A 266 -12.90 -36.17 33.60
N ARG A 267 -13.51 -34.99 33.66
CA ARG A 267 -13.04 -33.85 32.94
C ARG A 267 -12.57 -32.80 33.92
N ALA A 268 -12.56 -33.01 35.26
CA ALA A 268 -12.04 -32.00 36.16
C ALA A 268 -10.59 -31.73 35.76
N LYS A 269 -10.11 -30.47 35.84
CA LYS A 269 -8.74 -30.07 35.54
C LYS A 269 -8.09 -29.37 36.72
N PHE A 270 -6.79 -29.36 36.78
CA PHE A 270 -6.04 -28.79 37.86
C PHE A 270 -5.51 -27.46 37.32
N MET A 271 -5.42 -26.41 38.10
CA MET A 271 -4.86 -25.18 37.62
C MET A 271 -3.97 -24.67 38.73
N HIS A 272 -2.98 -23.83 38.46
CA HIS A 272 -2.04 -23.40 39.48
C HIS A 272 -1.35 -22.13 38.98
N CYS A 273 -1.30 -20.87 39.46
CA CYS A 273 -0.52 -19.87 38.71
C CYS A 273 0.96 -20.02 39.04
N LEU A 274 1.62 -20.96 38.36
CA LEU A 274 3.03 -21.31 38.51
C LEU A 274 4.01 -20.37 39.26
N PRO A 275 5.06 -20.73 40.03
CA PRO A 275 5.75 -22.01 40.01
C PRO A 275 5.05 -22.99 40.94
N ALA A 276 5.08 -24.26 40.60
CA ALA A 276 4.41 -25.22 41.42
C ALA A 276 5.53 -26.08 41.87
N PHE A 277 5.60 -26.23 43.19
CA PHE A 277 6.49 -27.15 43.82
C PHE A 277 5.87 -28.50 43.60
N HIS A 278 6.42 -29.20 42.63
CA HIS A 278 5.81 -30.46 42.37
C HIS A 278 6.78 -31.60 42.24
N ASN A 279 8.03 -31.41 42.67
CA ASN A 279 9.02 -32.47 42.69
C ASN A 279 10.35 -31.90 43.11
N SER A 280 11.36 -32.76 43.22
CA SER A 280 12.64 -32.31 43.69
C SER A 280 13.59 -31.71 42.67
N GLU A 281 13.29 -31.75 41.37
CA GLU A 281 14.18 -31.26 40.32
C GLU A 281 14.43 -29.76 40.22
N THR A 282 14.68 -29.13 41.35
CA THR A 282 14.91 -27.72 41.45
C THR A 282 15.81 -27.63 42.67
N LYS A 283 16.47 -26.50 42.88
CA LYS A 283 17.38 -26.41 43.99
C LYS A 283 16.59 -26.13 45.28
N VAL A 284 15.54 -25.27 45.29
CA VAL A 284 14.67 -25.17 46.47
C VAL A 284 14.14 -26.59 46.72
N GLY A 285 13.71 -27.25 45.65
CA GLY A 285 13.08 -28.55 45.77
C GLY A 285 14.01 -29.69 46.10
N LYS A 286 15.31 -29.50 46.29
CA LYS A 286 16.12 -30.58 46.80
C LYS A 286 16.35 -30.32 48.28
N GLN A 287 16.47 -29.04 48.68
CA GLN A 287 16.56 -28.63 50.07
C GLN A 287 15.44 -29.30 50.84
N ILE A 288 14.21 -28.88 50.52
CA ILE A 288 12.99 -29.39 51.16
C ILE A 288 12.92 -30.90 51.15
N ALA A 289 13.08 -31.50 49.97
CA ALA A 289 13.13 -32.95 49.85
C ALA A 289 14.14 -33.55 50.80
N GLU A 290 15.28 -32.92 51.14
CA GLU A 290 16.16 -33.50 52.15
C GLU A 290 15.49 -33.39 53.49
N GLN A 291 15.21 -32.16 53.95
CA GLN A 291 14.62 -32.01 55.26
C GLN A 291 13.24 -32.66 55.35
N TYR A 292 12.62 -33.04 54.24
CA TYR A 292 11.31 -33.64 54.28
C TYR A 292 11.31 -34.58 53.11
N PRO A 293 11.65 -35.81 53.46
CA PRO A 293 11.55 -36.90 52.55
C PRO A 293 10.15 -37.05 52.01
N ASN A 294 9.08 -36.82 52.79
CA ASN A 294 7.82 -37.21 52.20
C ASN A 294 7.24 -36.18 51.27
N LEU A 295 7.87 -35.00 51.16
CA LEU A 295 7.51 -34.05 50.12
C LEU A 295 8.44 -34.54 49.02
N ALA A 296 9.31 -33.83 48.29
CA ALA A 296 10.21 -34.56 47.34
C ALA A 296 9.49 -35.35 46.27
N ASN A 297 8.37 -34.75 45.88
CA ASN A 297 7.43 -35.34 44.94
C ASN A 297 6.18 -34.53 44.75
N GLY A 298 6.20 -33.45 45.51
CA GLY A 298 5.25 -32.41 45.26
C GLY A 298 4.76 -31.96 46.58
N ILE A 299 4.94 -30.67 46.82
CA ILE A 299 4.47 -30.15 48.05
C ILE A 299 3.00 -29.89 47.82
N GLU A 300 2.49 -28.85 47.15
CA GLU A 300 1.05 -28.61 47.06
C GLU A 300 0.33 -29.23 45.87
N VAL A 301 1.06 -29.95 45.03
CA VAL A 301 0.53 -30.63 43.87
C VAL A 301 1.47 -31.81 43.77
N THR A 302 1.04 -33.03 43.55
CA THR A 302 2.04 -34.08 43.41
C THR A 302 2.39 -34.19 41.93
N GLU A 303 3.60 -34.61 41.56
CA GLU A 303 3.87 -34.89 40.17
C GLU A 303 2.84 -35.84 39.60
N ASP A 304 2.23 -36.79 40.37
CA ASP A 304 1.26 -37.73 39.79
C ASP A 304 0.07 -36.95 39.20
N VAL A 305 -0.19 -35.72 39.67
CA VAL A 305 -1.12 -34.86 38.97
C VAL A 305 -0.48 -33.83 38.07
N PHE A 306 0.57 -33.14 38.51
CA PHE A 306 1.16 -32.11 37.68
C PHE A 306 1.59 -32.67 36.33
N GLU A 307 2.40 -33.72 36.26
CA GLU A 307 2.85 -34.11 34.96
C GLU A 307 2.05 -35.24 34.38
N SER A 308 0.73 -35.01 34.23
CA SER A 308 -0.15 -35.87 33.41
C SER A 308 -1.62 -35.41 33.35
N PRO A 309 -2.39 -35.51 32.22
CA PRO A 309 -3.40 -34.56 31.65
C PRO A 309 -4.51 -33.86 32.40
N TYR A 310 -4.52 -33.91 33.71
CA TYR A 310 -5.43 -33.13 34.50
C TYR A 310 -4.85 -31.74 34.50
N ASN A 311 -3.69 -31.51 33.92
CA ASN A 311 -3.00 -30.28 34.17
C ASN A 311 -3.07 -29.34 33.01
N ILE A 312 -3.84 -28.24 33.16
CA ILE A 312 -3.87 -27.22 32.15
C ILE A 312 -3.10 -26.04 32.74
N ALA A 313 -2.05 -26.17 33.56
CA ALA A 313 -1.40 -24.97 34.07
C ALA A 313 -0.70 -24.13 33.00
N PHE A 314 -0.24 -24.71 31.87
CA PHE A 314 0.47 -23.92 30.88
C PHE A 314 -0.40 -23.21 29.89
N GLU A 315 -1.55 -23.78 29.52
CA GLU A 315 -2.57 -23.10 28.71
C GLU A 315 -3.06 -21.93 29.57
N GLN A 316 -3.32 -22.11 30.87
CA GLN A 316 -3.65 -20.98 31.73
C GLN A 316 -2.51 -19.98 31.80
N ALA A 317 -1.24 -20.37 31.91
CA ALA A 317 -0.14 -19.41 31.88
C ALA A 317 -0.10 -18.56 30.60
N GLU A 318 -0.36 -19.13 29.43
CA GLU A 318 -0.48 -18.41 28.17
C GLU A 318 -1.62 -17.41 28.20
N ASN A 319 -2.81 -17.83 28.60
CA ASN A 319 -3.97 -16.96 28.77
C ASN A 319 -3.78 -15.68 29.53
N ARG A 320 -2.63 -15.53 30.15
CA ARG A 320 -2.31 -14.32 30.85
C ARG A 320 -1.80 -13.26 29.90
N MET A 321 -1.27 -13.71 28.76
CA MET A 321 -0.83 -12.85 27.67
C MET A 321 -2.03 -12.36 26.89
N HIS A 322 -3.04 -13.21 26.62
CA HIS A 322 -4.17 -12.75 25.86
C HIS A 322 -4.94 -11.81 26.74
N THR A 323 -5.00 -11.92 28.08
CA THR A 323 -5.65 -10.89 28.93
C THR A 323 -4.91 -9.55 28.97
N ILE A 324 -3.59 -9.51 29.14
CA ILE A 324 -2.91 -8.24 29.16
C ILE A 324 -3.07 -7.61 27.80
N LYS A 325 -3.12 -8.36 26.71
CA LYS A 325 -3.48 -7.74 25.46
C LYS A 325 -4.91 -7.19 25.54
N ALA A 326 -5.92 -7.79 26.22
CA ALA A 326 -7.26 -7.19 26.28
C ALA A 326 -7.21 -5.87 27.00
N ILE A 327 -6.43 -5.80 28.10
CA ILE A 327 -6.18 -4.56 28.84
C ILE A 327 -5.38 -3.58 27.97
N LEU A 328 -4.34 -3.86 27.16
CA LEU A 328 -3.70 -2.78 26.41
C LEU A 328 -4.67 -2.33 25.30
N VAL A 329 -5.40 -3.23 24.63
CA VAL A 329 -6.29 -2.80 23.58
C VAL A 329 -7.48 -2.07 24.14
N SER A 330 -8.16 -2.30 25.27
CA SER A 330 -9.26 -1.39 25.59
C SER A 330 -8.87 -0.08 26.25
N THR A 331 -7.61 0.03 26.71
CA THR A 331 -7.09 1.26 27.30
C THR A 331 -6.55 2.21 26.25
N LEU A 332 -5.62 1.65 25.46
CA LEU A 332 -4.87 2.35 24.44
C LEU A 332 -5.52 2.21 23.07
N ALA A 333 -5.41 1.23 22.19
CA ALA A 333 -6.07 1.18 20.87
C ALA A 333 -7.17 2.09 20.38
N ASP A 334 -6.98 2.35 19.07
CA ASP A 334 -7.85 3.20 18.29
C ASP A 334 -9.03 2.42 17.72
N ILE A 335 -9.93 2.06 18.59
CA ILE A 335 -11.16 1.37 18.28
C ILE A 335 -12.09 1.90 19.34
N ALA B 1 26.58 -2.21 9.65
CA ALA B 1 27.30 -1.30 8.82
C ALA B 1 28.52 -1.97 8.18
N PHE B 2 29.62 -1.23 7.98
CA PHE B 2 30.75 -1.44 7.08
C PHE B 2 30.05 -0.73 5.95
N ASN B 3 30.48 0.50 5.84
CA ASN B 3 29.90 1.45 4.93
C ASN B 3 30.96 2.46 4.54
N MET B 4 30.68 3.15 3.44
CA MET B 4 31.46 4.28 3.01
C MET B 4 30.46 5.41 2.70
N HIS B 5 29.44 5.42 3.55
CA HIS B 5 28.34 6.37 3.58
C HIS B 5 28.95 7.75 3.54
N ASN B 6 28.50 8.67 2.70
CA ASN B 6 29.02 10.02 2.58
C ASN B 6 30.39 10.30 2.04
N ARG B 7 31.08 9.22 1.74
CA ARG B 7 32.39 9.37 1.21
C ARG B 7 32.27 9.86 -0.24
N ASN B 8 32.91 10.98 -0.62
CA ASN B 8 33.03 11.35 -2.04
C ASN B 8 33.74 10.21 -2.77
N LEU B 9 33.46 9.90 -4.03
CA LEU B 9 34.38 9.02 -4.74
C LEU B 9 35.11 10.04 -5.60
N LEU B 10 35.89 11.03 -5.14
CA LEU B 10 36.46 11.87 -6.17
C LEU B 10 37.84 11.35 -6.56
N SER B 11 37.83 10.17 -7.18
CA SER B 11 39.01 9.54 -7.77
C SER B 11 40.05 8.91 -6.88
N LEU B 12 39.76 7.69 -6.41
CA LEU B 12 40.72 7.20 -5.46
C LEU B 12 41.78 6.15 -5.60
N MET B 13 42.86 6.93 -5.61
CA MET B 13 44.23 6.46 -5.45
C MET B 13 44.33 5.95 -4.01
N HIS B 14 43.44 6.32 -3.06
CA HIS B 14 43.48 5.84 -1.69
C HIS B 14 42.17 5.12 -1.37
N HIS B 15 42.29 3.80 -1.07
CA HIS B 15 41.25 2.78 -0.86
C HIS B 15 41.85 1.41 -0.61
N SER B 16 41.46 0.95 0.56
CA SER B 16 41.77 -0.38 1.09
C SER B 16 41.62 -1.51 0.08
N THR B 17 42.39 -2.63 -0.05
CA THR B 17 41.88 -3.67 -0.96
C THR B 17 40.50 -4.10 -0.50
N ARG B 18 40.20 -3.94 0.81
CA ARG B 18 38.89 -4.18 1.41
C ARG B 18 37.79 -3.24 0.89
N GLU B 19 37.94 -1.91 0.68
CA GLU B 19 36.86 -1.08 0.11
C GLU B 19 36.65 -1.38 -1.36
N LEU B 20 37.74 -1.59 -2.11
CA LEU B 20 37.65 -1.90 -3.51
C LEU B 20 36.93 -3.21 -3.57
N ARG B 21 37.25 -4.24 -2.78
CA ARG B 21 36.43 -5.41 -2.91
C ARG B 21 34.96 -5.28 -2.53
N TYR B 22 34.65 -4.44 -1.54
CA TYR B 22 33.27 -4.13 -1.20
C TYR B 22 32.60 -3.49 -2.39
N LEU B 23 33.20 -2.46 -2.97
CA LEU B 23 32.63 -1.80 -4.12
C LEU B 23 32.40 -2.70 -5.34
N LEU B 24 33.22 -3.72 -5.63
CA LEU B 24 32.94 -4.59 -6.77
C LEU B 24 31.96 -5.70 -6.43
N ASP B 25 31.86 -6.11 -5.14
CA ASP B 25 30.90 -7.10 -4.79
C ASP B 25 29.61 -6.33 -4.93
N LEU B 26 29.45 -5.15 -4.36
CA LEU B 26 28.19 -4.45 -4.52
C LEU B 26 27.78 -4.21 -5.96
N SER B 27 28.65 -3.89 -6.94
CA SER B 27 28.17 -3.70 -8.29
C SER B 27 27.81 -5.03 -8.94
N ARG B 28 28.44 -6.10 -8.47
CA ARG B 28 28.15 -7.40 -9.02
C ARG B 28 26.73 -7.76 -8.65
N ASP B 29 26.40 -7.54 -7.37
CA ASP B 29 25.10 -7.84 -6.85
C ASP B 29 24.06 -6.86 -7.25
N LEU B 30 24.39 -5.61 -7.59
CA LEU B 30 23.39 -4.71 -8.10
C LEU B 30 23.12 -5.01 -9.58
N LYS B 31 24.01 -5.72 -10.32
CA LYS B 31 23.78 -6.05 -11.73
C LYS B 31 22.80 -7.17 -11.77
N ARG B 32 23.15 -8.16 -10.96
CA ARG B 32 22.27 -9.29 -10.80
C ARG B 32 20.92 -8.80 -10.29
N ALA B 33 20.81 -7.75 -9.46
CA ALA B 33 19.51 -7.38 -8.93
C ALA B 33 18.63 -6.81 -10.00
N LYS B 34 19.22 -6.07 -10.95
CA LYS B 34 18.43 -5.46 -12.01
C LYS B 34 17.83 -6.57 -12.84
N TYR B 35 18.68 -7.49 -13.35
CA TYR B 35 18.27 -8.59 -14.20
C TYR B 35 17.20 -9.60 -13.83
N THR B 36 17.20 -9.79 -12.53
CA THR B 36 16.32 -10.67 -11.80
C THR B 36 15.11 -9.95 -11.29
N GLY B 37 15.14 -8.62 -11.27
CA GLY B 37 14.00 -7.84 -10.75
C GLY B 37 13.81 -7.91 -9.22
N THR B 38 14.90 -8.19 -8.57
CA THR B 38 15.06 -8.24 -7.16
C THR B 38 15.48 -6.84 -6.72
N GLU B 39 15.82 -5.88 -7.61
CA GLU B 39 16.25 -4.55 -7.23
C GLU B 39 15.19 -3.71 -6.55
N GLN B 40 15.49 -3.16 -5.37
CA GLN B 40 14.60 -2.27 -4.63
C GLN B 40 15.16 -0.84 -4.79
N GLN B 41 14.35 0.22 -4.89
CA GLN B 41 14.88 1.56 -5.00
C GLN B 41 15.28 2.15 -3.67
N HIS B 42 16.57 2.32 -3.36
CA HIS B 42 17.03 2.93 -2.13
C HIS B 42 17.55 4.37 -2.25
N LEU B 43 17.20 5.10 -3.31
CA LEU B 43 17.57 6.50 -3.47
C LEU B 43 16.34 7.32 -3.83
N LYS B 44 15.14 6.87 -3.45
CA LYS B 44 13.91 7.60 -3.81
C LYS B 44 14.00 8.93 -3.15
N ARG B 45 13.63 9.99 -3.86
CA ARG B 45 13.55 11.33 -3.26
C ARG B 45 14.95 11.93 -3.10
N LYS B 46 16.00 11.47 -3.80
CA LYS B 46 17.36 12.02 -3.75
C LYS B 46 17.55 12.71 -5.09
N ASN B 47 18.05 13.95 -5.23
CA ASN B 47 18.17 14.59 -6.53
C ASN B 47 19.64 14.81 -6.78
N ILE B 48 20.29 14.38 -7.87
CA ILE B 48 21.69 14.68 -8.00
C ILE B 48 21.81 15.61 -9.21
N ALA B 49 22.87 16.45 -9.23
CA ALA B 49 23.19 17.49 -10.22
C ALA B 49 24.31 16.91 -11.05
N LEU B 50 24.51 17.19 -12.33
CA LEU B 50 25.57 16.54 -13.08
C LEU B 50 26.19 17.71 -13.79
N ILE B 51 27.35 18.22 -13.37
CA ILE B 51 28.00 19.35 -13.99
C ILE B 51 28.98 18.71 -14.97
N PHE B 52 28.78 18.80 -16.28
CA PHE B 52 29.76 18.21 -17.18
C PHE B 52 30.51 19.31 -17.91
N GLU B 53 31.81 19.55 -17.73
CA GLU B 53 32.53 20.56 -18.51
C GLU B 53 32.86 19.96 -19.87
N LYS B 54 33.26 18.71 -20.11
CA LYS B 54 33.32 18.27 -21.50
C LYS B 54 32.04 17.42 -21.70
N THR B 55 31.35 17.50 -22.85
CA THR B 55 30.25 16.58 -23.16
C THR B 55 30.79 15.16 -23.21
N SER B 56 30.14 14.24 -22.48
CA SER B 56 30.49 12.83 -22.46
C SER B 56 29.25 11.93 -22.33
N THR B 57 28.51 11.73 -23.40
CA THR B 57 27.28 10.95 -23.40
C THR B 57 27.27 9.62 -22.72
N ARG B 58 28.25 8.76 -22.94
CA ARG B 58 28.33 7.47 -22.31
C ARG B 58 28.49 7.62 -20.81
N THR B 59 29.06 8.71 -20.30
CA THR B 59 29.17 8.78 -18.85
C THR B 59 27.97 9.49 -18.26
N ARG B 60 27.36 10.40 -18.99
CA ARG B 60 26.11 10.97 -18.58
C ARG B 60 25.11 9.80 -18.57
N CYS B 61 24.77 9.09 -19.66
CA CYS B 61 23.82 8.00 -19.60
C CYS B 61 24.05 7.00 -18.48
N ALA B 62 25.30 6.60 -18.18
CA ALA B 62 25.53 5.72 -17.05
C ALA B 62 25.10 6.39 -15.76
N PHE B 63 25.38 7.68 -15.48
CA PHE B 63 24.90 8.30 -14.25
C PHE B 63 23.39 8.35 -14.30
N GLU B 64 22.82 8.83 -15.39
CA GLU B 64 21.41 8.97 -15.53
C GLU B 64 20.66 7.66 -15.34
N VAL B 65 20.87 6.57 -16.08
CA VAL B 65 20.23 5.31 -15.82
C VAL B 65 20.48 4.79 -14.41
N ALA B 66 21.68 4.86 -13.81
CA ALA B 66 21.88 4.36 -12.46
C ALA B 66 21.09 5.13 -11.41
N ALA B 67 21.11 6.45 -11.54
CA ALA B 67 20.37 7.28 -10.62
C ALA B 67 18.89 7.01 -10.73
N TYR B 68 18.36 6.83 -11.95
CA TYR B 68 16.97 6.52 -12.17
C TYR B 68 16.52 5.17 -11.71
N ASP B 69 17.28 4.10 -11.89
CA ASP B 69 16.82 2.83 -11.42
C ASP B 69 16.54 2.83 -9.92
N GLN B 70 17.35 3.60 -9.21
CA GLN B 70 17.26 3.69 -7.81
C GLN B 70 16.28 4.79 -7.43
N GLY B 71 15.28 5.17 -8.19
CA GLY B 71 14.42 6.26 -7.79
C GLY B 71 15.05 7.67 -7.63
N ALA B 72 16.30 8.02 -7.94
CA ALA B 72 16.74 9.40 -7.76
C ALA B 72 16.33 10.27 -8.93
N ASN B 73 16.68 11.55 -8.93
CA ASN B 73 16.32 12.44 -10.01
C ASN B 73 17.55 13.19 -10.42
N VAL B 74 17.73 13.62 -11.66
CA VAL B 74 19.02 14.10 -12.11
C VAL B 74 18.88 15.46 -12.77
N THR B 75 19.68 16.49 -12.49
CA THR B 75 19.64 17.73 -13.27
C THR B 75 20.87 17.74 -14.15
N TYR B 76 20.89 17.52 -15.47
CA TYR B 76 22.11 17.65 -16.22
C TYR B 76 22.42 19.12 -16.52
N ILE B 77 23.63 19.57 -16.19
CA ILE B 77 24.09 20.93 -16.41
C ILE B 77 25.26 20.76 -17.35
N ASP B 78 25.09 21.27 -18.56
CA ASP B 78 26.07 21.30 -19.65
C ASP B 78 27.51 21.69 -19.61
N PRO B 79 28.24 21.52 -20.72
CA PRO B 79 29.29 22.43 -21.10
C PRO B 79 28.70 23.72 -21.63
N ASN B 80 27.69 23.75 -22.51
CA ASN B 80 27.25 25.04 -23.08
C ASN B 80 26.89 26.14 -22.11
N SER B 81 26.43 25.86 -20.90
CA SER B 81 25.94 26.94 -20.08
C SER B 81 25.96 26.72 -18.56
N SER B 82 27.20 26.45 -18.21
CA SER B 82 27.67 26.37 -16.86
C SER B 82 28.92 27.19 -17.11
N GLN B 83 28.82 28.51 -17.27
CA GLN B 83 30.02 29.29 -17.53
C GLN B 83 30.82 29.43 -16.21
N ILE B 84 31.39 28.30 -15.76
CA ILE B 84 31.97 28.15 -14.43
C ILE B 84 33.03 29.14 -14.06
N GLY B 85 34.21 29.10 -14.67
CA GLY B 85 35.22 30.07 -14.26
C GLY B 85 34.81 31.47 -14.68
N HIS B 86 33.76 31.64 -15.52
CA HIS B 86 33.50 32.93 -16.13
C HIS B 86 33.37 34.08 -15.15
N LYS B 87 32.30 34.02 -14.40
CA LYS B 87 31.97 35.05 -13.46
C LYS B 87 31.48 34.41 -12.15
N GLU B 88 31.80 33.14 -11.89
CA GLU B 88 31.34 32.65 -10.63
C GLU B 88 32.38 31.94 -9.80
N SER B 89 32.94 30.78 -10.15
CA SER B 89 33.95 30.03 -9.38
C SER B 89 33.31 28.84 -8.73
N MET B 90 33.89 27.68 -9.00
CA MET B 90 33.49 26.41 -8.42
C MET B 90 33.22 26.51 -6.93
N LYS B 91 34.04 27.25 -6.17
CA LYS B 91 33.85 27.35 -4.73
C LYS B 91 32.53 27.99 -4.41
N ASP B 92 32.14 29.04 -5.12
CA ASP B 92 30.86 29.69 -4.91
C ASP B 92 29.69 28.96 -5.50
N THR B 93 29.85 28.23 -6.60
CA THR B 93 28.64 27.60 -7.09
C THR B 93 28.49 26.23 -6.42
N ALA B 94 29.50 25.52 -5.88
CA ALA B 94 29.29 24.28 -5.14
C ALA B 94 28.53 24.60 -3.87
N ARG B 95 28.83 25.73 -3.21
CA ARG B 95 28.10 26.07 -2.01
C ARG B 95 26.63 26.31 -2.31
N VAL B 96 26.28 26.90 -3.46
CA VAL B 96 24.87 27.04 -3.72
C VAL B 96 24.31 25.67 -4.03
N LEU B 97 24.90 24.93 -4.97
CA LEU B 97 24.38 23.62 -5.35
C LEU B 97 24.38 22.52 -4.26
N GLY B 98 25.20 22.47 -3.21
CA GLY B 98 25.03 21.47 -2.19
C GLY B 98 23.82 21.86 -1.34
N ARG B 99 23.29 23.06 -1.50
CA ARG B 99 22.10 23.36 -0.73
C ARG B 99 20.88 22.88 -1.46
N MET B 100 20.87 22.80 -2.78
CA MET B 100 19.71 22.24 -3.40
C MET B 100 19.83 20.78 -3.72
N TYR B 101 20.99 20.23 -4.12
CA TYR B 101 21.12 18.83 -4.46
C TYR B 101 21.54 17.93 -3.32
N ASP B 102 21.57 16.63 -3.57
CA ASP B 102 21.92 15.62 -2.57
C ASP B 102 23.27 15.00 -2.80
N ALA B 103 23.82 15.12 -3.98
CA ALA B 103 25.12 14.58 -4.33
C ALA B 103 25.48 15.31 -5.61
N ILE B 104 26.69 15.34 -6.17
CA ILE B 104 26.91 16.08 -7.42
C ILE B 104 27.81 15.22 -8.28
N GLY B 105 27.61 15.06 -9.58
CA GLY B 105 28.52 14.26 -10.39
C GLY B 105 29.35 15.25 -11.16
N TYR B 106 30.64 15.01 -11.32
CA TYR B 106 31.40 15.99 -12.04
C TYR B 106 32.23 15.34 -13.10
N ARG B 107 32.36 16.09 -14.19
CA ARG B 107 33.18 15.63 -15.27
C ARG B 107 33.68 16.80 -16.10
N GLY B 108 34.95 17.05 -15.86
CA GLY B 108 35.61 18.17 -16.45
C GLY B 108 37.00 17.68 -16.74
N PHE B 109 37.85 18.61 -17.13
CA PHE B 109 39.20 18.22 -17.48
C PHE B 109 40.10 18.23 -16.25
N LYS B 110 39.99 19.39 -15.62
CA LYS B 110 40.95 19.79 -14.63
C LYS B 110 40.79 19.27 -13.22
N GLN B 111 41.12 18.01 -12.91
CA GLN B 111 40.99 17.42 -11.57
C GLN B 111 41.17 18.42 -10.43
N GLU B 112 42.12 19.37 -10.54
CA GLU B 112 42.26 20.47 -9.60
C GLU B 112 40.85 21.05 -9.23
N ILE B 113 39.97 21.45 -10.19
CA ILE B 113 38.58 21.89 -9.92
C ILE B 113 37.69 20.90 -9.17
N VAL B 114 37.73 19.61 -9.51
CA VAL B 114 36.95 18.56 -8.83
C VAL B 114 37.17 18.70 -7.34
N GLU B 115 38.43 18.92 -6.95
CA GLU B 115 38.75 19.09 -5.55
C GLU B 115 38.06 20.31 -4.96
N GLU B 116 37.90 21.48 -5.60
CA GLU B 116 37.15 22.58 -4.99
C GLU B 116 35.72 22.21 -4.71
N LEU B 117 35.13 21.56 -5.70
CA LEU B 117 33.76 21.10 -5.67
C LEU B 117 33.63 20.18 -4.48
N ALA B 118 34.50 19.18 -4.40
CA ALA B 118 34.45 18.23 -3.32
C ALA B 118 34.67 18.92 -2.00
N LYS B 119 35.52 19.95 -1.95
CA LYS B 119 35.83 20.56 -0.69
C LYS B 119 34.70 21.40 -0.10
N PHE B 120 34.09 22.25 -0.94
CA PHE B 120 33.04 23.18 -0.53
C PHE B 120 31.61 22.75 -0.71
N ALA B 121 31.28 21.81 -1.58
CA ALA B 121 29.88 21.49 -1.82
C ALA B 121 29.06 21.15 -0.59
N GLY B 122 29.57 20.34 0.34
CA GLY B 122 28.84 19.99 1.53
C GLY B 122 28.03 18.71 1.36
N VAL B 123 28.14 18.03 0.21
CA VAL B 123 27.33 16.87 -0.07
C VAL B 123 28.16 15.89 -0.91
N PRO B 124 28.12 14.55 -0.92
CA PRO B 124 28.91 13.69 -1.81
C PRO B 124 29.26 14.19 -3.21
N VAL B 125 30.52 14.28 -3.56
CA VAL B 125 30.83 14.68 -4.92
C VAL B 125 31.45 13.46 -5.60
N PHE B 126 30.92 13.05 -6.73
CA PHE B 126 31.41 11.85 -7.36
C PHE B 126 32.09 12.34 -8.59
N ASN B 127 33.38 12.09 -8.63
CA ASN B 127 34.04 12.43 -9.85
C ASN B 127 33.64 11.38 -10.88
N GLY B 128 32.75 11.76 -11.81
CA GLY B 128 32.48 10.94 -12.96
C GLY B 128 33.84 10.80 -13.65
N LEU B 129 34.61 11.88 -13.86
CA LEU B 129 36.02 11.89 -14.30
C LEU B 129 36.69 13.22 -14.69
N THR B 130 38.01 13.14 -14.90
CA THR B 130 38.86 14.24 -15.36
C THR B 130 40.03 13.62 -16.10
N ASP B 131 41.10 14.35 -16.48
CA ASP B 131 42.29 13.82 -17.15
C ASP B 131 43.04 12.82 -16.29
N GLU B 132 43.17 13.21 -15.02
CA GLU B 132 43.78 12.45 -13.93
C GLU B 132 43.03 11.12 -13.91
N TYR B 133 41.73 11.19 -14.27
CA TYR B 133 40.98 10.00 -14.58
C TYR B 133 40.56 9.16 -13.40
N HIS B 134 39.63 8.35 -13.95
CA HIS B 134 38.78 7.26 -13.53
C HIS B 134 38.95 6.09 -12.55
N PRO B 135 38.51 6.37 -11.35
CA PRO B 135 37.95 5.39 -10.47
C PRO B 135 36.84 4.47 -11.05
N THR B 136 35.82 4.87 -11.82
CA THR B 136 34.79 3.89 -12.20
C THR B 136 35.04 3.09 -13.44
N GLN B 137 35.79 3.55 -14.47
CA GLN B 137 36.01 2.62 -15.58
C GLN B 137 37.00 1.64 -14.99
N MET B 138 37.86 2.00 -14.00
CA MET B 138 38.68 0.99 -13.33
C MET B 138 37.95 -0.19 -12.74
N LEU B 139 36.89 0.06 -11.95
CA LEU B 139 36.10 -1.01 -11.36
C LEU B 139 35.13 -1.61 -12.35
N ALA B 140 34.71 -0.94 -13.44
CA ALA B 140 33.86 -1.54 -14.47
C ALA B 140 34.65 -2.67 -15.13
N ASP B 141 35.84 -2.39 -15.66
CA ASP B 141 36.67 -3.41 -16.26
C ASP B 141 36.97 -4.54 -15.36
N VAL B 142 37.36 -4.32 -14.09
CA VAL B 142 37.65 -5.53 -13.36
C VAL B 142 36.34 -6.20 -13.01
N LEU B 143 35.17 -5.51 -12.84
CA LEU B 143 33.87 -6.18 -12.72
C LEU B 143 33.74 -7.01 -13.99
N THR B 144 34.15 -6.54 -15.16
CA THR B 144 33.99 -7.33 -16.36
C THR B 144 34.94 -8.50 -16.45
N MET B 145 36.18 -8.35 -15.99
CA MET B 145 37.08 -9.46 -16.14
C MET B 145 36.60 -10.55 -15.20
N ARG B 146 36.08 -10.14 -14.04
CA ARG B 146 35.69 -11.14 -13.08
C ARG B 146 34.44 -11.91 -13.43
N GLU B 147 33.43 -11.30 -14.03
CA GLU B 147 32.27 -12.12 -14.32
C GLU B 147 32.25 -12.97 -15.54
N HIS B 148 33.14 -12.56 -16.43
CA HIS B 148 33.23 -13.24 -17.67
C HIS B 148 34.17 -14.40 -17.50
N SER B 149 35.31 -14.27 -16.81
CA SER B 149 36.22 -15.39 -16.71
C SER B 149 35.73 -16.44 -15.73
N ASP B 150 34.88 -16.02 -14.77
CA ASP B 150 34.30 -16.88 -13.76
C ASP B 150 35.33 -17.49 -12.77
N LYS B 151 36.51 -16.84 -12.71
CA LYS B 151 37.66 -17.19 -11.89
C LYS B 151 37.72 -16.24 -10.71
N PRO B 152 38.37 -16.51 -9.57
CA PRO B 152 38.53 -15.56 -8.47
C PRO B 152 39.30 -14.34 -8.94
N LEU B 153 39.24 -13.11 -8.41
CA LEU B 153 40.09 -12.03 -8.93
C LEU B 153 41.56 -12.44 -9.19
N HIS B 154 42.30 -12.92 -8.19
CA HIS B 154 43.66 -13.40 -8.39
C HIS B 154 43.91 -14.53 -9.38
N ASP B 155 43.02 -15.01 -10.24
CA ASP B 155 43.46 -15.98 -11.25
C ASP B 155 43.06 -15.32 -12.54
N ILE B 156 43.09 -13.99 -12.62
CA ILE B 156 42.74 -13.35 -13.86
C ILE B 156 44.02 -12.65 -14.21
N SER B 157 44.47 -12.84 -15.43
CA SER B 157 45.60 -12.08 -15.89
C SER B 157 45.19 -11.35 -17.15
N TYR B 158 45.75 -10.20 -17.45
CA TYR B 158 45.37 -9.45 -18.63
C TYR B 158 46.52 -8.58 -19.13
N ALA B 159 46.52 -8.05 -20.35
CA ALA B 159 47.62 -7.27 -20.86
C ALA B 159 47.11 -5.97 -21.43
N TYR B 160 47.93 -4.93 -21.44
CA TYR B 160 47.51 -3.66 -21.98
C TYR B 160 48.49 -3.40 -23.11
N LEU B 161 48.10 -3.08 -24.34
CA LEU B 161 49.08 -2.89 -25.37
C LEU B 161 49.20 -1.47 -25.90
N GLY B 162 50.33 -0.94 -25.45
CA GLY B 162 50.94 0.28 -25.95
C GLY B 162 50.35 1.65 -25.77
N ASP B 163 51.23 2.35 -25.07
CA ASP B 163 51.18 3.74 -24.61
C ASP B 163 50.58 3.51 -23.26
N ALA B 164 51.44 3.00 -22.39
CA ALA B 164 50.95 2.78 -21.07
C ALA B 164 51.20 4.11 -20.35
N ARG B 165 50.77 5.26 -20.87
CA ARG B 165 51.03 6.54 -20.21
C ARG B 165 49.77 7.34 -20.23
N ASN B 166 49.16 7.51 -21.42
CA ASN B 166 47.75 7.84 -21.59
C ASN B 166 47.20 6.73 -20.65
N ASN B 167 46.80 7.27 -19.50
CA ASN B 167 46.65 6.53 -18.27
C ASN B 167 45.70 5.38 -18.10
N MET B 168 45.04 4.85 -19.14
CA MET B 168 44.33 3.59 -18.99
C MET B 168 45.38 2.53 -18.65
N GLY B 169 46.62 2.78 -19.11
CA GLY B 169 47.77 1.99 -18.78
C GLY B 169 48.04 2.12 -17.30
N ASN B 170 47.99 3.31 -16.71
CA ASN B 170 48.21 3.44 -15.27
C ASN B 170 47.10 2.91 -14.40
N SER B 171 45.88 3.05 -14.88
CA SER B 171 44.79 2.71 -14.04
C SER B 171 44.67 1.21 -14.12
N LEU B 172 44.93 0.56 -15.26
CA LEU B 172 44.91 -0.88 -15.22
C LEU B 172 46.01 -1.43 -14.34
N LEU B 173 47.26 -0.96 -14.40
CA LEU B 173 48.31 -1.41 -13.50
C LEU B 173 47.96 -1.15 -12.02
N LEU B 174 47.38 0.01 -11.69
CA LEU B 174 47.05 0.33 -10.32
C LEU B 174 46.07 -0.69 -9.76
N ILE B 175 44.97 -1.00 -10.46
CA ILE B 175 44.04 -1.89 -9.84
C ILE B 175 44.51 -3.32 -9.97
N GLY B 176 45.14 -3.80 -11.06
CA GLY B 176 45.73 -5.14 -11.03
C GLY B 176 46.65 -5.31 -9.79
N ALA B 177 47.38 -4.26 -9.39
CA ALA B 177 48.27 -4.34 -8.26
C ALA B 177 47.54 -4.46 -6.93
N LYS B 178 46.55 -3.62 -6.63
CA LYS B 178 45.86 -3.74 -5.36
C LYS B 178 45.02 -4.99 -5.23
N LEU B 179 44.54 -5.59 -6.31
CA LEU B 179 43.66 -6.73 -6.13
C LEU B 179 44.38 -8.05 -6.36
N GLY B 180 45.66 -7.99 -6.67
CA GLY B 180 46.44 -9.21 -6.78
C GLY B 180 46.17 -10.04 -8.00
N MET B 181 45.89 -9.36 -9.12
CA MET B 181 45.67 -10.07 -10.36
C MET B 181 47.04 -10.14 -11.01
N ASP B 182 47.13 -10.73 -12.20
CA ASP B 182 48.38 -10.82 -12.92
C ASP B 182 48.32 -9.84 -14.08
N VAL B 183 48.82 -8.62 -13.87
CA VAL B 183 48.76 -7.60 -14.91
C VAL B 183 50.04 -7.38 -15.71
N ARG B 184 50.02 -7.49 -17.05
CA ARG B 184 51.20 -7.31 -17.88
C ARG B 184 51.09 -6.10 -18.78
N ILE B 185 52.00 -5.12 -18.82
CA ILE B 185 51.84 -4.04 -19.79
C ILE B 185 52.77 -4.23 -20.97
N ALA B 186 52.34 -4.02 -22.21
CA ALA B 186 53.16 -4.23 -23.39
C ALA B 186 53.28 -2.97 -24.20
N ALA B 187 54.30 -2.17 -23.96
CA ALA B 187 54.46 -0.93 -24.70
C ALA B 187 55.94 -0.67 -24.92
N PRO B 188 56.38 0.16 -25.87
CA PRO B 188 57.78 0.49 -26.04
C PRO B 188 58.26 1.29 -24.82
N LYS B 189 59.45 1.03 -24.26
CA LYS B 189 60.01 1.72 -23.09
C LYS B 189 59.88 3.22 -22.99
N ALA B 190 59.76 3.95 -24.11
CA ALA B 190 59.54 5.39 -24.07
C ALA B 190 58.16 5.77 -23.54
N LEU B 191 57.31 4.74 -23.42
CA LEU B 191 55.90 4.82 -23.12
C LEU B 191 55.42 3.91 -21.98
N TRP B 192 56.30 3.59 -21.04
CA TRP B 192 55.94 2.82 -19.86
C TRP B 192 55.39 3.79 -18.80
N PRO B 193 54.66 3.44 -17.73
CA PRO B 193 54.23 4.39 -16.70
C PRO B 193 55.47 5.03 -16.04
N HIS B 194 55.65 6.27 -15.51
CA HIS B 194 57.01 6.56 -15.03
C HIS B 194 57.19 5.73 -13.77
N ASP B 195 58.39 5.20 -13.88
CA ASP B 195 58.94 4.31 -12.91
C ASP B 195 58.68 4.68 -11.47
N GLU B 196 58.48 5.92 -10.96
CA GLU B 196 58.13 5.98 -9.53
C GLU B 196 56.73 5.43 -9.31
N PHE B 197 55.82 5.60 -10.29
CA PHE B 197 54.48 5.00 -10.24
C PHE B 197 54.70 3.51 -10.39
N VAL B 198 55.46 2.89 -11.31
CA VAL B 198 55.62 1.44 -11.23
C VAL B 198 56.19 1.07 -9.85
N ALA B 199 57.03 1.90 -9.20
CA ALA B 199 57.55 1.54 -7.89
C ALA B 199 56.41 1.44 -6.90
N GLN B 200 55.40 2.31 -7.05
CA GLN B 200 54.23 2.23 -6.17
C GLN B 200 53.50 0.97 -6.50
N CYS B 201 53.13 0.76 -7.76
CA CYS B 201 52.45 -0.47 -8.14
C CYS B 201 53.24 -1.67 -7.69
N LYS B 202 54.56 -1.62 -7.46
CA LYS B 202 55.18 -2.80 -6.93
C LYS B 202 55.04 -2.92 -5.42
N LYS B 203 54.99 -1.80 -4.68
CA LYS B 203 54.75 -1.79 -3.24
C LYS B 203 53.46 -2.57 -3.06
N PHE B 204 52.39 -2.06 -3.69
CA PHE B 204 51.09 -2.70 -3.70
C PHE B 204 51.11 -4.15 -4.14
N ALA B 205 51.74 -4.40 -5.28
CA ALA B 205 51.77 -5.74 -5.85
C ALA B 205 52.34 -6.82 -4.97
N GLU B 206 52.99 -6.44 -3.87
CA GLU B 206 53.63 -7.39 -2.99
C GLU B 206 52.78 -7.81 -1.81
N GLU B 207 51.95 -6.87 -1.33
CA GLU B 207 51.09 -7.11 -0.20
C GLU B 207 50.06 -8.14 -0.73
N SER B 208 49.44 -7.90 -1.89
CA SER B 208 48.60 -8.89 -2.59
C SER B 208 49.52 -9.82 -3.38
N GLY B 209 49.17 -10.94 -3.99
CA GLY B 209 50.18 -11.65 -4.79
C GLY B 209 50.24 -11.09 -6.22
N ALA B 210 50.33 -9.79 -6.46
CA ALA B 210 50.14 -9.36 -7.84
C ALA B 210 51.36 -9.51 -8.75
N LYS B 211 51.29 -10.03 -9.98
CA LYS B 211 52.46 -10.08 -10.85
C LYS B 211 52.37 -8.90 -11.81
N LEU B 212 53.43 -8.07 -12.00
CA LEU B 212 53.41 -6.96 -12.94
C LEU B 212 54.51 -7.13 -13.98
N THR B 213 54.39 -7.57 -15.25
CA THR B 213 55.56 -7.47 -16.12
C THR B 213 55.44 -6.08 -16.75
N LEU B 214 56.42 -5.63 -17.52
CA LEU B 214 56.29 -4.45 -18.36
C LEU B 214 57.28 -4.88 -19.43
N THR B 215 56.85 -5.22 -20.63
CA THR B 215 57.74 -5.67 -21.69
C THR B 215 57.59 -4.65 -22.82
N GLU B 216 58.06 -4.92 -24.05
CA GLU B 216 57.88 -4.11 -25.26
C GLU B 216 57.54 -5.07 -26.39
N ASP B 217 57.44 -6.35 -26.04
CA ASP B 217 57.16 -7.44 -26.94
C ASP B 217 55.70 -7.86 -26.75
N PRO B 218 54.69 -7.47 -27.56
CA PRO B 218 53.33 -7.96 -27.50
C PRO B 218 53.15 -9.46 -27.38
N LYS B 219 53.50 -10.29 -28.36
CA LYS B 219 53.30 -11.73 -28.26
C LYS B 219 53.70 -12.36 -26.91
N GLU B 220 54.65 -11.75 -26.23
CA GLU B 220 55.07 -12.20 -24.91
C GLU B 220 54.03 -11.77 -23.88
N ALA B 221 53.83 -10.45 -23.81
CA ALA B 221 52.93 -9.82 -22.84
C ALA B 221 51.57 -10.50 -22.79
N VAL B 222 51.04 -10.73 -23.96
CA VAL B 222 49.76 -11.37 -24.13
C VAL B 222 49.78 -12.88 -24.00
N LYS B 223 50.84 -13.57 -23.52
CA LYS B 223 50.84 -15.02 -23.57
C LYS B 223 49.98 -15.61 -22.47
N GLY B 224 49.05 -16.50 -22.84
CA GLY B 224 48.13 -17.17 -21.89
C GLY B 224 47.24 -16.31 -20.97
N VAL B 225 47.01 -15.08 -21.36
CA VAL B 225 46.22 -14.12 -20.63
C VAL B 225 44.75 -14.43 -20.88
N ASP B 226 43.85 -13.87 -20.09
CA ASP B 226 42.39 -13.93 -20.32
C ASP B 226 42.18 -12.47 -20.66
N PHE B 227 41.57 -11.82 -21.67
CA PHE B 227 41.42 -10.34 -21.71
C PHE B 227 42.73 -9.62 -22.05
N VAL B 228 42.65 -8.94 -23.21
CA VAL B 228 43.68 -8.16 -23.89
C VAL B 228 43.02 -6.78 -23.90
N HIS B 229 43.63 -5.68 -23.45
CA HIS B 229 43.00 -4.35 -23.41
C HIS B 229 43.75 -3.45 -24.33
N THR B 230 43.12 -2.50 -24.99
CA THR B 230 43.91 -1.51 -25.69
C THR B 230 43.18 -0.18 -25.60
N ASP B 231 43.63 0.87 -26.27
CA ASP B 231 42.97 2.16 -26.25
C ASP B 231 43.47 3.08 -27.34
N VAL B 232 42.70 4.04 -27.86
CA VAL B 232 43.12 4.87 -29.00
C VAL B 232 44.32 5.63 -28.53
N TRP B 233 45.43 5.49 -29.27
CA TRP B 233 46.65 6.23 -29.01
C TRP B 233 46.91 7.47 -29.86
N VAL B 234 46.12 7.74 -30.89
CA VAL B 234 46.38 8.90 -31.73
C VAL B 234 45.61 10.02 -31.07
N SER B 235 46.24 11.19 -30.87
CA SER B 235 45.59 12.32 -30.24
C SER B 235 45.01 13.28 -31.27
N MET B 236 43.71 13.03 -31.49
CA MET B 236 42.82 13.88 -32.26
C MET B 236 43.18 15.31 -31.88
N GLY B 237 43.66 16.09 -32.82
CA GLY B 237 43.97 17.46 -32.46
C GLY B 237 45.43 17.76 -32.67
N GLU B 238 46.39 17.03 -32.08
CA GLU B 238 47.81 17.29 -32.35
C GLU B 238 47.81 16.85 -33.83
N PRO B 239 47.97 17.83 -34.76
CA PRO B 239 47.06 18.03 -35.89
C PRO B 239 46.53 16.72 -36.45
N VAL B 240 47.30 16.08 -37.33
CA VAL B 240 46.97 14.80 -37.94
C VAL B 240 48.04 14.51 -38.98
N GLU B 241 48.35 15.55 -39.75
CA GLU B 241 49.47 15.58 -40.68
C GLU B 241 50.61 15.19 -39.80
N ALA B 242 50.97 14.00 -40.24
CA ALA B 242 51.98 13.26 -39.56
C ALA B 242 51.61 12.97 -38.12
N TRP B 243 50.74 11.97 -38.01
CA TRP B 243 50.80 11.25 -36.78
C TRP B 243 51.99 10.33 -37.06
N GLY B 244 52.26 9.96 -38.33
CA GLY B 244 53.43 9.21 -38.80
C GLY B 244 54.39 8.63 -37.78
N GLU B 245 55.18 9.38 -36.99
CA GLU B 245 56.05 8.72 -36.02
C GLU B 245 55.24 7.99 -34.96
N ARG B 246 54.21 8.60 -34.36
CA ARG B 246 53.34 7.91 -33.40
C ARG B 246 52.79 6.66 -34.08
N ILE B 247 52.34 6.80 -35.33
CA ILE B 247 51.78 5.64 -36.00
C ILE B 247 52.86 4.61 -36.26
N LYS B 248 54.13 4.97 -36.45
CA LYS B 248 55.11 3.95 -36.72
C LYS B 248 55.45 3.28 -35.39
N GLU B 249 55.33 3.99 -34.26
CA GLU B 249 55.64 3.40 -32.96
C GLU B 249 54.67 2.39 -32.47
N LEU B 250 53.42 2.82 -32.34
CA LEU B 250 52.50 1.95 -31.70
C LEU B 250 51.92 0.97 -32.68
N LEU B 251 52.13 1.11 -34.00
CA LEU B 251 51.50 0.18 -34.92
C LEU B 251 51.98 -1.26 -34.71
N PRO B 252 53.16 -1.66 -34.16
CA PRO B 252 53.38 -3.03 -33.79
C PRO B 252 52.42 -3.49 -32.71
N TYR B 253 52.01 -2.63 -31.75
CA TYR B 253 51.07 -2.94 -30.66
C TYR B 253 49.58 -2.93 -31.01
N GLN B 254 49.26 -3.08 -32.28
CA GLN B 254 47.91 -3.01 -32.79
C GLN B 254 47.20 -4.24 -32.25
N VAL B 255 46.15 -4.28 -31.41
CA VAL B 255 45.58 -5.59 -31.10
C VAL B 255 44.94 -6.08 -32.39
N ASN B 256 45.31 -7.26 -32.89
CA ASN B 256 44.68 -7.79 -34.10
C ASN B 256 44.61 -9.30 -34.03
N MET B 257 44.02 -10.01 -34.99
CA MET B 257 43.90 -11.47 -34.86
C MET B 257 45.20 -12.21 -34.71
N GLU B 258 46.38 -11.62 -34.94
CA GLU B 258 47.63 -12.32 -34.70
C GLU B 258 47.73 -12.17 -33.19
N ILE B 259 47.84 -10.97 -32.60
CA ILE B 259 47.89 -10.79 -31.14
C ILE B 259 46.83 -11.55 -30.35
N MET B 260 45.58 -11.57 -30.83
CA MET B 260 44.53 -12.29 -30.11
C MET B 260 44.84 -13.77 -30.18
N LYS B 261 45.12 -14.36 -31.36
CA LYS B 261 45.47 -15.77 -31.43
C LYS B 261 46.81 -16.05 -30.75
N ALA B 262 47.65 -15.01 -30.63
CA ALA B 262 48.95 -15.09 -30.00
C ALA B 262 48.81 -15.37 -28.54
N THR B 263 47.66 -15.02 -27.95
CA THR B 263 47.44 -15.36 -26.57
C THR B 263 47.33 -16.88 -26.63
N GLY B 264 47.44 -17.53 -25.50
CA GLY B 264 47.35 -18.98 -25.62
C GLY B 264 45.94 -19.45 -25.88
N ASN B 265 44.94 -18.69 -25.45
CA ASN B 265 43.75 -19.41 -25.09
C ASN B 265 42.48 -19.08 -25.83
N PRO B 266 41.59 -20.03 -26.24
CA PRO B 266 40.43 -19.74 -27.08
C PRO B 266 39.35 -18.91 -26.41
N ARG B 267 39.55 -18.52 -25.16
CA ARG B 267 38.59 -17.75 -24.44
C ARG B 267 39.15 -16.37 -24.16
N ALA B 268 40.36 -15.98 -24.61
CA ALA B 268 40.84 -14.63 -24.37
C ALA B 268 39.82 -13.67 -25.00
N LYS B 269 39.55 -12.50 -24.37
CA LYS B 269 38.66 -11.47 -24.86
C LYS B 269 39.36 -10.13 -24.99
N PHE B 270 38.84 -9.26 -25.82
CA PHE B 270 39.43 -7.98 -26.09
C PHE B 270 38.58 -6.98 -25.31
N MET B 271 39.13 -5.93 -24.74
CA MET B 271 38.33 -4.95 -24.06
C MET B 271 38.89 -3.61 -24.48
N HIS B 272 38.13 -2.52 -24.41
CA HIS B 272 38.59 -1.23 -24.90
C HIS B 272 37.71 -0.15 -24.27
N CYS B 273 37.99 0.89 -23.46
CA CYS B 273 36.88 1.76 -23.03
C CYS B 273 36.54 2.76 -24.14
N LEU B 274 35.74 2.31 -25.11
CA LEU B 274 35.30 3.05 -26.28
C LEU B 274 35.45 4.59 -26.36
N PRO B 275 35.71 5.33 -27.45
CA PRO B 275 35.53 4.94 -28.84
C PRO B 275 36.76 4.20 -29.34
N ALA B 276 36.58 3.27 -30.24
CA ALA B 276 37.70 2.52 -30.72
C ALA B 276 37.70 2.86 -32.16
N PHE B 277 38.87 3.32 -32.60
CA PHE B 277 39.14 3.54 -33.99
C PHE B 277 39.34 2.18 -34.56
N HIS B 278 38.31 1.70 -35.22
CA HIS B 278 38.47 0.38 -35.73
C HIS B 278 38.05 0.21 -37.16
N ASN B 279 37.87 1.31 -37.89
CA ASN B 279 37.56 1.27 -39.31
C ASN B 279 37.30 2.67 -39.81
N SER B 280 37.05 2.80 -41.11
CA SER B 280 36.87 4.11 -41.67
C SER B 280 35.48 4.72 -41.59
N GLU B 281 34.45 3.99 -41.15
CA GLU B 281 33.07 4.48 -41.11
C GLU B 281 32.73 5.58 -40.11
N THR B 282 33.57 6.60 -40.05
CA THR B 282 33.41 7.71 -39.16
C THR B 282 34.10 8.83 -39.92
N LYS B 283 33.89 10.07 -39.52
CA LYS B 283 34.47 11.16 -40.27
C LYS B 283 35.94 11.33 -39.85
N VAL B 284 36.32 11.22 -38.55
CA VAL B 284 37.74 11.18 -38.19
C VAL B 284 38.35 10.00 -38.98
N GLY B 285 37.65 8.88 -38.97
CA GLY B 285 38.15 7.66 -39.58
C GLY B 285 38.16 7.65 -41.09
N LYS B 286 37.75 8.70 -41.80
CA LYS B 286 37.96 8.71 -43.22
C LYS B 286 39.16 9.60 -43.49
N GLN B 287 39.34 10.67 -42.70
CA GLN B 287 40.50 11.54 -42.75
C GLN B 287 41.74 10.68 -42.72
N ILE B 288 41.95 10.03 -41.57
CA ILE B 288 43.10 9.16 -41.33
C ILE B 288 43.28 8.12 -42.42
N ALA B 289 42.22 7.37 -42.71
CA ALA B 289 42.24 6.41 -43.80
C ALA B 289 42.70 7.04 -45.09
N GLU B 290 42.44 8.33 -45.41
CA GLU B 290 43.02 8.91 -46.61
C GLU B 290 44.51 9.07 -46.40
N GLN B 291 44.92 9.87 -45.40
CA GLN B 291 46.32 10.10 -45.20
C GLN B 291 47.08 8.81 -44.86
N TYR B 292 46.39 7.73 -44.51
CA TYR B 292 47.06 6.50 -44.15
C TYR B 292 46.10 5.44 -44.60
N PRO B 293 46.40 4.99 -45.81
CA PRO B 293 45.74 3.85 -46.37
C PRO B 293 45.88 2.64 -45.49
N ASN B 294 47.01 2.40 -44.82
CA ASN B 294 47.08 1.10 -44.19
C ASN B 294 46.39 1.03 -42.85
N LEU B 295 45.90 2.17 -42.34
CA LEU B 295 45.03 2.15 -41.18
C LEU B 295 43.69 2.00 -41.88
N ALA B 296 42.59 2.75 -41.74
CA ALA B 296 41.42 2.49 -42.64
C ALA B 296 40.86 1.08 -42.55
N ASN B 297 40.94 0.60 -41.31
CA ASN B 297 40.56 -0.76 -40.96
C ASN B 297 40.85 -1.12 -39.53
N GLY B 298 41.42 -0.10 -38.90
CA GLY B 298 41.50 -0.13 -37.48
C GLY B 298 42.85 0.35 -37.11
N ILE B 299 42.85 1.41 -36.32
CA ILE B 299 44.10 1.92 -35.90
C ILE B 299 44.52 1.05 -34.73
N GLU B 300 44.03 1.14 -33.50
CA GLU B 300 44.55 0.33 -32.39
C GLU B 300 43.87 -1.01 -32.15
N VAL B 301 42.87 -1.33 -32.96
CA VAL B 301 42.13 -2.58 -32.89
C VAL B 301 41.75 -2.77 -34.34
N THR B 302 41.86 -3.94 -34.94
CA THR B 302 41.41 -4.03 -36.31
C THR B 302 39.95 -4.45 -36.29
N GLU B 303 39.13 -4.09 -37.28
CA GLU B 303 37.80 -4.64 -37.36
C GLU B 303 37.84 -6.15 -37.30
N ASP B 304 38.89 -6.87 -37.80
CA ASP B 304 38.89 -8.34 -37.78
C ASP B 304 38.80 -8.83 -36.32
N VAL B 305 39.21 -8.01 -35.34
CA VAL B 305 38.90 -8.32 -33.96
C VAL B 305 37.70 -7.59 -33.39
N PHE B 306 37.57 -6.28 -33.62
CA PHE B 306 36.46 -5.55 -33.04
C PHE B 306 35.13 -6.17 -33.43
N GLU B 307 34.82 -6.34 -34.71
CA GLU B 307 33.50 -6.82 -35.00
C GLU B 307 33.44 -8.30 -35.22
N SER B 308 33.87 -9.07 -34.19
CA SER B 308 33.60 -10.52 -34.11
C SER B 308 34.14 -11.20 -32.83
N PRO B 309 33.48 -12.20 -32.17
CA PRO B 309 33.31 -12.46 -30.71
C PRO B 309 34.39 -12.43 -29.65
N TYR B 310 35.57 -11.96 -29.98
CA TYR B 310 36.60 -11.73 -28.99
C TYR B 310 36.20 -10.45 -28.31
N ASN B 311 35.16 -9.77 -28.73
CA ASN B 311 34.95 -8.42 -28.30
C ASN B 311 33.85 -8.30 -27.30
N ILE B 312 34.21 -8.03 -26.03
CA ILE B 312 33.21 -7.77 -25.02
C ILE B 312 33.28 -6.27 -24.74
N ALA B 313 33.58 -5.35 -25.68
CA ALA B 313 33.62 -3.95 -25.30
C ALA B 313 32.28 -3.37 -24.87
N PHE B 314 31.13 -3.88 -25.34
CA PHE B 314 29.85 -3.29 -24.98
C PHE B 314 29.27 -3.78 -23.69
N GLU B 315 29.50 -5.04 -23.31
CA GLU B 315 29.15 -5.57 -21.99
C GLU B 315 30.02 -4.79 -21.00
N GLN B 316 31.31 -4.57 -21.25
CA GLN B 316 32.11 -3.72 -20.39
C GLN B 316 31.57 -2.29 -20.36
N ALA B 317 31.16 -1.68 -21.48
CA ALA B 317 30.56 -0.35 -21.44
C ALA B 317 29.31 -0.27 -20.55
N GLU B 318 28.43 -1.27 -20.55
CA GLU B 318 27.28 -1.36 -19.66
C GLU B 318 27.70 -1.44 -18.21
N ASN B 319 28.62 -2.33 -17.86
CA ASN B 319 29.19 -2.45 -16.53
C ASN B 319 29.66 -1.19 -15.85
N ARG B 320 29.70 -0.11 -16.59
CA ARG B 320 30.06 1.17 -16.04
C ARG B 320 28.88 1.82 -15.35
N MET B 321 27.68 1.43 -15.77
CA MET B 321 26.42 1.85 -15.16
C MET B 321 26.19 1.08 -13.87
N HIS B 322 26.48 -0.23 -13.83
CA HIS B 322 26.25 -0.96 -12.61
C HIS B 322 27.27 -0.50 -11.62
N THR B 323 28.51 -0.09 -11.95
CA THR B 323 29.44 0.50 -10.96
C THR B 323 29.02 1.86 -10.42
N ILE B 324 28.60 2.81 -11.26
CA ILE B 324 28.19 4.10 -10.74
C ILE B 324 26.98 3.88 -9.86
N LYS B 325 26.10 2.92 -10.16
CA LYS B 325 25.08 2.61 -9.19
C LYS B 325 25.71 2.07 -7.91
N ALA B 326 26.82 1.29 -7.87
CA ALA B 326 27.40 0.84 -6.60
C ALA B 326 27.89 2.01 -5.80
N ILE B 327 28.52 2.99 -6.47
CA ILE B 327 28.95 4.25 -5.86
C ILE B 327 27.73 5.07 -5.44
N LEU B 328 26.58 5.25 -6.12
CA LEU B 328 25.52 6.07 -5.55
C LEU B 328 24.90 5.31 -4.36
N VAL B 329 24.71 3.99 -4.44
CA VAL B 329 24.12 3.29 -3.32
C VAL B 329 25.06 3.21 -2.15
N SER B 330 26.39 3.06 -2.15
CA SER B 330 27.06 3.06 -0.85
C SER B 330 27.35 4.43 -0.26
N THR B 331 27.20 5.50 -1.06
CA THR B 331 27.39 6.86 -0.60
C THR B 331 26.10 7.43 0.01
N LEU B 332 25.05 7.36 -0.82
CA LEU B 332 23.74 7.91 -0.54
C LEU B 332 22.81 6.86 0.07
N ALA B 333 22.08 5.95 -0.55
CA ALA B 333 21.18 4.97 0.12
C ALA B 333 21.14 4.66 1.59
N ASP B 334 19.86 4.44 1.96
CA ASP B 334 19.45 4.13 3.30
C ASP B 334 19.53 2.64 3.58
N ILE B 335 20.75 2.16 3.69
CA ILE B 335 21.07 0.78 4.01
C ILE B 335 22.37 0.94 4.75
N ALA C 1 -2.71 19.56 -20.36
CA ALA C 1 -3.86 20.30 -19.95
C ALA C 1 -4.89 20.40 -21.07
N PHE C 2 -5.63 21.52 -21.16
CA PHE C 2 -6.90 21.76 -21.83
C PHE C 2 -7.68 21.33 -20.61
N ASN C 3 -8.09 22.37 -19.93
CA ASN C 3 -8.75 22.26 -18.66
C ASN C 3 -9.66 23.45 -18.48
N MET C 4 -10.59 23.30 -17.54
CA MET C 4 -11.43 24.38 -17.09
C MET C 4 -11.39 24.35 -15.55
N HIS C 5 -10.18 24.02 -15.10
CA HIS C 5 -9.78 23.94 -13.70
C HIS C 5 -10.22 25.22 -13.04
N ASN C 6 -10.87 25.21 -11.88
CA ASN C 6 -11.34 26.38 -11.17
C ASN C 6 -12.45 27.24 -11.70
N ARG C 7 -12.90 26.86 -12.87
CA ARG C 7 -13.96 27.60 -13.46
C ARG C 7 -15.26 27.28 -12.70
N ASN C 8 -16.00 28.28 -12.18
CA ASN C 8 -17.35 28.05 -11.67
C ASN C 8 -18.20 27.48 -12.81
N LEU C 9 -19.17 26.61 -12.59
CA LEU C 9 -20.12 26.35 -13.67
C LEU C 9 -21.31 27.15 -13.18
N LEU C 10 -21.34 28.48 -13.01
CA LEU C 10 -22.60 29.00 -12.51
C LEU C 10 -23.48 29.40 -13.69
N SER C 11 -23.92 28.38 -14.43
CA SER C 11 -24.90 28.51 -15.51
C SER C 11 -24.48 29.12 -16.83
N LEU C 12 -23.82 28.32 -17.66
CA LEU C 12 -23.34 28.99 -18.83
C LEU C 12 -23.82 28.94 -20.26
N MET C 13 -24.38 30.14 -20.34
CA MET C 13 -24.78 30.79 -21.58
C MET C 13 -23.48 31.08 -22.34
N HIS C 14 -22.29 31.12 -21.72
CA HIS C 14 -21.03 31.36 -22.40
C HIS C 14 -20.10 30.17 -22.19
N HIS C 15 -19.75 29.50 -23.32
CA HIS C 15 -19.00 28.24 -23.49
C HIS C 15 -18.90 27.83 -24.94
N SER C 16 -17.64 27.73 -25.30
CA SER C 16 -17.16 27.27 -26.61
C SER C 16 -17.88 26.04 -27.14
N THR C 17 -18.23 25.75 -28.42
CA THR C 17 -18.71 24.39 -28.69
C THR C 17 -17.66 23.40 -28.26
N ARG C 18 -16.37 23.82 -28.24
CA ARG C 18 -15.23 23.04 -27.72
C ARG C 18 -15.33 22.74 -26.22
N GLU C 19 -15.71 23.63 -25.27
CA GLU C 19 -15.83 23.24 -23.86
C GLU C 19 -17.02 22.34 -23.62
N LEU C 20 -18.15 22.62 -24.30
CA LEU C 20 -19.33 21.81 -24.17
C LEU C 20 -18.93 20.46 -24.69
N ARG C 21 -18.27 20.30 -25.83
CA ARG C 21 -17.91 18.96 -26.17
C ARG C 21 -16.94 18.24 -25.23
N TYR C 22 -16.01 18.97 -24.62
CA TYR C 22 -15.13 18.41 -23.62
C TYR C 22 -15.97 17.94 -22.45
N LEU C 23 -16.85 18.77 -21.92
CA LEU C 23 -17.71 18.38 -20.83
C LEU C 23 -18.60 17.17 -21.09
N LEU C 24 -19.11 16.92 -22.30
CA LEU C 24 -19.92 15.73 -22.53
C LEU C 24 -19.08 14.50 -22.83
N ASP C 25 -17.84 14.66 -23.35
CA ASP C 25 -17.01 13.53 -23.57
C ASP C 25 -16.65 13.14 -22.16
N LEU C 26 -16.19 14.03 -21.30
CA LEU C 26 -15.86 13.61 -19.95
C LEU C 26 -16.99 12.94 -19.20
N SER C 27 -18.28 13.34 -19.29
CA SER C 27 -19.30 12.62 -18.55
C SER C 27 -19.59 11.27 -19.18
N ARG C 28 -19.34 11.15 -20.48
CA ARG C 28 -19.57 9.90 -21.16
C ARG C 28 -18.58 8.89 -20.62
N ASP C 29 -17.31 9.33 -20.53
CA ASP C 29 -16.25 8.48 -20.05
C ASP C 29 -16.26 8.29 -18.58
N LEU C 30 -16.84 9.20 -17.78
CA LEU C 30 -16.95 8.94 -16.37
C LEU C 30 -18.12 7.99 -16.10
N LYS C 31 -19.10 7.81 -17.03
CA LYS C 31 -20.23 6.90 -16.82
C LYS C 31 -19.73 5.51 -17.04
N ARG C 32 -19.05 5.41 -18.18
CA ARG C 32 -18.40 4.16 -18.51
C ARG C 32 -17.42 3.80 -17.41
N ALA C 33 -16.73 4.75 -16.74
CA ALA C 33 -15.72 4.35 -15.77
C ALA C 33 -16.36 3.74 -14.55
N LYS C 34 -17.54 4.23 -14.16
CA LYS C 34 -18.21 3.70 -12.98
C LYS C 34 -18.58 2.26 -13.25
N TYR C 35 -19.31 2.02 -14.36
CA TYR C 35 -19.78 0.70 -14.75
C TYR C 35 -18.89 -0.51 -14.92
N THR C 36 -17.69 -0.13 -15.34
CA THR C 36 -16.57 -0.99 -15.62
C THR C 36 -15.67 -1.11 -14.43
N GLY C 37 -15.80 -0.21 -13.45
CA GLY C 37 -14.91 -0.23 -12.28
C GLY C 37 -13.46 0.19 -12.54
N THR C 38 -13.32 0.97 -13.58
CA THR C 38 -12.12 1.59 -14.02
C THR C 38 -12.05 2.95 -13.33
N GLU C 39 -13.09 3.45 -12.63
CA GLU C 39 -13.08 4.75 -11.98
C GLU C 39 -12.10 4.88 -10.84
N GLN C 40 -11.22 5.88 -10.87
CA GLN C 40 -10.27 6.18 -9.81
C GLN C 40 -10.80 7.42 -9.05
N GLN C 41 -10.64 7.54 -7.73
CA GLN C 41 -11.11 8.72 -7.03
C GLN C 41 -10.15 9.89 -7.12
N HIS C 42 -10.45 10.95 -7.87
CA HIS C 42 -9.62 12.13 -7.97
C HIS C 42 -10.09 13.36 -7.19
N LEU C 43 -10.97 13.20 -6.19
CA LEU C 43 -11.41 14.29 -5.34
C LEU C 43 -11.28 13.89 -3.87
N LYS C 44 -10.38 12.97 -3.54
CA LYS C 44 -10.23 12.50 -2.16
C LYS C 44 -9.81 13.69 -1.36
N ARG C 45 -10.40 13.87 -0.17
CA ARG C 45 -9.97 14.93 0.75
C ARG C 45 -10.50 16.29 0.29
N LYS C 46 -11.53 16.40 -0.57
CA LYS C 46 -12.13 17.65 -1.01
C LYS C 46 -13.49 17.71 -0.31
N ASN C 47 -13.95 18.78 0.33
CA ASN C 47 -15.23 18.78 1.02
C ASN C 47 -16.12 19.78 0.32
N ILE C 48 -17.33 19.49 -0.17
CA ILE C 48 -18.09 20.55 -0.79
C ILE C 48 -19.32 20.76 0.10
N ALA C 49 -19.88 21.99 0.07
CA ALA C 49 -21.02 22.49 0.87
C ALA C 49 -22.19 22.51 -0.09
N LEU C 50 -23.44 22.33 0.28
CA LEU C 50 -24.51 22.30 -0.70
C LEU C 50 -25.54 23.19 -0.06
N ILE C 51 -25.72 24.44 -0.49
CA ILE C 51 -26.67 25.35 0.08
C ILE C 51 -27.90 25.20 -0.79
N PHE C 52 -29.00 24.61 -0.32
CA PHE C 52 -30.17 24.51 -1.18
C PHE C 52 -31.26 25.42 -0.66
N GLU C 53 -31.70 26.50 -1.33
CA GLU C 53 -32.80 27.33 -0.85
C GLU C 53 -34.11 26.62 -1.21
N LYS C 54 -34.37 25.97 -2.34
CA LYS C 54 -35.59 25.17 -2.41
C LYS C 54 -35.13 23.71 -2.20
N THR C 55 -35.86 22.86 -1.46
CA THR C 55 -35.57 21.43 -1.40
C THR C 55 -35.70 20.83 -2.79
N SER C 56 -34.68 20.09 -3.23
CA SER C 56 -34.67 19.40 -4.51
C SER C 56 -33.92 18.06 -4.44
N THR C 57 -34.54 17.04 -3.90
CA THR C 57 -33.92 15.74 -3.71
C THR C 57 -33.17 15.12 -4.85
N ARG C 58 -33.71 15.11 -6.06
CA ARG C 58 -33.05 14.56 -7.21
C ARG C 58 -31.79 15.35 -7.53
N THR C 59 -31.69 16.63 -7.19
CA THR C 59 -30.45 17.31 -7.51
C THR C 59 -29.47 17.23 -6.36
N ARG C 60 -29.95 17.15 -5.13
CA ARG C 60 -29.10 16.86 -4.02
C ARG C 60 -28.54 15.46 -4.27
N CYS C 61 -29.29 14.35 -4.36
CA CYS C 61 -28.71 13.04 -4.59
C CYS C 61 -27.71 12.97 -5.72
N ALA C 62 -27.94 13.64 -6.87
CA ALA C 62 -26.95 13.65 -7.93
C ALA C 62 -25.68 14.32 -7.44
N PHE C 63 -25.68 15.44 -6.71
CA PHE C 63 -24.43 16.02 -6.21
C PHE C 63 -23.82 15.06 -5.22
N GLU C 64 -24.60 14.57 -4.26
CA GLU C 64 -24.12 13.70 -3.25
C GLU C 64 -23.49 12.43 -3.80
N VAL C 65 -24.13 11.56 -4.59
CA VAL C 65 -23.49 10.42 -5.19
C VAL C 65 -22.29 10.79 -6.05
N ALA C 66 -22.29 11.85 -6.88
CA ALA C 66 -21.11 12.19 -7.67
C ALA C 66 -19.91 12.58 -6.83
N ALA C 67 -20.17 13.41 -5.82
CA ALA C 67 -19.11 13.83 -4.94
C ALA C 67 -18.54 12.65 -4.20
N TYR C 68 -19.37 11.71 -3.73
CA TYR C 68 -18.94 10.52 -3.05
C TYR C 68 -18.19 9.53 -3.88
N ASP C 69 -18.57 9.25 -5.12
CA ASP C 69 -17.83 8.31 -5.89
C ASP C 69 -16.36 8.71 -6.04
N GLN C 70 -16.16 10.02 -6.12
CA GLN C 70 -14.87 10.56 -6.30
C GLN C 70 -14.22 10.79 -4.95
N GLY C 71 -14.50 10.09 -3.87
CA GLY C 71 -13.88 10.41 -2.60
C GLY C 71 -14.16 11.80 -1.98
N ALA C 72 -15.01 12.72 -2.43
CA ALA C 72 -15.18 13.98 -1.71
C ALA C 72 -16.14 13.82 -0.55
N ASN C 73 -16.42 14.89 0.20
CA ASN C 73 -17.32 14.81 1.32
C ASN C 73 -18.30 15.94 1.21
N VAL C 74 -19.53 15.86 1.69
CA VAL C 74 -20.54 16.83 1.34
C VAL C 74 -21.21 17.38 2.59
N THR C 75 -21.41 18.67 2.80
CA THR C 75 -22.22 19.15 3.94
C THR C 75 -23.54 19.62 3.36
N TYR C 76 -24.71 18.97 3.48
CA TYR C 76 -25.93 19.56 2.97
C TYR C 76 -26.48 20.61 3.95
N ILE C 77 -26.75 21.81 3.45
CA ILE C 77 -27.29 22.91 4.24
C ILE C 77 -28.63 23.19 3.59
N ASP C 78 -29.69 22.94 4.34
CA ASP C 78 -31.09 23.17 3.99
C ASP C 78 -31.72 24.38 3.37
N PRO C 79 -33.02 24.31 3.03
CA PRO C 79 -33.90 25.44 3.14
C PRO C 79 -34.25 25.68 4.59
N ASN C 80 -34.60 24.71 5.44
CA ASN C 80 -35.06 25.05 6.80
C ASN C 80 -34.15 25.91 7.64
N SER C 81 -32.83 25.90 7.45
CA SER C 81 -31.99 26.61 8.39
C SER C 81 -30.62 27.06 7.88
N SER C 82 -30.82 27.83 6.83
CA SER C 82 -29.81 28.61 6.19
C SER C 82 -30.65 29.86 6.07
N GLN C 83 -30.89 30.60 7.16
CA GLN C 83 -31.72 31.79 7.05
C GLN C 83 -30.90 32.91 6.37
N ILE C 84 -30.64 32.71 5.06
CA ILE C 84 -29.68 33.51 4.30
C ILE C 84 -29.92 34.99 4.30
N GLY C 85 -30.97 35.50 3.67
CA GLY C 85 -31.14 36.94 3.67
C GLY C 85 -31.48 37.43 5.07
N HIS C 86 -31.79 36.53 6.04
CA HIS C 86 -32.36 36.97 7.30
C HIS C 86 -31.55 38.02 8.03
N LYS C 87 -30.39 37.57 8.49
CA LYS C 87 -29.52 38.40 9.26
C LYS C 87 -28.07 38.18 8.81
N GLU C 88 -27.84 37.65 7.59
CA GLU C 88 -26.46 37.52 7.23
C GLU C 88 -26.11 38.06 5.87
N SER C 89 -26.55 37.53 4.73
CA SER C 89 -26.22 37.99 3.37
C SER C 89 -25.24 37.05 2.74
N MET C 90 -25.61 36.56 1.56
CA MET C 90 -24.79 35.71 0.73
C MET C 90 -23.35 36.18 0.65
N LYS C 91 -23.11 37.49 0.52
CA LYS C 91 -21.74 37.99 0.41
C LYS C 91 -20.94 37.67 1.64
N ASP C 92 -21.52 37.83 2.83
CA ASP C 92 -20.84 37.51 4.07
C ASP C 92 -20.79 36.04 4.38
N THR C 93 -21.76 35.24 3.97
CA THR C 93 -21.61 33.86 4.36
C THR C 93 -20.81 33.12 3.28
N ALA C 94 -20.69 33.52 2.00
CA ALA C 94 -19.82 32.86 1.04
C ALA C 94 -18.38 33.08 1.48
N ARG C 95 -18.04 34.27 1.99
CA ARG C 95 -16.68 34.48 2.44
C ARG C 95 -16.33 33.57 3.60
N VAL C 96 -17.27 33.28 4.52
CA VAL C 96 -16.90 32.36 5.56
C VAL C 96 -16.80 30.98 4.95
N LEU C 97 -17.82 30.51 4.23
CA LEU C 97 -17.79 29.17 3.66
C LEU C 97 -16.71 28.88 2.59
N GLY C 98 -16.12 29.78 1.82
CA GLY C 98 -15.03 29.41 0.95
C GLY C 98 -13.78 29.21 1.81
N ARG C 99 -13.82 29.60 3.07
CA ARG C 99 -12.65 29.32 3.88
C ARG C 99 -12.72 27.93 4.44
N MET C 100 -13.88 27.36 4.67
CA MET C 100 -13.88 26.00 5.11
C MET C 100 -14.07 25.00 4.01
N TYR C 101 -14.88 25.24 2.96
CA TYR C 101 -15.10 24.27 1.90
C TYR C 101 -14.17 24.40 0.72
N ASP C 102 -14.27 23.46 -0.22
CA ASP C 102 -13.42 23.43 -1.41
C ASP C 102 -14.15 23.81 -2.67
N ALA C 103 -15.46 23.78 -2.66
CA ALA C 103 -16.29 24.14 -3.80
C ALA C 103 -17.66 24.35 -3.20
N ILE C 104 -18.69 24.93 -3.82
CA ILE C 104 -19.98 25.08 -3.13
C ILE C 104 -21.06 24.76 -4.15
N GLY C 105 -22.12 24.02 -3.85
CA GLY C 105 -23.15 23.77 -4.84
C GLY C 105 -24.31 24.66 -4.45
N TYR C 106 -24.99 25.27 -5.40
CA TYR C 106 -26.06 26.13 -4.99
C TYR C 106 -27.31 25.83 -5.76
N ARG C 107 -28.41 25.98 -5.04
CA ARG C 107 -29.68 25.79 -5.67
C ARG C 107 -30.76 26.55 -4.92
N GLY C 108 -31.13 27.63 -5.57
CA GLY C 108 -32.06 28.56 -5.02
C GLY C 108 -32.87 29.03 -6.19
N PHE C 109 -33.69 30.04 -5.93
CA PHE C 109 -34.55 30.53 -6.99
C PHE C 109 -33.84 31.59 -7.82
N LYS C 110 -33.34 32.52 -7.02
CA LYS C 110 -32.92 33.80 -7.54
C LYS C 110 -31.54 33.90 -8.13
N GLN C 111 -31.27 33.41 -9.35
CA GLN C 111 -29.96 33.46 -10.01
C GLN C 111 -29.12 34.67 -9.62
N GLU C 112 -29.73 35.87 -9.47
CA GLU C 112 -29.06 37.05 -8.93
C GLU C 112 -28.18 36.66 -7.71
N ILE C 113 -28.69 35.98 -6.65
CA ILE C 113 -27.89 35.47 -5.51
C ILE C 113 -26.73 34.54 -5.86
N VAL C 114 -26.92 33.58 -6.78
CA VAL C 114 -25.87 32.66 -7.23
C VAL C 114 -24.64 33.47 -7.58
N GLU C 115 -24.86 34.58 -8.29
CA GLU C 115 -23.77 35.45 -8.67
C GLU C 115 -23.07 36.03 -7.45
N GLU C 116 -23.69 36.44 -6.34
CA GLU C 116 -22.93 36.91 -5.18
C GLU C 116 -22.01 35.85 -4.62
N LEU C 117 -22.58 34.66 -4.52
CA LEU C 117 -21.91 33.48 -4.02
C LEU C 117 -20.70 33.26 -4.89
N ALA C 118 -20.90 33.20 -6.20
CA ALA C 118 -19.82 32.97 -7.12
C ALA C 118 -18.80 34.08 -7.02
N LYS C 119 -19.23 35.32 -6.79
CA LYS C 119 -18.30 36.41 -6.80
C LYS C 119 -17.37 36.46 -5.60
N PHE C 120 -17.94 36.29 -4.40
CA PHE C 120 -17.21 36.38 -3.13
C PHE C 120 -16.71 35.10 -2.52
N ALA C 121 -17.24 33.93 -2.83
CA ALA C 121 -16.82 32.72 -2.14
C ALA C 121 -15.33 32.44 -2.16
N GLY C 122 -14.63 32.61 -3.29
CA GLY C 122 -13.21 32.37 -3.35
C GLY C 122 -12.88 30.94 -3.77
N VAL C 123 -13.89 30.12 -4.10
CA VAL C 123 -13.67 28.73 -4.40
C VAL C 123 -14.69 28.30 -5.47
N PRO C 124 -14.54 27.39 -6.45
CA PRO C 124 -15.60 27.00 -7.39
C PRO C 124 -17.05 27.00 -6.93
N VAL C 125 -17.91 27.74 -7.57
CA VAL C 125 -19.31 27.67 -7.17
C VAL C 125 -20.06 27.02 -8.32
N PHE C 126 -20.81 25.97 -8.05
CA PHE C 126 -21.46 25.25 -9.12
C PHE C 126 -22.91 25.53 -8.91
N ASN C 127 -23.48 26.19 -9.89
CA ASN C 127 -24.89 26.36 -9.79
C ASN C 127 -25.53 25.02 -10.09
N GLY C 128 -26.01 24.33 -9.05
CA GLY C 128 -26.84 23.17 -9.24
C GLY C 128 -28.04 23.68 -10.05
N LEU C 129 -28.67 24.81 -9.67
CA LEU C 129 -29.68 25.56 -10.45
C LEU C 129 -30.45 26.71 -9.79
N THR C 130 -31.21 27.44 -10.63
CA THR C 130 -32.10 28.52 -10.23
C THR C 130 -33.21 28.59 -11.27
N ASP C 131 -34.09 29.61 -11.30
CA ASP C 131 -35.15 29.78 -12.29
C ASP C 131 -34.61 29.95 -13.70
N GLU C 132 -33.57 30.79 -13.77
CA GLU C 132 -32.78 31.11 -14.96
C GLU C 132 -32.30 29.76 -15.49
N TYR C 133 -32.07 28.82 -14.55
CA TYR C 133 -31.89 27.43 -14.91
C TYR C 133 -30.57 27.07 -15.53
N HIS C 134 -30.58 25.73 -15.43
CA HIS C 134 -29.71 24.62 -15.82
C HIS C 134 -28.80 24.35 -17.01
N PRO C 135 -27.56 24.72 -16.79
CA PRO C 135 -26.43 24.05 -17.36
C PRO C 135 -26.38 22.51 -17.24
N THR C 136 -26.66 21.81 -16.13
CA THR C 136 -26.45 20.36 -16.14
C THR C 136 -27.59 19.51 -16.63
N GLN C 137 -28.88 19.89 -16.53
CA GLN C 137 -29.87 19.00 -17.12
C GLN C 137 -29.68 19.22 -18.60
N MET C 138 -29.21 20.40 -19.08
CA MET C 138 -28.85 20.54 -20.50
C MET C 138 -27.89 19.52 -21.05
N LEU C 139 -26.75 19.30 -20.38
CA LEU C 139 -25.77 18.33 -20.82
C LEU C 139 -26.17 16.91 -20.44
N ALA C 140 -27.03 16.66 -19.44
CA ALA C 140 -27.52 15.31 -19.14
C ALA C 140 -28.34 14.83 -20.34
N ASP C 141 -29.37 15.58 -20.75
CA ASP C 141 -30.16 15.22 -21.90
C ASP C 141 -29.36 15.02 -23.13
N VAL C 142 -28.43 15.91 -23.49
CA VAL C 142 -27.77 15.60 -24.74
C VAL C 142 -26.83 14.44 -24.50
N LEU C 143 -26.24 14.21 -23.29
CA LEU C 143 -25.49 12.97 -23.00
C LEU C 143 -26.48 11.85 -23.27
N THR C 144 -27.76 11.97 -22.92
CA THR C 144 -28.68 10.88 -23.14
C THR C 144 -29.05 10.69 -24.60
N MET C 145 -29.21 11.78 -25.36
CA MET C 145 -29.61 11.57 -26.72
C MET C 145 -28.45 10.91 -27.44
N ARG C 146 -27.23 11.30 -27.07
CA ARG C 146 -26.10 10.77 -27.78
C ARG C 146 -25.79 9.32 -27.50
N GLU C 147 -25.96 8.82 -26.28
CA GLU C 147 -25.62 7.43 -26.11
C GLU C 147 -26.62 6.39 -26.47
N HIS C 148 -27.84 6.87 -26.52
CA HIS C 148 -28.93 6.01 -26.82
C HIS C 148 -29.06 5.93 -28.31
N SER C 149 -28.96 7.02 -29.08
CA SER C 149 -29.14 6.92 -30.51
C SER C 149 -27.94 6.29 -31.20
N ASP C 150 -26.77 6.39 -30.57
CA ASP C 150 -25.52 5.85 -31.07
C ASP C 150 -25.02 6.50 -32.38
N LYS C 151 -25.55 7.72 -32.64
CA LYS C 151 -25.28 8.55 -33.81
C LYS C 151 -24.34 9.68 -33.39
N PRO C 152 -23.59 10.36 -34.25
CA PRO C 152 -22.76 11.52 -33.87
C PRO C 152 -23.65 12.63 -33.34
N LEU C 153 -23.27 13.60 -32.50
CA LEU C 153 -24.22 14.66 -32.10
C LEU C 153 -25.04 15.25 -33.27
N HIS C 154 -24.42 15.80 -34.31
CA HIS C 154 -25.14 16.29 -35.48
C HIS C 154 -26.03 15.32 -36.26
N ASP C 155 -26.36 14.10 -35.88
CA ASP C 155 -27.35 13.36 -36.66
C ASP C 155 -28.40 13.03 -35.63
N ILE C 156 -28.62 13.89 -34.64
CA ILE C 156 -29.64 13.59 -33.67
C ILE C 156 -30.58 14.74 -33.87
N SER C 157 -31.85 14.43 -34.02
CA SER C 157 -32.84 15.49 -34.06
C SER C 157 -33.86 15.20 -32.98
N TYR C 158 -34.48 16.20 -32.41
CA TYR C 158 -35.45 15.99 -31.35
C TYR C 158 -36.49 17.11 -31.31
N ALA C 159 -37.63 16.98 -30.64
CA ALA C 159 -38.65 18.01 -30.63
C ALA C 159 -39.06 18.30 -29.21
N TYR C 160 -39.54 19.51 -28.94
CA TYR C 160 -39.97 19.86 -27.61
C TYR C 160 -41.43 20.22 -27.77
N LEU C 161 -42.40 19.70 -27.02
CA LEU C 161 -43.76 20.06 -27.27
C LEU C 161 -44.43 20.85 -26.16
N GLY C 162 -44.58 22.11 -26.57
CA GLY C 162 -45.41 23.11 -25.93
C GLY C 162 -45.14 23.69 -24.57
N ASP C 163 -44.96 24.99 -24.75
CA ASP C 163 -44.67 26.05 -23.78
C ASP C 163 -43.18 26.03 -23.87
N ALA C 164 -42.72 26.60 -24.98
CA ALA C 164 -41.31 26.65 -25.12
C ALA C 164 -40.91 27.96 -24.45
N ARG C 165 -41.30 28.23 -23.20
CA ARG C 165 -40.96 29.50 -22.54
C ARG C 165 -40.50 29.19 -21.16
N ASN C 166 -41.32 28.44 -20.39
CA ASN C 166 -40.89 27.69 -19.22
C ASN C 166 -39.70 26.97 -19.91
N ASN C 167 -38.55 27.50 -19.51
CA ASN C 167 -37.31 27.41 -20.25
C ASN C 167 -36.62 26.10 -20.55
N MET C 168 -37.22 24.92 -20.31
CA MET C 168 -36.64 23.69 -20.84
C MET C 168 -36.69 23.82 -22.36
N GLY C 169 -37.67 24.60 -22.85
CA GLY C 169 -37.79 24.97 -24.23
C GLY C 169 -36.60 25.80 -24.63
N ASN C 170 -36.17 26.78 -23.83
CA ASN C 170 -34.99 27.57 -24.19
C ASN C 170 -33.68 26.84 -24.08
N SER C 171 -33.59 25.95 -23.11
CA SER C 171 -32.32 25.35 -22.87
C SER C 171 -32.20 24.26 -23.90
N LEU C 172 -33.26 23.56 -24.30
CA LEU C 172 -33.07 22.62 -25.37
C LEU C 172 -32.70 23.32 -26.67
N LEU C 173 -33.35 24.41 -27.09
CA LEU C 173 -32.96 25.15 -28.27
C LEU C 173 -31.51 25.67 -28.18
N LEU C 174 -31.08 26.18 -27.02
CA LEU C 174 -29.74 26.71 -26.88
C LEU C 174 -28.71 25.62 -27.16
N ILE C 175 -28.82 24.43 -26.54
CA ILE C 175 -27.77 23.50 -26.76
C ILE C 175 -27.95 22.82 -28.11
N GLY C 176 -29.15 22.48 -28.62
CA GLY C 176 -29.24 22.00 -30.00
C GLY C 176 -28.52 22.97 -30.97
N ALA C 177 -28.58 24.28 -30.73
CA ALA C 177 -27.95 25.25 -31.60
C ALA C 177 -26.43 25.22 -31.51
N LYS C 178 -25.83 25.24 -30.33
CA LYS C 178 -24.37 25.22 -30.27
C LYS C 178 -23.76 23.90 -30.71
N LEU C 179 -24.46 22.77 -30.62
CA LEU C 179 -23.80 21.53 -30.97
C LEU C 179 -24.19 21.04 -32.36
N GLY C 180 -25.03 21.79 -33.05
CA GLY C 180 -25.33 21.46 -34.43
C GLY C 180 -26.23 20.27 -34.61
N MET C 181 -27.17 20.09 -33.68
CA MET C 181 -28.11 19.00 -33.80
C MET C 181 -29.29 19.59 -34.57
N ASP C 182 -30.34 18.80 -34.81
CA ASP C 182 -31.52 19.27 -35.50
C ASP C 182 -32.62 19.42 -34.47
N VAL C 183 -32.78 20.62 -33.92
CA VAL C 183 -33.78 20.85 -32.89
C VAL C 183 -35.08 21.51 -33.34
N ARG C 184 -36.25 20.90 -33.13
CA ARG C 184 -37.54 21.46 -33.55
C ARG C 184 -38.41 21.84 -32.37
N ILE C 185 -38.94 23.05 -32.20
CA ILE C 185 -39.85 23.27 -31.07
C ILE C 185 -41.30 23.28 -31.54
N ALA C 186 -42.24 22.66 -30.84
CA ALA C 186 -43.63 22.59 -31.26
C ALA C 186 -44.53 23.18 -30.20
N ALA C 187 -44.85 24.46 -30.30
CA ALA C 187 -45.70 25.08 -29.31
C ALA C 187 -46.57 26.13 -29.99
N PRO C 188 -47.69 26.59 -29.43
CA PRO C 188 -48.49 27.64 -30.02
C PRO C 188 -47.69 28.95 -29.99
N LYS C 189 -47.68 29.77 -31.05
CA LYS C 189 -46.95 31.05 -31.14
C LYS C 189 -46.96 31.98 -29.95
N ALA C 190 -47.98 31.94 -29.09
CA ALA C 190 -47.99 32.76 -27.88
C ALA C 190 -46.96 32.32 -26.85
N LEU C 191 -46.37 31.14 -27.12
CA LEU C 191 -45.50 30.39 -26.24
C LEU C 191 -44.18 29.94 -26.87
N TRP C 192 -43.69 30.66 -27.86
CA TRP C 192 -42.40 30.38 -28.48
C TRP C 192 -41.31 31.08 -27.64
N PRO C 193 -40.00 30.79 -27.68
CA PRO C 193 -38.98 31.53 -26.92
C PRO C 193 -39.00 33.01 -27.36
N HIS C 194 -38.73 34.15 -26.66
CA HIS C 194 -38.92 35.40 -27.40
C HIS C 194 -37.79 35.47 -28.40
N ASP C 195 -38.36 35.86 -29.52
CA ASP C 195 -37.64 36.02 -30.75
C ASP C 195 -36.27 36.65 -30.62
N GLU C 196 -35.85 37.53 -29.68
CA GLU C 196 -34.43 37.90 -29.73
C GLU C 196 -33.57 36.71 -29.32
N PHE C 197 -34.06 35.85 -28.41
CA PHE C 197 -33.38 34.62 -28.03
C PHE C 197 -33.46 33.72 -29.26
N VAL C 198 -34.55 33.45 -29.99
CA VAL C 198 -34.40 32.64 -31.20
C VAL C 198 -33.38 33.31 -32.13
N ALA C 199 -33.24 34.64 -32.18
CA ALA C 199 -32.26 35.26 -33.06
C ALA C 199 -30.87 34.84 -32.64
N GLN C 200 -30.65 34.69 -31.32
CA GLN C 200 -29.35 34.23 -30.84
C GLN C 200 -29.20 32.80 -31.26
N CYS C 201 -30.14 31.92 -30.91
CA CYS C 201 -30.06 30.54 -31.33
C CYS C 201 -29.87 30.45 -32.81
N LYS C 202 -30.25 31.42 -33.65
CA LYS C 202 -29.92 31.25 -35.04
C LYS C 202 -28.51 31.67 -35.37
N LYS C 203 -27.94 32.67 -34.67
CA LYS C 203 -26.55 33.08 -34.82
C LYS C 203 -25.74 31.80 -34.64
N PHE C 204 -25.89 31.20 -33.45
CA PHE C 204 -25.27 29.93 -33.12
C PHE C 204 -25.52 28.82 -34.13
N ALA C 205 -26.79 28.62 -34.45
CA ALA C 205 -27.18 27.55 -35.36
C ALA C 205 -26.53 27.55 -36.71
N GLU C 206 -25.87 28.65 -37.07
CA GLU C 206 -25.26 28.79 -38.37
C GLU C 206 -23.79 28.42 -38.42
N GLU C 207 -23.10 28.69 -37.30
CA GLU C 207 -21.69 28.41 -37.20
C GLU C 207 -21.61 26.87 -37.20
N SER C 208 -22.40 26.17 -36.38
CA SER C 208 -22.56 24.71 -36.45
C SER C 208 -23.57 24.38 -37.55
N GLY C 209 -23.86 23.18 -38.03
CA GLY C 209 -24.94 23.07 -39.02
C GLY C 209 -26.30 22.91 -38.33
N ALA C 210 -26.69 23.73 -37.36
CA ALA C 210 -27.89 23.35 -36.62
C ALA C 210 -29.22 23.69 -37.29
N LYS C 211 -30.23 22.82 -37.37
CA LYS C 211 -31.51 23.20 -37.95
C LYS C 211 -32.45 23.55 -36.80
N LEU C 212 -33.16 24.70 -36.79
CA LEU C 212 -34.11 25.05 -35.74
C LEU C 212 -35.51 25.25 -36.33
N THR C 213 -36.54 24.38 -36.31
CA THR C 213 -37.84 24.87 -36.78
C THR C 213 -38.49 25.46 -35.52
N LEU C 214 -39.65 26.09 -35.62
CA LEU C 214 -40.47 26.44 -34.48
C LEU C 214 -41.81 26.39 -35.19
N THR C 215 -42.66 25.42 -34.91
CA THR C 215 -43.95 25.29 -35.57
C THR C 215 -45.00 25.42 -34.47
N GLU C 216 -46.28 25.06 -34.69
CA GLU C 216 -47.37 25.01 -33.71
C GLU C 216 -48.14 23.72 -33.96
N ASP C 217 -47.65 22.96 -34.94
CA ASP C 217 -48.22 21.71 -35.39
C ASP C 217 -47.37 20.56 -34.82
N PRO C 218 -47.70 19.85 -33.73
CA PRO C 218 -47.00 18.66 -33.26
C PRO C 218 -46.66 17.62 -34.30
N LYS C 219 -47.60 16.92 -34.92
CA LYS C 219 -47.29 15.88 -35.91
C LYS C 219 -46.18 16.26 -36.92
N GLU C 220 -46.06 17.54 -37.20
CA GLU C 220 -45.01 18.03 -38.09
C GLU C 220 -43.68 18.04 -37.35
N ALA C 221 -43.66 18.80 -36.25
CA ALA C 221 -42.47 19.00 -35.42
C ALA C 221 -41.76 17.70 -35.10
N VAL C 222 -42.56 16.74 -34.68
CA VAL C 222 -42.08 15.44 -34.32
C VAL C 222 -41.82 14.51 -35.50
N LYS C 223 -41.79 14.93 -36.78
CA LYS C 223 -41.68 13.97 -37.87
C LYS C 223 -40.26 13.46 -38.01
N GLY C 224 -40.10 12.12 -38.01
CA GLY C 224 -38.78 11.46 -38.15
C GLY C 224 -37.66 11.81 -37.14
N VAL C 225 -38.04 12.31 -36.00
CA VAL C 225 -37.14 12.71 -34.94
C VAL C 225 -36.69 11.45 -34.20
N ASP C 226 -35.65 11.54 -33.39
CA ASP C 226 -35.21 10.47 -32.48
C ASP C 226 -35.57 11.16 -31.17
N PHE C 227 -36.28 10.79 -30.09
CA PHE C 227 -36.40 11.64 -28.88
C PHE C 227 -37.34 12.83 -29.07
N VAL C 228 -38.41 12.77 -28.27
CA VAL C 228 -39.55 13.68 -28.18
C VAL C 228 -39.41 14.15 -26.73
N HIS C 229 -39.39 15.44 -26.38
CA HIS C 229 -39.22 15.92 -25.00
C HIS C 229 -40.45 16.64 -24.59
N THR C 230 -40.87 16.59 -23.34
CA THR C 230 -41.94 17.48 -22.93
C THR C 230 -41.67 17.91 -21.51
N ASP C 231 -42.58 18.62 -20.85
CA ASP C 231 -42.40 19.04 -19.48
C ASP C 231 -43.69 19.55 -18.86
N VAL C 232 -43.92 19.48 -17.54
CA VAL C 232 -45.20 19.84 -16.94
C VAL C 232 -45.38 21.31 -17.22
N TRP C 233 -46.51 21.64 -17.86
CA TRP C 233 -46.89 23.02 -18.12
C TRP C 233 -47.88 23.67 -17.16
N VAL C 234 -48.49 22.93 -16.24
CA VAL C 234 -49.48 23.53 -15.36
C VAL C 234 -48.66 24.03 -14.18
N SER C 235 -48.87 25.27 -13.74
CA SER C 235 -48.15 25.84 -12.62
C SER C 235 -48.91 25.69 -11.31
N MET C 236 -48.52 24.59 -10.65
CA MET C 236 -48.91 24.27 -9.29
C MET C 236 -48.87 25.58 -8.51
N GLY C 237 -49.99 26.05 -8.03
CA GLY C 237 -49.94 27.28 -7.27
C GLY C 237 -50.80 28.34 -7.91
N GLU C 238 -50.62 28.71 -9.19
CA GLU C 238 -51.50 29.70 -9.82
C GLU C 238 -52.78 28.84 -9.83
N PRO C 239 -53.78 29.22 -8.99
CA PRO C 239 -54.41 28.32 -8.03
C PRO C 239 -54.56 26.91 -8.55
N VAL C 240 -55.61 26.64 -9.32
CA VAL C 240 -55.89 25.35 -9.94
C VAL C 240 -57.25 25.45 -10.60
N GLU C 241 -58.18 26.03 -9.84
CA GLU C 241 -59.50 26.42 -10.32
C GLU C 241 -59.17 27.24 -11.52
N ALA C 242 -59.61 26.52 -12.54
CA ALA C 242 -59.36 26.96 -13.88
C ALA C 242 -57.88 27.09 -14.17
N TRP C 243 -57.30 25.91 -14.40
CA TRP C 243 -56.16 25.97 -15.25
C TRP C 243 -56.83 26.03 -16.62
N GLY C 244 -58.04 25.47 -16.79
CA GLY C 244 -58.90 25.55 -17.97
C GLY C 244 -58.34 26.19 -19.24
N GLU C 245 -58.06 27.51 -19.34
CA GLU C 245 -57.50 28.01 -20.59
C GLU C 245 -56.13 27.42 -20.87
N ARG C 246 -55.20 27.39 -19.89
CA ARG C 246 -53.90 26.75 -20.08
C ARG C 246 -54.14 25.31 -20.53
N ILE C 247 -55.07 24.62 -19.87
CA ILE C 247 -55.31 23.24 -20.24
C ILE C 247 -55.91 23.17 -21.63
N LYS C 248 -56.67 24.15 -22.10
CA LYS C 248 -57.23 24.02 -23.42
C LYS C 248 -56.12 24.31 -24.43
N GLU C 249 -55.14 25.14 -24.07
CA GLU C 249 -54.05 25.46 -24.99
C GLU C 249 -53.08 24.36 -25.25
N LEU C 250 -52.47 23.89 -24.18
CA LEU C 250 -51.41 22.97 -24.39
C LEU C 250 -51.93 21.57 -24.55
N LEU C 251 -53.22 21.29 -24.29
CA LEU C 251 -53.67 19.91 -24.39
C LEU C 251 -53.54 19.36 -25.82
N PRO C 252 -53.53 20.08 -26.97
CA PRO C 252 -53.15 19.47 -28.23
C PRO C 252 -51.71 18.97 -28.20
N TYR C 253 -50.77 19.63 -27.51
CA TYR C 253 -49.36 19.25 -27.40
C TYR C 253 -49.02 18.16 -26.38
N GLN C 254 -50.01 17.35 -26.01
CA GLN C 254 -49.87 16.33 -25.01
C GLN C 254 -48.96 15.27 -25.61
N VAL C 255 -47.75 14.89 -25.16
CA VAL C 255 -47.09 13.79 -25.85
C VAL C 255 -47.91 12.55 -25.55
N ASN C 256 -48.40 11.82 -26.55
CA ASN C 256 -49.16 10.60 -26.29
C ASN C 256 -48.91 9.59 -27.39
N MET C 257 -49.44 8.37 -27.35
CA MET C 257 -49.13 7.39 -28.39
C MET C 257 -49.48 7.80 -29.80
N GLU C 258 -50.26 8.87 -30.04
CA GLU C 258 -50.52 9.32 -31.40
C GLU C 258 -49.23 10.06 -31.68
N ILE C 259 -48.86 11.15 -30.97
CA ILE C 259 -47.60 11.86 -31.19
C ILE C 259 -46.36 11.00 -31.27
N MET C 260 -46.24 9.98 -30.41
CA MET C 260 -45.07 9.11 -30.44
C MET C 260 -45.11 8.31 -31.73
N LYS C 261 -46.23 7.66 -32.09
CA LYS C 261 -46.31 6.93 -33.35
C LYS C 261 -46.25 7.88 -34.55
N ALA C 262 -46.61 9.15 -34.32
CA ALA C 262 -46.60 10.19 -35.33
C ALA C 262 -45.21 10.49 -35.77
N THR C 263 -44.21 10.20 -34.91
CA THR C 263 -42.85 10.37 -35.34
C THR C 263 -42.70 9.28 -36.39
N GLY C 264 -41.67 9.37 -37.20
CA GLY C 264 -41.59 8.32 -38.20
C GLY C 264 -41.17 6.99 -37.62
N ASN C 265 -40.42 7.01 -36.51
CA ASN C 265 -39.51 5.91 -36.39
C ASN C 265 -39.65 5.01 -35.19
N PRO C 266 -39.53 3.66 -35.25
CA PRO C 266 -39.81 2.77 -34.13
C PRO C 266 -38.83 2.87 -32.98
N ARG C 267 -37.83 3.74 -33.08
CA ARG C 267 -36.85 3.90 -32.06
C ARG C 267 -36.98 5.27 -31.44
N ALA C 268 -37.96 6.14 -31.81
CA ALA C 268 -38.09 7.42 -31.15
C ALA C 268 -38.30 7.15 -29.65
N LYS C 269 -37.74 7.98 -28.75
CA LYS C 269 -37.89 7.88 -27.31
C LYS C 269 -38.46 9.16 -26.71
N PHE C 270 -39.06 9.08 -25.56
CA PHE C 270 -39.69 10.19 -24.90
C PHE C 270 -38.72 10.60 -23.80
N MET C 271 -38.56 11.86 -23.47
CA MET C 271 -37.70 12.24 -22.38
C MET C 271 -38.46 13.32 -21.64
N HIS C 272 -38.18 13.57 -20.36
CA HIS C 272 -38.94 14.52 -19.58
C HIS C 272 -38.11 14.91 -18.35
N CYS C 273 -37.61 16.08 -17.93
CA CYS C 273 -36.83 16.09 -16.67
C CYS C 273 -37.78 16.09 -15.47
N LEU C 274 -38.25 14.90 -15.10
CA LEU C 274 -39.19 14.64 -14.01
C LEU C 274 -39.47 15.72 -12.93
N PRO C 275 -40.64 15.95 -12.31
CA PRO C 275 -41.77 15.03 -12.18
C PRO C 275 -42.67 15.15 -13.39
N ALA C 276 -43.30 14.07 -13.78
CA ALA C 276 -44.14 14.13 -14.93
C ALA C 276 -45.47 13.78 -14.37
N PHE C 277 -46.42 14.67 -14.66
CA PHE C 277 -47.80 14.45 -14.35
C PHE C 277 -48.26 13.47 -15.38
N HIS C 278 -48.35 12.23 -14.96
CA HIS C 278 -48.74 11.27 -15.93
C HIS C 278 -49.83 10.33 -15.48
N ASN C 279 -50.51 10.65 -14.38
CA ASN C 279 -51.64 9.87 -13.91
C ASN C 279 -52.12 10.42 -12.59
N SER C 280 -53.18 9.84 -12.06
CA SER C 280 -53.74 10.36 -10.83
C SER C 280 -53.13 9.89 -9.53
N GLU C 281 -52.21 8.91 -9.53
CA GLU C 281 -51.62 8.35 -8.31
C GLU C 281 -50.69 9.24 -7.48
N THR C 282 -51.10 10.47 -7.26
CA THR C 282 -50.35 11.44 -6.52
C THR C 282 -51.45 12.33 -5.95
N LYS C 283 -51.13 13.16 -4.97
CA LYS C 283 -52.16 13.96 -4.36
C LYS C 283 -52.44 15.19 -5.23
N VAL C 284 -51.44 15.86 -5.84
CA VAL C 284 -51.73 16.90 -6.84
C VAL C 284 -52.58 16.22 -7.93
N GLY C 285 -52.15 15.03 -8.34
CA GLY C 285 -52.79 14.33 -9.43
C GLY C 285 -54.14 13.73 -9.11
N LYS C 286 -54.70 13.87 -7.92
CA LYS C 286 -56.07 13.47 -7.73
C LYS C 286 -56.93 14.72 -7.75
N GLN C 287 -56.40 15.85 -7.23
CA GLN C 287 -57.04 17.15 -7.29
C GLN C 287 -57.47 17.40 -8.72
N ILE C 288 -56.47 17.56 -9.59
CA ILE C 288 -56.66 17.83 -11.02
C ILE C 288 -57.60 16.85 -11.66
N ALA C 289 -57.33 15.55 -11.50
CA ALA C 289 -58.22 14.51 -11.99
C ALA C 289 -59.64 14.72 -11.53
N GLU C 290 -59.94 15.27 -10.34
CA GLU C 290 -61.33 15.56 -10.00
C GLU C 290 -61.80 16.71 -10.85
N GLN C 291 -61.17 17.89 -10.72
CA GLN C 291 -61.63 19.03 -11.48
C GLN C 291 -61.51 18.81 -12.99
N TYR C 292 -60.79 17.79 -13.45
CA TYR C 292 -60.63 17.56 -14.86
C TYR C 292 -60.52 16.07 -14.97
N PRO C 293 -61.68 15.50 -15.22
CA PRO C 293 -61.78 14.11 -15.54
C PRO C 293 -60.93 13.75 -16.73
N ASN C 294 -60.80 14.59 -17.76
CA ASN C 294 -60.13 14.03 -18.92
C ASN C 294 -58.63 14.06 -18.83
N LEU C 295 -58.08 14.68 -17.78
CA LEU C 295 -56.65 14.56 -17.50
C LEU C 295 -56.68 13.32 -16.63
N ALA C 296 -56.15 13.15 -15.41
CA ALA C 296 -56.42 11.87 -14.68
C ALA C 296 -55.95 10.62 -15.41
N ASN C 297 -54.83 10.84 -16.09
CA ASN C 297 -54.22 9.84 -16.95
C ASN C 297 -53.02 10.36 -17.71
N GLY C 298 -52.81 11.63 -17.44
CA GLY C 298 -51.57 12.22 -17.83
C GLY C 298 -51.88 13.56 -18.38
N ILE C 299 -51.28 14.56 -17.77
CA ILE C 299 -51.50 15.87 -18.25
C ILE C 299 -50.55 16.02 -19.42
N GLU C 300 -49.24 16.25 -19.32
CA GLU C 300 -48.40 16.48 -20.50
C GLU C 300 -47.75 15.26 -21.12
N VAL C 301 -48.00 14.08 -20.56
CA VAL C 301 -47.49 12.82 -21.06
C VAL C 301 -48.60 11.88 -20.65
N THR C 302 -49.07 10.95 -21.46
CA THR C 302 -50.09 10.07 -20.94
C THR C 302 -49.40 8.85 -20.35
N GLU C 303 -49.96 8.18 -19.36
CA GLU C 303 -49.40 6.92 -18.92
C GLU C 303 -49.21 5.98 -20.09
N ASP C 304 -50.04 6.00 -21.17
CA ASP C 304 -49.87 5.04 -22.28
C ASP C 304 -48.48 5.24 -22.91
N VAL C 305 -47.86 6.42 -22.76
CA VAL C 305 -46.46 6.55 -23.11
C VAL C 305 -45.50 6.48 -21.94
N PHE C 306 -45.79 7.16 -20.82
CA PHE C 306 -44.86 7.14 -19.71
C PHE C 306 -44.57 5.72 -19.26
N GLU C 307 -45.56 4.91 -18.92
CA GLU C 307 -45.20 3.63 -18.38
C GLU C 307 -45.22 2.53 -19.41
N SER C 308 -44.40 2.71 -20.48
CA SER C 308 -44.06 1.62 -21.42
C SER C 308 -43.09 2.02 -22.54
N PRO C 309 -42.11 1.19 -23.02
CA PRO C 309 -40.70 1.49 -23.44
C PRO C 309 -40.23 2.62 -24.32
N TYR C 310 -41.08 3.57 -24.63
CA TYR C 310 -40.67 4.77 -25.31
C TYR C 310 -40.02 5.61 -24.25
N ASN C 311 -40.01 5.22 -23.00
CA ASN C 311 -39.67 6.13 -21.95
C ASN C 311 -38.31 5.89 -21.39
N ILE C 312 -37.35 6.79 -21.69
CA ILE C 312 -36.05 6.71 -21.10
C ILE C 312 -35.98 7.84 -20.07
N ALA C 313 -37.04 8.27 -19.37
CA ALA C 313 -36.86 9.37 -18.43
C ALA C 313 -35.95 9.04 -17.25
N PHE C 314 -35.82 7.77 -16.81
CA PHE C 314 -35.00 7.47 -15.65
C PHE C 314 -33.54 7.28 -15.93
N GLU C 315 -33.18 6.75 -17.11
CA GLU C 315 -31.79 6.69 -17.58
C GLU C 315 -31.36 8.15 -17.75
N GLN C 316 -32.17 9.03 -18.33
CA GLN C 316 -31.83 10.45 -18.38
C GLN C 316 -31.72 11.04 -16.98
N ALA C 317 -32.60 10.74 -16.02
CA ALA C 317 -32.44 11.23 -14.66
C ALA C 317 -31.11 10.82 -14.01
N GLU C 318 -30.63 9.60 -14.21
CA GLU C 318 -29.33 9.14 -13.76
C GLU C 318 -28.20 9.93 -14.40
N ASN C 319 -28.20 10.08 -15.72
CA ASN C 319 -27.24 10.89 -16.45
C ASN C 319 -26.96 12.28 -15.95
N ARG C 320 -27.76 12.72 -15.00
CA ARG C 320 -27.55 14.01 -14.39
C ARG C 320 -26.48 13.93 -13.31
N MET C 321 -26.30 12.74 -12.76
CA MET C 321 -25.25 12.43 -11.80
C MET C 321 -23.92 12.29 -12.51
N HIS C 322 -23.87 11.63 -13.69
CA HIS C 322 -22.60 11.48 -14.35
C HIS C 322 -22.21 12.83 -14.86
N THR C 323 -23.09 13.78 -15.26
CA THR C 323 -22.67 15.15 -15.62
C THR C 323 -22.15 15.98 -14.45
N ILE C 324 -22.81 16.00 -13.29
CA ILE C 324 -22.29 16.78 -12.19
C ILE C 324 -20.96 16.19 -11.78
N LYS C 325 -20.74 14.88 -11.89
CA LYS C 325 -19.40 14.39 -11.69
C LYS C 325 -18.47 14.95 -12.78
N ALA C 326 -18.85 15.17 -14.06
CA ALA C 326 -17.91 15.75 -15.04
C ALA C 326 -17.53 17.15 -14.64
N ILE C 327 -18.51 17.93 -14.15
CA ILE C 327 -18.27 19.28 -13.61
C ILE C 327 -17.45 19.18 -12.32
N LEU C 328 -17.57 18.29 -11.32
CA LEU C 328 -16.68 18.36 -10.17
C LEU C 328 -15.28 17.92 -10.61
N VAL C 329 -15.13 16.91 -11.47
CA VAL C 329 -13.80 16.49 -11.87
C VAL C 329 -13.16 17.51 -12.77
N SER C 330 -13.72 18.27 -13.71
CA SER C 330 -12.85 19.22 -14.42
C SER C 330 -12.58 20.53 -13.70
N THR C 331 -13.35 20.82 -12.63
CA THR C 331 -13.15 22.02 -11.82
C THR C 331 -12.11 21.80 -10.73
N LEU C 332 -12.38 20.74 -9.95
CA LEU C 332 -11.62 20.35 -8.78
C LEU C 332 -10.57 19.30 -9.12
N ALA C 333 -10.70 17.99 -9.21
CA ALA C 333 -9.62 17.04 -9.52
C ALA C 333 -8.25 17.37 -10.05
N ASP C 334 -7.34 16.55 -9.50
CA ASP C 334 -5.93 16.60 -9.77
C ASP C 334 -5.57 15.79 -11.00
N ILE C 335 -5.95 16.30 -12.14
CA ILE C 335 -5.66 15.74 -13.44
C ILE C 335 -5.58 16.98 -14.30
N ALA D 1 3.61 11.20 25.81
CA ALA D 1 2.33 11.75 26.10
C ALA D 1 2.43 13.22 26.52
N PHE D 2 1.57 13.69 27.43
CA PHE D 2 1.17 15.06 27.75
C PHE D 2 0.07 15.02 26.70
N ASN D 3 -1.09 14.78 27.27
CA ASN D 3 -2.29 14.56 26.51
C ASN D 3 -3.48 15.01 27.35
N MET D 4 -4.59 15.21 26.65
CA MET D 4 -5.87 15.44 27.28
C MET D 4 -6.87 14.51 26.58
N HIS D 5 -6.32 13.33 26.28
CA HIS D 5 -7.00 12.20 25.67
C HIS D 5 -8.26 11.96 26.44
N ASN D 6 -9.43 11.80 25.82
CA ASN D 6 -10.70 11.56 26.47
C ASN D 6 -11.38 12.62 27.30
N ARG D 7 -10.68 13.74 27.40
CA ARG D 7 -11.23 14.81 28.15
C ARG D 7 -12.38 15.44 27.33
N ASN D 8 -13.60 15.56 27.87
CA ASN D 8 -14.64 16.37 27.23
C ASN D 8 -14.12 17.80 27.09
N LEU D 9 -14.46 18.57 26.07
CA LEU D 9 -14.18 20.00 26.17
C LEU D 9 -15.56 20.53 26.48
N LEU D 10 -16.28 20.25 27.58
CA LEU D 10 -17.59 20.88 27.63
C LEU D 10 -17.49 22.21 28.36
N SER D 11 -16.80 23.15 27.70
CA SER D 11 -16.70 24.55 28.14
C SER D 11 -15.83 24.90 29.32
N LEU D 12 -14.52 24.99 29.08
CA LEU D 12 -13.74 25.20 30.26
C LEU D 12 -13.03 26.43 30.77
N MET D 13 -13.83 26.74 31.79
CA MET D 13 -13.51 27.69 32.84
C MET D 13 -12.36 27.07 33.63
N HIS D 14 -12.10 25.75 33.57
CA HIS D 14 -10.99 25.12 34.28
C HIS D 14 -10.07 24.44 33.29
N HIS D 15 -8.80 24.93 33.24
CA HIS D 15 -7.69 24.63 32.31
C HIS D 15 -6.47 25.47 32.60
N SER D 16 -5.43 24.70 32.87
CA SER D 16 -4.07 25.16 33.11
C SER D 16 -3.60 26.24 32.14
N THR D 17 -2.80 27.32 32.40
CA THR D 17 -2.30 28.06 31.23
C THR D 17 -1.54 27.12 30.33
N ARG D 18 -0.98 26.03 30.89
CA ARG D 18 -0.32 24.94 30.16
C ARG D 18 -1.26 24.17 29.22
N GLU D 19 -2.52 23.78 29.52
CA GLU D 19 -3.38 23.10 28.55
C GLU D 19 -3.84 24.04 27.46
N LEU D 20 -4.17 25.29 27.82
CA LEU D 20 -4.60 26.27 26.86
C LEU D 20 -3.43 26.47 25.96
N ARG D 21 -2.19 26.65 26.43
CA ARG D 21 -1.16 26.77 25.44
C ARG D 21 -0.90 25.56 24.54
N TYR D 22 -1.09 24.34 25.07
CA TYR D 22 -1.01 23.14 24.27
C TYR D 22 -2.08 23.19 23.21
N LEU D 23 -3.33 23.45 23.58
CA LEU D 23 -4.41 23.54 22.62
C LEU D 23 -4.22 24.59 21.53
N LEU D 24 -3.59 25.74 21.76
CA LEU D 24 -3.39 26.70 20.67
C LEU D 24 -2.15 26.40 19.85
N ASP D 25 -1.14 25.70 20.42
CA ASP D 25 0.00 25.34 19.64
C ASP D 25 -0.58 24.29 18.73
N LEU D 26 -1.28 23.27 19.22
CA LEU D 26 -1.82 22.28 18.30
C LEU D 26 -2.69 22.84 17.21
N SER D 27 -3.57 23.85 17.40
CA SER D 27 -4.35 24.33 16.28
C SER D 27 -3.51 25.14 15.31
N ARG D 28 -2.43 25.72 15.82
CA ARG D 28 -1.56 26.50 14.97
C ARG D 28 -0.90 25.55 14.00
N ASP D 29 -0.40 24.43 14.54
CA ASP D 29 0.27 23.43 13.75
C ASP D 29 -0.64 22.60 12.93
N LEU D 30 -1.93 22.44 13.29
CA LEU D 30 -2.83 21.74 12.43
C LEU D 30 -3.29 22.65 11.29
N LYS D 31 -3.16 24.00 11.39
CA LYS D 31 -3.56 24.91 10.31
C LYS D 31 -2.51 24.86 9.25
N ARG D 32 -1.30 25.01 9.77
CA ARG D 32 -0.15 24.88 8.91
C ARG D 32 -0.15 23.51 8.27
N ALA D 33 -0.61 22.42 8.92
CA ALA D 33 -0.50 21.11 8.29
C ALA D 33 -1.43 20.99 7.12
N LYS D 34 -2.61 21.62 7.20
CA LYS D 34 -3.57 21.53 6.12
C LYS D 34 -2.97 22.21 4.90
N TYR D 35 -2.54 23.48 5.06
CA TYR D 35 -1.98 24.28 3.98
C TYR D 35 -0.81 23.86 3.13
N THR D 36 0.01 23.11 3.84
CA THR D 36 1.24 22.51 3.37
C THR D 36 1.02 21.10 2.88
N GLY D 37 -0.11 20.50 3.23
CA GLY D 37 -0.38 19.10 2.84
C GLY D 37 0.47 18.04 3.55
N THR D 38 0.92 18.42 4.72
CA THR D 38 1.65 17.64 5.65
C THR D 38 0.62 16.97 6.56
N GLU D 39 -0.68 17.31 6.53
CA GLU D 39 -1.68 16.72 7.41
C GLU D 39 -1.93 15.24 7.17
N GLN D 40 -1.84 14.42 8.21
CA GLN D 40 -2.12 12.99 8.16
C GLN D 40 -3.50 12.77 8.84
N GLN D 41 -4.35 11.85 8.40
CA GLN D 41 -5.62 11.62 9.06
C GLN D 41 -5.50 10.75 10.29
N HIS D 42 -5.65 11.26 11.51
CA HIS D 42 -5.60 10.48 12.73
C HIS D 42 -6.95 10.21 13.40
N LEU D 43 -8.07 10.34 12.68
CA LEU D 43 -9.39 10.01 13.21
C LEU D 43 -10.13 9.11 12.23
N LYS D 44 -9.41 8.34 11.41
CA LYS D 44 -10.06 7.48 10.42
C LYS D 44 -10.88 6.49 11.18
N ARG D 45 -12.10 6.23 10.73
CA ARG D 45 -12.94 5.18 11.33
C ARG D 45 -13.54 5.66 12.66
N LYS D 46 -13.61 6.97 12.96
CA LYS D 46 -14.22 7.51 14.18
C LYS D 46 -15.52 8.17 13.71
N ASN D 47 -16.70 7.99 14.31
CA ASN D 47 -17.92 8.60 13.80
C ASN D 47 -18.41 9.56 14.85
N ILE D 48 -18.67 10.86 14.62
CA ILE D 48 -19.16 11.67 15.71
C ILE D 48 -20.59 12.08 15.32
N ALA D 49 -21.43 12.36 16.33
CA ALA D 49 -22.86 12.71 16.25
C ALA D 49 -22.91 14.20 16.50
N LEU D 50 -23.82 15.00 15.99
CA LEU D 50 -23.78 16.44 16.22
C LEU D 50 -25.20 16.74 16.57
N ILE D 51 -25.57 16.94 17.84
CA ILE D 51 -26.92 17.22 18.25
C ILE D 51 -26.99 18.74 18.30
N PHE D 52 -27.70 19.41 17.40
CA PHE D 52 -27.76 20.86 17.50
C PHE D 52 -29.16 21.28 17.92
N GLU D 53 -29.44 21.86 19.10
CA GLU D 53 -30.77 22.33 19.44
C GLU D 53 -30.99 23.68 18.77
N LYS D 54 -30.09 24.66 18.65
CA LYS D 54 -30.42 25.78 17.78
C LYS D 54 -29.64 25.51 16.47
N THR D 55 -30.21 25.79 15.28
CA THR D 55 -29.45 25.74 14.03
C THR D 55 -28.32 26.76 14.09
N SER D 56 -27.09 26.32 13.79
CA SER D 56 -25.91 27.17 13.74
C SER D 56 -24.94 26.74 12.64
N THR D 57 -25.21 27.06 11.39
CA THR D 57 -24.41 26.66 10.26
C THR D 57 -22.92 26.84 10.32
N ARG D 58 -22.42 27.98 10.76
CA ARG D 58 -21.01 28.22 10.88
C ARG D 58 -20.39 27.29 11.92
N THR D 59 -21.13 26.82 12.92
CA THR D 59 -20.48 25.92 13.86
C THR D 59 -20.64 24.48 13.43
N ARG D 60 -21.72 24.15 12.75
CA ARG D 60 -21.85 22.85 12.14
C ARG D 60 -20.73 22.78 11.10
N CYS D 61 -20.63 23.59 10.03
CA CYS D 61 -19.55 23.47 9.07
C CYS D 61 -18.17 23.36 9.66
N ALA D 62 -17.82 24.12 10.72
CA ALA D 62 -16.52 23.95 11.35
C ALA D 62 -16.39 22.55 11.92
N PHE D 63 -17.38 21.95 12.60
CA PHE D 63 -17.24 20.58 13.09
C PHE D 63 -17.13 19.66 11.89
N GLU D 64 -18.02 19.78 10.92
CA GLU D 64 -18.05 18.94 9.78
C GLU D 64 -16.74 18.96 9.00
N VAL D 65 -16.20 20.07 8.48
CA VAL D 65 -14.92 20.09 7.83
C VAL D 65 -13.79 19.59 8.72
N ALA D 66 -13.69 19.91 10.02
CA ALA D 66 -12.61 19.39 10.85
C ALA D 66 -12.64 17.89 11.02
N ALA D 67 -13.84 17.37 11.27
CA ALA D 67 -14.00 15.95 11.42
C ALA D 67 -13.65 15.24 10.14
N TYR D 68 -14.04 15.77 8.97
CA TYR D 68 -13.73 15.20 7.69
C TYR D 68 -12.29 15.25 7.30
N ASP D 69 -11.55 16.33 7.53
CA ASP D 69 -10.18 16.33 7.15
C ASP D 69 -9.39 15.20 7.80
N GLN D 70 -9.78 14.89 9.03
CA GLN D 70 -9.14 13.90 9.79
C GLN D 70 -9.77 12.54 9.50
N GLY D 71 -10.36 12.24 8.36
CA GLY D 71 -11.00 10.95 8.19
C GLY D 71 -12.19 10.59 9.10
N ALA D 72 -12.80 11.39 9.98
CA ALA D 72 -13.93 10.91 10.75
C ALA D 72 -15.22 11.00 9.96
N ASN D 73 -16.36 10.62 10.53
CA ASN D 73 -17.62 10.68 9.83
C ASN D 73 -18.61 11.35 10.73
N VAL D 74 -19.63 12.06 10.25
CA VAL D 74 -20.42 12.92 11.11
C VAL D 74 -21.90 12.62 10.94
N THR D 75 -22.73 12.46 11.96
CA THR D 75 -24.19 12.36 11.77
C THR D 75 -24.78 13.67 12.22
N TYR D 76 -25.26 14.63 11.42
CA TYR D 76 -25.90 15.80 11.96
C TYR D 76 -27.34 15.50 12.38
N ILE D 77 -27.70 15.83 13.62
CA ILE D 77 -29.03 15.62 14.17
C ILE D 77 -29.50 17.02 14.49
N ASP D 78 -30.53 17.46 13.78
CA ASP D 78 -31.22 18.74 13.91
C ASP D 78 -31.71 19.42 15.15
N PRO D 79 -32.21 20.66 15.04
CA PRO D 79 -33.30 21.12 15.85
C PRO D 79 -34.60 20.50 15.38
N ASN D 80 -34.94 20.43 14.09
CA ASN D 80 -36.29 19.93 13.72
C ASN D 80 -36.70 18.59 14.26
N SER D 81 -35.79 17.65 14.54
CA SER D 81 -36.24 16.32 14.89
C SER D 81 -35.29 15.47 15.73
N SER D 82 -35.03 16.14 16.84
CA SER D 82 -34.34 15.60 17.97
C SER D 82 -35.31 16.14 18.99
N GLN D 83 -36.51 15.58 19.13
CA GLN D 83 -37.45 16.12 20.10
C GLN D 83 -37.00 15.70 21.52
N ILE D 84 -35.87 16.29 21.97
CA ILE D 84 -35.13 15.87 23.15
C ILE D 84 -35.93 15.83 24.43
N GLY D 85 -36.34 16.96 24.98
CA GLY D 85 -37.08 16.87 26.24
C GLY D 85 -38.44 16.24 26.00
N HIS D 86 -38.89 16.05 24.74
CA HIS D 86 -40.27 15.69 24.48
C HIS D 86 -40.74 14.45 25.22
N LYS D 87 -40.18 13.33 24.81
CA LYS D 87 -40.55 12.06 25.34
C LYS D 87 -39.29 11.22 25.56
N GLU D 88 -38.11 11.83 25.67
CA GLU D 88 -36.99 10.97 25.92
C GLU D 88 -36.09 11.41 27.05
N SER D 89 -35.34 12.52 27.02
CA SER D 89 -34.43 12.99 28.07
C SER D 89 -33.01 12.73 27.67
N MET D 90 -32.22 13.79 27.69
CA MET D 90 -30.80 13.77 27.42
C MET D 90 -30.10 12.60 28.10
N LYS D 91 -30.45 12.28 29.35
CA LYS D 91 -29.78 11.20 30.06
C LYS D 91 -30.01 9.88 29.37
N ASP D 92 -31.22 9.61 28.90
CA ASP D 92 -31.52 8.39 28.18
C ASP D 92 -31.05 8.39 26.75
N THR D 93 -31.00 9.52 26.07
CA THR D 93 -30.57 9.39 24.70
C THR D 93 -29.04 9.50 24.64
N ALA D 94 -28.28 10.10 25.57
CA ALA D 94 -26.83 10.07 25.55
C ALA D 94 -26.37 8.65 25.77
N ARG D 95 -27.04 7.89 26.65
CA ARG D 95 -26.63 6.52 26.85
C ARG D 95 -26.82 5.69 25.60
N VAL D 96 -27.87 5.94 24.79
CA VAL D 96 -27.95 5.17 23.57
C VAL D 96 -26.86 5.66 22.64
N LEU D 97 -26.78 6.97 22.38
CA LEU D 97 -25.78 7.49 21.45
C LEU D 97 -24.29 7.31 21.82
N GLY D 98 -23.82 7.16 23.06
CA GLY D 98 -22.43 6.87 23.28
C GLY D 98 -22.18 5.40 22.92
N ARG D 99 -23.23 4.62 22.70
CA ARG D 99 -22.96 3.26 22.29
C ARG D 99 -22.78 3.20 20.80
N MET D 100 -23.37 4.07 20.01
CA MET D 100 -23.07 4.01 18.61
C MET D 100 -21.99 4.97 18.18
N TYR D 101 -21.87 6.19 18.72
CA TYR D 101 -20.85 7.14 18.30
C TYR D 101 -19.56 7.08 19.07
N ASP D 102 -18.57 7.86 18.64
CA ASP D 102 -17.25 7.90 19.27
C ASP D 102 -17.00 9.16 20.04
N ALA D 103 -17.76 10.20 19.81
CA ALA D 103 -17.63 11.47 20.49
C ALA D 103 -18.94 12.17 20.20
N ILE D 104 -19.39 13.27 20.83
CA ILE D 104 -20.68 13.86 20.45
C ILE D 104 -20.49 15.36 20.45
N GLY D 105 -20.99 16.14 19.50
CA GLY D 105 -20.82 17.58 19.55
C GLY D 105 -22.15 18.13 19.98
N TYR D 106 -22.18 19.14 20.84
CA TYR D 106 -23.47 19.61 21.24
C TYR D 106 -23.55 21.10 21.12
N ARG D 107 -24.75 21.53 20.77
CA ARG D 107 -25.00 22.94 20.67
C ARG D 107 -26.47 23.23 20.85
N GLY D 108 -26.73 23.74 22.04
CA GLY D 108 -28.05 24.01 22.48
C GLY D 108 -27.95 25.28 23.28
N PHE D 109 -29.04 25.62 23.93
CA PHE D 109 -29.05 26.85 24.69
C PHE D 109 -28.54 26.62 26.11
N LYS D 110 -29.19 25.61 26.66
CA LYS D 110 -29.16 25.38 28.08
C LYS D 110 -27.98 24.62 28.65
N GLN D 111 -26.78 25.21 28.79
CA GLN D 111 -25.58 24.55 29.33
C GLN D 111 -25.89 23.47 30.36
N GLU D 112 -26.87 23.68 31.27
CA GLU D 112 -27.36 22.66 32.17
C GLU D 112 -27.49 21.30 31.43
N ILE D 113 -28.21 21.18 30.28
CA ILE D 113 -28.30 19.94 29.46
C ILE D 113 -26.97 19.38 28.97
N VAL D 114 -26.03 20.21 28.49
CA VAL D 114 -24.71 19.79 28.04
C VAL D 114 -24.10 18.91 29.11
N GLU D 115 -24.23 19.33 30.37
CA GLU D 115 -23.71 18.55 31.47
C GLU D 115 -24.38 17.19 31.56
N GLU D 116 -25.68 16.96 31.34
CA GLU D 116 -26.23 15.60 31.37
C GLU D 116 -25.59 14.71 30.33
N LEU D 117 -25.47 15.28 29.14
CA LEU D 117 -24.90 14.63 27.98
C LEU D 117 -23.50 14.22 28.36
N ALA D 118 -22.71 15.16 28.85
CA ALA D 118 -21.34 14.88 29.21
C ALA D 118 -21.29 13.85 30.31
N LYS D 119 -22.25 13.87 31.24
CA LYS D 119 -22.17 12.97 32.36
C LYS D 119 -22.46 11.51 32.02
N PHE D 120 -23.53 11.28 31.26
CA PHE D 120 -24.00 9.94 30.90
C PHE D 120 -23.56 9.38 29.57
N ALA D 121 -23.15 10.16 28.59
CA ALA D 121 -22.84 9.61 27.28
C ALA D 121 -21.82 8.48 27.27
N GLY D 122 -20.72 8.57 28.03
CA GLY D 122 -19.73 7.52 28.06
C GLY D 122 -18.63 7.72 27.04
N VAL D 123 -18.64 8.84 26.29
CA VAL D 123 -17.70 9.06 25.22
C VAL D 123 -17.38 10.56 25.15
N PRO D 124 -16.23 11.16 24.80
CA PRO D 124 -16.05 12.61 24.70
C PRO D 124 -17.22 13.49 24.28
N VAL D 125 -17.62 14.44 25.08
CA VAL D 125 -18.69 15.32 24.62
C VAL D 125 -18.06 16.70 24.43
N PHE D 126 -18.22 17.28 23.26
CA PHE D 126 -17.57 18.55 22.99
C PHE D 126 -18.69 19.52 22.93
N ASN D 127 -18.65 20.45 23.85
CA ASN D 127 -19.63 21.49 23.74
C ASN D 127 -19.21 22.38 22.58
N GLY D 128 -19.90 22.25 21.44
CA GLY D 128 -19.75 23.20 20.36
C GLY D 128 -20.13 24.54 20.99
N LEU D 129 -21.26 24.65 21.72
CA LEU D 129 -21.65 25.79 22.57
C LEU D 129 -23.06 25.84 23.17
N THR D 130 -23.26 26.82 24.07
CA THR D 130 -24.53 27.13 24.72
C THR D 130 -24.51 28.61 25.06
N ASP D 131 -25.45 29.17 25.84
CA ASP D 131 -25.48 30.58 26.25
C ASP D 131 -24.28 30.95 27.11
N GLU D 132 -23.99 30.04 28.04
CA GLU D 132 -22.86 30.06 28.97
C GLU D 132 -21.62 30.21 28.08
N TYR D 133 -21.71 29.61 26.88
CA TYR D 133 -20.76 29.90 25.83
C TYR D 133 -19.39 29.27 25.99
N HIS D 134 -18.88 29.42 24.75
CA HIS D 134 -17.62 29.13 24.08
C HIS D 134 -16.16 29.16 24.51
N PRO D 135 -15.73 27.99 24.93
CA PRO D 135 -14.39 27.54 24.77
C PRO D 135 -13.77 27.65 23.36
N THR D 136 -14.38 27.33 22.20
CA THR D 136 -13.61 27.39 20.96
C THR D 136 -13.57 28.71 20.24
N GLN D 137 -14.58 29.62 20.34
CA GLN D 137 -14.37 30.88 19.64
C GLN D 137 -13.34 31.57 20.53
N MET D 138 -13.26 31.31 21.86
CA MET D 138 -12.15 31.84 22.65
C MET D 138 -10.76 31.56 22.14
N LEU D 139 -10.45 30.30 21.83
CA LEU D 139 -9.14 29.93 21.31
C LEU D 139 -9.02 30.24 19.83
N ALA D 140 -10.09 30.37 19.03
CA ALA D 140 -9.99 30.78 17.63
C ALA D 140 -9.45 32.21 17.61
N ASP D 141 -10.10 33.15 18.28
CA ASP D 141 -9.64 34.52 18.35
C ASP D 141 -8.24 34.64 18.84
N VAL D 142 -7.84 33.98 19.93
CA VAL D 142 -6.47 34.24 20.30
C VAL D 142 -5.57 33.53 19.32
N LEU D 143 -5.94 32.38 18.67
CA LEU D 143 -5.15 31.81 17.57
C LEU D 143 -5.06 32.93 16.54
N THR D 144 -6.10 33.71 16.29
CA THR D 144 -6.02 34.74 15.28
C THR D 144 -5.16 35.92 15.69
N MET D 145 -5.22 36.33 16.96
CA MET D 145 -4.44 37.48 17.32
C MET D 145 -2.98 37.10 17.23
N ARG D 146 -2.68 35.85 17.60
CA ARG D 146 -1.30 35.46 17.61
C ARG D 146 -0.67 35.26 16.26
N GLU D 147 -1.38 34.75 15.26
CA GLU D 147 -0.69 34.60 14.00
C GLU D 147 -0.57 35.75 13.08
N HIS D 148 -1.48 36.68 13.34
CA HIS D 148 -1.53 37.85 12.54
C HIS D 148 -0.57 38.85 13.10
N SER D 149 -0.46 39.06 14.42
CA SER D 149 0.44 40.06 14.92
C SER D 149 1.89 39.62 14.86
N ASP D 150 2.11 38.30 14.86
CA ASP D 150 3.43 37.69 14.79
C ASP D 150 4.33 37.97 16.02
N LYS D 151 3.66 38.36 17.13
CA LYS D 151 4.24 38.71 18.42
C LYS D 151 4.02 37.55 19.38
N PRO D 152 4.75 37.35 20.48
CA PRO D 152 4.47 36.29 21.47
C PRO D 152 3.10 36.52 22.08
N LEU D 153 2.32 35.57 22.63
CA LEU D 153 1.03 35.92 23.25
C LEU D 153 1.08 37.18 24.15
N HIS D 154 1.90 37.22 25.19
CA HIS D 154 2.05 38.40 26.03
C HIS D 154 2.49 39.71 25.37
N ASP D 155 2.57 39.94 24.07
CA ASP D 155 2.84 41.30 23.60
C ASP D 155 1.67 41.57 22.69
N ILE D 156 0.49 41.03 22.98
CA ILE D 156 -0.64 41.31 22.14
C ILE D 156 -1.56 42.00 23.10
N SER D 157 -2.07 43.14 22.69
CA SER D 157 -3.10 43.78 23.49
C SER D 157 -4.30 43.99 22.61
N TYR D 158 -5.50 44.00 23.14
CA TYR D 158 -6.70 44.17 22.34
C TYR D 158 -7.82 44.80 23.15
N ALA D 159 -8.90 45.33 22.56
CA ALA D 159 -9.95 45.97 23.31
C ALA D 159 -11.29 45.42 22.89
N TYR D 160 -12.28 45.45 23.76
CA TYR D 160 -13.59 44.95 23.42
C TYR D 160 -14.50 46.15 23.59
N LEU D 161 -15.35 46.55 22.64
CA LEU D 161 -16.15 47.73 22.85
C LEU D 161 -17.64 47.48 22.97
N GLY D 162 -18.00 47.65 24.24
CA GLY D 162 -19.37 47.77 24.71
C GLY D 162 -20.38 46.67 24.67
N ASP D 163 -20.73 46.44 25.93
CA ASP D 163 -21.68 45.47 26.49
C ASP D 163 -20.73 44.35 26.75
N ALA D 164 -19.96 44.56 27.81
CA ALA D 164 -19.05 43.51 28.14
C ALA D 164 -19.85 42.59 29.06
N ARG D 165 -21.04 42.13 28.70
CA ARG D 165 -21.84 41.27 29.59
C ARG D 165 -22.38 40.14 28.78
N ASN D 166 -23.05 40.45 27.65
CA ASN D 166 -23.25 39.53 26.54
C ASN D 166 -21.77 39.11 26.39
N ASN D 167 -21.60 37.88 26.87
CA ASN D 167 -20.33 37.34 27.30
C ASN D 167 -19.14 37.18 26.38
N MET D 168 -19.14 37.69 25.14
CA MET D 168 -17.90 37.73 24.37
C MET D 168 -16.95 38.65 25.15
N GLY D 169 -17.54 39.60 25.90
CA GLY D 169 -16.84 40.45 26.81
C GLY D 169 -16.23 39.62 27.90
N ASN D 170 -16.94 38.65 28.49
CA ASN D 170 -16.36 37.82 29.53
C ASN D 170 -15.33 36.82 29.04
N SER D 171 -15.55 36.31 27.85
CA SER D 171 -14.70 35.26 27.41
C SER D 171 -13.45 35.93 26.91
N LEU D 172 -13.50 37.12 26.30
CA LEU D 172 -12.25 37.75 25.96
C LEU D 172 -11.46 38.12 27.21
N LEU D 173 -12.04 38.71 28.26
CA LEU D 173 -11.33 38.98 29.50
C LEU D 173 -10.76 37.71 30.14
N LEU D 174 -11.52 36.61 30.15
CA LEU D 174 -11.06 35.38 30.77
C LEU D 174 -9.79 34.89 30.09
N ILE D 175 -9.75 34.80 28.75
CA ILE D 175 -8.57 34.24 28.18
C ILE D 175 -7.46 35.28 28.14
N GLY D 176 -7.68 36.58 27.88
CA GLY D 176 -6.59 37.54 28.04
C GLY D 176 -5.92 37.40 29.44
N ALA D 177 -6.70 37.10 30.48
CA ALA D 177 -6.17 36.97 31.82
C ALA D 177 -5.31 35.72 31.99
N LYS D 178 -5.77 34.54 31.59
CA LYS D 178 -4.94 33.35 31.77
C LYS D 178 -3.70 33.33 30.89
N LEU D 179 -3.68 34.01 29.75
CA LEU D 179 -2.51 33.88 28.90
C LEU D 179 -1.58 35.08 29.01
N GLY D 180 -1.94 36.04 29.85
CA GLY D 180 -1.04 37.15 30.11
C GLY D 180 -0.92 38.15 28.99
N MET D 181 -2.03 38.37 28.28
CA MET D 181 -2.02 39.35 27.23
C MET D 181 -2.46 40.65 27.89
N ASP D 182 -2.57 41.74 27.14
CA ASP D 182 -3.00 43.01 27.67
C ASP D 182 -4.42 43.26 27.18
N VAL D 183 -5.41 42.87 27.98
CA VAL D 183 -6.80 43.02 27.57
C VAL D 183 -7.55 44.22 28.15
N ARG D 184 -8.12 45.11 27.34
CA ARG D 184 -8.84 46.29 27.82
C ARG D 184 -10.31 46.23 27.50
N ILE D 185 -11.28 46.37 28.41
CA ILE D 185 -12.67 46.39 27.98
C ILE D 185 -13.21 47.81 27.97
N ALA D 186 -13.97 48.24 26.96
CA ALA D 186 -14.48 49.59 26.87
C ALA D 186 -15.99 49.60 26.79
N ALA D 187 -16.66 49.71 27.91
CA ALA D 187 -18.12 49.70 27.89
C ALA D 187 -18.63 50.64 28.99
N PRO D 188 -19.87 51.12 28.97
CA PRO D 188 -20.41 51.94 30.04
C PRO D 188 -20.53 51.09 31.31
N LYS D 189 -20.16 51.58 32.50
CA LYS D 189 -20.23 50.87 33.78
C LYS D 189 -21.45 50.02 34.09
N ALA D 190 -22.62 50.33 33.52
CA ALA D 190 -23.81 49.50 33.71
C ALA D 190 -23.70 48.14 33.03
N LEU D 191 -22.66 48.02 32.20
CA LEU D 191 -22.41 46.92 31.29
C LEU D 191 -21.00 46.32 31.37
N TRP D 192 -20.36 46.41 32.52
CA TRP D 192 -19.06 45.79 32.74
C TRP D 192 -19.29 44.33 33.16
N PRO D 193 -18.36 43.35 33.13
CA PRO D 193 -18.60 41.99 33.61
C PRO D 193 -18.96 42.04 35.11
N HIS D 194 -19.78 41.23 35.85
CA HIS D 194 -19.94 41.63 37.26
C HIS D 194 -18.62 41.32 37.93
N ASP D 195 -18.37 42.37 38.68
CA ASP D 195 -17.18 42.50 39.47
C ASP D 195 -16.74 41.25 40.19
N GLU D 196 -17.52 40.22 40.62
CA GLU D 196 -16.81 39.08 41.19
C GLU D 196 -16.05 38.33 40.09
N PHE D 197 -16.59 38.31 38.86
CA PHE D 197 -15.89 37.74 37.70
C PHE D 197 -14.72 38.66 37.44
N VAL D 198 -14.74 40.00 37.35
CA VAL D 198 -13.48 40.72 37.18
C VAL D 198 -12.54 40.36 38.34
N ALA D 199 -13.02 40.07 39.56
CA ALA D 199 -12.11 39.72 40.65
C ALA D 199 -11.39 38.43 40.31
N GLN D 200 -12.09 37.51 39.64
CA GLN D 200 -11.45 36.26 39.22
C GLN D 200 -10.44 36.61 38.16
N CYS D 201 -10.85 37.28 37.09
CA CYS D 201 -9.92 37.67 36.06
C CYS D 201 -8.76 38.42 36.65
N LYS D 202 -8.84 39.07 37.82
CA LYS D 202 -7.63 39.65 38.34
C LYS D 202 -6.76 38.66 39.07
N LYS D 203 -7.34 37.64 39.73
CA LYS D 203 -6.59 36.57 40.38
C LYS D 203 -5.68 36.02 39.30
N PHE D 204 -6.31 35.53 38.22
CA PHE D 204 -5.61 35.03 37.04
C PHE D 204 -4.59 36.00 36.47
N ALA D 205 -5.03 37.22 36.23
CA ALA D 205 -4.17 38.23 35.62
C ALA D 205 -2.87 38.51 36.32
N GLU D 206 -2.72 38.04 37.55
CA GLU D 206 -1.54 38.30 38.34
C GLU D 206 -0.48 37.22 38.26
N GLU D 207 -0.95 35.97 38.12
CA GLU D 207 -0.07 34.84 38.05
C GLU D 207 0.66 35.02 36.70
N SER D 208 -0.05 35.26 35.60
CA SER D 208 0.54 35.65 34.30
C SER D 208 0.83 37.15 34.34
N GLY D 209 1.52 37.85 33.45
CA GLY D 209 1.60 39.31 33.61
C GLY D 209 0.40 39.99 32.95
N ALA D 210 -0.85 39.61 33.19
CA ALA D 210 -1.89 40.17 32.34
C ALA D 210 -2.37 41.58 32.73
N LYS D 211 -2.53 42.55 31.84
CA LYS D 211 -3.06 43.85 32.23
C LYS D 211 -4.55 43.87 31.89
N LEU D 212 -5.48 44.25 32.79
CA LEU D 212 -6.90 44.33 32.49
C LEU D 212 -7.42 45.75 32.71
N THR D 213 -7.66 46.69 31.77
CA THR D 213 -8.32 47.92 32.20
C THR D 213 -9.82 47.61 32.07
N LEU D 214 -10.71 48.49 32.49
CA LEU D 214 -12.12 48.41 32.18
C LEU D 214 -12.41 49.90 32.23
N THR D 215 -12.68 50.56 31.12
CA THR D 215 -12.93 51.99 31.09
C THR D 215 -14.36 52.15 30.56
N GLU D 216 -14.80 53.35 30.14
CA GLU D 216 -16.09 53.63 29.50
C GLU D 216 -15.80 54.59 28.35
N ASP D 217 -14.52 54.90 28.17
CA ASP D 217 -14.00 55.81 27.18
C ASP D 217 -13.38 54.97 26.05
N PRO D 218 -14.00 54.70 24.88
CA PRO D 218 -13.38 54.05 23.74
C PRO D 218 -12.02 54.55 23.32
N LYS D 219 -11.85 55.77 22.83
CA LYS D 219 -10.54 56.26 22.39
C LYS D 219 -9.37 55.93 23.34
N GLU D 220 -9.66 55.80 24.62
CA GLU D 220 -8.66 55.42 25.60
C GLU D 220 -8.38 53.93 25.49
N ALA D 221 -9.45 53.15 25.69
CA ALA D 221 -9.40 51.68 25.69
C ALA D 221 -8.63 51.12 24.51
N VAL D 222 -8.96 51.66 23.36
CA VAL D 222 -8.35 51.27 22.12
C VAL D 222 -6.99 51.90 21.85
N LYS D 223 -6.29 52.56 22.79
CA LYS D 223 -5.07 53.27 22.43
C LYS D 223 -3.91 52.31 22.26
N GLY D 224 -3.23 52.38 21.10
CA GLY D 224 -2.07 51.52 20.79
C GLY D 224 -2.23 49.98 20.83
N VAL D 225 -3.45 49.53 20.71
CA VAL D 225 -3.81 48.14 20.74
C VAL D 225 -3.50 47.53 19.37
N ASP D 226 -3.47 46.21 19.26
CA ASP D 226 -3.36 45.50 17.98
C ASP D 226 -4.76 44.90 17.96
N PHE D 227 -5.75 44.87 17.05
CA PHE D 227 -7.02 44.13 17.26
C PHE D 227 -7.97 44.81 18.25
N VAL D 228 -9.12 45.19 17.68
CA VAL D 228 -10.25 45.90 18.27
C VAL D 228 -11.35 44.86 18.07
N HIS D 229 -12.14 44.44 19.06
CA HIS D 229 -13.19 43.41 18.91
C HIS D 229 -14.51 44.04 19.17
N THR D 230 -15.58 43.64 18.52
CA THR D 230 -16.88 44.12 18.96
C THR D 230 -17.87 42.99 18.75
N ASP D 231 -19.17 43.22 18.96
CA ASP D 231 -20.18 42.20 18.76
C ASP D 231 -21.58 42.78 18.73
N VAL D 232 -22.58 42.19 18.06
CA VAL D 232 -23.90 42.79 17.92
C VAL D 232 -24.46 42.88 19.31
N TRP D 233 -24.84 44.10 19.71
CA TRP D 233 -25.49 44.35 20.99
C TRP D 233 -27.01 44.47 20.98
N VAL D 234 -27.67 44.52 19.84
CA VAL D 234 -29.12 44.68 19.83
C VAL D 234 -29.65 43.27 19.88
N SER D 235 -30.62 42.99 20.75
CA SER D 235 -31.20 41.67 20.88
C SER D 235 -32.47 41.52 20.05
N MET D 236 -32.21 40.98 18.86
CA MET D 236 -33.22 40.53 17.91
C MET D 236 -34.30 39.84 18.74
N GLY D 237 -35.49 40.38 18.76
CA GLY D 237 -36.52 39.70 19.53
C GLY D 237 -37.05 40.60 20.62
N GLU D 238 -36.25 41.15 21.54
CA GLU D 238 -36.77 42.08 22.55
C GLU D 238 -37.14 43.23 21.59
N PRO D 239 -38.46 43.46 21.40
CA PRO D 239 -39.10 43.53 20.08
C PRO D 239 -38.21 44.17 19.04
N VAL D 240 -38.19 45.50 18.98
CA VAL D 240 -37.37 46.29 18.07
C VAL D 240 -37.77 47.74 18.22
N GLU D 241 -39.08 47.94 18.27
CA GLU D 241 -39.71 49.21 18.61
C GLU D 241 -39.06 49.53 19.91
N ALA D 242 -38.32 50.59 19.66
CA ALA D 242 -37.46 51.12 20.67
C ALA D 242 -36.44 50.10 21.14
N TRP D 243 -35.43 49.95 20.29
CA TRP D 243 -34.20 49.54 20.89
C TRP D 243 -33.69 50.88 21.44
N GLY D 244 -34.05 52.02 20.83
CA GLY D 244 -33.79 53.39 21.29
C GLY D 244 -32.89 53.59 22.50
N GLU D 245 -33.23 53.23 23.75
CA GLU D 245 -32.27 53.45 24.83
C GLU D 245 -31.01 52.62 24.64
N ARG D 246 -31.11 51.31 24.33
CA ARG D 246 -29.94 50.49 24.05
C ARG D 246 -29.14 51.16 22.93
N ILE D 247 -29.84 51.61 21.89
CA ILE D 247 -29.12 52.24 20.79
C ILE D 247 -28.50 53.54 21.24
N LYS D 248 -29.06 54.27 22.21
CA LYS D 248 -28.44 55.52 22.57
C LYS D 248 -27.23 55.19 23.45
N GLU D 249 -27.25 54.08 24.18
CA GLU D 249 -26.14 53.70 25.04
C GLU D 249 -24.90 53.26 24.33
N LEU D 250 -25.06 52.22 23.53
CA LEU D 250 -23.89 51.64 22.98
C LEU D 250 -23.47 52.36 21.73
N LEU D 251 -24.29 53.27 21.16
CA LEU D 251 -23.88 53.90 19.92
C LEU D 251 -22.59 54.72 20.08
N PRO D 252 -22.12 55.28 21.22
CA PRO D 252 -20.78 55.82 21.29
C PRO D 252 -19.73 54.74 21.05
N TYR D 253 -19.93 53.49 21.49
CA TYR D 253 -19.00 52.36 21.32
C TYR D 253 -19.02 51.66 19.97
N GLN D 254 -19.50 52.34 18.94
CA GLN D 254 -19.65 51.80 17.61
C GLN D 254 -18.23 51.59 17.07
N VAL D 255 -17.66 50.42 16.73
CA VAL D 255 -16.32 50.48 16.16
C VAL D 255 -16.46 51.14 14.80
N ASN D 256 -15.76 52.23 14.53
CA ASN D 256 -15.84 52.86 13.21
C ASN D 256 -14.50 53.48 12.84
N MET D 257 -14.31 54.05 11.65
CA MET D 257 -12.99 54.57 11.29
C MET D 257 -12.43 55.62 12.22
N GLU D 258 -13.19 56.22 13.14
CA GLU D 258 -12.62 57.15 14.10
C GLU D 258 -11.99 56.19 15.08
N ILE D 259 -12.74 55.31 15.80
CA ILE D 259 -12.16 54.33 16.72
C ILE D 259 -10.99 53.53 16.18
N MET D 260 -11.06 53.08 14.92
CA MET D 260 -9.96 52.31 14.35
C MET D 260 -8.77 53.22 14.20
N LYS D 261 -8.89 54.42 13.60
CA LYS D 261 -7.76 55.34 13.50
C LYS D 261 -7.34 55.85 14.87
N ALA D 262 -8.26 55.81 15.84
CA ALA D 262 -8.03 56.24 17.20
C ALA D 262 -7.04 55.36 17.88
N THR D 263 -6.91 54.11 17.40
CA THR D 263 -5.89 53.25 17.95
C THR D 263 -4.61 53.92 17.47
N GLY D 264 -3.49 53.56 18.06
CA GLY D 264 -2.31 54.26 17.58
C GLY D 264 -1.87 53.78 16.22
N ASN D 265 -2.19 52.53 15.87
CA ASN D 265 -1.25 51.90 14.98
C ASN D 265 -1.74 51.44 13.64
N PRO D 266 -1.04 51.59 12.49
CA PRO D 266 -1.58 51.29 11.17
C PRO D 266 -1.82 49.81 10.90
N ARG D 267 -1.55 48.95 11.88
CA ARG D 267 -1.73 47.55 11.73
C ARG D 267 -2.83 47.08 12.65
N ALA D 268 -3.54 47.93 13.42
CA ALA D 268 -4.62 47.45 14.25
C ALA D 268 -5.64 46.78 13.32
N LYS D 269 -6.29 45.67 13.75
CA LYS D 269 -7.31 44.96 13.01
C LYS D 269 -8.61 44.86 13.80
N PHE D 270 -9.71 44.66 13.12
CA PHE D 270 -11.01 44.60 13.72
C PHE D 270 -11.37 43.12 13.75
N MET D 271 -12.05 42.61 14.75
CA MET D 271 -12.45 41.23 14.75
C MET D 271 -13.88 41.22 15.25
N HIS D 272 -14.68 40.21 14.96
CA HIS D 272 -16.08 40.20 15.34
C HIS D 272 -16.59 38.76 15.28
N CYS D 273 -17.10 37.94 16.20
CA CYS D 273 -17.50 36.58 15.79
C CYS D 273 -18.87 36.62 15.11
N LEU D 274 -18.88 36.96 13.82
CA LEU D 274 -20.05 37.09 12.98
C LEU D 274 -21.42 36.52 13.41
N PRO D 275 -22.64 37.04 13.16
CA PRO D 275 -22.99 37.99 12.11
C PRO D 275 -22.75 39.41 12.61
N ALA D 276 -22.39 40.30 11.72
CA ALA D 276 -22.13 41.64 12.15
C ALA D 276 -23.14 42.41 11.39
N PHE D 277 -23.89 43.20 12.15
CA PHE D 277 -24.82 44.14 11.61
C PHE D 277 -23.97 45.27 11.12
N HIS D 278 -23.76 45.28 9.82
CA HIS D 278 -22.91 46.31 9.34
C HIS D 278 -23.44 47.05 8.13
N ASN D 279 -24.73 46.89 7.83
CA ASN D 279 -25.37 47.63 6.76
C ASN D 279 -26.79 47.14 6.59
N SER D 280 -27.53 47.76 5.68
CA SER D 280 -28.91 47.39 5.52
C SER D 280 -29.23 46.21 4.62
N GLU D 281 -28.26 45.63 3.90
CA GLU D 281 -28.49 44.53 2.97
C GLU D 281 -28.89 43.17 3.54
N THR D 282 -29.83 43.18 4.47
CA THR D 282 -30.31 42.00 5.12
C THR D 282 -31.73 42.39 5.48
N LYS D 283 -32.58 41.43 5.84
CA LYS D 283 -33.95 41.77 6.11
C LYS D 283 -34.06 42.32 7.54
N VAL D 284 -33.35 41.78 8.57
CA VAL D 284 -33.30 42.44 9.87
C VAL D 284 -32.76 43.87 9.61
N GLY D 285 -31.72 43.94 8.81
CA GLY D 285 -31.05 45.21 8.56
C GLY D 285 -31.80 46.18 7.69
N LYS D 286 -33.00 45.90 7.20
CA LYS D 286 -33.76 46.93 6.55
C LYS D 286 -34.80 47.43 7.53
N GLN D 287 -35.34 46.54 8.38
CA GLN D 287 -36.24 46.88 9.46
C GLN D 287 -35.64 48.02 10.24
N ILE D 288 -34.53 47.72 10.92
CA ILE D 288 -33.79 48.68 11.76
C ILE D 288 -33.48 49.96 11.02
N ALA D 289 -32.86 49.84 9.85
CA ALA D 289 -32.59 50.99 9.00
C ALA D 289 -33.84 51.81 8.76
N GLU D 290 -35.06 51.26 8.68
CA GLU D 290 -36.24 52.12 8.57
C GLU D 290 -36.45 52.82 9.88
N GLN D 291 -36.67 52.07 10.97
CA GLN D 291 -36.93 52.70 12.24
C GLN D 291 -35.75 53.54 12.73
N TYR D 292 -34.57 53.39 12.14
CA TYR D 292 -33.41 54.14 12.58
C TYR D 292 -32.62 54.34 11.32
N PRO D 293 -32.88 55.49 10.75
CA PRO D 293 -32.11 55.97 9.64
C PRO D 293 -30.65 56.06 9.98
N ASN D 294 -30.24 56.44 11.19
CA ASN D 294 -28.82 56.68 11.30
C ASN D 294 -28.01 55.43 11.53
N LEU D 295 -28.66 54.28 11.71
CA LEU D 295 -27.96 53.00 11.70
C LEU D 295 -28.02 52.70 10.22
N ALA D 296 -28.46 51.59 9.61
CA ALA D 296 -28.55 51.56 8.12
C ALA D 296 -27.24 51.81 7.40
N ASN D 297 -26.21 51.29 8.07
CA ASN D 297 -24.82 51.47 7.66
C ASN D 297 -23.83 50.89 8.64
N GLY D 298 -24.44 50.37 9.68
CA GLY D 298 -23.71 49.53 10.56
C GLY D 298 -24.11 49.90 11.94
N ILE D 299 -24.61 48.90 12.65
CA ILE D 299 -24.98 49.17 13.99
C ILE D 299 -23.70 49.08 14.79
N GLU D 300 -23.09 47.95 15.15
CA GLU D 300 -21.90 47.95 16.00
C GLU D 300 -20.55 47.98 15.30
N VAL D 301 -20.57 48.03 13.97
CA VAL D 301 -19.38 48.11 13.14
C VAL D 301 -19.90 48.89 11.96
N THR D 302 -19.22 49.89 11.42
CA THR D 302 -19.78 50.53 10.25
C THR D 302 -19.24 49.81 9.03
N GLU D 303 -19.95 49.77 7.90
CA GLU D 303 -19.37 49.26 6.69
C GLU D 303 -18.05 49.95 6.40
N ASP D 304 -17.81 51.24 6.76
CA ASP D 304 -16.54 51.90 6.43
C ASP D 304 -15.37 51.14 7.09
N VAL D 305 -15.63 50.39 8.17
CA VAL D 305 -14.63 49.46 8.65
C VAL D 305 -14.83 48.02 8.23
N PHE D 306 -16.05 47.49 8.29
CA PHE D 306 -16.25 46.10 7.94
C PHE D 306 -15.76 45.81 6.53
N GLU D 307 -16.22 46.52 5.51
CA GLU D 307 -15.80 46.12 4.20
C GLU D 307 -14.63 46.91 3.67
N SER D 308 -13.51 46.86 4.42
CA SER D 308 -12.20 47.32 3.93
C SER D 308 -11.03 47.15 4.92
N PRO D 309 -9.77 46.78 4.55
CA PRO D 309 -8.79 45.87 5.21
C PRO D 309 -8.41 45.84 6.68
N TYR D 310 -9.11 46.55 7.52
CA TYR D 310 -8.94 46.45 8.94
C TYR D 310 -9.64 45.18 9.33
N ASN D 311 -10.31 44.49 8.43
CA ASN D 311 -11.22 43.47 8.84
C ASN D 311 -10.69 42.09 8.59
N ILE D 312 -10.32 41.37 9.67
CA ILE D 312 -9.92 40.00 9.54
C ILE D 312 -11.07 39.17 10.11
N ALA D 313 -12.36 39.53 10.01
CA ALA D 313 -13.37 38.66 10.60
C ALA D 313 -13.49 37.29 9.94
N PHE D 314 -13.16 37.13 8.64
CA PHE D 314 -13.32 35.84 7.99
C PHE D 314 -12.19 34.88 8.18
N GLU D 315 -10.94 35.36 8.28
CA GLU D 315 -9.78 34.55 8.65
C GLU D 315 -10.05 34.09 10.08
N GLN D 316 -10.52 34.94 10.99
CA GLN D 316 -10.91 34.49 12.32
C GLN D 316 -12.06 33.48 12.25
N ALA D 317 -13.09 33.66 11.43
CA ALA D 317 -14.13 32.65 11.29
C ALA D 317 -13.61 31.27 10.86
N GLU D 318 -12.66 31.20 9.93
CA GLU D 318 -11.99 29.97 9.53
C GLU D 318 -11.24 29.33 10.69
N ASN D 319 -10.41 30.09 11.40
CA ASN D 319 -9.71 29.64 12.58
C ASN D 319 -10.49 28.91 13.64
N ARG D 320 -11.80 28.92 13.49
CA ARG D 320 -12.65 28.20 14.40
C ARG D 320 -12.72 26.73 14.03
N MET D 321 -12.46 26.44 12.75
CA MET D 321 -12.36 25.08 12.23
C MET D 321 -11.03 24.47 12.62
N HIS D 322 -9.92 25.22 12.56
CA HIS D 322 -8.65 24.64 12.92
C HIS D 322 -8.66 24.42 14.40
N THR D 323 -9.33 25.21 15.27
CA THR D 323 -9.44 24.88 16.71
C THR D 323 -10.29 23.65 17.01
N ILE D 324 -11.47 23.48 16.42
CA ILE D 324 -12.26 22.30 16.71
C ILE D 324 -11.49 21.10 16.21
N LYS D 325 -10.71 21.19 15.14
CA LYS D 325 -9.84 20.09 14.83
C LYS D 325 -8.81 19.91 15.94
N ALA D 326 -8.25 20.93 16.65
CA ALA D 326 -7.29 20.68 17.73
C ALA D 326 -7.95 19.93 18.85
N ILE D 327 -9.20 20.29 19.18
CA ILE D 327 -10.02 19.58 20.17
C ILE D 327 -10.37 18.18 19.65
N LEU D 328 -10.73 17.82 18.40
CA LEU D 328 -11.01 16.43 18.10
C LEU D 328 -9.69 15.65 18.13
N VAL D 329 -8.58 16.19 17.63
CA VAL D 329 -7.34 15.44 17.64
C VAL D 329 -6.80 15.30 19.04
N SER D 330 -6.82 16.19 20.04
CA SER D 330 -6.25 15.77 21.32
C SER D 330 -7.15 14.94 22.21
N THR D 331 -8.46 14.86 21.88
CA THR D 331 -9.41 14.05 22.61
C THR D 331 -9.44 12.61 22.10
N LEU D 332 -9.67 12.53 20.78
CA LEU D 332 -9.84 11.29 20.05
C LEU D 332 -8.53 10.82 19.43
N ALA D 333 -7.97 11.18 18.29
CA ALA D 333 -6.70 10.66 17.75
C ALA D 333 -5.68 9.83 18.49
N ASP D 334 -5.16 8.91 17.67
CA ASP D 334 -4.17 7.94 18.05
C ASP D 334 -2.76 8.51 17.92
N ILE D 335 -2.44 9.41 18.82
CA ILE D 335 -1.14 10.04 18.93
C ILE D 335 -1.06 10.29 20.42
N ALA E 1 20.38 19.73 0.50
CA ALA E 1 21.14 19.37 1.66
C ALA E 1 21.32 20.56 2.60
N PHE E 2 22.47 20.66 3.29
CA PHE E 2 22.78 21.42 4.50
C PHE E 2 22.33 20.27 5.38
N ASN E 3 23.37 19.59 5.80
CA ASN E 3 23.23 18.37 6.56
C ASN E 3 24.45 18.22 7.45
N MET E 4 24.29 17.36 8.45
CA MET E 4 25.38 16.92 9.28
C MET E 4 25.30 15.39 9.36
N HIS E 5 24.91 14.86 8.20
CA HIS E 5 24.77 13.44 7.91
C HIS E 5 26.04 12.77 8.35
N ASN E 6 26.00 11.66 9.09
CA ASN E 6 27.16 10.94 9.57
C ASN E 6 28.08 11.52 10.60
N ARG E 7 27.77 12.73 10.98
CA ARG E 7 28.57 13.37 11.97
C ARG E 7 28.27 12.72 13.33
N ASN E 8 29.27 12.22 14.07
CA ASN E 8 29.07 11.82 15.47
C ASN E 8 28.57 13.04 16.24
N LEU E 9 27.73 12.93 17.26
CA LEU E 9 27.55 14.08 18.13
C LEU E 9 28.38 13.65 19.33
N LEU E 10 29.70 13.44 19.32
CA LEU E 10 30.24 13.01 20.60
C LEU E 10 30.72 14.23 21.38
N SER E 11 29.74 15.04 21.80
CA SER E 11 29.95 16.18 22.69
C SER E 11 30.58 17.44 22.15
N LEU E 12 29.79 18.25 21.45
CA LEU E 12 30.49 19.36 20.86
C LEU E 12 30.50 20.82 21.23
N MET E 13 31.74 20.90 21.75
CA MET E 13 32.44 22.14 22.03
C MET E 13 32.71 22.79 20.67
N HIS E 14 32.68 22.07 19.53
CA HIS E 14 32.90 22.66 18.21
C HIS E 14 31.67 22.43 17.34
N HIS E 15 31.03 23.55 16.93
CA HIS E 15 29.75 23.71 16.21
C HIS E 15 29.39 25.16 16.01
N SER E 16 29.26 25.44 14.73
CA SER E 16 28.83 26.72 14.18
C SER E 16 27.65 27.35 14.90
N THR E 17 27.42 28.67 15.15
CA THR E 17 26.09 29.03 15.66
C THR E 17 25.04 28.55 14.67
N ARG E 18 25.41 28.42 13.38
CA ARG E 18 24.58 27.85 12.31
C ARG E 18 24.23 26.38 12.53
N GLU E 19 25.09 25.42 12.95
CA GLU E 19 24.66 24.04 13.19
C GLU E 19 23.79 23.93 14.43
N LEU E 20 24.13 24.67 15.49
CA LEU E 20 23.36 24.66 16.71
C LEU E 20 22.03 25.21 16.32
N ARG E 21 21.89 26.30 15.57
CA ARG E 21 20.54 26.66 15.23
C ARG E 21 19.75 25.69 14.36
N TYR E 22 20.43 24.98 13.45
CA TYR E 22 19.80 23.93 12.68
C TYR E 22 19.31 22.86 13.62
N LEU E 23 20.16 22.36 14.51
CA LEU E 23 19.76 21.35 15.46
C LEU E 23 18.60 21.73 16.37
N LEU E 24 18.41 22.98 16.79
CA LEU E 24 17.25 23.32 17.62
C LEU E 24 16.01 23.60 16.80
N ASP E 25 16.15 24.02 15.53
CA ASP E 25 15.00 24.22 14.71
C ASP E 25 14.54 22.80 14.48
N LEU E 26 15.38 21.87 14.06
CA LEU E 26 14.90 20.52 13.84
C LEU E 26 14.24 19.89 15.04
N SER E 27 14.69 20.06 16.31
CA SER E 27 13.98 19.43 17.40
C SER E 27 12.67 20.13 17.70
N ARG E 28 12.59 21.40 17.35
CA ARG E 28 11.37 22.15 17.57
C ARG E 28 10.31 21.58 16.66
N ASP E 29 10.69 21.38 15.39
CA ASP E 29 9.80 20.86 14.40
C ASP E 29 9.55 19.40 14.52
N LEU E 30 10.45 18.60 15.13
CA LEU E 30 10.14 17.22 15.35
C LEU E 30 9.22 17.07 16.57
N LYS E 31 9.12 18.08 17.48
CA LYS E 31 8.24 18.00 18.65
C LYS E 31 6.84 18.23 18.18
N ARG E 32 6.76 19.32 17.43
CA ARG E 32 5.50 19.65 16.80
C ARG E 32 5.07 18.50 15.92
N ALA E 33 5.96 17.74 15.25
CA ALA E 33 5.49 16.71 14.33
C ALA E 33 4.86 15.57 15.08
N LYS E 34 5.38 15.25 16.27
CA LYS E 34 4.84 14.14 17.04
C LYS E 34 3.42 14.50 17.44
N TYR E 35 3.25 15.67 18.09
CA TYR E 35 1.95 16.14 18.57
C TYR E 35 0.72 16.29 17.71
N THR E 36 1.08 16.61 16.48
CA THR E 36 0.19 16.83 15.37
C THR E 36 -0.01 15.58 14.56
N GLY E 37 0.86 14.59 14.73
CA GLY E 37 0.76 13.35 13.94
C GLY E 37 1.14 13.49 12.46
N THR E 38 1.95 14.48 12.21
CA THR E 38 2.54 14.80 10.97
C THR E 38 3.88 14.06 10.90
N GLU E 39 4.38 13.42 11.98
CA GLU E 39 5.66 12.72 11.97
C GLU E 39 5.71 11.51 11.07
N GLN E 40 6.68 11.43 10.17
CA GLN E 40 6.90 10.30 9.28
C GLN E 40 8.13 9.53 9.83
N GLN E 41 8.20 8.20 9.77
CA GLN E 41 9.37 7.48 10.25
C GLN E 41 10.50 7.46 9.25
N HIS E 42 11.61 8.19 9.46
CA HIS E 42 12.76 8.19 8.58
C HIS E 42 13.97 7.39 9.07
N LEU E 43 13.80 6.47 10.02
CA LEU E 43 14.88 5.60 10.49
C LEU E 43 14.42 4.15 10.48
N LYS E 44 13.46 3.79 9.64
CA LYS E 44 12.94 2.42 9.61
C LYS E 44 14.08 1.54 9.22
N ARG E 45 14.23 0.40 9.88
CA ARG E 45 15.24 -0.59 9.49
C ARG E 45 16.64 -0.15 9.93
N LYS E 46 16.81 0.78 10.89
CA LYS E 46 18.11 1.21 11.42
C LYS E 46 18.19 0.62 12.82
N ASN E 47 19.25 -0.03 13.30
CA ASN E 47 19.27 -0.62 14.63
C ASN E 47 20.32 0.10 15.42
N ILE E 48 20.10 0.69 16.60
CA ILE E 48 21.21 1.32 17.28
C ILE E 48 21.44 0.52 18.57
N ALA E 49 22.68 0.55 19.08
CA ALA E 49 23.20 -0.18 20.25
C ALA E 49 23.29 0.85 21.35
N LEU E 50 23.15 0.59 22.63
CA LEU E 50 23.19 1.65 23.63
C LEU E 50 24.09 1.05 24.67
N ILE E 51 25.36 1.45 24.77
CA ILE E 51 26.29 0.91 25.74
C ILE E 51 26.21 1.88 26.90
N PHE E 52 25.65 1.51 28.05
CA PHE E 52 25.61 2.45 29.15
C PHE E 52 26.55 1.98 30.25
N GLU E 53 27.67 2.64 30.60
CA GLU E 53 28.52 2.21 31.71
C GLU E 53 27.87 2.69 33.01
N LYS E 54 27.27 3.87 33.20
CA LYS E 54 26.52 4.05 34.44
C LYS E 54 25.04 3.87 34.04
N THR E 55 24.19 3.22 34.86
CA THR E 55 22.75 3.19 34.63
C THR E 55 22.21 4.62 34.67
N SER E 56 21.45 5.01 33.64
CA SER E 56 20.81 6.31 33.55
C SER E 56 19.44 6.23 32.86
N THR E 57 18.41 5.78 33.55
CA THR E 57 17.09 5.60 32.99
C THR E 57 16.48 6.70 32.18
N ARG E 58 16.54 7.95 32.63
CA ARG E 58 16.01 9.07 31.90
C ARG E 58 16.76 9.26 30.60
N THR E 59 18.02 8.86 30.48
CA THR E 59 18.67 9.07 29.19
C THR E 59 18.51 7.85 28.31
N ARG E 60 18.40 6.67 28.89
CA ARG E 60 18.04 5.50 28.13
C ARG E 60 16.63 5.77 27.60
N CYS E 61 15.56 5.95 28.38
CA CYS E 61 14.23 6.20 27.83
C CYS E 61 14.17 7.25 26.75
N ALA E 62 14.89 8.39 26.87
CA ALA E 62 14.91 9.37 25.80
C ALA E 62 15.50 8.76 24.54
N PHE E 63 16.60 7.99 24.56
CA PHE E 63 17.12 7.38 23.34
C PHE E 63 16.09 6.38 22.84
N GLU E 64 15.60 5.50 23.70
CA GLU E 64 14.68 4.49 23.33
C GLU E 64 13.41 5.05 22.71
N VAL E 65 12.59 5.91 23.31
CA VAL E 65 11.45 6.51 22.67
C VAL E 65 11.81 7.26 21.39
N ALA E 66 12.90 8.04 21.29
CA ALA E 66 13.22 8.73 20.05
C ALA E 66 13.54 7.79 18.90
N ALA E 67 14.34 6.77 19.21
CA ALA E 67 14.69 5.80 18.20
C ALA E 67 13.47 5.06 17.73
N TYR E 68 12.53 4.70 18.63
CA TYR E 68 11.31 4.03 18.29
C TYR E 68 10.33 4.85 17.52
N ASP E 69 10.10 6.11 17.81
CA ASP E 69 9.16 6.86 17.04
C ASP E 69 9.52 6.89 15.56
N GLN E 70 10.82 6.91 15.30
CA GLN E 70 11.32 6.97 13.99
C GLN E 70 11.47 5.56 13.43
N GLY E 71 10.75 4.54 13.82
CA GLY E 71 11.00 3.22 13.29
C GLY E 71 12.37 2.56 13.56
N ALA E 72 13.34 3.03 14.35
CA ALA E 72 14.57 2.29 14.53
C ALA E 72 14.41 1.20 15.58
N ASN E 73 15.46 0.44 15.88
CA ASN E 73 15.38 -0.61 16.87
C ASN E 73 16.54 -0.47 17.79
N VAL E 74 16.48 -0.85 19.06
CA VAL E 74 17.51 -0.47 20.01
C VAL E 74 18.03 -1.69 20.75
N THR E 75 19.33 -1.94 20.93
CA THR E 75 19.79 -3.02 21.80
C THR E 75 20.32 -2.37 23.06
N TYR E 76 19.72 -2.37 24.25
CA TYR E 76 20.37 -1.80 25.41
C TYR E 76 21.40 -2.78 25.99
N ILE E 77 22.63 -2.31 26.19
CA ILE E 77 23.72 -3.09 26.75
C ILE E 77 24.07 -2.36 28.02
N ASP E 78 23.84 -3.02 29.15
CA ASP E 78 24.12 -2.57 30.51
C ASP E 78 25.38 -1.96 31.05
N PRO E 79 25.37 -1.52 32.32
CA PRO E 79 26.52 -1.61 33.17
C PRO E 79 26.73 -3.04 33.62
N ASN E 80 25.74 -3.81 34.06
CA ASN E 80 26.04 -5.16 34.61
C ASN E 80 26.84 -6.09 33.74
N SER E 81 26.79 -6.01 32.41
CA SER E 81 27.43 -7.03 31.62
C SER E 81 27.85 -6.64 30.20
N SER E 82 28.67 -5.60 30.29
CA SER E 82 29.43 -5.07 29.21
C SER E 82 30.72 -4.94 30.00
N GLN E 83 31.42 -6.04 30.30
CA GLN E 83 32.64 -5.91 31.08
C GLN E 83 33.76 -5.34 30.18
N ILE E 84 33.60 -4.05 29.82
CA ILE E 84 34.39 -3.39 28.78
C ILE E 84 35.88 -3.44 28.97
N GLY E 85 36.44 -2.75 29.95
CA GLY E 85 37.89 -2.79 30.07
C GLY E 85 38.34 -4.18 30.50
N HIS E 86 37.42 -5.09 30.91
CA HIS E 86 37.83 -6.32 31.56
C HIS E 86 38.82 -7.14 30.77
N LYS E 87 38.32 -7.67 29.67
CA LYS E 87 39.09 -8.54 28.83
C LYS E 87 38.82 -8.19 27.36
N GLU E 88 38.34 -6.98 27.06
CA GLU E 88 38.17 -6.71 25.66
C GLU E 88 38.75 -5.40 25.19
N SER E 89 38.28 -4.21 25.55
CA SER E 89 38.78 -2.90 25.11
C SER E 89 37.82 -2.31 24.12
N MET E 90 37.39 -1.08 24.41
CA MET E 90 36.53 -0.29 23.57
C MET E 90 36.95 -0.33 22.10
N LYS E 91 38.26 -0.27 21.81
CA LYS E 91 38.71 -0.28 20.42
C LYS E 91 38.33 -1.56 19.73
N ASP E 92 38.46 -2.70 20.39
CA ASP E 92 38.07 -3.97 19.82
C ASP E 92 36.59 -4.23 19.84
N THR E 93 35.84 -3.72 20.80
CA THR E 93 34.44 -4.06 20.73
C THR E 93 33.71 -3.02 19.87
N ALA E 94 34.16 -1.77 19.65
CA ALA E 94 33.50 -0.86 18.72
C ALA E 94 33.65 -1.40 17.32
N ARG E 95 34.80 -1.99 16.98
CA ARG E 95 34.95 -2.54 15.65
C ARG E 95 33.99 -3.69 15.42
N VAL E 96 33.70 -4.53 16.44
CA VAL E 96 32.73 -5.56 16.18
C VAL E 96 31.37 -4.89 16.07
N LEU E 97 30.97 -4.09 17.06
CA LEU E 97 29.65 -3.46 17.03
C LEU E 97 29.35 -2.47 15.88
N GLY E 98 30.26 -1.78 15.20
CA GLY E 98 29.89 -0.98 14.07
C GLY E 98 29.61 -1.92 12.89
N ARG E 99 29.95 -3.20 13.01
CA ARG E 99 29.60 -4.07 11.91
C ARG E 99 28.19 -4.58 12.07
N MET E 100 27.65 -4.70 13.27
CA MET E 100 26.28 -5.08 13.34
C MET E 100 25.33 -3.93 13.48
N TYR E 101 25.64 -2.84 14.21
CA TYR E 101 24.72 -1.73 14.37
C TYR E 101 24.85 -0.63 13.36
N ASP E 102 23.96 0.36 13.42
CA ASP E 102 23.94 1.48 12.48
C ASP E 102 24.39 2.78 13.10
N ALA E 103 24.41 2.87 14.41
CA ALA E 103 24.84 4.05 15.13
C ALA E 103 25.08 3.55 16.54
N ILE E 104 25.72 4.22 17.50
CA ILE E 104 25.89 3.62 18.84
C ILE E 104 25.65 4.72 19.84
N GLY E 105 24.93 4.54 20.95
CA GLY E 105 24.76 5.61 21.91
C GLY E 105 25.67 5.28 23.06
N TYR E 106 26.35 6.25 23.64
CA TYR E 106 27.22 5.88 24.72
C TYR E 106 27.00 6.75 25.91
N ARG E 107 27.16 6.11 27.06
CA ARG E 107 27.04 6.84 28.29
C ARG E 107 27.81 6.14 29.39
N GLY E 108 28.93 6.78 29.68
CA GLY E 108 29.88 6.26 30.61
C GLY E 108 30.42 7.47 31.32
N PHE E 109 31.44 7.24 32.11
CA PHE E 109 32.00 8.34 32.88
C PHE E 109 33.07 9.07 32.08
N LYS E 110 33.95 8.20 31.61
CA LYS E 110 35.23 8.63 31.11
C LYS E 110 35.30 9.11 29.68
N GLN E 111 34.84 10.33 29.34
CA GLN E 111 34.88 10.89 27.97
C GLN E 111 36.04 10.39 27.13
N GLU E 112 37.25 10.24 27.71
CA GLU E 112 38.38 9.61 27.04
C GLU E 112 37.92 8.34 26.27
N ILE E 113 37.22 7.35 26.88
CA ILE E 113 36.64 6.17 26.19
C ILE E 113 35.68 6.47 25.04
N VAL E 114 34.76 7.44 25.19
CA VAL E 114 33.83 7.84 24.14
C VAL E 114 34.60 8.08 22.86
N GLU E 115 35.75 8.76 22.99
CA GLU E 115 36.59 9.01 21.84
C GLU E 115 37.09 7.73 21.22
N GLU E 116 37.49 6.65 21.91
CA GLU E 116 37.89 5.42 21.22
C GLU E 116 36.77 4.84 20.38
N LEU E 117 35.60 4.83 21.00
CA LEU E 117 34.38 4.32 20.41
C LEU E 117 34.15 5.10 19.14
N ALA E 118 34.15 6.43 19.25
CA ALA E 118 33.90 7.27 18.11
C ALA E 118 34.97 7.06 17.06
N LYS E 119 36.22 6.81 17.47
CA LYS E 119 37.28 6.71 16.50
C LYS E 119 37.25 5.44 15.66
N PHE E 120 37.06 4.29 16.32
CA PHE E 120 37.08 2.97 15.69
C PHE E 120 35.75 2.38 15.28
N ALA E 121 34.62 2.77 15.83
CA ALA E 121 33.37 2.10 15.50
C ALA E 121 33.03 2.02 14.02
N GLY E 122 33.22 3.08 13.24
CA GLY E 122 32.93 3.06 11.83
C GLY E 122 31.51 3.51 11.51
N VAL E 123 30.74 3.94 12.52
CA VAL E 123 29.35 4.27 12.33
C VAL E 123 28.99 5.43 13.27
N PRO E 124 28.12 6.43 13.08
CA PRO E 124 27.80 7.46 14.08
C PRO E 124 27.84 7.11 15.56
N VAL E 125 28.64 7.79 16.35
CA VAL E 125 28.60 7.49 17.78
C VAL E 125 28.02 8.73 18.46
N PHE E 126 26.98 8.55 19.26
CA PHE E 126 26.33 9.69 19.85
C PHE E 126 26.66 9.58 21.30
N ASN E 127 27.37 10.57 21.77
CA ASN E 127 27.59 10.57 23.18
C ASN E 127 26.28 10.97 23.84
N GLY E 128 25.58 10.00 24.42
CA GLY E 128 24.45 10.30 25.28
C GLY E 128 25.04 11.17 26.39
N LEU E 129 26.18 10.80 27.01
CA LEU E 129 26.99 11.62 27.93
C LEU E 129 28.14 10.97 28.71
N THR E 130 28.93 11.83 29.38
CA THR E 130 30.03 11.46 30.26
C THR E 130 30.18 12.57 31.29
N ASP E 131 31.23 12.63 32.12
CA ASP E 131 31.47 13.70 33.10
C ASP E 131 31.67 15.05 32.45
N GLU E 132 32.47 15.01 31.38
CA GLU E 132 32.81 16.12 30.49
C GLU E 132 31.46 16.67 30.02
N TYR E 133 30.48 15.75 29.89
CA TYR E 133 29.10 16.15 29.74
C TYR E 133 28.71 16.69 28.38
N HIS E 134 27.37 16.64 28.44
CA HIS E 134 26.25 17.00 27.59
C HIS E 134 25.99 18.13 26.60
N PRO E 135 26.30 17.81 25.36
CA PRO E 135 25.62 18.32 24.22
C PRO E 135 24.07 18.25 24.23
N THR E 136 23.34 17.19 24.62
CA THR E 136 21.88 17.25 24.46
C THR E 136 21.10 17.85 25.58
N GLN E 137 21.52 17.83 26.87
CA GLN E 137 20.68 18.53 27.84
C GLN E 137 20.96 19.99 27.52
N MET E 138 22.14 20.39 26.98
CA MET E 138 22.31 21.77 26.52
C MET E 138 21.28 22.29 25.54
N LEU E 139 21.00 21.54 24.47
CA LEU E 139 20.00 21.94 23.49
C LEU E 139 18.59 21.65 23.97
N ALA E 140 18.33 20.73 24.91
CA ALA E 140 16.99 20.51 25.47
C ALA E 140 16.59 21.79 26.21
N ASP E 141 17.38 22.25 27.17
CA ASP E 141 17.10 23.47 27.89
C ASP E 141 16.92 24.64 27.01
N VAL E 142 17.79 24.90 26.02
CA VAL E 142 17.50 26.10 25.28
C VAL E 142 16.30 25.84 24.40
N LEU E 143 15.99 24.60 23.91
CA LEU E 143 14.72 24.31 23.23
C LEU E 143 13.64 24.69 24.23
N THR E 144 13.80 24.43 25.53
CA THR E 144 12.75 24.76 26.47
C THR E 144 12.63 26.25 26.73
N MET E 145 13.75 26.97 26.79
CA MET E 145 13.61 28.37 27.10
C MET E 145 12.94 29.03 25.92
N ARG E 146 13.27 28.55 24.71
CA ARG E 146 12.72 29.20 23.55
C ARG E 146 11.25 28.95 23.31
N GLU E 147 10.72 27.77 23.58
CA GLU E 147 9.31 27.63 23.31
C GLU E 147 8.32 28.10 24.31
N HIS E 148 8.85 28.22 25.51
CA HIS E 148 8.03 28.64 26.60
C HIS E 148 8.01 30.14 26.63
N SER E 149 9.13 30.85 26.42
CA SER E 149 9.09 32.29 26.51
C SER E 149 8.44 32.92 25.28
N ASP E 150 8.48 32.20 24.15
CA ASP E 150 7.90 32.63 22.89
C ASP E 150 8.59 33.87 22.27
N LYS E 151 9.83 34.12 22.74
CA LYS E 151 10.70 35.23 22.35
C LYS E 151 11.77 34.70 21.41
N PRO E 152 12.46 35.48 20.57
CA PRO E 152 13.57 34.99 19.73
C PRO E 152 14.69 34.49 20.62
N LEU E 153 15.62 33.58 20.28
CA LEU E 153 16.69 33.21 21.21
C LEU E 153 17.35 34.42 21.93
N HIS E 154 17.92 35.38 21.22
CA HIS E 154 18.48 36.58 21.83
C HIS E 154 17.58 37.47 22.68
N ASP E 155 16.35 37.16 23.08
CA ASP E 155 15.68 38.04 24.04
C ASP E 155 15.35 37.10 25.17
N ILE E 156 16.17 36.10 25.43
CA ILE E 156 15.88 35.22 26.54
C ILE E 156 17.08 35.45 27.42
N SER E 157 16.82 35.70 28.69
CA SER E 157 17.91 35.77 29.63
C SER E 157 17.62 34.78 30.74
N TYR E 158 18.62 34.22 31.37
CA TYR E 158 18.41 33.24 32.42
C TYR E 158 19.56 33.23 33.42
N ALA E 159 19.45 32.66 34.61
CA ALA E 159 20.51 32.69 35.59
C ALA E 159 20.77 31.29 36.11
N TYR E 160 21.98 31.01 36.56
CA TYR E 160 22.29 29.70 37.08
C TYR E 160 22.72 29.96 38.51
N LEU E 161 22.20 29.30 39.55
CA LEU E 161 22.62 29.63 40.88
C LEU E 161 23.40 28.55 41.60
N GLY E 162 24.67 28.93 41.68
CA GLY E 162 25.68 28.30 42.52
C GLY E 162 26.20 26.90 42.33
N ASP E 163 27.50 27.02 42.10
CA ASP E 163 28.51 25.99 41.85
C ASP E 163 28.44 25.97 40.35
N ALA E 164 29.03 27.02 39.80
CA ALA E 164 29.03 27.05 38.37
C ALA E 164 30.30 26.30 37.98
N ARG E 165 30.55 25.08 38.46
CA ARG E 165 31.78 24.35 38.12
C ARG E 165 31.40 22.95 37.78
N ASN E 166 30.65 22.27 38.69
CA ASN E 166 29.84 21.11 38.37
C ASN E 166 29.11 21.73 37.15
N ASN E 167 29.58 21.23 36.02
CA ASN E 167 29.47 21.87 34.73
C ASN E 167 28.15 22.17 34.07
N MET E 168 26.99 22.02 34.72
CA MET E 168 25.76 22.56 34.15
C MET E 168 25.95 24.08 34.07
N GLY E 169 26.77 24.60 34.99
CA GLY E 169 27.20 25.97 34.99
C GLY E 169 27.99 26.25 33.74
N ASN E 170 28.93 25.38 33.34
CA ASN E 170 29.69 25.62 32.12
C ASN E 170 28.91 25.45 30.84
N SER E 171 27.99 24.51 30.85
CA SER E 171 27.33 24.20 29.63
C SER E 171 26.27 25.25 29.47
N LEU E 172 25.63 25.76 30.52
CA LEU E 172 24.72 26.85 30.28
C LEU E 172 25.45 28.09 29.79
N LEU E 173 26.58 28.51 30.37
CA LEU E 173 27.35 29.64 29.86
C LEU E 173 27.81 29.42 28.41
N LEU E 174 28.26 28.21 28.05
CA LEU E 174 28.74 27.94 26.71
C LEU E 174 27.63 28.19 25.70
N ILE E 175 26.42 27.63 25.90
CA ILE E 175 25.45 27.81 24.87
C ILE E 175 24.83 29.19 24.96
N GLY E 176 24.56 29.80 26.13
CA GLY E 176 24.13 31.20 26.14
C GLY E 176 25.11 32.08 25.31
N ALA E 177 26.41 31.79 25.35
CA ALA E 177 27.39 32.57 24.62
C ALA E 177 27.30 32.38 23.11
N LYS E 178 27.26 31.15 22.60
CA LYS E 178 27.18 30.98 21.15
C LYS E 178 25.86 31.43 20.56
N LEU E 179 24.75 31.44 21.30
CA LEU E 179 23.50 31.78 20.66
C LEU E 179 23.07 33.22 20.95
N GLY E 180 23.88 33.94 21.71
CA GLY E 180 23.61 35.35 21.93
C GLY E 180 22.46 35.64 22.85
N MET E 181 22.28 34.80 23.86
CA MET E 181 21.24 35.03 24.83
C MET E 181 21.89 35.85 25.92
N ASP E 182 21.15 36.20 26.97
CA ASP E 182 21.68 36.96 28.08
C ASP E 182 21.84 36.01 29.26
N VAL E 183 23.03 35.43 29.41
CA VAL E 183 23.25 34.46 30.48
C VAL E 183 23.97 34.99 31.72
N ARG E 184 23.40 34.88 32.92
CA ARG E 184 24.02 35.38 34.15
C ARG E 184 24.39 34.25 35.10
N ILE E 185 25.61 34.07 35.60
CA ILE E 185 25.83 33.01 36.58
C ILE E 185 25.91 33.59 37.99
N ALA E 186 25.29 32.98 39.00
CA ALA E 186 25.30 33.50 40.36
C ALA E 186 25.88 32.49 41.32
N ALA E 187 27.17 32.57 41.58
CA ALA E 187 27.78 31.61 42.48
C ALA E 187 28.89 32.32 43.27
N PRO E 188 29.37 31.83 44.41
CA PRO E 188 30.47 32.43 45.13
C PRO E 188 31.75 32.29 44.29
N LYS E 189 32.60 33.31 44.17
CA LYS E 189 33.85 33.30 43.39
C LYS E 189 34.74 32.08 43.46
N ALA E 190 34.71 31.30 44.54
CA ALA E 190 35.48 30.06 44.62
C ALA E 190 34.97 28.98 43.68
N LEU E 191 33.78 29.25 43.12
CA LEU E 191 32.97 28.33 42.34
C LEU E 191 32.49 28.88 40.99
N TRP E 192 33.23 29.81 40.41
CA TRP E 192 32.93 30.34 39.08
C TRP E 192 33.55 29.39 38.04
N PRO E 193 33.22 29.35 36.74
CA PRO E 193 33.89 28.49 35.75
C PRO E 193 35.38 28.87 35.69
N HIS E 194 36.49 28.10 35.44
CA HIS E 194 37.77 28.80 35.53
C HIS E 194 37.84 29.72 34.32
N ASP E 195 38.29 30.86 34.79
CA ASP E 195 38.47 32.03 33.98
C ASP E 195 39.04 31.77 32.60
N GLU E 196 39.87 30.77 32.23
CA GLU E 196 40.19 30.70 30.80
C GLU E 196 38.96 30.27 30.00
N PHE E 197 38.08 29.43 30.60
CA PHE E 197 36.81 29.06 29.98
C PHE E 197 35.97 30.32 30.00
N VAL E 198 35.76 31.14 31.04
CA VAL E 198 34.99 32.36 30.83
C VAL E 198 35.65 33.19 29.72
N ALA E 199 36.98 33.18 29.54
CA ALA E 199 37.60 33.96 28.47
C ALA E 199 37.11 33.45 27.12
N GLN E 200 36.91 32.13 27.01
CA GLN E 200 36.38 31.57 25.77
C GLN E 200 34.96 32.03 25.63
N CYS E 201 34.11 31.79 26.63
CA CYS E 201 32.74 32.25 26.56
C CYS E 201 32.69 33.72 26.27
N LYS E 202 33.71 34.55 26.55
CA LYS E 202 33.58 35.92 26.12
C LYS E 202 33.96 36.12 24.67
N LYS E 203 34.91 35.34 24.13
CA LYS E 203 35.27 35.38 22.71
C LYS E 203 33.96 35.18 21.97
N PHE E 204 33.32 34.03 22.23
CA PHE E 204 32.02 33.71 21.68
C PHE E 204 30.96 34.77 21.89
N ALA E 205 30.82 35.20 23.14
CA ALA E 205 29.79 36.17 23.49
C ALA E 205 29.83 37.47 22.74
N GLU E 206 30.91 37.74 22.01
CA GLU E 206 31.07 38.98 21.30
C GLU E 206 30.65 38.94 19.85
N GLU E 207 30.86 37.76 19.24
CA GLU E 207 30.52 37.56 17.85
C GLU E 207 28.98 37.62 17.83
N SER E 208 28.28 36.89 18.70
CA SER E 208 26.83 37.03 18.90
C SER E 208 26.58 38.21 19.84
N GLY E 209 25.41 38.76 20.12
CA GLY E 209 25.37 39.84 21.13
C GLY E 209 25.24 39.25 22.54
N ALA E 210 26.03 38.28 22.98
CA ALA E 210 25.67 37.64 24.24
C ALA E 210 26.08 38.40 25.50
N LYS E 211 25.26 38.59 26.53
CA LYS E 211 25.71 39.24 27.75
C LYS E 211 26.04 38.15 28.77
N LEU E 212 27.22 38.16 29.44
CA LEU E 212 27.56 37.17 30.45
C LEU E 212 27.84 37.85 31.79
N THR E 213 27.01 37.94 32.85
CA THR E 213 27.56 38.48 34.09
C THR E 213 28.12 37.25 34.82
N LEU E 214 28.80 37.42 35.95
CA LEU E 214 29.14 36.32 36.84
C LEU E 214 29.16 37.13 38.12
N THR E 215 28.22 36.96 39.02
CA THR E 215 28.15 37.72 40.26
C THR E 215 28.28 36.69 41.39
N GLU E 216 27.98 37.02 42.66
CA GLU E 216 27.94 36.13 43.82
C GLU E 216 26.68 36.49 44.61
N ASP E 217 25.94 37.45 44.08
CA ASP E 217 24.73 38.00 44.65
C ASP E 217 23.53 37.41 43.89
N PRO E 218 22.79 36.37 44.32
CA PRO E 218 21.56 35.90 43.70
C PRO E 218 20.55 36.95 43.31
N LYS E 219 19.91 37.67 44.23
CA LYS E 219 18.89 38.67 43.88
C LYS E 219 19.27 39.58 42.69
N GLU E 220 20.55 39.80 42.50
CA GLU E 220 21.04 40.60 41.37
C GLU E 220 20.97 39.76 40.10
N ALA E 221 21.69 38.63 40.14
CA ALA E 221 21.82 37.71 39.01
C ALA E 221 20.48 37.38 38.37
N VAL E 222 19.54 37.07 39.23
CA VAL E 222 18.21 36.72 38.83
C VAL E 222 17.31 37.91 38.51
N LYS E 223 17.78 39.17 38.36
CA LYS E 223 16.85 40.28 38.21
C LYS E 223 16.30 40.34 36.80
N GLY E 224 14.96 40.37 36.69
CA GLY E 224 14.25 40.44 35.38
C GLY E 224 14.52 39.35 34.32
N VAL E 225 14.99 38.21 34.77
CA VAL E 225 15.32 37.08 33.94
C VAL E 225 14.02 36.36 33.59
N ASP E 226 14.04 35.47 32.61
CA ASP E 226 12.92 34.57 32.29
C ASP E 226 13.58 33.27 32.72
N PHE E 227 13.19 32.25 33.51
CA PHE E 227 14.00 31.02 33.70
C PHE E 227 15.23 31.24 34.59
N VAL E 228 15.18 30.52 35.71
CA VAL E 228 16.13 30.48 36.83
C VAL E 228 16.54 29.00 36.78
N HIS E 229 17.82 28.61 36.74
CA HIS E 229 18.24 27.20 36.66
C HIS E 229 18.99 26.85 37.90
N THR E 230 18.91 25.64 38.41
CA THR E 230 19.82 25.28 39.48
C THR E 230 20.18 23.82 39.30
N ASP E 231 20.91 23.21 40.23
CA ASP E 231 21.27 21.81 40.15
C ASP E 231 21.80 21.27 41.46
N VAL E 232 21.69 19.98 41.79
CA VAL E 232 22.08 19.46 43.10
C VAL E 232 23.56 19.69 43.21
N TRP E 233 23.96 20.40 44.27
CA TRP E 233 25.36 20.64 44.59
C TRP E 233 26.00 19.73 45.63
N VAL E 234 25.26 18.89 46.33
CA VAL E 234 25.86 18.06 47.36
C VAL E 234 26.29 16.80 46.62
N SER E 235 27.52 16.33 46.82
CA SER E 235 28.02 15.14 46.16
C SER E 235 27.85 13.90 47.03
N MET E 236 26.72 13.25 46.72
CA MET E 236 26.36 11.93 47.22
C MET E 236 27.64 11.11 47.20
N GLY E 237 28.13 10.69 48.34
CA GLY E 237 29.33 9.89 48.31
C GLY E 237 30.44 10.55 49.08
N GLU E 238 30.85 11.79 48.79
CA GLU E 238 31.89 12.45 49.59
C GLU E 238 31.08 12.58 50.89
N PRO E 239 31.46 11.81 51.93
CA PRO E 239 30.55 10.93 52.67
C PRO E 239 29.17 11.52 52.82
N VAL E 240 28.97 12.37 53.82
CA VAL E 240 27.72 13.06 54.10
C VAL E 240 27.88 13.81 55.40
N GLU E 241 28.47 13.11 56.36
CA GLU E 241 28.93 13.67 57.63
C GLU E 241 29.78 14.80 57.18
N ALA E 242 29.12 15.88 57.57
CA ALA E 242 29.59 17.18 57.21
C ALA E 242 29.68 17.36 55.70
N TRP E 243 28.49 17.59 55.15
CA TRP E 243 28.53 18.35 53.94
C TRP E 243 28.67 19.76 54.50
N GLY E 244 28.16 20.04 55.72
CA GLY E 244 28.32 21.28 56.48
C GLY E 244 28.99 22.48 55.81
N GLU E 245 30.29 22.50 55.47
CA GLU E 245 30.82 23.69 54.80
C GLU E 245 30.19 23.89 53.44
N ARG E 246 30.09 22.85 52.59
CA ARG E 246 29.41 22.96 51.30
C ARG E 246 28.00 23.48 51.55
N ILE E 247 27.31 22.92 52.55
CA ILE E 247 25.96 23.36 52.81
C ILE E 247 25.96 24.80 53.31
N LYS E 248 26.99 25.29 53.99
CA LYS E 248 26.93 26.65 54.46
C LYS E 248 27.21 27.56 53.27
N GLU E 249 27.99 27.10 52.29
CA GLU E 249 28.31 27.91 51.12
C GLU E 249 27.19 28.15 50.17
N LEU E 250 26.65 27.05 49.66
CA LEU E 250 25.70 27.22 48.62
C LEU E 250 24.33 27.48 49.17
N LEU E 251 24.08 27.32 50.49
CA LEU E 251 22.73 27.51 50.98
C LEU E 251 22.23 28.95 50.76
N PRO E 252 22.98 30.06 50.63
CA PRO E 252 22.41 31.31 50.18
C PRO E 252 21.85 31.20 48.77
N TYR E 253 22.46 30.42 47.86
CA TYR E 253 22.02 30.21 46.47
C TYR E 253 20.88 29.22 46.25
N GLN E 254 20.10 28.95 47.29
CA GLN E 254 19.03 27.98 47.26
C GLN E 254 17.96 28.55 46.34
N VAL E 255 17.53 28.03 45.18
CA VAL E 255 16.43 28.72 44.51
C VAL E 255 15.21 28.52 45.39
N ASN E 256 14.54 29.59 45.83
CA ASN E 256 13.33 29.43 46.65
C ASN E 256 12.36 30.55 46.35
N MET E 257 11.15 30.59 46.92
CA MET E 257 10.20 31.65 46.57
C MET E 257 10.68 33.06 46.80
N GLU E 258 11.78 33.32 47.52
CA GLU E 258 12.29 34.67 47.66
C GLU E 258 13.00 34.83 46.33
N ILE E 259 14.05 34.06 45.98
CA ILE E 259 14.72 34.15 44.68
C ILE E 259 13.81 34.17 43.46
N MET E 260 12.76 33.34 43.45
CA MET E 260 11.85 33.32 42.31
C MET E 260 11.10 34.64 42.28
N LYS E 261 10.50 35.11 43.39
CA LYS E 261 9.83 36.40 43.39
C LYS E 261 10.82 37.55 43.22
N ALA E 262 12.09 37.30 43.55
CA ALA E 262 13.16 38.26 43.43
C ALA E 262 13.43 38.59 42.00
N THR E 263 13.07 37.68 41.08
CA THR E 263 13.21 37.99 39.68
C THR E 263 12.16 39.07 39.49
N GLY E 264 12.23 39.79 38.40
CA GLY E 264 11.22 40.83 38.28
C GLY E 264 9.85 40.27 37.95
N ASN E 265 9.81 39.11 37.29
CA ASN E 265 8.67 38.96 36.42
C ASN E 265 7.73 37.82 36.68
N PRO E 266 6.38 37.92 36.61
CA PRO E 266 5.46 36.86 37.01
C PRO E 266 5.48 35.63 36.10
N ARG E 267 6.32 35.63 35.08
CA ARG E 267 6.41 34.53 34.17
C ARG E 267 7.76 33.87 34.30
N ALA E 268 8.67 34.27 35.22
CA ALA E 268 9.94 33.58 35.36
C ALA E 268 9.62 32.11 35.69
N LYS E 269 10.40 31.14 35.17
CA LYS E 269 10.25 29.72 35.44
C LYS E 269 11.53 29.12 36.00
N PHE E 270 11.42 28.01 36.69
CA PHE E 270 12.53 27.36 37.33
C PHE E 270 12.86 26.17 36.43
N MET E 271 14.11 25.79 36.26
CA MET E 271 14.42 24.63 35.47
C MET E 271 15.49 23.90 36.25
N HIS E 272 15.68 22.59 36.05
CA HIS E 272 16.64 21.83 36.84
C HIS E 272 16.94 20.54 36.09
N CYS E 273 18.08 20.02 35.59
CA CYS E 273 18.02 18.72 34.90
C CYS E 273 18.01 17.59 35.94
N LEU E 274 16.82 17.30 36.48
CA LEU E 274 16.56 16.30 37.50
C LEU E 274 17.61 15.20 37.83
N PRO E 275 17.86 14.66 39.04
CA PRO E 275 16.98 14.65 40.20
C PRO E 275 17.18 15.92 41.00
N ALA E 276 16.13 16.40 41.64
CA ALA E 276 16.26 17.61 42.39
C ALA E 276 15.95 17.15 43.76
N PHE E 277 16.87 17.48 44.66
CA PHE E 277 16.69 17.29 46.06
C PHE E 277 15.77 18.38 46.48
N HIS E 278 14.52 18.01 46.65
CA HIS E 278 13.61 19.05 46.99
C HIS E 278 12.69 18.72 48.14
N ASN E 279 13.00 17.67 48.89
CA ASN E 279 12.24 17.31 50.08
C ASN E 279 12.76 16.01 50.64
N SER E 280 12.20 15.58 51.76
CA SER E 280 12.70 14.38 52.39
C SER E 280 12.16 13.05 51.89
N GLU E 281 11.15 13.02 51.01
CA GLU E 281 10.53 11.79 50.54
C GLU E 281 11.35 10.86 49.64
N THR E 282 12.59 10.62 50.03
CA THR E 282 13.50 9.79 49.30
C THR E 282 14.40 9.27 50.41
N LYS E 283 15.18 8.23 50.14
CA LYS E 283 16.00 7.67 51.18
C LYS E 283 17.27 8.51 51.35
N VAL E 284 17.93 9.02 50.29
CA VAL E 284 19.01 9.99 50.47
C VAL E 284 18.40 11.17 51.25
N GLY E 285 17.21 11.59 50.83
CA GLY E 285 16.57 12.76 51.42
C GLY E 285 16.02 12.56 52.80
N LYS E 286 16.14 11.41 53.45
CA LYS E 286 15.77 11.34 54.84
C LYS E 286 17.06 11.37 55.65
N GLN E 287 18.14 10.77 55.13
CA GLN E 287 19.47 10.83 55.72
C GLN E 287 19.79 12.27 56.03
N ILE E 288 19.94 13.06 54.96
CA ILE E 288 20.27 14.49 55.04
C ILE E 288 19.35 15.24 55.96
N ALA E 289 18.04 15.11 55.74
CA ALA E 289 17.05 15.71 56.62
C ALA E 289 17.30 15.34 58.07
N GLU E 290 17.81 14.15 58.44
CA GLU E 290 18.13 13.91 59.84
C GLU E 290 19.33 14.74 60.21
N GLN E 291 20.48 14.53 59.55
CA GLN E 291 21.66 15.27 59.91
C GLN E 291 21.50 16.77 59.69
N TYR E 292 20.47 17.22 58.97
CA TYR E 292 20.29 18.62 58.71
C TYR E 292 18.80 18.78 58.64
N PRO E 293 18.28 19.14 59.80
CA PRO E 293 16.91 19.52 59.92
C PRO E 293 16.56 20.65 58.99
N ASN E 294 17.43 21.64 58.76
CA ASN E 294 16.89 22.77 58.03
C ASN E 294 16.86 22.56 56.53
N LEU E 295 17.43 21.45 56.04
CA LEU E 295 17.25 21.08 54.65
C LEU E 295 15.98 20.26 54.79
N ALA E 296 15.74 19.01 54.35
CA ALA E 296 14.45 18.36 54.72
C ALA E 296 13.21 19.09 54.24
N ASN E 297 13.41 19.68 53.06
CA ASN E 297 12.42 20.53 52.42
C ASN E 297 12.92 21.18 51.16
N GLY E 298 14.18 20.84 50.92
CA GLY E 298 14.73 21.11 49.64
C GLY E 298 16.10 21.64 49.86
N ILE E 299 17.05 20.94 49.27
CA ILE E 299 18.39 21.39 49.41
C ILE E 299 18.55 22.48 48.37
N GLU E 300 18.72 22.27 47.07
CA GLU E 300 18.97 23.37 46.13
C GLU E 300 17.75 24.00 45.47
N VAL E 301 16.56 23.50 45.81
CA VAL E 301 15.30 24.01 45.31
C VAL E 301 14.39 23.72 46.48
N THR E 302 13.51 24.60 46.91
CA THR E 302 12.64 24.20 48.00
C THR E 302 11.38 23.60 47.39
N GLU E 303 10.69 22.68 48.05
CA GLU E 303 9.40 22.25 47.57
C GLU E 303 8.50 23.44 47.32
N ASP E 304 8.59 24.58 48.07
CA ASP E 304 7.67 25.71 47.85
C ASP E 304 7.83 26.22 46.40
N VAL E 305 8.99 25.98 45.76
CA VAL E 305 9.07 26.22 44.34
C VAL E 305 8.93 24.98 43.47
N PHE E 306 9.57 23.87 43.82
CA PHE E 306 9.49 22.69 42.98
C PHE E 306 8.04 22.27 42.77
N GLU E 307 7.25 22.04 43.81
CA GLU E 307 5.94 21.53 43.53
C GLU E 307 4.88 22.60 43.51
N SER E 308 5.07 23.60 42.61
CA SER E 308 4.01 24.55 42.24
C SER E 308 4.41 25.59 41.17
N PRO E 309 3.57 26.02 40.18
CA PRO E 309 3.82 26.32 38.74
C PRO E 309 4.97 27.11 38.16
N TYR E 310 5.96 27.45 38.96
CA TYR E 310 7.17 28.05 38.46
C TYR E 310 7.95 26.92 37.86
N ASN E 311 7.51 25.69 37.96
CA ASN E 311 8.37 24.58 37.67
C ASN E 311 8.06 23.93 36.36
N ILE E 312 8.93 24.12 35.36
CA ILE E 312 8.79 23.44 34.10
C ILE E 312 9.88 22.37 34.08
N ALA E 313 10.31 21.73 35.18
CA ALA E 313 11.37 20.73 35.03
C ALA E 313 10.97 19.50 34.22
N PHE E 314 9.68 19.10 34.17
CA PHE E 314 9.31 17.90 33.45
C PHE E 314 9.08 18.08 31.98
N GLU E 315 8.57 19.25 31.54
CA GLU E 315 8.48 19.61 30.13
C GLU E 315 9.93 19.70 29.64
N GLN E 316 10.86 20.30 30.37
CA GLN E 316 12.26 20.27 29.98
C GLN E 316 12.80 18.84 29.96
N ALA E 317 12.50 17.97 30.92
CA ALA E 317 12.93 16.58 30.84
C ALA E 317 12.45 15.85 29.58
N GLU E 318 11.22 16.06 29.13
CA GLU E 318 10.70 15.53 27.88
C GLU E 318 11.47 16.05 26.68
N ASN E 319 11.67 17.36 26.57
CA ASN E 319 12.47 17.99 25.54
C ASN E 319 13.83 17.41 25.25
N ARG E 320 14.27 16.51 26.10
CA ARG E 320 15.52 15.84 25.90
C ARG E 320 15.37 14.69 24.92
N MET E 321 14.14 14.17 24.82
CA MET E 321 13.76 13.14 23.85
C MET E 321 13.60 13.76 22.48
N HIS E 322 12.99 14.95 22.36
CA HIS E 322 12.82 15.53 21.05
C HIS E 322 14.16 15.96 20.58
N THR E 323 15.16 16.38 21.39
CA THR E 323 16.52 16.65 20.90
C THR E 323 17.29 15.42 20.44
N ILE E 324 17.29 14.31 21.19
CA ILE E 324 18.01 13.14 20.73
C ILE E 324 17.36 12.66 19.45
N LYS E 325 16.05 12.81 19.27
CA LYS E 325 15.51 12.53 17.97
C LYS E 325 16.07 13.52 16.94
N ALA E 326 16.35 14.82 17.21
CA ALA E 326 16.93 15.70 16.19
C ALA E 326 18.30 15.22 15.79
N ILE E 327 19.10 14.77 16.77
CA ILE E 327 20.41 14.16 16.54
C ILE E 327 20.24 12.82 15.82
N LEU E 328 19.32 11.87 16.04
CA LEU E 328 19.31 10.65 15.24
C LEU E 328 18.84 11.01 13.82
N VAL E 329 17.86 11.89 13.64
CA VAL E 329 17.41 12.21 12.30
C VAL E 329 18.43 13.01 11.56
N SER E 330 19.25 13.97 12.02
CA SER E 330 20.19 14.57 11.07
C SER E 330 21.46 13.78 10.81
N THR E 331 21.74 12.76 11.65
CA THR E 331 22.90 11.89 11.47
C THR E 331 22.60 10.74 10.52
N LEU E 332 21.52 10.02 10.89
CA LEU E 332 21.07 8.81 10.23
C LEU E 332 20.00 9.11 9.19
N ALA E 333 18.69 9.27 9.36
CA ALA E 333 17.71 9.54 8.30
C ALA E 333 18.02 9.95 6.88
N ASP E 334 17.14 9.36 6.05
CA ASP E 334 17.15 9.53 4.62
C ASP E 334 16.37 10.76 4.19
N ILE E 335 16.94 11.90 4.46
CA ILE E 335 16.41 13.20 4.10
C ILE E 335 17.68 14.00 3.91
N ALA F 1 -10.42 26.31 1.96
CA ALA F 1 -9.69 27.02 0.96
C ALA F 1 -9.04 28.28 1.53
N PHE F 2 -8.94 29.36 0.75
CA PHE F 2 -8.07 30.53 0.85
C PHE F 2 -6.97 29.83 0.08
N ASN F 3 -6.97 30.22 -1.17
CA ASN F 3 -6.11 29.63 -2.17
C ASN F 3 -5.83 30.67 -3.24
N MET F 4 -4.78 30.40 -4.00
CA MET F 4 -4.46 31.15 -5.19
C MET F 4 -4.20 30.12 -6.30
N HIS F 5 -5.01 29.06 -6.20
CA HIS F 5 -5.07 27.94 -7.12
C HIS F 5 -5.16 28.49 -8.51
N ASN F 6 -4.37 28.04 -9.48
CA ASN F 6 -4.37 28.50 -10.85
C ASN F 6 -3.91 29.88 -11.22
N ARG F 7 -3.55 30.61 -10.19
CA ARG F 7 -3.08 31.94 -10.43
C ARG F 7 -1.67 31.85 -11.03
N ASN F 8 -1.39 32.46 -12.19
CA ASN F 8 -0.02 32.61 -12.67
C ASN F 8 0.77 33.39 -11.62
N LEU F 9 2.06 33.17 -11.40
CA LEU F 9 2.80 34.14 -10.61
C LEU F 9 3.55 34.86 -11.71
N LEU F 10 3.00 35.58 -12.69
CA LEU F 10 3.94 36.15 -13.63
C LEU F 10 4.31 37.56 -13.18
N SER F 11 5.03 37.62 -12.05
CA SER F 11 5.62 38.85 -11.52
C SER F 11 4.73 39.88 -10.86
N LEU F 12 4.37 39.62 -9.60
CA LEU F 12 3.43 40.56 -9.08
C LEU F 12 3.60 41.67 -8.08
N MET F 13 3.52 42.72 -8.90
CA MET F 13 3.34 44.10 -8.47
C MET F 13 1.94 44.17 -7.86
N HIS F 14 1.00 43.24 -8.12
CA HIS F 14 -0.33 43.25 -7.53
C HIS F 14 -0.55 41.96 -6.75
N HIS F 15 -0.75 42.12 -5.42
CA HIS F 15 -0.85 41.12 -4.34
C HIS F 15 -1.03 41.76 -2.98
N SER F 16 -2.14 41.35 -2.42
CA SER F 16 -2.58 41.69 -1.06
C SER F 16 -1.49 41.62 -0.01
N THR F 17 -1.29 42.43 1.06
CA THR F 17 -0.30 42.00 2.05
C THR F 17 -0.67 40.63 2.57
N ARG F 18 -1.98 40.28 2.52
CA ARG F 18 -2.52 38.95 2.85
C ARG F 18 -2.02 37.84 1.91
N GLU F 19 -1.92 37.94 0.57
CA GLU F 19 -1.38 36.85 -0.26
C GLU F 19 0.12 36.70 -0.07
N LEU F 20 0.84 37.82 0.05
CA LEU F 20 2.27 37.79 0.26
C LEU F 20 2.45 37.12 1.58
N ARG F 21 1.73 37.46 2.66
CA ARG F 21 1.98 36.69 3.84
C ARG F 21 1.64 35.20 3.79
N TYR F 22 0.61 34.83 3.04
CA TYR F 22 0.29 33.43 2.81
C TYR F 22 1.45 32.78 2.10
N LEU F 23 1.93 33.35 1.01
CA LEU F 23 3.06 32.80 0.29
C LEU F 23 4.34 32.65 1.10
N LEU F 24 4.67 33.51 2.07
CA LEU F 24 5.88 33.30 2.86
C LEU F 24 5.67 32.36 4.03
N ASP F 25 4.42 32.23 4.54
CA ASP F 25 4.17 31.30 5.58
C ASP F 25 4.31 29.98 4.86
N LEU F 26 3.66 29.76 3.72
CA LEU F 26 3.81 28.47 3.06
C LEU F 26 5.24 28.11 2.74
N SER F 27 6.16 29.00 2.31
CA SER F 27 7.51 28.55 2.03
C SER F 27 8.27 28.27 3.32
N ARG F 28 7.86 28.92 4.40
CA ARG F 28 8.52 28.70 5.67
C ARG F 28 8.22 27.29 6.10
N ASP F 29 6.94 26.91 5.99
CA ASP F 29 6.49 25.60 6.38
C ASP F 29 6.86 24.54 5.41
N LEU F 30 7.09 24.83 4.12
CA LEU F 30 7.57 23.82 3.23
C LEU F 30 9.08 23.60 3.42
N LYS F 31 9.83 24.55 4.04
CA LYS F 31 11.27 24.38 4.27
C LYS F 31 11.44 23.44 5.42
N ARG F 32 10.68 23.81 6.46
CA ARG F 32 10.64 22.96 7.62
C ARG F 32 10.15 21.58 7.23
N ALA F 33 9.24 21.41 6.24
CA ALA F 33 8.73 20.07 5.97
C ALA F 33 9.79 19.21 5.35
N LYS F 34 10.66 19.79 4.52
CA LYS F 34 11.70 19.03 3.86
C LYS F 34 12.64 18.49 4.93
N TYR F 35 13.18 19.40 5.77
CA TYR F 35 14.12 19.06 6.82
C TYR F 35 13.87 18.02 7.89
N THR F 36 12.58 17.98 8.18
CA THR F 36 11.96 17.12 9.15
C THR F 36 11.44 15.86 8.51
N GLY F 37 11.32 15.83 7.18
CA GLY F 37 10.78 14.65 6.49
C GLY F 37 9.28 14.41 6.68
N THR F 38 8.60 15.49 6.97
CA THR F 38 7.20 15.60 7.12
C THR F 38 6.64 15.95 5.74
N GLU F 39 7.44 16.28 4.71
CA GLU F 39 6.95 16.65 3.39
C GLU F 39 6.25 15.54 2.65
N GLN F 40 5.03 15.77 2.18
CA GLN F 40 4.25 14.83 1.38
C GLN F 40 4.28 15.33 -0.08
N GLN F 41 4.33 14.49 -1.11
CA GLN F 41 4.33 14.96 -2.48
C GLN F 41 2.94 15.30 -2.98
N HIS F 42 2.58 16.57 -3.17
CA HIS F 42 1.29 16.97 -3.70
C HIS F 42 1.28 17.43 -5.16
N LEU F 43 2.30 17.09 -5.96
CA LEU F 43 2.33 17.41 -7.38
C LEU F 43 2.68 16.16 -8.18
N LYS F 44 2.38 14.97 -7.66
CA LYS F 44 2.72 13.72 -8.36
C LYS F 44 1.96 13.74 -9.65
N ARG F 45 2.60 13.35 -10.75
CA ARG F 45 1.91 13.20 -12.04
C ARG F 45 1.66 14.57 -12.67
N LYS F 46 2.35 15.66 -12.30
CA LYS F 46 2.21 16.99 -12.89
C LYS F 46 3.49 17.20 -13.70
N ASN F 47 3.52 17.65 -14.95
CA ASN F 47 4.76 17.80 -15.70
C ASN F 47 4.94 19.26 -15.99
N ILE F 48 6.04 19.96 -15.66
CA ILE F 48 6.10 21.36 -16.03
C ILE F 48 7.23 21.48 -17.05
N ALA F 49 7.14 22.50 -17.92
CA ALA F 49 8.04 22.82 -19.05
C ALA F 49 8.88 23.99 -18.57
N LEU F 50 10.11 24.22 -18.96
CA LEU F 50 10.88 25.33 -18.41
C LEU F 50 11.48 25.93 -19.64
N ILE F 51 10.98 27.05 -20.16
CA ILE F 51 11.49 27.67 -21.36
C ILE F 51 12.47 28.71 -20.84
N PHE F 52 13.78 28.56 -21.02
CA PHE F 52 14.68 29.58 -20.53
C PHE F 52 15.31 30.31 -21.71
N GLU F 53 15.06 31.60 -21.99
CA GLU F 53 15.73 32.30 -23.08
C GLU F 53 17.12 32.70 -22.60
N LYS F 54 17.44 33.16 -21.38
CA LYS F 54 18.86 33.28 -21.05
C LYS F 54 19.17 32.04 -20.17
N THR F 55 20.33 31.39 -20.31
CA THR F 55 20.75 30.34 -19.38
C THR F 55 20.88 30.94 -17.98
N SER F 56 20.25 30.30 -16.99
CA SER F 56 20.32 30.70 -15.59
C SER F 56 20.31 29.49 -14.65
N THR F 57 21.41 28.80 -14.50
CA THR F 57 21.51 27.60 -13.68
C THR F 57 20.93 27.62 -12.30
N ARG F 58 21.18 28.64 -11.50
CA ARG F 58 20.65 28.75 -10.17
C ARG F 58 19.14 28.85 -10.21
N THR F 59 18.52 29.37 -11.27
CA THR F 59 17.07 29.42 -11.24
C THR F 59 16.47 28.17 -11.86
N ARG F 60 17.15 27.56 -12.80
CA ARG F 60 16.75 26.27 -13.29
C ARG F 60 16.87 25.32 -12.09
N CYS F 61 18.02 25.05 -11.45
CA CYS F 61 18.07 24.13 -10.32
C CYS F 61 17.02 24.36 -9.26
N ALA F 62 16.70 25.61 -8.88
CA ALA F 62 15.64 25.85 -7.92
C ALA F 62 14.32 25.35 -8.48
N PHE F 63 13.94 25.57 -9.75
CA PHE F 63 12.68 25.02 -10.26
C PHE F 63 12.78 23.51 -10.26
N GLU F 64 13.85 22.96 -10.80
CA GLU F 64 14.03 21.55 -10.90
C GLU F 64 13.97 20.85 -9.55
N VAL F 65 14.77 21.12 -8.52
CA VAL F 65 14.63 20.52 -7.22
C VAL F 65 13.26 20.75 -6.61
N ALA F 66 12.62 21.93 -6.68
CA ALA F 66 11.29 22.10 -6.09
C ALA F 66 10.23 21.25 -6.74
N ALA F 67 10.25 21.21 -8.07
CA ALA F 67 9.30 20.42 -8.80
C ALA F 67 9.49 18.95 -8.49
N TYR F 68 10.74 18.47 -8.38
CA TYR F 68 11.03 17.10 -8.04
C TYR F 68 10.68 16.69 -6.64
N ASP F 69 10.91 17.49 -5.62
CA ASP F 69 10.56 17.07 -4.30
C ASP F 69 9.07 16.74 -4.17
N GLN F 70 8.28 17.50 -4.92
CA GLN F 70 6.88 17.35 -4.90
C GLN F 70 6.46 16.32 -5.93
N GLY F 71 7.23 15.33 -6.33
CA GLY F 71 6.78 14.42 -7.36
C GLY F 71 6.49 14.98 -8.77
N ALA F 72 6.72 16.23 -9.19
CA ALA F 72 6.42 16.61 -10.56
C ALA F 72 7.54 16.21 -11.50
N ASN F 73 7.43 16.51 -12.79
CA ASN F 73 8.46 16.15 -13.75
C ASN F 73 8.76 17.36 -14.57
N VAL F 74 9.97 17.56 -15.10
CA VAL F 74 10.33 18.85 -15.66
C VAL F 74 10.89 18.68 -17.06
N THR F 75 10.51 19.43 -18.09
CA THR F 75 11.19 19.36 -19.39
C THR F 75 12.02 20.62 -19.50
N TYR F 76 13.35 20.69 -19.39
CA TYR F 76 14.05 21.94 -19.62
C TYR F 76 14.22 22.20 -21.12
N ILE F 77 13.82 23.38 -21.59
CA ILE F 77 13.92 23.79 -22.97
C ILE F 77 14.83 24.99 -22.92
N ASP F 78 16.01 24.85 -23.52
CA ASP F 78 17.05 25.86 -23.66
C ASP F 78 16.93 27.29 -24.10
N PRO F 79 18.03 28.06 -24.04
CA PRO F 79 18.29 29.08 -25.02
C PRO F 79 18.75 28.46 -26.32
N ASN F 80 19.66 27.48 -26.37
CA ASN F 80 20.15 27.01 -27.69
C ASN F 80 19.12 26.58 -28.70
N SER F 81 17.94 26.09 -28.31
CA SER F 81 17.06 25.52 -29.31
C SER F 81 15.57 25.50 -28.97
N SER F 82 15.20 26.74 -28.72
CA SER F 82 13.84 27.16 -28.57
C SER F 82 13.98 28.39 -29.44
N GLN F 83 14.04 28.24 -30.77
CA GLN F 83 14.20 29.42 -31.61
C GLN F 83 12.85 30.17 -31.68
N ILE F 84 12.46 30.77 -30.53
CA ILE F 84 11.12 31.31 -30.31
C ILE F 84 10.65 32.32 -31.31
N GLY F 85 11.21 33.52 -31.36
CA GLY F 85 10.69 34.47 -32.33
C GLY F 85 11.03 34.02 -33.74
N HIS F 86 11.89 33.00 -33.94
CA HIS F 86 12.41 32.71 -35.26
C HIS F 86 11.36 32.50 -36.32
N LYS F 87 10.64 31.40 -36.17
CA LYS F 87 9.65 31.01 -37.11
C LYS F 87 8.41 30.50 -36.36
N GLU F 88 8.23 30.86 -35.08
CA GLU F 88 7.03 30.37 -34.48
C GLU F 88 6.22 31.42 -33.75
N SER F 89 6.63 32.04 -32.64
CA SER F 89 5.88 33.04 -31.87
C SER F 89 5.35 32.43 -30.62
N MET F 90 5.68 33.06 -29.50
CA MET F 90 5.21 32.70 -28.18
C MET F 90 3.73 32.37 -28.15
N LYS F 91 2.89 33.14 -28.86
CA LYS F 91 1.45 32.89 -28.85
C LYS F 91 1.13 31.53 -29.41
N ASP F 92 1.78 31.13 -30.50
CA ASP F 92 1.57 29.82 -31.08
C ASP F 92 2.25 28.70 -30.36
N THR F 93 3.39 28.92 -29.72
CA THR F 93 3.97 27.76 -29.08
C THR F 93 3.41 27.64 -27.66
N ALA F 94 2.89 28.66 -26.95
CA ALA F 94 2.26 28.47 -25.65
C ALA F 94 0.99 27.66 -25.85
N ARG F 95 0.24 27.89 -26.93
CA ARG F 95 -0.95 27.11 -27.15
C ARG F 95 -0.62 25.64 -27.36
N VAL F 96 0.50 25.31 -28.03
CA VAL F 96 0.80 23.90 -28.14
C VAL F 96 1.23 23.41 -26.77
N LEU F 97 2.20 24.06 -26.13
CA LEU F 97 2.68 23.60 -24.83
C LEU F 97 1.69 23.61 -23.65
N GLY F 98 0.61 24.39 -23.56
CA GLY F 98 -0.32 24.22 -22.47
C GLY F 98 -1.16 22.97 -22.75
N ARG F 99 -1.07 22.41 -23.94
CA ARG F 99 -1.81 21.18 -24.14
C ARG F 99 -1.00 20.00 -23.68
N MET F 100 0.32 20.04 -23.69
CA MET F 100 1.02 18.92 -23.14
C MET F 100 1.44 19.12 -21.71
N TYR F 101 1.84 20.31 -21.24
CA TYR F 101 2.28 20.51 -19.87
C TYR F 101 1.20 20.92 -18.91
N ASP F 102 1.54 21.01 -17.62
CA ASP F 102 0.60 21.36 -16.56
C ASP F 102 0.83 22.74 -16.01
N ALA F 103 1.98 23.33 -16.24
CA ALA F 103 2.32 24.66 -15.78
C ALA F 103 3.52 25.03 -16.61
N ILE F 104 4.03 26.26 -16.72
CA ILE F 104 5.22 26.50 -17.57
C ILE F 104 6.11 27.46 -16.81
N GLY F 105 7.43 27.31 -16.74
CA GLY F 105 8.26 28.27 -16.04
C GLY F 105 8.92 29.09 -17.11
N TYR F 106 9.05 30.39 -16.93
CA TYR F 106 9.67 31.14 -17.99
C TYR F 106 10.74 32.03 -17.46
N ARG F 107 11.77 32.16 -18.29
CA ARG F 107 12.84 33.04 -17.94
C ARG F 107 13.57 33.51 -19.18
N GLY F 108 13.27 34.76 -19.47
CA GLY F 108 13.74 35.41 -20.65
C GLY F 108 14.02 36.82 -20.23
N PHE F 109 14.31 37.64 -21.22
CA PHE F 109 14.64 39.02 -20.91
C PHE F 109 13.38 39.88 -20.86
N LYS F 110 12.67 39.70 -21.96
CA LYS F 110 11.62 40.61 -22.32
C LYS F 110 10.26 40.42 -21.69
N GLN F 111 10.03 40.79 -20.42
CA GLN F 111 8.74 40.64 -19.73
C GLN F 111 7.53 40.74 -20.64
N GLU F 112 7.53 41.66 -21.64
CA GLU F 112 6.51 41.72 -22.67
C GLU F 112 6.15 40.28 -23.16
N ILE F 113 7.10 39.42 -23.60
CA ILE F 113 6.85 38.01 -23.98
C ILE F 113 6.22 37.13 -22.90
N VAL F 114 6.65 37.23 -21.63
CA VAL F 114 6.08 36.47 -20.52
C VAL F 114 4.57 36.63 -20.55
N GLU F 115 4.12 37.87 -20.78
CA GLU F 115 2.70 38.14 -20.86
C GLU F 115 2.05 37.38 -22.00
N GLU F 116 2.61 37.20 -23.21
CA GLU F 116 1.95 36.39 -24.24
C GLU F 116 1.74 34.96 -23.79
N LEU F 117 2.80 34.43 -23.20
CA LEU F 117 2.86 33.08 -22.69
C LEU F 117 1.74 32.95 -21.68
N ALA F 118 1.70 33.85 -20.71
CA ALA F 118 0.70 33.80 -19.67
C ALA F 118 -0.68 33.95 -20.27
N LYS F 119 -0.83 34.75 -21.33
CA LYS F 119 -2.15 35.00 -21.85
C LYS F 119 -2.75 33.82 -22.60
N PHE F 120 -1.96 33.20 -23.49
CA PHE F 120 -2.40 32.11 -24.35
C PHE F 120 -2.13 30.70 -23.88
N ALA F 121 -1.19 30.43 -23.00
CA ALA F 121 -0.87 29.06 -22.65
C ALA F 121 -2.04 28.21 -22.18
N GLY F 122 -2.92 28.72 -21.32
CA GLY F 122 -4.06 27.96 -20.85
C GLY F 122 -3.77 27.22 -19.56
N VAL F 123 -2.57 27.39 -18.98
CA VAL F 123 -2.17 26.63 -17.81
C VAL F 123 -1.29 27.53 -16.93
N PRO F 124 -1.19 27.54 -15.59
CA PRO F 124 -0.26 28.40 -14.84
C PRO F 124 1.08 28.77 -15.45
N VAL F 125 1.37 30.04 -15.61
CA VAL F 125 2.70 30.38 -16.12
C VAL F 125 3.43 31.07 -14.98
N PHE F 126 4.61 30.60 -14.65
CA PHE F 126 5.32 31.15 -13.51
C PHE F 126 6.48 31.86 -14.12
N ASN F 127 6.49 33.15 -13.92
CA ASN F 127 7.66 33.84 -14.37
C ASN F 127 8.78 33.52 -13.40
N GLY F 128 9.70 32.64 -13.81
CA GLY F 128 10.92 32.44 -13.07
C GLY F 128 11.57 33.83 -13.03
N LEU F 129 11.67 34.57 -14.15
CA LEU F 129 12.06 35.99 -14.24
C LEU F 129 12.33 36.62 -15.62
N THR F 130 12.49 37.95 -15.61
CA THR F 130 12.84 38.77 -16.77
C THR F 130 13.58 39.99 -16.25
N ASP F 131 13.86 41.03 -17.05
CA ASP F 131 14.53 42.27 -16.61
C ASP F 131 13.71 43.03 -15.58
N GLU F 132 12.41 43.10 -15.88
CA GLU F 132 11.36 43.70 -15.06
C GLU F 132 11.47 43.00 -13.70
N TYR F 133 11.87 41.72 -13.76
CA TYR F 133 12.30 41.02 -12.56
C TYR F 133 11.20 40.60 -11.62
N HIS F 134 11.84 39.72 -10.83
CA HIS F 134 11.53 38.90 -9.67
C HIS F 134 10.64 39.08 -8.44
N PRO F 135 9.43 38.59 -8.61
CA PRO F 135 8.66 38.04 -7.55
C PRO F 135 9.34 36.99 -6.64
N THR F 136 10.12 35.97 -7.06
CA THR F 136 10.60 35.00 -6.07
C THR F 136 11.89 35.33 -5.38
N GLN F 137 12.86 36.09 -5.94
CA GLN F 137 14.02 36.38 -5.10
C GLN F 137 13.47 37.39 -4.11
N MET F 138 12.43 38.20 -4.43
CA MET F 138 11.80 39.04 -3.41
C MET F 138 11.32 38.33 -2.16
N LEU F 139 10.56 37.24 -2.31
CA LEU F 139 10.08 36.48 -1.17
C LEU F 139 11.15 35.56 -0.61
N ALA F 140 12.20 35.15 -1.35
CA ALA F 140 13.30 34.36 -0.79
C ALA F 140 14.01 35.22 0.25
N ASP F 141 14.48 36.41 -0.11
CA ASP F 141 15.12 37.30 0.83
C ASP F 141 14.29 37.61 2.01
N VAL F 142 13.01 37.96 1.88
CA VAL F 142 12.35 38.27 3.12
C VAL F 142 12.11 36.97 3.87
N LEU F 143 11.93 35.77 3.23
CA LEU F 143 11.90 34.49 3.96
C LEU F 143 13.23 34.44 4.70
N THR F 144 14.35 34.87 4.12
CA THR F 144 15.61 34.78 4.82
C THR F 144 15.75 35.77 5.96
N MET F 145 15.24 37.00 5.78
CA MET F 145 15.43 37.94 6.85
C MET F 145 14.60 37.47 8.03
N ARG F 146 13.43 36.90 7.73
CA ARG F 146 12.57 36.52 8.81
C ARG F 146 13.01 35.31 9.59
N GLU F 147 13.61 34.30 8.98
CA GLU F 147 14.00 33.19 9.81
C GLU F 147 15.27 33.24 10.57
N HIS F 148 16.10 34.13 10.06
CA HIS F 148 17.39 34.30 10.65
C HIS F 148 17.27 35.28 11.78
N SER F 149 16.53 36.39 11.66
CA SER F 149 16.47 37.34 12.75
C SER F 149 15.59 36.85 13.89
N ASP F 150 14.64 35.96 13.57
CA ASP F 150 13.72 35.38 14.53
C ASP F 150 12.74 36.39 15.17
N LYS F 151 12.59 37.54 14.48
CA LYS F 151 11.76 38.68 14.86
C LYS F 151 10.50 38.67 14.00
N PRO F 152 9.37 39.29 14.33
CA PRO F 152 8.19 39.37 13.45
C PRO F 152 8.55 40.11 12.18
N LEU F 153 7.93 39.98 11.00
CA LEU F 153 8.34 40.81 9.85
C LEU F 153 8.57 42.30 10.18
N HIS F 154 7.58 43.02 10.71
CA HIS F 154 7.76 44.41 11.12
C HIS F 154 8.83 44.74 12.16
N ASP F 155 9.76 43.90 12.61
CA ASP F 155 10.81 44.40 13.48
C ASP F 155 12.07 44.02 12.74
N ILE F 156 12.04 44.00 11.41
CA ILE F 156 13.25 43.67 10.69
C ILE F 156 13.50 44.94 9.93
N SER F 157 14.71 45.43 10.00
CA SER F 157 15.08 46.55 9.17
C SER F 157 16.29 46.15 8.36
N TYR F 158 16.48 46.68 7.18
CA TYR F 158 17.61 46.31 6.35
C TYR F 158 18.01 47.44 5.41
N ALA F 159 19.18 47.46 4.78
CA ALA F 159 19.59 48.55 3.92
C ALA F 159 20.08 48.00 2.61
N TYR F 160 19.99 48.78 1.54
CA TYR F 160 20.45 48.33 0.25
C TYR F 160 21.52 49.33 -0.13
N LEU F 161 22.74 48.97 -0.53
CA LEU F 161 23.71 49.98 -0.83
C LEU F 161 24.13 50.06 -2.29
N GLY F 162 23.60 51.16 -2.82
CA GLY F 162 23.98 51.73 -4.10
C GLY F 162 23.73 51.08 -5.43
N ASP F 163 22.95 51.91 -6.11
CA ASP F 163 22.39 51.79 -7.46
C ASP F 163 21.08 51.16 -7.10
N ALA F 164 20.22 52.01 -6.56
CA ALA F 164 18.94 51.48 -6.23
C ALA F 164 18.11 51.66 -7.50
N ARG F 165 18.56 51.20 -8.67
CA ARG F 165 17.80 51.39 -9.91
C ARG F 165 17.80 50.10 -10.66
N ASN F 166 19.00 49.52 -10.90
CA ASN F 166 19.19 48.11 -11.19
C ASN F 166 18.36 47.57 -9.99
N ASN F 167 17.19 47.11 -10.43
CA ASN F 167 16.02 46.95 -9.59
C ASN F 167 15.97 46.03 -8.39
N MET F 168 17.07 45.43 -7.92
CA MET F 168 17.04 44.76 -6.63
C MET F 168 16.74 45.85 -5.59
N GLY F 169 17.15 47.09 -5.91
CA GLY F 169 16.83 48.26 -5.15
C GLY F 169 15.34 48.47 -5.17
N ASN F 170 14.66 48.35 -6.31
CA ASN F 170 13.20 48.53 -6.34
C ASN F 170 12.42 47.41 -5.71
N SER F 171 12.93 46.20 -5.84
CA SER F 171 12.16 45.10 -5.40
C SER F 171 12.36 45.04 -3.91
N LEU F 172 13.53 45.36 -3.36
CA LEU F 172 13.60 45.39 -1.92
C LEU F 172 12.72 46.49 -1.34
N LEU F 173 12.70 47.72 -1.85
CA LEU F 173 11.80 48.76 -1.38
C LEU F 173 10.32 48.35 -1.52
N LEU F 174 9.93 47.71 -2.62
CA LEU F 174 8.55 47.32 -2.83
C LEU F 174 8.10 46.37 -1.73
N ILE F 175 8.86 45.30 -1.44
CA ILE F 175 8.34 44.39 -0.47
C ILE F 175 8.56 44.92 0.93
N GLY F 176 9.66 45.60 1.30
CA GLY F 176 9.70 46.24 2.61
C GLY F 176 8.45 47.12 2.85
N ALA F 177 7.95 47.80 1.81
CA ALA F 177 6.79 48.66 1.94
C ALA F 177 5.50 47.88 2.18
N LYS F 178 5.18 46.85 1.40
CA LYS F 178 3.94 46.13 1.64
C LYS F 178 3.94 45.33 2.93
N LEU F 179 5.08 44.91 3.47
CA LEU F 179 5.02 44.07 4.65
C LEU F 179 5.32 44.85 5.92
N GLY F 180 5.58 46.14 5.79
CA GLY F 180 5.75 46.96 6.97
C GLY F 180 7.04 46.77 7.71
N MET F 181 8.11 46.50 6.96
CA MET F 181 9.41 46.35 7.58
C MET F 181 10.01 47.74 7.55
N ASP F 182 11.24 47.90 8.04
CA ASP F 182 11.92 49.17 8.04
C ASP F 182 13.01 49.11 6.97
N VAL F 183 12.69 49.56 5.76
CA VAL F 183 13.64 49.49 4.66
C VAL F 183 14.39 50.79 4.33
N ARG F 184 15.72 50.82 4.35
CA ARG F 184 16.50 52.02 4.06
C ARG F 184 17.30 51.89 2.79
N ILE F 185 17.24 52.76 1.78
CA ILE F 185 18.13 52.59 0.63
C ILE F 185 19.30 53.57 0.71
N ALA F 186 20.53 53.17 0.41
CA ALA F 186 21.69 54.04 0.51
C ALA F 186 22.40 54.13 -0.82
N ALA F 187 22.06 55.12 -1.63
CA ALA F 187 22.70 55.25 -2.93
C ALA F 187 22.85 56.73 -3.26
N PRO F 188 23.71 57.17 -4.18
CA PRO F 188 23.82 58.55 -4.57
C PRO F 188 22.52 58.97 -5.29
N LYS F 189 21.94 60.14 -5.03
CA LYS F 189 20.70 60.64 -5.65
C LYS F 189 20.50 60.44 -7.14
N ALA F 190 21.56 60.34 -7.94
CA ALA F 190 21.42 60.06 -9.37
C ALA F 190 20.91 58.65 -9.65
N LEU F 191 20.90 57.84 -8.58
CA LEU F 191 20.65 56.41 -8.59
C LEU F 191 19.60 55.94 -7.59
N TRP F 192 18.66 56.79 -7.23
CA TRP F 192 17.55 56.42 -6.35
C TRP F 192 16.44 55.80 -7.22
N PRO F 193 15.43 55.05 -6.76
CA PRO F 193 14.34 54.54 -7.61
C PRO F 193 13.60 55.74 -8.25
N HIS F 194 12.97 55.85 -9.46
CA HIS F 194 12.41 57.18 -9.75
C HIS F 194 11.22 57.35 -8.84
N ASP F 195 11.32 58.57 -8.37
CA ASP F 195 10.40 59.13 -7.43
C ASP F 195 8.94 58.80 -7.68
N GLU F 196 8.35 58.54 -8.87
CA GLU F 196 6.94 58.14 -8.81
C GLU F 196 6.81 56.75 -8.18
N PHE F 197 7.81 55.87 -8.39
CA PHE F 197 7.85 54.56 -7.75
C PHE F 197 8.10 54.84 -6.28
N VAL F 198 9.04 55.65 -5.76
CA VAL F 198 9.06 55.87 -4.32
C VAL F 198 7.69 56.41 -3.87
N ALA F 199 6.95 57.19 -4.67
CA ALA F 199 5.65 57.68 -4.23
C ALA F 199 4.72 56.51 -4.02
N GLN F 200 4.84 55.47 -4.85
CA GLN F 200 4.01 54.28 -4.68
C GLN F 200 4.46 53.61 -3.41
N CYS F 201 5.75 53.29 -3.28
CA CYS F 201 6.23 52.68 -2.07
C CYS F 201 5.84 53.49 -0.87
N LYS F 202 5.57 54.80 -0.94
CA LYS F 202 5.10 55.45 0.25
C LYS F 202 3.62 55.26 0.49
N LYS F 203 2.80 55.15 -0.57
CA LYS F 203 1.37 54.86 -0.46
C LYS F 203 1.29 53.59 0.38
N PHE F 204 1.92 52.52 -0.14
CA PHE F 204 2.03 51.25 0.55
C PHE F 204 2.57 51.35 1.96
N ALA F 205 3.71 52.02 2.09
CA ALA F 205 4.37 52.12 3.39
C ALA F 205 3.55 52.70 4.51
N GLU F 206 2.41 53.30 4.19
CA GLU F 206 1.57 53.94 5.17
C GLU F 206 0.46 53.08 5.72
N GLU F 207 -0.06 52.20 4.84
CA GLU F 207 -1.13 51.31 5.21
C GLU F 207 -0.49 50.34 6.22
N SER F 208 0.67 49.75 5.92
CA SER F 208 1.47 48.97 6.88
C SER F 208 2.29 49.95 7.72
N GLY F 209 3.00 49.67 8.80
CA GLY F 209 3.81 50.73 9.41
C GLY F 209 5.19 50.82 8.74
N ALA F 210 5.34 50.87 7.43
CA ALA F 210 6.68 50.71 6.90
C ALA F 210 7.56 51.96 6.94
N LYS F 211 8.82 51.95 7.37
CA LYS F 211 9.65 53.15 7.31
C LYS F 211 10.52 53.05 6.06
N LEU F 212 10.61 54.07 5.18
CA LEU F 212 11.47 54.05 4.01
C LEU F 212 12.48 55.19 4.05
N THR F 213 13.78 55.12 4.41
CA THR F 213 14.59 56.32 4.20
C THR F 213 15.13 56.17 2.77
N LEU F 214 15.82 57.15 2.22
CA LEU F 214 16.58 57.01 0.99
C LEU F 214 17.64 58.05 1.31
N THR F 215 18.87 57.67 1.57
CA THR F 215 19.93 58.61 1.90
C THR F 215 20.99 58.46 0.81
N GLU F 216 22.22 58.98 0.97
CA GLU F 216 23.37 58.82 0.07
C GLU F 216 24.58 58.55 0.95
N ASP F 217 24.33 58.49 2.26
CA ASP F 217 25.32 58.28 3.29
C ASP F 217 25.21 56.83 3.77
N PRO F 218 26.03 55.84 3.36
CA PRO F 218 26.06 54.49 3.91
C PRO F 218 26.05 54.37 5.41
N LYS F 219 27.07 54.78 6.15
CA LYS F 219 27.10 54.64 7.61
C LYS F 219 25.78 55.01 8.32
N GLU F 220 25.02 55.92 7.73
CA GLU F 220 23.73 56.31 8.26
C GLU F 220 22.71 55.22 7.95
N ALA F 221 22.54 54.97 6.65
CA ALA F 221 21.56 54.01 6.13
C ALA F 221 21.61 52.67 6.86
N VAL F 222 22.82 52.20 7.02
CA VAL F 222 23.08 50.95 7.68
C VAL F 222 23.06 51.02 9.20
N LYS F 223 22.60 52.09 9.89
CA LYS F 223 22.75 52.16 11.33
C LYS F 223 21.73 51.28 12.03
N GLY F 224 22.21 50.40 12.92
CA GLY F 224 21.34 49.48 13.69
C GLY F 224 20.39 48.52 12.94
N VAL F 225 20.70 48.26 11.70
CA VAL F 225 19.93 47.41 10.82
C VAL F 225 20.25 45.96 11.17
N ASP F 226 19.46 45.01 10.70
CA ASP F 226 19.74 43.57 10.80
C ASP F 226 19.98 43.31 9.32
N PHE F 227 20.96 42.71 8.62
CA PHE F 227 20.90 42.50 7.15
C PHE F 227 21.14 43.79 6.35
N VAL F 228 22.24 43.72 5.60
CA VAL F 228 22.83 44.75 4.73
C VAL F 228 22.76 44.03 3.38
N HIS F 229 22.21 44.58 2.30
CA HIS F 229 22.09 43.90 0.99
C HIS F 229 22.91 44.64 0.00
N THR F 230 23.52 44.00 -0.97
CA THR F 230 24.12 44.77 -2.04
C THR F 230 23.95 43.98 -3.33
N ASP F 231 24.53 44.42 -4.44
CA ASP F 231 24.44 43.71 -5.70
C ASP F 231 25.44 44.21 -6.72
N VAL F 232 25.91 43.42 -7.69
CA VAL F 232 26.97 43.84 -8.62
C VAL F 232 26.40 45.00 -9.39
N TRP F 233 27.11 46.13 -9.34
CA TRP F 233 26.75 47.32 -10.10
C TRP F 233 27.49 47.55 -11.41
N VAL F 234 28.53 46.79 -11.74
CA VAL F 234 29.27 47.04 -12.96
C VAL F 234 28.56 46.20 -14.00
N SER F 235 28.25 46.77 -15.17
CA SER F 235 27.57 46.06 -16.23
C SER F 235 28.54 45.48 -17.24
N MET F 236 28.82 44.20 -16.96
CA MET F 236 29.56 43.31 -17.83
C MET F 236 29.06 43.59 -19.24
N GLY F 237 29.92 44.08 -20.11
CA GLY F 237 29.45 44.32 -21.46
C GLY F 237 29.58 45.77 -21.82
N GLU F 238 29.02 46.74 -21.09
CA GLU F 238 29.21 48.16 -21.42
C GLU F 238 30.72 48.23 -21.09
N PRO F 239 31.57 48.37 -22.14
CA PRO F 239 32.71 47.49 -22.39
C PRO F 239 33.39 47.04 -21.12
N VAL F 240 34.28 47.86 -20.57
CA VAL F 240 35.00 47.61 -19.33
C VAL F 240 36.02 48.71 -19.16
N GLU F 241 36.70 49.01 -20.27
CA GLU F 241 37.58 50.16 -20.41
C GLU F 241 36.69 51.28 -19.99
N ALA F 242 37.21 51.71 -18.85
CA ALA F 242 36.55 52.72 -18.10
C ALA F 242 35.15 52.31 -17.69
N TRP F 243 35.15 51.48 -16.66
CA TRP F 243 33.97 51.53 -15.84
C TRP F 243 34.27 52.76 -14.99
N GLY F 244 35.56 53.09 -14.73
CA GLY F 244 36.04 54.30 -14.07
C GLY F 244 35.03 55.25 -13.44
N GLU F 245 34.16 55.98 -14.16
CA GLU F 245 33.20 56.84 -13.46
C GLU F 245 32.24 56.03 -12.62
N ARG F 246 31.63 54.95 -13.15
CA ARG F 246 30.76 54.08 -12.36
C ARG F 246 31.55 53.61 -11.14
N ILE F 247 32.80 53.19 -11.35
CA ILE F 247 33.57 52.70 -10.23
C ILE F 247 33.87 53.83 -9.27
N LYS F 248 33.98 55.08 -9.69
CA LYS F 248 34.29 56.12 -8.73
C LYS F 248 33.01 56.43 -7.97
N GLU F 249 31.84 56.25 -8.58
CA GLU F 249 30.57 56.54 -7.92
C GLU F 249 30.19 55.59 -6.83
N LEU F 250 30.08 54.33 -7.21
CA LEU F 250 29.54 53.42 -6.26
C LEU F 250 30.61 52.91 -5.33
N LEU F 251 31.91 53.16 -5.58
CA LEU F 251 32.92 52.60 -4.71
C LEU F 251 32.79 53.13 -3.26
N PRO F 252 32.23 54.30 -2.87
CA PRO F 252 31.95 54.57 -1.48
C PRO F 252 30.94 53.58 -0.91
N TYR F 253 29.95 53.11 -1.68
CA TYR F 253 28.92 52.15 -1.25
C TYR F 253 29.31 50.67 -1.24
N GLN F 254 30.61 50.40 -1.17
CA GLN F 254 31.15 49.06 -1.23
C GLN F 254 30.73 48.38 0.07
N VAL F 255 29.94 47.31 0.20
CA VAL F 255 29.75 46.78 1.55
C VAL F 255 31.09 46.20 1.97
N ASN F 256 31.67 46.64 3.09
CA ASN F 256 32.93 46.07 3.55
C ASN F 256 32.98 46.06 5.07
N MET F 257 34.01 45.52 5.72
CA MET F 257 34.00 45.46 7.19
C MET F 257 33.85 46.79 7.90
N GLU F 258 33.99 47.95 7.25
CA GLU F 258 33.76 49.22 7.91
C GLU F 258 32.25 49.26 7.88
N ILE F 259 31.56 49.30 6.72
CA ILE F 259 30.09 49.29 6.65
C ILE F 259 29.40 48.24 7.50
N MET F 260 29.92 47.01 7.54
CA MET F 260 29.30 45.96 8.34
C MET F 260 29.47 46.33 9.80
N LYS F 261 30.67 46.68 10.29
CA LYS F 261 30.84 47.08 11.68
C LYS F 261 30.13 48.41 11.96
N ALA F 262 29.90 49.20 10.91
CA ALA F 262 29.23 50.48 10.98
C ALA F 262 27.81 50.31 11.38
N THR F 263 27.23 49.12 11.11
CA THR F 263 25.89 48.87 11.57
C THR F 263 26.07 48.82 13.08
N GLY F 264 24.98 48.92 13.81
CA GLY F 264 25.22 48.89 15.24
C GLY F 264 25.57 47.51 15.75
N ASN F 265 25.12 46.47 15.05
CA ASN F 265 24.85 45.29 15.84
C ASN F 265 25.61 44.04 15.51
N PRO F 266 26.12 43.20 16.45
CA PRO F 266 26.98 42.06 16.14
C PRO F 266 26.29 40.92 15.41
N ARG F 267 25.01 41.07 15.10
CA ARG F 267 24.27 40.05 14.43
C ARG F 267 23.87 40.55 13.06
N ALA F 268 24.25 41.76 12.59
CA ALA F 268 23.89 42.18 11.25
C ALA F 268 24.48 41.14 10.28
N LYS F 269 23.77 40.81 9.17
CA LYS F 269 24.22 39.89 8.14
C LYS F 269 24.23 40.55 6.77
N PHE F 270 25.00 40.02 5.86
CA PHE F 270 25.16 40.56 4.54
C PHE F 270 24.33 39.65 3.63
N MET F 271 23.68 40.14 2.61
CA MET F 271 22.95 39.28 1.71
C MET F 271 23.25 39.80 0.32
N HIS F 272 23.13 38.99 -0.73
CA HIS F 272 23.50 39.42 -2.07
C HIS F 272 22.82 38.48 -3.07
N CYS F 273 21.93 38.69 -4.05
CA CYS F 273 21.48 37.53 -4.84
C CYS F 273 22.52 37.19 -5.91
N LEU F 274 23.55 36.44 -5.50
CA LEU F 274 24.68 36.02 -6.31
C LEU F 274 24.64 36.11 -7.86
N PRO F 275 25.66 36.38 -8.69
CA PRO F 275 27.08 36.26 -8.40
C PRO F 275 27.59 37.53 -7.75
N ALA F 276 28.56 37.42 -6.88
CA ALA F 276 29.05 38.58 -6.21
C ALA F 276 30.46 38.62 -6.66
N PHE F 277 30.83 39.78 -7.19
CA PHE F 277 32.18 40.09 -7.53
C PHE F 277 32.85 40.37 -6.22
N HIS F 278 33.58 39.38 -5.75
CA HIS F 278 34.18 39.60 -4.48
C HIS F 278 35.64 39.24 -4.40
N ASN F 279 36.28 39.04 -5.56
CA ASN F 279 37.71 38.78 -5.61
C ASN F 279 38.12 38.48 -7.03
N SER F 280 39.41 38.27 -7.25
CA SER F 280 39.88 38.06 -8.60
C SER F 280 39.80 36.65 -9.14
N GLU F 281 39.46 35.63 -8.34
CA GLU F 281 39.43 34.23 -8.78
C GLU F 281 38.37 33.81 -9.79
N THR F 282 38.20 34.61 -10.83
CA THR F 282 37.23 34.37 -11.86
C THR F 282 37.88 35.05 -13.06
N LYS F 283 37.41 34.78 -14.26
CA LYS F 283 38.05 35.34 -15.42
C LYS F 283 37.56 36.78 -15.62
N VAL F 284 36.27 37.13 -15.42
CA VAL F 284 35.86 38.54 -15.40
C VAL F 284 36.71 39.22 -14.31
N GLY F 285 36.80 38.56 -13.17
CA GLY F 285 37.49 39.13 -12.02
C GLY F 285 38.99 39.19 -12.12
N LYS F 286 39.63 38.76 -13.20
CA LYS F 286 41.04 39.02 -13.33
C LYS F 286 41.21 40.19 -14.29
N GLN F 287 40.33 40.30 -15.30
CA GLN F 287 40.27 41.42 -16.21
C GLN F 287 40.26 42.70 -15.40
N ILE F 288 39.16 42.90 -14.67
CA ILE F 288 38.94 44.08 -13.82
C ILE F 288 40.09 44.33 -12.88
N ALA F 289 40.48 43.31 -12.11
CA ALA F 289 41.64 43.40 -11.24
C ALA F 289 42.86 43.88 -11.99
N GLU F 290 43.09 43.59 -13.28
CA GLU F 290 44.22 44.18 -13.97
C GLU F 290 43.95 45.65 -14.17
N GLN F 291 42.88 45.99 -14.91
CA GLN F 291 42.61 47.39 -15.17
C GLN F 291 42.34 48.18 -13.89
N TYR F 292 42.09 47.52 -12.76
CA TYR F 292 41.80 48.22 -11.54
C TYR F 292 42.37 47.33 -10.47
N PRO F 293 43.59 47.68 -10.13
CA PRO F 293 44.26 47.08 -9.02
C PRO F 293 43.47 47.24 -7.75
N ASN F 294 42.78 48.36 -7.49
CA ASN F 294 42.25 48.46 -6.15
C ASN F 294 40.94 47.72 -5.96
N LEU F 295 40.37 47.17 -7.04
CA LEU F 295 39.24 46.27 -6.90
C LEU F 295 40.00 44.96 -6.76
N ALA F 296 39.84 43.83 -7.45
CA ALA F 296 40.80 42.70 -7.21
C ALA F 296 40.83 42.19 -5.79
N ASN F 297 39.63 42.24 -5.21
CA ASN F 297 39.40 41.91 -3.82
C ASN F 297 37.99 42.17 -3.36
N GLY F 298 37.26 42.67 -4.35
CA GLY F 298 35.85 42.71 -4.21
C GLY F 298 35.40 44.03 -4.72
N ILE F 299 34.53 43.96 -5.71
CA ILE F 299 34.02 45.18 -6.24
C ILE F 299 32.92 45.58 -5.30
N GLU F 300 31.69 45.05 -5.27
CA GLU F 300 30.64 45.57 -4.40
C GLU F 300 30.51 44.93 -3.03
N VAL F 301 31.39 43.97 -2.73
CA VAL F 301 31.43 43.28 -1.45
C VAL F 301 32.90 42.96 -1.36
N THR F 302 33.59 43.13 -0.24
CA THR F 302 34.98 42.73 -0.24
C THR F 302 35.04 41.29 0.23
N GLU F 303 36.03 40.49 -0.17
CA GLU F 303 36.20 39.18 0.42
C GLU F 303 36.25 39.28 1.93
N ASP F 304 36.76 40.37 2.56
CA ASP F 304 36.85 40.43 4.03
C ASP F 304 35.44 40.31 4.63
N VAL F 305 34.38 40.65 3.87
CA VAL F 305 33.05 40.31 4.31
C VAL F 305 32.46 39.07 3.66
N PHE F 306 32.61 38.89 2.34
CA PHE F 306 32.01 37.74 1.70
C PHE F 306 32.50 36.45 2.33
N GLU F 307 33.79 36.19 2.43
CA GLU F 307 34.17 34.90 2.92
C GLU F 307 34.50 34.91 4.39
N SER F 308 33.51 35.32 5.22
CA SER F 308 33.55 35.12 6.68
C SER F 308 32.31 35.63 7.44
N PRO F 309 31.75 34.99 8.50
CA PRO F 309 30.32 34.79 8.88
C PRO F 309 29.22 35.82 8.89
N TYR F 310 29.47 36.99 8.35
CA TYR F 310 28.43 37.98 8.16
C TYR F 310 27.67 37.51 6.95
N ASN F 311 28.08 36.46 6.28
CA ASN F 311 27.56 36.19 4.97
C ASN F 311 26.59 35.05 4.97
N ILE F 312 25.29 35.35 4.79
CA ILE F 312 24.30 34.31 4.63
C ILE F 312 23.91 34.31 3.16
N ALA F 313 24.77 34.61 2.17
CA ALA F 313 24.28 34.58 0.79
C ALA F 313 23.86 33.20 0.30
N PHE F 314 24.41 32.09 0.81
CA PHE F 314 24.05 30.78 0.30
C PHE F 314 22.82 30.17 0.90
N GLU F 315 22.53 30.44 2.19
CA GLU F 315 21.27 30.07 2.83
C GLU F 315 20.19 30.87 2.09
N GLN F 316 20.38 32.16 1.81
CA GLN F 316 19.42 32.89 0.99
C GLN F 316 19.32 32.30 -0.41
N ALA F 317 20.39 31.90 -1.09
CA ALA F 317 20.28 31.25 -2.38
C ALA F 317 19.43 29.97 -2.36
N GLU F 318 19.54 29.13 -1.33
CA GLU F 318 18.70 27.96 -1.13
C GLU F 318 17.24 28.33 -0.96
N ASN F 319 16.93 29.28 -0.08
CA ASN F 319 15.59 29.80 0.12
C ASN F 319 14.80 30.20 -1.10
N ARG F 320 15.46 30.22 -2.23
CA ARG F 320 14.81 30.52 -3.47
C ARG F 320 14.11 29.28 -4.03
N MET F 321 14.60 28.11 -3.63
CA MET F 321 14.01 26.82 -3.95
C MET F 321 12.79 26.58 -3.09
N HIS F 322 12.83 26.92 -1.78
CA HIS F 322 11.68 26.67 -0.96
C HIS F 322 10.62 27.64 -1.38
N THR F 323 10.87 28.88 -1.86
CA THR F 323 9.82 29.75 -2.40
C THR F 323 9.19 29.26 -3.71
N ILE F 324 9.97 28.83 -4.70
CA ILE F 324 9.37 28.36 -5.92
C ILE F 324 8.56 27.12 -5.59
N LYS F 325 8.95 26.29 -4.63
CA LYS F 325 8.05 25.25 -4.21
C LYS F 325 6.79 25.86 -3.60
N ALA F 326 6.77 27.00 -2.86
CA ALA F 326 5.51 27.56 -2.34
C ALA F 326 4.61 27.97 -3.46
N ILE F 327 5.19 28.58 -4.51
CA ILE F 327 4.47 28.94 -5.74
C ILE F 327 4.04 27.68 -6.48
N LEU F 328 4.74 26.54 -6.67
CA LEU F 328 4.15 25.43 -7.40
C LEU F 328 3.05 24.81 -6.53
N VAL F 329 3.23 24.67 -5.21
CA VAL F 329 2.19 24.07 -4.41
C VAL F 329 1.00 24.97 -4.28
N SER F 330 0.96 26.30 -4.17
CA SER F 330 -0.36 26.94 -4.10
C SER F 330 -1.07 27.15 -5.43
N THR F 331 -0.34 26.98 -6.55
CA THR F 331 -0.91 27.10 -7.89
C THR F 331 -1.51 25.78 -8.36
N LEU F 332 -0.64 24.76 -8.31
CA LEU F 332 -0.91 23.42 -8.79
C LEU F 332 -1.40 22.51 -7.66
N ALA F 333 -0.70 21.83 -6.77
CA ALA F 333 -1.26 20.96 -5.72
C ALA F 333 -2.70 20.87 -5.30
N ASP F 334 -3.00 19.60 -5.01
CA ASP F 334 -4.30 19.15 -4.57
C ASP F 334 -4.47 19.28 -3.07
N ILE F 335 -4.59 20.51 -2.63
CA ILE F 335 -4.82 20.88 -1.25
C ILE F 335 -5.62 22.15 -1.40
N ALA G 1 18.94 -2.79 -20.93
CA ALA G 1 18.52 -3.98 -21.60
C ALA G 1 19.66 -4.98 -21.74
N PHE G 2 19.70 -5.75 -22.83
CA PHE G 2 20.39 -7.01 -23.08
C PHE G 2 19.23 -7.81 -22.53
N ASN G 3 18.50 -8.28 -23.51
CA ASN G 3 17.26 -8.98 -23.28
C ASN G 3 17.03 -9.95 -24.41
N MET G 4 16.14 -10.90 -24.15
CA MET G 4 15.64 -11.80 -25.16
C MET G 4 14.11 -11.81 -25.02
N HIS G 5 13.63 -10.60 -24.70
CA HIS G 5 12.23 -10.25 -24.54
C HIS G 5 11.50 -10.75 -25.75
N ASN G 6 10.37 -11.45 -25.62
CA ASN G 6 9.58 -11.98 -26.72
C ASN G 6 10.09 -13.10 -27.57
N ARG G 7 11.31 -13.50 -27.27
CA ARG G 7 11.88 -14.57 -28.01
C ARG G 7 11.18 -15.88 -27.59
N ASN G 8 10.62 -16.67 -28.52
CA ASN G 8 10.18 -18.03 -28.19
C ASN G 8 11.39 -18.82 -27.69
N LEU G 9 11.27 -19.77 -26.76
CA LEU G 9 12.40 -20.66 -26.56
C LEU G 9 11.89 -21.90 -27.28
N LEU G 10 11.63 -21.99 -28.59
CA LEU G 10 11.14 -23.28 -29.02
C LEU G 10 12.31 -24.15 -29.48
N SER G 11 13.14 -24.52 -28.50
CA SER G 11 14.24 -25.47 -28.67
C SER G 11 15.50 -25.03 -29.39
N LEU G 12 16.36 -24.31 -28.68
CA LEU G 12 17.46 -23.81 -29.45
C LEU G 12 18.91 -24.24 -29.49
N MET G 13 18.92 -24.84 -30.68
CA MET G 13 20.12 -25.23 -31.41
C MET G 13 20.81 -23.92 -31.80
N HIS G 14 20.14 -22.75 -31.83
CA HIS G 14 20.76 -21.48 -32.17
C HIS G 14 20.61 -20.51 -31.01
N HIS G 15 21.77 -20.09 -30.43
CA HIS G 15 22.00 -19.29 -29.22
C HIS G 15 23.47 -19.12 -28.93
N SER G 16 23.80 -17.85 -28.90
CA SER G 16 25.11 -17.31 -28.56
C SER G 16 25.76 -17.97 -27.35
N THR G 17 27.08 -18.26 -27.14
CA THR G 17 27.46 -18.67 -25.79
C THR G 17 27.07 -17.60 -24.80
N ARG G 18 26.97 -16.33 -25.27
CA ARG G 18 26.47 -15.19 -24.50
C ARG G 18 25.00 -15.31 -24.08
N GLU G 19 24.00 -15.76 -24.88
CA GLU G 19 22.63 -15.92 -24.39
C GLU G 19 22.50 -17.08 -23.42
N LEU G 20 23.20 -18.19 -23.71
CA LEU G 20 23.17 -19.35 -22.85
C LEU G 20 23.77 -18.88 -21.56
N ARG G 21 24.90 -18.17 -21.52
CA ARG G 21 25.32 -17.75 -20.21
C ARG G 21 24.41 -16.79 -19.46
N TYR G 22 23.71 -15.90 -20.18
CA TYR G 22 22.72 -15.04 -19.58
C TYR G 22 21.62 -15.90 -18.99
N LEU G 23 21.07 -16.83 -19.74
CA LEU G 23 20.03 -17.71 -19.24
C LEU G 23 20.42 -18.54 -18.02
N LEU G 24 21.66 -19.00 -17.85
CA LEU G 24 22.01 -19.75 -16.65
C LEU G 24 22.37 -18.86 -15.47
N ASP G 25 22.83 -17.61 -15.73
CA ASP G 25 23.11 -16.72 -14.65
C ASP G 25 21.72 -16.40 -14.16
N LEU G 26 20.77 -16.01 -15.00
CA LEU G 26 19.45 -15.70 -14.49
C LEU G 26 18.80 -16.83 -13.72
N SER G 27 18.90 -18.13 -14.08
CA SER G 27 18.25 -19.14 -13.27
C SER G 27 18.99 -19.36 -11.96
N ARG G 28 20.28 -19.06 -11.96
CA ARG G 28 21.06 -19.22 -10.75
C ARG G 28 20.56 -18.21 -9.74
N ASP G 29 20.40 -16.97 -10.21
CA ASP G 29 19.95 -15.89 -9.38
C ASP G 29 18.49 -15.94 -9.07
N LEU G 30 17.65 -16.58 -9.89
CA LEU G 30 16.27 -16.72 -9.52
C LEU G 30 16.11 -17.87 -8.51
N LYS G 31 17.08 -18.81 -8.38
CA LYS G 31 16.99 -19.91 -7.41
C LYS G 31 17.29 -19.34 -6.06
N ARG G 32 18.41 -18.63 -6.07
CA ARG G 32 18.80 -17.92 -4.87
C ARG G 32 17.70 -16.96 -4.47
N ALA G 33 16.94 -16.33 -5.39
CA ALA G 33 15.96 -15.34 -4.95
C ALA G 33 14.82 -15.99 -4.23
N LYS G 34 14.44 -17.21 -4.64
CA LYS G 34 13.32 -17.89 -4.01
C LYS G 34 13.72 -18.20 -2.58
N TYR G 35 14.87 -18.88 -2.39
CA TYR G 35 15.37 -19.28 -1.08
C TYR G 35 15.59 -18.34 0.07
N THR G 36 15.95 -17.15 -0.38
CA THR G 36 16.24 -15.99 0.41
C THR G 36 15.03 -15.12 0.59
N GLY G 37 14.00 -15.32 -0.23
CA GLY G 37 12.79 -14.47 -0.15
C GLY G 37 12.97 -13.02 -0.65
N THR G 38 13.94 -12.88 -1.51
CA THR G 38 14.29 -11.70 -2.20
C THR G 38 13.50 -11.70 -3.51
N GLU G 39 12.80 -12.79 -3.91
CA GLU G 39 12.06 -12.84 -5.16
C GLU G 39 10.88 -11.91 -5.24
N GLN G 40 10.80 -11.07 -6.27
CA GLN G 40 9.69 -10.17 -6.52
C GLN G 40 8.86 -10.77 -7.68
N GLN G 41 7.53 -10.66 -7.71
CA GLN G 41 6.76 -11.20 -8.81
C GLN G 41 6.73 -10.29 -10.02
N HIS G 42 7.41 -10.60 -11.13
CA HIS G 42 7.40 -9.81 -12.34
C HIS G 42 6.54 -10.36 -13.48
N LEU G 43 5.59 -11.26 -13.22
CA LEU G 43 4.67 -11.77 -14.23
C LEU G 43 3.24 -11.68 -13.72
N LYS G 44 2.95 -10.75 -12.81
CA LYS G 44 1.60 -10.63 -12.25
C LYS G 44 0.69 -10.29 -13.39
N ARG G 45 -0.48 -10.92 -13.45
CA ARG G 45 -1.49 -10.56 -14.45
C ARG G 45 -1.12 -11.13 -15.82
N LYS G 46 -0.23 -12.13 -15.96
CA LYS G 46 0.14 -12.77 -17.22
C LYS G 46 -0.51 -14.15 -17.18
N ASN G 47 -1.22 -14.68 -18.18
CA ASN G 47 -1.86 -15.98 -18.08
C ASN G 47 -1.20 -16.88 -19.09
N ILE G 48 -0.65 -18.06 -18.80
CA ILE G 48 -0.08 -18.85 -19.87
C ILE G 48 -0.94 -20.11 -19.98
N ALA G 49 -0.98 -20.72 -21.18
CA ALA G 49 -1.77 -21.90 -21.58
C ALA G 49 -0.78 -23.04 -21.63
N LEU G 50 -1.08 -24.29 -21.38
CA LEU G 50 -0.06 -25.33 -21.38
C LEU G 50 -0.73 -26.41 -22.18
N ILE G 51 -0.39 -26.62 -23.45
CA ILE G 51 -0.99 -27.63 -24.28
C ILE G 51 -0.06 -28.83 -24.15
N PHE G 52 -0.45 -29.91 -23.49
CA PHE G 52 0.45 -31.05 -23.41
C PHE G 52 -0.09 -32.20 -24.24
N GLU G 53 0.51 -32.65 -25.35
CA GLU G 53 0.01 -33.80 -26.10
C GLU G 53 0.47 -35.06 -25.37
N LYS G 54 1.66 -35.26 -24.80
CA LYS G 54 1.82 -36.45 -23.96
C LYS G 54 1.71 -35.94 -22.51
N THR G 55 1.06 -36.66 -21.58
CA THR G 55 1.09 -36.32 -20.16
C THR G 55 2.53 -36.38 -19.67
N SER G 56 2.99 -35.31 -19.00
CA SER G 56 4.32 -35.23 -18.41
C SER G 56 4.31 -34.43 -17.10
N THR G 57 3.87 -35.03 -16.01
CA THR G 57 3.76 -34.36 -14.72
C THR G 57 4.92 -33.55 -14.22
N ARG G 58 6.14 -34.05 -14.28
CA ARG G 58 7.31 -33.33 -13.85
C ARG G 58 7.52 -32.10 -14.70
N THR G 59 7.08 -32.06 -15.96
CA THR G 59 7.31 -30.83 -16.71
C THR G 59 6.13 -29.89 -16.57
N ARG G 60 4.93 -30.41 -16.38
CA ARG G 60 3.81 -29.58 -16.04
C ARG G 60 4.15 -28.96 -14.68
N CYS G 61 4.34 -29.67 -13.56
CA CYS G 61 4.66 -29.03 -12.29
C CYS G 61 5.75 -27.99 -12.34
N ALA G 62 6.85 -28.21 -13.09
CA ALA G 62 7.87 -27.18 -13.22
C ALA G 62 7.28 -25.95 -13.89
N PHE G 63 6.47 -26.02 -14.96
CA PHE G 63 5.89 -24.82 -15.54
C PHE G 63 4.95 -24.20 -14.53
N GLU G 64 4.06 -24.99 -13.94
CA GLU G 64 3.10 -24.52 -13.02
C GLU G 64 3.72 -23.82 -11.81
N VAL G 65 4.60 -24.40 -10.99
CA VAL G 65 5.26 -23.69 -9.92
C VAL G 65 6.04 -22.48 -10.40
N ALA G 66 6.79 -22.49 -11.52
CA ALA G 66 7.50 -21.30 -11.95
C ALA G 66 6.60 -20.15 -12.33
N ALA G 67 5.54 -20.47 -13.06
CA ALA G 67 4.59 -19.46 -13.46
C ALA G 67 3.92 -18.87 -12.25
N TYR G 68 3.56 -19.68 -11.24
CA TYR G 68 2.95 -19.22 -10.03
C TYR G 68 3.82 -18.41 -9.13
N ASP G 69 5.09 -18.74 -8.93
CA ASP G 69 5.90 -17.93 -8.07
C ASP G 69 5.97 -16.48 -8.54
N GLN G 70 5.95 -16.32 -9.86
CA GLN G 70 6.04 -15.05 -10.46
C GLN G 70 4.65 -14.45 -10.61
N GLY G 71 3.64 -14.75 -9.82
CA GLY G 71 2.33 -14.19 -10.06
C GLY G 71 1.61 -14.53 -11.39
N ALA G 72 2.02 -15.41 -12.31
CA ALA G 72 1.22 -15.65 -13.50
C ALA G 72 0.11 -16.64 -13.23
N ASN G 73 -0.70 -16.99 -14.22
CA ASN G 73 -1.79 -17.93 -14.03
C ASN G 73 -1.72 -18.94 -15.12
N VAL G 74 -2.15 -20.19 -14.96
CA VAL G 74 -1.84 -21.22 -15.92
C VAL G 74 -3.10 -21.95 -16.34
N THR G 75 -3.40 -22.21 -17.61
CA THR G 75 -4.54 -23.07 -17.98
C THR G 75 -3.95 -24.39 -18.43
N TYR G 76 -3.97 -25.54 -17.74
CA TYR G 76 -3.47 -26.76 -18.32
C TYR G 76 -4.50 -27.38 -19.27
N ILE G 77 -4.09 -27.69 -20.49
CA ILE G 77 -4.93 -28.29 -21.51
C ILE G 77 -4.25 -29.62 -21.79
N ASP G 78 -4.95 -30.69 -21.45
CA ASP G 78 -4.56 -32.09 -21.65
C ASP G 78 -4.02 -32.75 -22.88
N PRO G 79 -3.62 -34.03 -22.79
CA PRO G 79 -3.78 -34.95 -23.87
C PRO G 79 -5.24 -35.37 -24.00
N ASN G 80 -5.99 -35.71 -22.94
CA ASN G 80 -7.36 -36.22 -23.16
C ASN G 80 -8.30 -35.37 -24.00
N SER G 81 -8.16 -34.05 -24.05
CA SER G 81 -9.18 -33.27 -24.71
C SER G 81 -8.75 -31.90 -25.25
N SER G 82 -7.75 -32.10 -26.09
CA SER G 82 -7.20 -31.09 -26.95
C SER G 82 -7.15 -31.98 -28.18
N GLN G 83 -8.28 -32.29 -28.82
CA GLN G 83 -8.23 -33.16 -29.98
C GLN G 83 -7.67 -32.37 -31.18
N ILE G 84 -6.36 -32.05 -31.10
CA ILE G 84 -5.69 -31.10 -31.98
C ILE G 84 -5.80 -31.39 -33.45
N GLY G 85 -5.16 -32.44 -33.96
CA GLY G 85 -5.27 -32.67 -35.40
C GLY G 85 -6.68 -33.08 -35.76
N HIS G 86 -7.57 -33.39 -34.79
CA HIS G 86 -8.84 -34.01 -35.10
C HIS G 86 -9.67 -33.26 -36.12
N LYS G 87 -10.14 -32.11 -35.69
CA LYS G 87 -11.00 -31.29 -36.49
C LYS G 87 -10.59 -29.82 -36.35
N GLU G 88 -9.35 -29.54 -35.93
CA GLU G 88 -9.03 -28.14 -35.88
C GLU G 88 -7.73 -27.76 -36.53
N SER G 89 -6.53 -28.14 -36.07
CA SER G 89 -5.22 -27.78 -36.65
C SER G 89 -4.56 -26.75 -35.79
N MET G 90 -3.34 -27.06 -35.38
CA MET G 90 -2.48 -26.18 -34.62
C MET G 90 -2.48 -24.76 -35.15
N LYS G 91 -2.46 -24.56 -36.47
CA LYS G 91 -2.43 -23.21 -37.03
C LYS G 91 -3.67 -22.45 -36.65
N ASP G 92 -4.85 -23.07 -36.70
CA ASP G 92 -6.08 -22.42 -36.31
C ASP G 92 -6.28 -22.32 -34.82
N THR G 93 -5.78 -23.25 -34.02
CA THR G 93 -6.07 -23.05 -32.62
C THR G 93 -4.97 -22.19 -32.00
N ALA G 94 -3.73 -22.04 -32.50
CA ALA G 94 -2.76 -21.11 -31.95
C ALA G 94 -3.26 -19.70 -32.18
N ARG G 95 -3.87 -19.42 -33.34
CA ARG G 95 -4.39 -18.09 -33.56
C ARG G 95 -5.49 -17.75 -32.58
N VAL G 96 -6.35 -18.70 -32.19
CA VAL G 96 -7.33 -18.33 -31.20
C VAL G 96 -6.62 -18.15 -29.88
N LEU G 97 -5.84 -19.13 -29.43
CA LEU G 97 -5.16 -19.04 -28.14
C LEU G 97 -4.12 -17.91 -27.97
N GLY G 98 -3.44 -17.33 -28.95
CA GLY G 98 -2.59 -16.20 -28.69
C GLY G 98 -3.47 -14.97 -28.47
N ARG G 99 -4.76 -15.06 -28.76
CA ARG G 99 -5.58 -13.91 -28.46
C ARG G 99 -6.04 -13.95 -27.03
N MET G 100 -6.18 -15.09 -26.40
CA MET G 100 -6.52 -15.05 -25.01
C MET G 100 -5.34 -15.16 -24.09
N TYR G 101 -4.29 -15.95 -24.38
CA TYR G 101 -3.15 -16.09 -23.49
C TYR G 101 -2.02 -15.13 -23.74
N ASP G 102 -1.00 -15.16 -22.88
CA ASP G 102 0.15 -14.28 -22.96
C ASP G 102 1.40 -14.98 -23.41
N ALA G 103 1.45 -16.28 -23.33
CA ALA G 103 2.59 -17.08 -23.74
C ALA G 103 2.03 -18.48 -23.86
N ILE G 104 2.64 -19.51 -24.45
CA ILE G 104 1.98 -20.83 -24.49
C ILE G 104 3.06 -21.86 -24.22
N GLY G 105 2.86 -22.90 -23.42
CA GLY G 105 3.90 -23.89 -23.21
C GLY G 105 3.49 -25.09 -24.02
N TYR G 106 4.42 -25.76 -24.68
CA TYR G 106 3.98 -26.88 -25.46
C TYR G 106 4.82 -28.09 -25.17
N ARG G 107 4.13 -29.22 -25.23
CA ARG G 107 4.81 -30.46 -25.04
C ARG G 107 4.05 -31.60 -25.70
N GLY G 108 4.63 -31.99 -26.81
CA GLY G 108 4.05 -32.97 -27.67
C GLY G 108 5.21 -33.76 -28.20
N PHE G 109 4.91 -34.62 -29.15
CA PHE G 109 5.96 -35.47 -29.68
C PHE G 109 6.68 -34.77 -30.83
N LYS G 110 5.80 -34.34 -31.72
CA LYS G 110 6.20 -33.95 -33.04
C LYS G 110 6.73 -32.55 -33.24
N GLN G 111 7.98 -32.23 -32.85
CA GLN G 111 8.58 -30.89 -33.01
C GLN G 111 8.07 -30.11 -34.21
N GLU G 112 7.86 -30.77 -35.38
CA GLU G 112 7.21 -30.18 -36.53
C GLU G 112 5.99 -29.32 -36.08
N ILE G 113 5.00 -29.84 -35.30
CA ILE G 113 3.87 -29.05 -34.74
C ILE G 113 4.25 -27.85 -33.88
N VAL G 114 5.24 -27.97 -32.99
CA VAL G 114 5.72 -26.87 -32.15
C VAL G 114 5.97 -25.67 -33.03
N GLU G 115 6.60 -25.91 -34.18
CA GLU G 115 6.87 -24.83 -35.11
C GLU G 115 5.59 -24.20 -35.62
N GLU G 116 4.47 -24.87 -35.93
CA GLU G 116 3.25 -24.17 -36.34
C GLU G 116 2.75 -23.23 -35.27
N LEU G 117 2.76 -23.76 -34.05
CA LEU G 117 2.31 -23.06 -32.86
C LEU G 117 3.15 -21.81 -32.76
N ALA G 118 4.47 -21.97 -32.79
CA ALA G 118 5.37 -20.85 -32.66
C ALA G 118 5.15 -19.87 -33.80
N LYS G 119 4.84 -20.36 -35.00
CA LYS G 119 4.74 -19.47 -36.13
C LYS G 119 3.51 -18.58 -36.12
N PHE G 120 2.34 -19.18 -35.84
CA PHE G 120 1.05 -18.51 -35.86
C PHE G 120 0.51 -17.98 -34.56
N ALA G 121 0.93 -18.45 -33.39
CA ALA G 121 0.32 -18.01 -32.15
C ALA G 121 0.30 -16.51 -31.93
N GLY G 122 1.39 -15.78 -32.21
CA GLY G 122 1.42 -14.35 -32.02
C GLY G 122 1.93 -13.95 -30.65
N VAL G 123 2.35 -14.91 -29.82
CA VAL G 123 2.75 -14.63 -28.46
C VAL G 123 3.88 -15.59 -28.07
N PRO G 124 4.92 -15.38 -27.25
CA PRO G 124 5.93 -16.38 -26.89
C PRO G 124 5.52 -17.85 -26.81
N VAL G 125 6.14 -18.72 -27.56
CA VAL G 125 5.79 -20.13 -27.41
C VAL G 125 7.02 -20.81 -26.82
N PHE G 126 6.85 -21.53 -25.72
CA PHE G 126 8.00 -22.12 -25.06
C PHE G 126 7.82 -23.58 -25.28
N ASN G 127 8.77 -24.14 -25.99
CA ASN G 127 8.70 -25.56 -26.10
C ASN G 127 9.13 -26.14 -24.76
N GLY G 128 8.16 -26.63 -23.98
CA GLY G 128 8.47 -27.41 -22.80
C GLY G 128 9.28 -28.59 -23.33
N LEU G 129 8.84 -29.28 -24.41
CA LEU G 129 9.60 -30.29 -25.18
C LEU G 129 8.88 -31.13 -26.24
N THR G 130 9.69 -31.89 -27.00
CA THR G 130 9.25 -32.83 -28.02
C THR G 130 10.32 -33.91 -28.13
N ASP G 131 10.30 -34.82 -29.12
CA ASP G 131 11.32 -35.86 -29.32
C ASP G 131 12.69 -35.27 -29.61
N GLU G 132 12.66 -34.26 -30.49
CA GLU G 132 13.79 -33.45 -30.93
C GLU G 132 14.41 -32.90 -29.64
N TYR G 133 13.52 -32.66 -28.65
CA TYR G 133 13.98 -32.42 -27.30
C TYR G 133 14.58 -31.07 -27.03
N HIS G 134 14.58 -31.03 -25.68
CA HIS G 134 15.02 -30.11 -24.65
C HIS G 134 16.19 -29.14 -24.50
N PRO G 135 15.90 -27.92 -24.89
CA PRO G 135 16.48 -26.76 -24.31
C PRO G 135 16.47 -26.64 -22.77
N THR G 136 15.42 -26.93 -21.98
CA THR G 136 15.54 -26.67 -20.54
C THR G 136 16.13 -27.76 -19.69
N GLN G 137 16.05 -29.07 -20.02
CA GLN G 137 16.73 -30.00 -19.13
C GLN G 137 18.19 -29.77 -19.48
N MET G 138 18.57 -29.33 -20.71
CA MET G 138 19.96 -28.93 -20.96
C MET G 138 20.55 -27.91 -20.03
N LEU G 139 19.85 -26.79 -19.80
CA LEU G 139 20.33 -25.75 -18.89
C LEU G 139 20.07 -26.11 -17.44
N ALA G 140 19.12 -27.00 -17.08
CA ALA G 140 18.94 -27.45 -15.70
C ALA G 140 20.20 -28.20 -15.28
N ASP G 141 20.59 -29.24 -16.02
CA ASP G 141 21.79 -29.98 -15.72
C ASP G 141 23.01 -29.13 -15.64
N VAL G 142 23.27 -28.23 -16.59
CA VAL G 142 24.51 -27.52 -16.40
C VAL G 142 24.32 -26.53 -15.26
N LEU G 143 23.11 -25.98 -14.96
CA LEU G 143 22.89 -25.19 -13.73
C LEU G 143 23.27 -26.13 -12.59
N THR G 144 22.96 -27.42 -12.64
CA THR G 144 23.30 -28.30 -11.54
C THR G 144 24.78 -28.61 -11.45
N MET G 145 25.46 -28.78 -12.59
CA MET G 145 26.85 -29.12 -12.47
C MET G 145 27.57 -27.92 -11.91
N ARG G 146 27.13 -26.73 -12.31
CA ARG G 146 27.84 -25.56 -11.87
C ARG G 146 27.65 -25.20 -10.42
N GLU G 147 26.48 -25.38 -9.83
CA GLU G 147 26.40 -25.00 -8.44
C GLU G 147 26.87 -25.94 -7.39
N HIS G 148 26.93 -27.19 -7.84
CA HIS G 148 27.33 -28.22 -6.96
C HIS G 148 28.83 -28.31 -6.99
N SER G 149 29.51 -28.22 -8.14
CA SER G 149 30.95 -28.35 -8.14
C SER G 149 31.64 -27.11 -7.61
N ASP G 150 30.96 -25.96 -7.70
CA ASP G 150 31.46 -24.67 -7.24
C ASP G 150 32.70 -24.16 -8.01
N LYS G 151 32.89 -24.72 -9.22
CA LYS G 151 33.98 -24.45 -10.15
C LYS G 151 33.45 -23.57 -11.28
N PRO G 152 34.23 -22.81 -12.05
CA PRO G 152 33.73 -22.04 -13.21
C PRO G 152 33.15 -22.99 -14.24
N LEU G 153 32.22 -22.68 -15.16
CA LEU G 153 31.79 -23.68 -16.15
C LEU G 153 32.94 -24.49 -16.79
N HIS G 154 33.91 -23.86 -17.44
CA HIS G 154 35.06 -24.55 -18.00
C HIS G 154 35.95 -25.37 -17.06
N ASP G 155 35.67 -25.67 -15.80
CA ASP G 155 36.54 -26.61 -15.08
C ASP G 155 35.57 -27.67 -14.64
N ILE G 156 34.53 -27.96 -15.41
CA ILE G 156 33.62 -29.00 -15.00
C ILE G 156 33.78 -29.98 -16.14
N SER G 157 33.99 -31.23 -15.79
CA SER G 157 33.99 -32.26 -16.81
C SER G 157 32.97 -33.30 -16.41
N TYR G 158 32.35 -33.98 -17.33
CA TYR G 158 31.34 -34.98 -17.01
C TYR G 158 31.26 -36.06 -18.08
N ALA G 159 30.64 -37.22 -17.86
CA ALA G 159 30.59 -38.27 -18.85
C ALA G 159 29.17 -38.75 -19.02
N TYR G 160 28.83 -39.28 -20.19
CA TYR G 160 27.49 -39.76 -20.41
C TYR G 160 27.69 -41.23 -20.73
N LEU G 161 27.01 -42.20 -20.12
CA LEU G 161 27.28 -43.57 -20.45
C LEU G 161 26.14 -44.31 -21.13
N GLY G 162 26.47 -44.49 -22.41
CA GLY G 162 25.78 -45.38 -23.33
C GLY G 162 24.37 -45.18 -23.81
N ASP G 163 24.44 -45.05 -25.13
CA ASP G 163 23.39 -44.83 -26.12
C ASP G 163 23.43 -43.34 -26.17
N ALA G 164 24.48 -42.87 -26.83
CA ALA G 164 24.56 -41.45 -26.94
C ALA G 164 23.78 -41.13 -28.21
N ARG G 165 22.53 -41.57 -28.38
CA ARG G 165 21.77 -41.30 -29.60
C ARG G 165 20.39 -40.88 -29.21
N ASN G 166 19.71 -41.70 -28.37
CA ASN G 166 18.59 -41.27 -27.55
C ASN G 166 19.29 -40.03 -26.93
N ASN G 167 18.81 -38.92 -27.47
CA ASN G 167 19.50 -37.65 -27.48
C ASN G 167 19.88 -36.91 -26.22
N MET G 168 19.74 -37.46 -25.01
CA MET G 168 20.34 -36.82 -23.84
C MET G 168 21.86 -36.82 -24.09
N GLY G 169 22.32 -37.81 -24.86
CA GLY G 169 23.67 -37.90 -25.33
C GLY G 169 23.96 -36.73 -26.23
N ASN G 170 23.08 -36.37 -27.16
CA ASN G 170 23.33 -35.21 -28.02
C ASN G 170 23.23 -33.87 -27.34
N SER G 171 22.33 -33.78 -26.38
CA SER G 171 22.09 -32.51 -25.81
C SER G 171 23.19 -32.30 -24.81
N LEU G 172 23.68 -33.33 -24.10
CA LEU G 172 24.81 -33.06 -23.25
C LEU G 172 26.04 -32.68 -24.05
N LEU G 173 26.40 -33.35 -25.15
CA LEU G 173 27.51 -32.95 -26.00
C LEU G 173 27.33 -31.53 -26.56
N LEU G 174 26.12 -31.16 -26.99
CA LEU G 174 25.88 -29.85 -27.56
C LEU G 174 26.21 -28.77 -26.54
N ILE G 175 25.69 -28.85 -25.30
CA ILE G 175 25.94 -27.76 -24.42
C ILE G 175 27.33 -27.86 -23.84
N GLY G 176 27.91 -29.03 -23.50
CA GLY G 176 29.32 -29.06 -23.12
C GLY G 176 30.20 -28.34 -24.18
N ALA G 177 29.86 -28.46 -25.48
CA ALA G 177 30.63 -27.84 -26.53
C ALA G 177 30.49 -26.33 -26.55
N LYS G 178 29.29 -25.76 -26.50
CA LYS G 178 29.18 -24.31 -26.53
C LYS G 178 29.69 -23.64 -25.27
N LEU G 179 29.72 -24.29 -24.11
CA LEU G 179 30.13 -23.57 -22.93
C LEU G 179 31.57 -23.89 -22.53
N GLY G 180 32.23 -24.74 -23.30
CA GLY G 180 33.64 -24.98 -23.06
C GLY G 180 33.94 -25.83 -21.85
N MET G 181 33.07 -26.79 -21.57
CA MET G 181 33.30 -27.69 -20.46
C MET G 181 34.06 -28.86 -21.06
N ASP G 182 34.40 -29.87 -20.26
CA ASP G 182 35.10 -31.04 -20.73
C ASP G 182 34.10 -32.18 -20.76
N VAL G 183 33.47 -32.40 -21.91
CA VAL G 183 32.46 -33.45 -22.02
C VAL G 183 32.91 -34.76 -22.67
N ARG G 184 32.78 -35.91 -22.01
CA ARG G 184 33.21 -37.20 -22.55
C ARG G 184 32.04 -38.13 -22.80
N ILE G 185 31.79 -38.71 -23.98
CA ILE G 185 30.69 -39.66 -24.08
C ILE G 185 31.21 -41.09 -24.07
N ALA G 186 30.59 -42.04 -23.37
CA ALA G 186 31.06 -43.41 -23.28
C ALA G 186 30.00 -44.37 -23.76
N ALA G 187 30.02 -44.73 -25.02
CA ALA G 187 29.01 -45.64 -25.54
C ALA G 187 29.64 -46.53 -26.60
N PRO G 188 29.09 -47.68 -26.98
CA PRO G 188 29.63 -48.50 -28.04
C PRO G 188 29.47 -47.76 -29.38
N LYS G 189 30.47 -47.74 -30.27
CA LYS G 189 30.44 -47.06 -31.57
C LYS G 189 29.18 -47.14 -32.41
N ALA G 190 28.37 -48.19 -32.27
CA ALA G 190 27.09 -48.27 -33.00
C ALA G 190 26.07 -47.26 -32.52
N LEU G 191 26.40 -46.62 -31.39
CA LEU G 191 25.55 -45.75 -30.61
C LEU G 191 26.16 -44.39 -30.25
N TRP G 192 27.08 -43.90 -31.06
CA TRP G 192 27.67 -42.58 -30.88
C TRP G 192 26.74 -41.55 -31.55
N PRO G 193 26.75 -40.22 -31.31
CA PRO G 193 25.91 -39.26 -32.03
C PRO G 193 26.24 -39.32 -33.54
N HIS G 194 25.44 -39.12 -34.63
CA HIS G 194 26.09 -39.33 -35.93
C HIS G 194 27.05 -38.17 -36.11
N ASP G 195 28.16 -38.72 -36.56
CA ASP G 195 29.34 -37.97 -36.84
C ASP G 195 29.12 -36.63 -37.51
N GLU G 196 28.10 -36.28 -38.33
CA GLU G 196 28.07 -34.88 -38.76
C GLU G 196 27.72 -33.98 -37.57
N PHE G 197 26.89 -34.47 -36.63
CA PHE G 197 26.58 -33.75 -35.39
C PHE G 197 27.87 -33.75 -34.59
N VAL G 198 28.67 -34.80 -34.34
CA VAL G 198 29.92 -34.58 -33.63
C VAL G 198 30.76 -33.56 -34.40
N ALA G 199 30.71 -33.48 -35.74
CA ALA G 199 31.50 -32.49 -36.46
C ALA G 199 31.06 -31.09 -36.05
N GLN G 200 29.76 -30.92 -35.82
CA GLN G 200 29.26 -29.62 -35.37
C GLN G 200 29.78 -29.39 -33.98
N CYS G 201 29.53 -30.31 -33.05
CA CYS G 201 30.05 -30.16 -31.71
C CYS G 201 31.53 -29.93 -31.73
N LYS G 202 32.31 -30.31 -32.74
CA LYS G 202 33.69 -29.93 -32.70
C LYS G 202 33.94 -28.52 -33.19
N LYS G 203 33.14 -28.02 -34.15
CA LYS G 203 33.22 -26.64 -34.62
C LYS G 203 33.10 -25.79 -33.37
N PHE G 204 31.96 -25.96 -32.67
CA PHE G 204 31.70 -25.30 -31.40
C PHE G 204 32.80 -25.47 -30.37
N ALA G 205 33.18 -26.72 -30.14
CA ALA G 205 34.18 -27.03 -29.13
C ALA G 205 35.51 -26.34 -29.26
N GLU G 206 35.76 -25.71 -30.40
CA GLU G 206 37.02 -25.06 -30.67
C GLU G 206 37.05 -23.58 -30.36
N GLU G 207 35.88 -22.94 -30.56
CA GLU G 207 35.75 -21.52 -30.33
C GLU G 207 35.87 -21.39 -28.80
N SER G 208 35.13 -22.17 -28.01
CA SER G 208 35.31 -22.27 -26.55
C SER G 208 36.47 -23.24 -26.28
N GLY G 209 37.05 -23.46 -25.10
CA GLY G 209 38.09 -24.50 -25.02
C GLY G 209 37.45 -25.87 -24.77
N ALA G 210 36.44 -26.33 -25.49
CA ALA G 210 35.77 -27.53 -25.01
C ALA G 210 36.47 -28.85 -25.35
N LYS G 211 36.65 -29.82 -24.46
CA LYS G 211 37.24 -31.10 -24.84
C LYS G 211 36.10 -32.10 -25.06
N LEU G 212 36.04 -32.85 -26.18
CA LEU G 212 35.00 -33.85 -26.41
C LEU G 212 35.62 -35.23 -26.61
N THR G 213 35.70 -36.23 -25.71
CA THR G 213 36.18 -37.53 -26.18
C THR G 213 34.91 -38.25 -26.64
N LEU G 214 35.01 -39.43 -27.24
CA LEU G 214 33.87 -40.29 -27.48
C LEU G 214 34.63 -41.61 -27.43
N THR G 215 34.46 -42.43 -26.41
CA THR G 215 35.17 -43.69 -26.28
C THR G 215 34.10 -44.78 -26.29
N GLU G 216 34.40 -46.03 -25.91
CA GLU G 216 33.46 -47.15 -25.74
C GLU G 216 33.84 -47.86 -24.44
N ASP G 217 34.85 -47.31 -23.77
CA ASP G 217 35.41 -47.82 -22.54
C ASP G 217 34.90 -46.94 -21.39
N PRO G 218 33.87 -47.28 -20.58
CA PRO G 218 33.47 -46.55 -19.39
C PRO G 218 34.57 -46.13 -18.44
N LYS G 219 35.28 -47.03 -17.76
CA LYS G 219 36.33 -46.64 -16.81
C LYS G 219 37.27 -45.52 -17.30
N GLU G 220 37.45 -45.43 -18.61
CA GLU G 220 38.26 -44.38 -19.20
C GLU G 220 37.47 -43.08 -19.20
N ALA G 221 36.32 -43.12 -19.88
CA ALA G 221 35.44 -41.97 -20.06
C ALA G 221 35.18 -41.22 -18.76
N VAL G 222 34.87 -41.99 -17.75
CA VAL G 222 34.59 -41.48 -16.44
C VAL G 222 35.82 -41.14 -15.61
N LYS G 223 37.07 -41.08 -16.13
CA LYS G 223 38.22 -40.90 -15.26
C LYS G 223 38.34 -39.46 -14.81
N GLY G 224 38.44 -39.25 -13.49
CA GLY G 224 38.58 -37.90 -12.89
C GLY G 224 37.51 -36.82 -13.20
N VAL G 225 36.34 -37.26 -13.59
CA VAL G 225 35.23 -36.41 -13.95
C VAL G 225 34.57 -35.94 -12.65
N ASP G 226 33.72 -34.93 -12.72
CA ASP G 226 32.87 -34.49 -11.60
C ASP G 226 31.53 -34.91 -12.17
N PHE G 227 30.51 -35.64 -11.70
CA PHE G 227 29.24 -35.84 -12.45
C PHE G 227 29.38 -36.82 -13.62
N VAL G 228 28.62 -37.91 -13.46
CA VAL G 228 28.51 -39.09 -14.32
C VAL G 228 27.02 -39.02 -14.68
N HIS G 229 26.58 -39.06 -15.94
CA HIS G 229 25.16 -38.95 -16.32
C HIS G 229 24.74 -40.23 -16.96
N THR G 230 23.52 -40.68 -16.81
CA THR G 230 23.08 -41.80 -17.62
C THR G 230 21.62 -41.59 -17.94
N ASP G 231 20.95 -42.55 -18.58
CA ASP G 231 19.54 -42.44 -18.90
C ASP G 231 18.94 -43.77 -19.31
N VAL G 232 17.63 -44.03 -19.13
CA VAL G 232 17.05 -45.35 -19.40
C VAL G 232 17.23 -45.58 -20.87
N TRP G 233 17.88 -46.70 -21.21
CA TRP G 233 18.06 -47.12 -22.59
C TRP G 233 17.09 -48.17 -23.13
N VAL G 234 16.25 -48.78 -22.31
CA VAL G 234 15.36 -49.82 -22.80
C VAL G 234 14.12 -49.06 -23.24
N SER G 235 13.59 -49.34 -24.43
CA SER G 235 12.41 -48.67 -24.94
C SER G 235 11.15 -49.47 -24.66
N MET G 236 10.55 -49.06 -23.54
CA MET G 236 9.23 -49.48 -23.10
C MET G 236 8.36 -49.52 -24.35
N GLY G 237 7.89 -50.68 -24.73
CA GLY G 237 7.04 -50.70 -25.91
C GLY G 237 7.63 -51.58 -26.98
N GLU G 238 8.87 -51.37 -27.46
CA GLU G 238 9.46 -52.27 -28.46
C GLU G 238 9.58 -53.51 -27.55
N PRO G 239 8.75 -54.55 -27.83
CA PRO G 239 7.88 -55.18 -26.83
C PRO G 239 8.51 -55.25 -25.46
N VAL G 240 9.34 -56.27 -25.22
CA VAL G 240 10.06 -56.47 -23.97
C VAL G 240 10.76 -57.82 -24.07
N GLU G 241 9.99 -58.79 -24.56
CA GLU G 241 10.49 -60.11 -24.93
C GLU G 241 11.61 -59.77 -25.85
N ALA G 242 12.70 -60.15 -25.20
CA ALA G 242 13.99 -59.87 -25.75
C ALA G 242 14.22 -58.39 -25.95
N TRP G 243 14.51 -57.76 -24.82
CA TRP G 243 15.32 -56.59 -24.98
C TRP G 243 16.70 -57.22 -25.11
N GLY G 244 16.95 -58.40 -24.53
CA GLY G 244 18.16 -59.22 -24.67
C GLY G 244 19.35 -58.64 -25.42
N GLU G 245 19.34 -58.41 -26.75
CA GLU G 245 20.53 -57.83 -27.37
C GLU G 245 20.80 -56.43 -26.85
N ARG G 246 19.80 -55.54 -26.78
CA ARG G 246 19.99 -54.20 -26.20
C ARG G 246 20.55 -54.37 -24.79
N ILE G 247 19.97 -55.29 -24.02
CA ILE G 247 20.46 -55.47 -22.66
C ILE G 247 21.87 -56.02 -22.68
N LYS G 248 22.30 -56.79 -23.67
CA LYS G 248 23.65 -57.31 -23.61
C LYS G 248 24.59 -56.18 -24.02
N GLU G 249 24.13 -55.24 -24.85
CA GLU G 249 24.98 -54.13 -25.29
C GLU G 249 25.29 -53.12 -24.25
N LEU G 250 24.23 -52.52 -23.71
CA LEU G 250 24.47 -51.42 -22.85
C LEU G 250 24.76 -51.88 -21.45
N LEU G 251 24.56 -53.17 -21.10
CA LEU G 251 24.78 -53.56 -19.72
C LEU G 251 26.25 -53.36 -19.29
N PRO G 252 27.34 -53.34 -20.09
CA PRO G 252 28.62 -52.89 -19.59
C PRO G 252 28.58 -51.44 -19.14
N TYR G 253 27.81 -50.55 -19.79
CA TYR G 253 27.67 -49.13 -19.45
C TYR G 253 26.73 -48.78 -18.30
N GLN G 254 26.46 -49.75 -17.43
CA GLN G 254 25.52 -49.61 -16.34
C GLN G 254 26.17 -48.63 -15.36
N VAL G 255 25.70 -47.42 -14.99
CA VAL G 255 26.45 -46.70 -13.97
C VAL G 255 26.27 -47.48 -12.68
N ASN G 256 27.35 -47.91 -12.02
CA ASN G 256 27.21 -48.62 -10.75
C ASN G 256 28.37 -48.30 -9.84
N MET G 257 28.43 -48.78 -8.60
CA MET G 257 29.54 -48.40 -7.71
C MET G 257 30.92 -48.72 -8.22
N GLU G 258 31.11 -49.53 -9.27
CA GLU G 258 32.44 -49.76 -9.81
C GLU G 258 32.62 -48.49 -10.62
N ILE G 259 31.82 -48.20 -11.67
CA ILE G 259 31.94 -46.95 -12.44
C ILE G 259 32.03 -45.67 -11.63
N MET G 260 31.24 -45.55 -10.55
CA MET G 260 31.30 -44.34 -9.73
C MET G 260 32.64 -44.32 -9.03
N LYS G 261 33.10 -45.39 -8.37
CA LYS G 261 34.41 -45.40 -7.73
C LYS G 261 35.53 -45.34 -8.78
N ALA G 262 35.22 -45.75 -10.01
CA ALA G 262 36.15 -45.75 -11.12
C ALA G 262 36.52 -44.36 -11.50
N THR G 263 35.65 -43.38 -11.19
CA THR G 263 36.01 -42.01 -11.44
C THR G 263 37.13 -41.79 -10.44
N GLY G 264 37.89 -40.73 -10.62
CA GLY G 264 38.96 -40.58 -9.66
C GLY G 264 38.47 -40.12 -8.30
N ASN G 265 37.34 -39.42 -8.27
CA ASN G 265 37.26 -38.46 -7.19
C ASN G 265 36.14 -38.61 -6.20
N PRO G 266 36.30 -38.44 -4.86
CA PRO G 266 35.26 -38.72 -3.88
C PRO G 266 34.07 -37.78 -3.93
N ARG G 267 34.07 -36.82 -4.85
CA ARG G 267 33.00 -35.88 -4.96
C ARG G 267 32.29 -36.09 -6.28
N ALA G 268 32.63 -37.08 -7.13
CA ALA G 268 31.88 -37.28 -8.36
C ALA G 268 30.42 -37.53 -7.97
N LYS G 269 29.43 -37.04 -8.75
CA LYS G 269 28.01 -37.24 -8.53
C LYS G 269 27.34 -37.87 -9.75
N PHE G 270 26.22 -38.50 -9.55
CA PHE G 270 25.50 -39.20 -10.58
C PHE G 270 24.34 -38.28 -10.94
N MET G 271 23.92 -38.19 -12.18
CA MET G 271 22.77 -37.38 -12.52
C MET G 271 21.98 -38.20 -13.50
N HIS G 272 20.67 -37.97 -13.66
CA HIS G 272 19.85 -38.80 -14.53
C HIS G 272 18.57 -38.02 -14.85
N CYS G 273 18.04 -37.59 -16.00
CA CYS G 273 16.76 -36.85 -15.95
C CYS G 273 15.60 -37.84 -15.82
N LEU G 274 15.33 -38.28 -14.59
CA LEU G 274 14.30 -39.24 -14.22
C LEU G 274 13.16 -39.60 -15.20
N PRO G 275 12.56 -40.80 -15.34
CA PRO G 275 12.54 -41.89 -14.37
C PRO G 275 13.77 -42.76 -14.55
N ALA G 276 14.27 -43.33 -13.48
CA ALA G 276 15.44 -44.13 -13.59
C ALA G 276 14.95 -45.46 -13.16
N PHE G 277 15.21 -46.44 -14.03
CA PHE G 277 14.97 -47.82 -13.74
C PHE G 277 16.09 -48.21 -12.82
N HIS G 278 15.76 -48.27 -11.55
CA HIS G 278 16.81 -48.58 -10.66
C HIS G 278 16.48 -49.64 -9.64
N ASN G 279 15.38 -50.38 -9.85
CA ASN G 279 15.01 -51.49 -9.00
C ASN G 279 13.68 -52.03 -9.43
N SER G 280 13.22 -53.09 -8.77
CA SER G 280 11.98 -53.71 -9.18
C SER G 280 10.70 -53.12 -8.63
N GLU G 281 10.74 -52.17 -7.69
CA GLU G 281 9.54 -51.60 -7.07
C GLU G 281 8.62 -50.74 -7.92
N THR G 282 8.32 -51.20 -9.12
CA THR G 282 7.48 -50.51 -10.06
C THR G 282 6.89 -51.66 -10.85
N LYS G 283 5.84 -51.41 -11.62
CA LYS G 283 5.21 -52.49 -12.33
C LYS G 283 6.00 -52.79 -13.61
N VAL G 284 6.52 -51.79 -14.37
CA VAL G 284 7.44 -52.09 -15.46
C VAL G 284 8.61 -52.88 -14.84
N GLY G 285 9.09 -52.38 -13.70
CA GLY G 285 10.26 -52.96 -13.06
C GLY G 285 10.03 -54.30 -12.39
N LYS G 286 8.85 -54.91 -12.42
CA LYS G 286 8.74 -56.27 -11.96
C LYS G 286 8.70 -57.17 -13.17
N GLN G 287 8.08 -56.71 -14.28
CA GLN G 287 8.07 -57.39 -15.55
C GLN G 287 9.49 -57.78 -15.90
N ILE G 288 10.31 -56.76 -16.16
CA ILE G 288 11.72 -56.92 -16.53
C ILE G 288 12.47 -57.80 -15.56
N ALA G 289 12.40 -57.48 -14.27
CA ALA G 289 12.99 -58.31 -13.24
C ALA G 289 12.57 -59.75 -13.36
N GLU G 290 11.35 -60.11 -13.81
CA GLU G 290 11.04 -61.52 -14.02
C GLU G 290 11.82 -62.01 -15.21
N GLN G 291 11.59 -61.43 -16.40
CA GLN G 291 12.27 -61.90 -17.57
C GLN G 291 13.78 -61.73 -17.48
N TYR G 292 14.29 -60.96 -16.53
CA TYR G 292 15.71 -60.74 -16.41
C TYR G 292 15.93 -60.57 -14.93
N PRO G 293 16.26 -61.69 -14.34
CA PRO G 293 16.69 -61.73 -12.98
C PRO G 293 17.87 -60.82 -12.74
N ASN G 294 18.83 -60.69 -13.66
CA ASN G 294 20.00 -59.97 -13.21
C ASN G 294 19.85 -58.47 -13.29
N LEU G 295 18.74 -57.98 -13.85
CA LEU G 295 18.43 -56.56 -13.76
C LEU G 295 17.65 -56.57 -12.46
N ALA G 296 16.43 -56.08 -12.21
CA ALA G 296 15.81 -56.32 -10.88
C ALA G 296 16.60 -55.78 -9.70
N ASN G 297 17.22 -54.64 -10.01
CA ASN G 297 18.14 -53.96 -9.11
C ASN G 297 18.81 -52.76 -9.72
N GLY G 298 18.44 -52.61 -10.98
CA GLY G 298 18.74 -51.38 -11.64
C GLY G 298 19.20 -51.73 -13.00
N ILE G 299 18.49 -51.19 -13.98
CA ILE G 299 18.89 -51.44 -15.31
C ILE G 299 20.01 -50.46 -15.58
N GLU G 300 19.84 -49.17 -15.85
CA GLU G 300 20.97 -48.29 -16.20
C GLU G 300 21.66 -47.57 -15.06
N VAL G 301 21.20 -47.80 -13.83
CA VAL G 301 21.76 -47.22 -12.63
C VAL G 301 21.46 -48.31 -11.63
N THR G 302 22.36 -48.72 -10.74
CA THR G 302 21.95 -49.72 -9.78
C THR G 302 21.42 -49.00 -8.55
N GLU G 303 20.50 -49.56 -7.79
CA GLU G 303 20.14 -48.97 -6.52
C GLU G 303 21.37 -48.70 -5.68
N ASP G 304 22.48 -49.50 -5.75
CA ASP G 304 23.65 -49.25 -4.89
C ASP G 304 24.21 -47.85 -5.18
N VAL G 305 23.95 -47.28 -6.37
CA VAL G 305 24.23 -45.88 -6.57
C VAL G 305 23.04 -44.96 -6.45
N PHE G 306 21.89 -45.31 -7.03
CA PHE G 306 20.75 -44.42 -6.97
C PHE G 306 20.39 -44.09 -5.53
N GLU G 307 20.15 -45.06 -4.66
CA GLU G 307 19.70 -44.66 -3.36
C GLU G 307 20.81 -44.61 -2.34
N SER G 308 21.83 -43.76 -2.62
CA SER G 308 22.83 -43.35 -1.63
C SER G 308 23.89 -42.35 -2.14
N PRO G 309 24.39 -41.33 -1.39
CA PRO G 309 24.73 -39.92 -1.77
C PRO G 309 25.50 -39.46 -2.98
N TYR G 310 25.77 -40.34 -3.91
CA TYR G 310 26.35 -39.95 -5.18
C TYR G 310 25.21 -39.37 -5.96
N ASN G 311 23.99 -39.39 -5.47
CA ASN G 311 22.87 -39.12 -6.32
C ASN G 311 22.28 -37.77 -6.09
N ILE G 312 22.48 -36.84 -7.04
CA ILE G 312 21.84 -35.55 -6.97
C ILE G 312 20.73 -35.57 -8.02
N ALA G 313 20.04 -36.67 -8.35
CA ALA G 313 19.01 -36.56 -9.38
C ALA G 313 17.83 -35.68 -9.00
N PHE G 314 17.48 -35.52 -7.71
CA PHE G 314 16.32 -34.72 -7.35
C PHE G 314 16.56 -33.25 -7.24
N GLU G 315 17.76 -32.82 -6.81
CA GLU G 315 18.18 -31.42 -6.83
C GLU G 315 18.23 -31.04 -8.32
N GLN G 316 18.77 -31.87 -9.21
CA GLN G 316 18.70 -31.58 -10.64
C GLN G 316 17.26 -31.54 -11.13
N ALA G 317 16.36 -32.44 -10.72
CA ALA G 317 14.96 -32.34 -11.11
C ALA G 317 14.29 -31.02 -10.71
N GLU G 318 14.57 -30.49 -9.52
CA GLU G 318 14.10 -29.18 -9.08
C GLU G 318 14.64 -28.07 -9.95
N ASN G 319 15.94 -28.03 -10.20
CA ASN G 319 16.57 -27.08 -11.10
C ASN G 319 15.97 -26.87 -12.46
N ARG G 320 15.01 -27.72 -12.80
CA ARG G 320 14.31 -27.58 -14.04
C ARG G 320 13.20 -26.55 -13.92
N MET G 321 12.73 -26.33 -12.69
CA MET G 321 11.75 -25.31 -12.36
C MET G 321 12.43 -23.95 -12.32
N HIS G 322 13.64 -23.83 -11.76
CA HIS G 322 14.27 -22.54 -11.70
C HIS G 322 14.67 -22.18 -13.10
N THR G 323 15.02 -23.08 -14.04
CA THR G 323 15.27 -22.71 -15.45
C THR G 323 14.02 -22.26 -16.21
N ILE G 324 12.89 -22.96 -16.11
CA ILE G 324 11.71 -22.51 -16.83
C ILE G 324 11.30 -21.17 -16.25
N LYS G 325 11.50 -20.90 -14.97
CA LYS G 325 11.29 -19.55 -14.52
C LYS G 325 12.29 -18.61 -15.19
N ALA G 326 13.58 -18.94 -15.49
CA ALA G 326 14.47 -18.00 -16.18
C ALA G 326 13.96 -17.69 -17.55
N ILE G 327 13.44 -18.71 -18.26
CA ILE G 327 12.80 -18.55 -19.57
C ILE G 327 11.49 -17.77 -19.41
N LEU G 328 10.56 -17.89 -18.44
CA LEU G 328 9.38 -17.04 -18.45
C LEU G 328 9.80 -15.61 -18.10
N VAL G 329 10.73 -15.39 -17.16
CA VAL G 329 11.11 -14.03 -16.83
C VAL G 329 11.90 -13.40 -17.93
N SER G 330 12.81 -13.95 -18.75
CA SER G 330 13.41 -13.10 -19.77
C SER G 330 12.59 -12.91 -21.04
N THR G 331 11.53 -13.72 -21.22
CA THR G 331 10.63 -13.60 -22.35
C THR G 331 9.51 -12.58 -22.09
N LEU G 332 8.82 -12.84 -20.96
CA LEU G 332 7.66 -12.11 -20.52
C LEU G 332 8.04 -11.00 -19.54
N ALA G 333 8.23 -11.08 -18.23
CA ALA G 333 8.58 -9.96 -17.35
C ALA G 333 9.03 -8.58 -17.77
N ASP G 334 8.51 -7.66 -16.94
CA ASP G 334 8.72 -6.25 -17.06
C ASP G 334 10.00 -5.81 -16.36
N ILE G 335 11.11 -6.17 -16.94
CA ILE G 335 12.44 -5.82 -16.49
C ILE G 335 13.20 -5.76 -17.80
N ALA H 1 -26.68 2.30 -9.34
CA ALA H 1 -26.97 0.99 -9.83
C ALA H 1 -27.50 1.02 -11.26
N PHE H 2 -28.41 0.11 -11.62
CA PHE H 2 -28.81 -0.36 -12.95
C PHE H 2 -27.73 -1.42 -12.95
N ASN H 3 -28.24 -2.58 -12.63
CA ASN H 3 -27.42 -3.75 -12.43
C ASN H 3 -28.24 -4.98 -12.76
N MET H 4 -27.52 -6.07 -12.98
CA MET H 4 -28.12 -7.38 -13.11
C MET H 4 -27.32 -8.32 -12.20
N HIS H 5 -26.95 -7.72 -11.06
CA HIS H 5 -26.23 -8.33 -9.96
C HIS H 5 -26.94 -9.61 -9.62
N ASN H 6 -26.27 -10.75 -9.46
CA ASN H 6 -26.85 -12.03 -9.13
C ASN H 6 -27.73 -12.77 -10.10
N ARG H 7 -27.94 -12.12 -11.23
CA ARG H 7 -28.75 -12.74 -12.22
C ARG H 7 -27.93 -13.88 -12.87
N ASN H 8 -28.44 -15.13 -12.91
CA ASN H 8 -27.82 -16.18 -13.72
C ASN H 8 -27.81 -15.71 -15.17
N LEU H 9 -26.84 -16.05 -16.01
CA LEU H 9 -27.05 -15.82 -17.43
C LEU H 9 -27.35 -17.24 -17.89
N LEU H 10 -28.40 -17.97 -17.50
CA LEU H 10 -28.44 -19.31 -18.07
C LEU H 10 -29.27 -19.29 -19.35
N SER H 11 -28.72 -18.61 -20.36
CA SER H 11 -29.26 -18.59 -21.72
C SER H 11 -30.49 -17.77 -22.02
N LEU H 12 -30.30 -16.46 -22.17
CA LEU H 12 -31.53 -15.72 -22.32
C LEU H 12 -32.15 -15.08 -23.54
N MET H 13 -33.16 -15.93 -23.74
CA MET H 13 -34.29 -15.68 -24.62
C MET H 13 -35.08 -14.54 -23.98
N HIS H 14 -34.93 -14.22 -22.68
CA HIS H 14 -35.63 -13.11 -22.04
C HIS H 14 -34.62 -12.13 -21.47
N HIS H 15 -34.65 -10.88 -22.01
CA HIS H 15 -33.75 -9.73 -21.82
C HIS H 15 -34.15 -8.55 -22.68
N SER H 16 -34.40 -7.50 -21.93
CA SER H 16 -34.71 -6.16 -22.42
C SER H 16 -33.85 -5.70 -23.59
N THR H 17 -34.21 -4.95 -24.67
CA THR H 17 -33.13 -4.45 -25.52
C THR H 17 -32.18 -3.62 -24.68
N ARG H 18 -32.68 -3.04 -23.57
CA ARG H 18 -31.90 -2.31 -22.56
C ARG H 18 -30.87 -3.18 -21.83
N GLU H 19 -31.10 -4.43 -21.37
CA GLU H 19 -30.04 -5.24 -20.74
C GLU H 19 -29.01 -5.70 -21.74
N LEU H 20 -29.45 -6.09 -22.94
CA LEU H 20 -28.56 -6.53 -23.98
C LEU H 20 -27.72 -5.33 -24.29
N ARG H 21 -28.24 -4.11 -24.48
CA ARG H 21 -27.30 -3.06 -24.71
C ARG H 21 -26.33 -2.73 -23.58
N TYR H 22 -26.76 -2.88 -22.32
CA TYR H 22 -25.87 -2.73 -21.19
C TYR H 22 -24.78 -3.77 -21.28
N LEU H 23 -25.12 -5.03 -21.46
CA LEU H 23 -24.13 -6.08 -21.58
C LEU H 23 -23.13 -5.90 -22.72
N LEU H 24 -23.46 -5.33 -23.87
CA LEU H 24 -22.46 -5.12 -24.92
C LEU H 24 -21.66 -3.85 -24.73
N ASP H 25 -22.21 -2.83 -24.03
CA ASP H 25 -21.46 -1.65 -23.77
C ASP H 25 -20.45 -2.16 -22.76
N LEU H 26 -20.83 -2.84 -21.69
CA LEU H 26 -19.83 -3.30 -20.75
C LEU H 26 -18.75 -4.16 -21.36
N SER H 27 -18.98 -5.08 -22.32
CA SER H 27 -17.87 -5.85 -22.85
C SER H 27 -17.00 -5.00 -23.77
N ARG H 28 -17.58 -3.97 -24.34
CA ARG H 28 -16.83 -3.10 -25.22
C ARG H 28 -15.81 -2.36 -24.37
N ASP H 29 -16.29 -1.84 -23.23
CA ASP H 29 -15.45 -1.11 -22.32
C ASP H 29 -14.54 -1.96 -21.52
N LEU H 30 -14.84 -3.25 -21.29
CA LEU H 30 -13.90 -4.09 -20.62
C LEU H 30 -12.81 -4.55 -21.60
N LYS H 31 -13.01 -4.48 -22.94
CA LYS H 31 -12.00 -4.88 -23.92
C LYS H 31 -10.98 -3.79 -23.98
N ARG H 32 -11.55 -2.60 -24.14
CA ARG H 32 -10.72 -1.42 -24.12
C ARG H 32 -9.98 -1.35 -22.80
N ALA H 33 -10.53 -1.79 -21.65
CA ALA H 33 -9.81 -1.60 -20.39
C ALA H 33 -8.60 -2.49 -20.32
N LYS H 34 -8.68 -3.69 -20.90
CA LYS H 34 -7.56 -4.62 -20.86
C LYS H 34 -6.42 -4.00 -21.65
N TYR H 35 -6.69 -3.63 -22.92
CA TYR H 35 -5.70 -3.06 -23.82
C TYR H 35 -4.86 -1.85 -23.51
N THR H 36 -5.54 -1.02 -22.73
CA THR H 36 -5.08 0.24 -22.22
C THR H 36 -4.48 0.10 -20.85
N GLY H 37 -4.74 -1.02 -20.18
CA GLY H 37 -4.23 -1.22 -18.81
C GLY H 37 -4.90 -0.35 -17.72
N THR H 38 -6.11 0.03 -18.04
CA THR H 38 -7.00 0.77 -17.21
C THR H 38 -7.83 -0.26 -16.44
N GLU H 39 -7.77 -1.58 -16.73
CA GLU H 39 -8.56 -2.59 -16.03
C GLU H 39 -8.21 -2.77 -14.58
N GLN H 40 -9.19 -2.68 -13.68
CA GLN H 40 -9.02 -2.90 -12.25
C GLN H 40 -9.63 -4.29 -11.93
N GLN H 41 -9.09 -5.09 -11.01
CA GLN H 41 -9.68 -6.37 -10.69
C GLN H 41 -10.85 -6.26 -9.73
N HIS H 42 -12.10 -6.47 -10.15
CA HIS H 42 -13.26 -6.43 -9.28
C HIS H 42 -13.86 -7.79 -8.91
N LEU H 43 -13.11 -8.89 -9.05
CA LEU H 43 -13.56 -10.21 -8.64
C LEU H 43 -12.50 -10.88 -7.78
N LYS H 44 -11.65 -10.11 -7.10
CA LYS H 44 -10.57 -10.69 -6.29
C LYS H 44 -11.23 -11.50 -5.22
N ARG H 45 -10.72 -12.69 -4.95
CA ARG H 45 -11.21 -13.51 -3.83
C ARG H 45 -12.54 -14.17 -4.19
N LYS H 46 -12.94 -14.30 -5.47
CA LYS H 46 -14.17 -14.97 -5.90
C LYS H 46 -13.70 -16.28 -6.54
N ASN H 47 -14.24 -17.48 -6.27
CA ASN H 47 -13.74 -18.70 -6.87
C ASN H 47 -14.84 -19.26 -7.73
N ILE H 48 -14.70 -19.56 -9.03
CA ILE H 48 -15.83 -20.12 -9.74
C ILE H 48 -15.42 -21.55 -10.13
N ALA H 49 -16.41 -22.43 -10.30
CA ALA H 49 -16.31 -23.87 -10.60
C ALA H 49 -16.67 -23.99 -12.06
N LEU H 50 -16.18 -24.92 -12.87
CA LEU H 50 -16.52 -24.93 -14.28
C LEU H 50 -16.84 -26.38 -14.50
N ILE H 51 -18.10 -26.79 -14.60
CA ILE H 51 -18.48 -28.17 -14.79
C ILE H 51 -18.64 -28.30 -16.30
N PHE H 52 -17.78 -29.01 -17.01
CA PHE H 52 -17.98 -29.13 -18.45
C PHE H 52 -18.37 -30.56 -18.79
N GLU H 53 -19.58 -30.89 -19.26
CA GLU H 53 -19.91 -32.26 -19.65
C GLU H 53 -19.34 -32.51 -21.04
N LYS H 54 -19.32 -31.64 -22.06
CA LYS H 54 -18.52 -31.99 -23.24
C LYS H 54 -17.23 -31.16 -23.10
N THR H 55 -16.04 -31.69 -23.44
CA THR H 55 -14.82 -30.89 -23.51
C THR H 55 -15.00 -29.80 -24.56
N SER H 56 -14.71 -28.55 -24.19
CA SER H 56 -14.77 -27.41 -25.09
C SER H 56 -13.67 -26.38 -24.78
N THR H 57 -12.44 -26.62 -25.19
CA THR H 57 -11.31 -25.76 -24.90
C THR H 57 -11.45 -24.28 -25.12
N ARG H 58 -11.99 -23.84 -26.25
CA ARG H 58 -12.18 -22.45 -26.53
C ARG H 58 -13.16 -21.84 -25.55
N THR H 59 -14.10 -22.59 -24.97
CA THR H 59 -14.99 -21.93 -24.03
C THR H 59 -14.45 -22.02 -22.62
N ARG H 60 -13.71 -23.07 -22.31
CA ARG H 60 -13.00 -23.12 -21.06
C ARG H 60 -11.99 -21.97 -21.10
N CYS H 61 -11.00 -21.87 -22.00
CA CYS H 61 -10.07 -20.75 -21.99
C CYS H 61 -10.70 -19.38 -21.88
N ALA H 62 -11.82 -19.10 -22.57
CA ALA H 62 -12.49 -17.82 -22.41
C ALA H 62 -12.96 -17.65 -20.97
N PHE H 63 -13.55 -18.64 -20.29
CA PHE H 63 -13.94 -18.46 -18.89
C PHE H 63 -12.69 -18.27 -18.06
N GLU H 64 -11.70 -19.14 -18.23
CA GLU H 64 -10.50 -19.09 -17.47
C GLU H 64 -9.77 -17.76 -17.60
N VAL H 65 -9.35 -17.25 -18.76
CA VAL H 65 -8.75 -15.95 -18.88
C VAL H 65 -9.64 -14.83 -18.35
N ALA H 66 -10.97 -14.79 -18.59
CA ALA H 66 -11.79 -13.72 -18.05
C ALA H 66 -11.85 -13.70 -16.54
N ALA H 67 -12.02 -14.88 -15.95
CA ALA H 67 -12.06 -14.99 -14.52
C ALA H 67 -10.74 -14.57 -13.92
N TYR H 68 -9.60 -14.94 -14.52
CA TYR H 68 -8.30 -14.56 -14.06
C TYR H 68 -7.96 -13.11 -14.20
N ASP H 69 -8.30 -12.43 -15.28
CA ASP H 69 -7.97 -11.04 -15.36
C ASP H 69 -8.56 -10.23 -14.22
N GLN H 70 -9.75 -10.66 -13.80
CA GLN H 70 -10.45 -10.00 -12.77
C GLN H 70 -10.04 -10.57 -11.42
N GLY H 71 -8.87 -11.11 -11.19
CA GLY H 71 -8.57 -11.69 -9.89
C GLY H 71 -9.41 -12.89 -9.42
N ALA H 72 -10.33 -13.56 -10.13
CA ALA H 72 -11.02 -14.70 -9.55
C ALA H 72 -10.19 -15.96 -9.65
N ASN H 73 -10.69 -17.11 -9.19
CA ASN H 73 -9.95 -18.35 -9.26
C ASN H 73 -10.85 -19.39 -9.82
N VAL H 74 -10.39 -20.42 -10.53
CA VAL H 74 -11.28 -21.27 -11.28
C VAL H 74 -11.04 -22.73 -10.95
N THR H 75 -12.02 -23.59 -10.68
CA THR H 75 -11.76 -25.03 -10.54
C THR H 75 -12.29 -25.69 -11.80
N TYR H 76 -11.54 -26.19 -12.79
CA TYR H 76 -12.15 -26.88 -13.90
C TYR H 76 -12.49 -28.33 -13.51
N ILE H 77 -13.74 -28.74 -13.73
CA ILE H 77 -14.22 -30.08 -13.44
C ILE H 77 -14.63 -30.61 -14.79
N ASP H 78 -13.91 -31.64 -15.24
CA ASP H 78 -14.12 -32.37 -16.48
C ASP H 78 -15.39 -32.93 -17.05
N PRO H 79 -15.35 -33.48 -18.27
CA PRO H 79 -16.15 -34.61 -18.63
C PRO H 79 -15.59 -35.87 -18.01
N ASN H 80 -14.29 -36.17 -18.02
CA ASN H 80 -13.83 -37.48 -17.50
C ASN H 80 -14.26 -37.86 -16.10
N SER H 81 -14.50 -36.92 -15.18
CA SER H 81 -14.73 -37.33 -13.82
C SER H 81 -15.54 -36.38 -12.94
N SER H 82 -16.71 -36.18 -13.53
CA SER H 82 -17.81 -35.51 -12.93
C SER H 82 -18.84 -36.53 -13.36
N GLN H 83 -18.89 -37.71 -12.74
CA GLN H 83 -19.87 -38.70 -13.18
C GLN H 83 -21.27 -38.29 -12.67
N ILE H 84 -21.80 -37.19 -13.27
CA ILE H 84 -22.97 -36.49 -12.78
C ILE H 84 -24.21 -37.32 -12.61
N GLY H 85 -24.83 -37.80 -13.68
CA GLY H 85 -26.05 -38.57 -13.47
C GLY H 85 -25.72 -39.90 -12.81
N HIS H 86 -24.43 -40.30 -12.70
CA HIS H 86 -24.10 -41.65 -12.31
C HIS H 86 -24.72 -42.10 -11.01
N LYS H 87 -24.25 -41.48 -9.94
CA LYS H 87 -24.67 -41.82 -8.62
C LYS H 87 -24.88 -40.54 -7.81
N GLU H 88 -25.07 -39.38 -8.46
CA GLU H 88 -25.30 -38.24 -7.62
C GLU H 88 -26.49 -37.40 -8.01
N SER H 89 -26.57 -36.69 -9.14
CA SER H 89 -27.69 -35.84 -9.57
C SER H 89 -27.31 -34.40 -9.39
N MET H 90 -27.45 -33.65 -10.48
CA MET H 90 -27.23 -32.22 -10.52
C MET H 90 -27.84 -31.49 -9.34
N LYS H 91 -29.06 -31.87 -8.91
CA LYS H 91 -29.71 -31.19 -7.80
C LYS H 91 -28.91 -31.34 -6.53
N ASP H 92 -28.37 -32.53 -6.25
CA ASP H 92 -27.55 -32.75 -5.08
C ASP H 92 -26.15 -32.24 -5.20
N THR H 93 -25.56 -32.21 -6.39
CA THR H 93 -24.19 -31.72 -6.37
C THR H 93 -24.20 -30.20 -6.54
N ALA H 94 -25.20 -29.50 -7.10
CA ALA H 94 -25.23 -28.04 -7.13
C ALA H 94 -25.37 -27.53 -5.71
N ARG H 95 -26.16 -28.20 -4.86
CA ARG H 95 -26.28 -27.75 -3.49
C ARG H 95 -24.96 -27.86 -2.76
N VAL H 96 -24.13 -28.89 -3.03
CA VAL H 96 -22.86 -28.90 -2.35
C VAL H 96 -22.01 -27.81 -2.95
N LEU H 97 -21.84 -27.77 -4.27
CA LEU H 97 -20.99 -26.76 -4.90
C LEU H 97 -21.41 -25.28 -4.75
N GLY H 98 -22.64 -24.84 -4.52
CA GLY H 98 -22.89 -23.45 -4.26
C GLY H 98 -22.43 -23.14 -2.84
N ARG H 99 -22.12 -24.14 -2.04
CA ARG H 99 -21.62 -23.81 -0.73
C ARG H 99 -20.14 -23.57 -0.78
N MET H 100 -19.39 -24.17 -1.69
CA MET H 100 -18.01 -23.82 -1.75
C MET H 100 -17.69 -22.77 -2.77
N TYR H 101 -18.32 -22.71 -3.96
CA TYR H 101 -18.01 -21.72 -4.97
C TYR H 101 -18.82 -20.45 -4.90
N ASP H 102 -18.49 -19.48 -5.74
CA ASP H 102 -19.16 -18.18 -5.78
C ASP H 102 -20.03 -18.01 -6.99
N ALA H 103 -19.85 -18.80 -8.02
CA ALA H 103 -20.63 -18.74 -9.24
C ALA H 103 -20.35 -20.07 -9.91
N ILE H 104 -21.04 -20.58 -10.94
CA ILE H 104 -20.66 -21.88 -11.51
C ILE H 104 -20.77 -21.75 -13.01
N GLY H 105 -19.86 -22.25 -13.84
CA GLY H 105 -20.03 -22.13 -15.28
C GLY H 105 -20.45 -23.50 -15.75
N TYR H 106 -21.38 -23.60 -16.68
CA TYR H 106 -21.77 -24.92 -17.08
C TYR H 106 -21.76 -25.05 -18.57
N ARG H 107 -21.39 -26.26 -18.98
CA ARG H 107 -21.39 -26.55 -20.38
C ARG H 107 -21.54 -28.05 -20.61
N GLY H 108 -22.75 -28.36 -21.02
CA GLY H 108 -23.16 -29.71 -21.20
C GLY H 108 -24.06 -29.68 -22.41
N PHE H 109 -24.69 -30.81 -22.66
CA PHE H 109 -25.54 -30.89 -23.83
C PHE H 109 -26.95 -30.42 -23.51
N LYS H 110 -27.41 -31.05 -22.44
CA LYS H 110 -28.81 -31.05 -22.11
C LYS H 110 -29.36 -29.87 -21.35
N GLN H 111 -29.58 -28.70 -21.97
CA GLN H 111 -30.12 -27.50 -21.31
C GLN H 111 -31.06 -27.79 -20.15
N GLU H 112 -31.94 -28.81 -20.26
CA GLU H 112 -32.75 -29.29 -19.15
C GLU H 112 -31.90 -29.35 -17.84
N ILE H 113 -30.72 -30.02 -17.78
CA ILE H 113 -29.81 -30.03 -16.61
C ILE H 113 -29.32 -28.66 -16.13
N VAL H 114 -28.95 -27.74 -17.04
CA VAL H 114 -28.51 -26.39 -16.69
C VAL H 114 -29.53 -25.78 -15.76
N GLU H 115 -30.82 -25.98 -16.08
CA GLU H 115 -31.88 -25.46 -15.24
C GLU H 115 -31.84 -26.08 -13.85
N GLU H 116 -31.55 -27.37 -13.59
CA GLU H 116 -31.46 -27.86 -12.22
C GLU H 116 -30.38 -27.15 -11.43
N LEU H 117 -29.24 -27.02 -12.09
CA LEU H 117 -28.06 -26.38 -11.56
C LEU H 117 -28.46 -24.98 -11.16
N ALA H 118 -29.05 -24.24 -12.10
CA ALA H 118 -29.44 -22.88 -11.85
C ALA H 118 -30.46 -22.83 -10.73
N LYS H 119 -31.35 -23.82 -10.64
CA LYS H 119 -32.41 -23.74 -9.67
C LYS H 119 -31.95 -23.96 -8.23
N PHE H 120 -31.13 -24.99 -8.02
CA PHE H 120 -30.66 -25.40 -6.69
C PHE H 120 -29.31 -24.89 -6.25
N ALA H 121 -28.40 -24.48 -7.12
CA ALA H 121 -27.07 -24.10 -6.68
C ALA H 121 -27.02 -23.04 -5.59
N GLY H 122 -27.81 -21.97 -5.66
CA GLY H 122 -27.81 -20.94 -4.65
C GLY H 122 -26.84 -19.81 -4.97
N VAL H 123 -26.18 -19.85 -6.14
CA VAL H 123 -25.17 -18.88 -6.47
C VAL H 123 -25.22 -18.62 -7.98
N PRO H 124 -24.95 -17.48 -8.65
CA PRO H 124 -24.97 -17.35 -10.11
C PRO H 124 -24.57 -18.54 -10.97
N VAL H 125 -25.43 -19.00 -11.85
CA VAL H 125 -24.99 -20.09 -12.72
C VAL H 125 -24.93 -19.51 -14.13
N PHE H 126 -23.80 -19.65 -14.80
CA PHE H 126 -23.65 -19.04 -16.10
C PHE H 126 -23.62 -20.20 -17.04
N ASN H 127 -24.61 -20.22 -17.90
CA ASN H 127 -24.54 -21.24 -18.90
C ASN H 127 -23.47 -20.82 -19.89
N GLY H 128 -22.29 -21.46 -19.82
CA GLY H 128 -21.30 -21.31 -20.86
C GLY H 128 -22.00 -21.77 -22.13
N LEU H 129 -22.71 -22.92 -22.14
CA LEU H 129 -23.62 -23.39 -23.20
C LEU H 129 -24.17 -24.82 -23.16
N THR H 130 -25.13 -25.09 -24.06
CA THR H 130 -25.75 -26.39 -24.27
C THR H 130 -26.21 -26.44 -25.72
N ASP H 131 -26.99 -27.43 -26.18
CA ASP H 131 -27.51 -27.53 -27.55
C ASP H 131 -28.43 -26.37 -27.91
N GLU H 132 -29.30 -26.08 -26.94
CA GLU H 132 -30.27 -24.98 -26.93
C GLU H 132 -29.44 -23.72 -27.19
N TYR H 133 -28.19 -23.75 -26.68
CA TYR H 133 -27.21 -22.77 -27.08
C TYR H 133 -27.37 -21.39 -26.49
N HIS H 134 -26.17 -20.84 -26.76
CA HIS H 134 -25.52 -19.55 -26.57
C HIS H 134 -26.00 -18.10 -26.61
N PRO H 135 -26.35 -17.65 -25.43
CA PRO H 135 -26.20 -16.28 -25.04
C PRO H 135 -24.83 -15.61 -25.28
N THR H 136 -23.63 -16.17 -25.03
CA THR H 136 -22.42 -15.37 -25.21
C THR H 136 -21.81 -15.36 -26.58
N GLN H 137 -21.93 -16.40 -27.44
CA GLN H 137 -21.35 -16.22 -28.77
C GLN H 137 -22.32 -15.25 -29.42
N MET H 138 -23.62 -15.20 -29.06
CA MET H 138 -24.49 -14.14 -29.58
C MET H 138 -24.02 -12.72 -29.38
N LEU H 139 -23.63 -12.35 -28.16
CA LEU H 139 -23.13 -11.02 -27.88
C LEU H 139 -21.68 -10.85 -28.30
N ALA H 140 -20.86 -11.90 -28.45
CA ALA H 140 -19.49 -11.78 -28.98
C ALA H 140 -19.59 -11.29 -30.42
N ASP H 141 -20.32 -12.00 -31.28
CA ASP H 141 -20.50 -11.59 -32.66
C ASP H 141 -21.05 -10.22 -32.80
N VAL H 142 -22.10 -9.83 -32.07
CA VAL H 142 -22.54 -8.49 -32.35
C VAL H 142 -21.54 -7.52 -31.75
N LEU H 143 -20.79 -7.82 -30.64
CA LEU H 143 -19.69 -6.98 -30.18
C LEU H 143 -18.74 -6.89 -31.37
N THR H 144 -18.51 -7.96 -32.14
CA THR H 144 -17.58 -7.88 -33.25
C THR H 144 -18.12 -7.09 -34.42
N MET H 145 -19.41 -7.21 -34.73
CA MET H 145 -19.88 -6.49 -35.88
C MET H 145 -19.81 -5.01 -35.55
N ARG H 146 -20.10 -4.68 -34.29
CA ARG H 146 -20.14 -3.28 -33.96
C ARG H 146 -18.80 -2.60 -33.88
N GLU H 147 -17.74 -3.25 -33.42
CA GLU H 147 -16.50 -2.51 -33.39
C GLU H 147 -15.67 -2.41 -34.62
N HIS H 148 -15.97 -3.36 -35.49
CA HIS H 148 -15.25 -3.43 -36.71
C HIS H 148 -15.92 -2.53 -37.70
N SER H 149 -17.25 -2.47 -37.81
CA SER H 149 -17.86 -1.63 -38.81
C SER H 149 -17.82 -0.16 -38.42
N ASP H 150 -17.73 0.11 -37.12
CA ASP H 150 -17.66 1.46 -36.56
C ASP H 150 -18.94 2.30 -36.78
N LYS H 151 -20.05 1.58 -37.06
CA LYS H 151 -21.38 2.10 -37.33
C LYS H 151 -22.25 1.89 -36.10
N PRO H 152 -23.36 2.59 -35.84
CA PRO H 152 -24.25 2.32 -34.71
C PRO H 152 -24.83 0.92 -34.83
N LEU H 153 -25.28 0.17 -33.81
CA LEU H 153 -25.87 -1.16 -34.08
C LEU H 153 -26.86 -1.19 -35.26
N HIS H 154 -27.93 -0.40 -35.25
CA HIS H 154 -28.86 -0.33 -36.37
C HIS H 154 -28.33 0.08 -37.75
N ASP H 155 -27.05 0.19 -38.07
CA ASP H 155 -26.69 0.42 -39.47
C ASP H 155 -25.76 -0.72 -39.77
N ILE H 156 -25.97 -1.89 -39.16
CA ILE H 156 -25.11 -3.00 -39.47
C ILE H 156 -26.08 -3.98 -40.05
N SER H 157 -25.74 -4.52 -41.20
CA SER H 157 -26.54 -5.59 -41.74
C SER H 157 -25.64 -6.78 -41.97
N TYR H 158 -26.13 -7.99 -41.90
CA TYR H 158 -25.30 -9.17 -42.08
C TYR H 158 -26.11 -10.34 -42.60
N ALA H 159 -25.53 -11.42 -43.14
CA ALA H 159 -26.28 -12.52 -43.68
C ALA H 159 -25.77 -13.82 -43.12
N TYR H 160 -26.61 -14.85 -43.05
CA TYR H 160 -26.18 -16.12 -42.53
C TYR H 160 -26.40 -17.08 -43.68
N LEU H 161 -25.46 -17.91 -44.12
CA LEU H 161 -25.73 -18.76 -45.24
C LEU H 161 -25.78 -20.25 -44.93
N GLY H 162 -27.04 -20.66 -44.99
CA GLY H 162 -27.47 -22.04 -45.03
C GLY H 162 -27.31 -23.01 -43.89
N ASP H 163 -28.54 -23.39 -43.55
CA ASP H 163 -28.98 -24.32 -42.52
C ASP H 163 -29.20 -23.34 -41.41
N ALA H 164 -30.30 -22.61 -41.57
CA ALA H 164 -30.58 -21.67 -40.53
C ALA H 164 -31.40 -22.46 -39.52
N ARG H 165 -30.96 -23.63 -39.04
CA ARG H 165 -31.75 -24.42 -38.09
C ARG H 165 -30.85 -24.88 -37.00
N ASN H 166 -29.72 -25.53 -37.38
CA ASN H 166 -28.53 -25.66 -36.54
C ASN H 166 -28.41 -24.16 -36.18
N ASN H 167 -28.80 -23.95 -34.92
CA ASN H 167 -29.24 -22.68 -34.41
C ASN H 167 -28.35 -21.46 -34.36
N MET H 168 -27.16 -21.43 -34.96
CA MET H 168 -26.44 -20.17 -35.10
C MET H 168 -27.32 -19.29 -36.00
N GLY H 169 -28.11 -19.94 -36.86
CA GLY H 169 -29.11 -19.30 -37.67
C GLY H 169 -30.16 -18.70 -36.78
N ASN H 170 -30.64 -19.39 -35.75
CA ASN H 170 -31.64 -18.81 -34.85
C ASN H 170 -31.12 -17.73 -33.93
N SER H 171 -29.88 -17.89 -33.51
CA SER H 171 -29.39 -16.99 -32.53
C SER H 171 -29.00 -15.75 -33.28
N LEU H 172 -28.47 -15.82 -34.51
CA LEU H 172 -28.23 -14.58 -35.21
C LEU H 172 -29.53 -13.85 -35.51
N LEU H 173 -30.60 -14.49 -36.00
CA LEU H 173 -31.88 -13.83 -36.20
C LEU H 173 -32.44 -13.24 -34.91
N LEU H 174 -32.35 -13.95 -33.78
CA LEU H 174 -32.89 -13.47 -32.52
C LEU H 174 -32.22 -12.15 -32.14
N ILE H 175 -30.88 -12.06 -32.15
CA ILE H 175 -30.31 -10.84 -31.68
C ILE H 175 -30.39 -9.78 -32.75
N GLY H 176 -30.22 -10.03 -34.07
CA GLY H 176 -30.49 -8.99 -35.05
C GLY H 176 -31.90 -8.37 -34.82
N ALA H 177 -32.89 -9.17 -34.42
CA ALA H 177 -34.23 -8.68 -34.21
C ALA H 177 -34.34 -7.78 -32.98
N LYS H 178 -33.84 -8.17 -31.82
CA LYS H 178 -33.96 -7.30 -30.65
C LYS H 178 -33.12 -6.04 -30.74
N LEU H 179 -32.04 -6.00 -31.50
CA LEU H 179 -31.22 -4.80 -31.48
C LEU H 179 -31.46 -3.92 -32.71
N GLY H 180 -32.35 -4.35 -33.58
CA GLY H 180 -32.72 -3.50 -34.70
C GLY H 180 -31.69 -3.39 -35.79
N MET H 181 -30.96 -4.48 -36.03
CA MET H 181 -29.98 -4.48 -37.08
C MET H 181 -30.73 -4.98 -38.31
N ASP H 182 -30.05 -5.11 -39.45
CA ASP H 182 -30.66 -5.60 -40.66
C ASP H 182 -30.14 -7.02 -40.89
N VAL H 183 -30.87 -8.02 -40.41
CA VAL H 183 -30.43 -9.40 -40.54
C VAL H 183 -31.07 -10.21 -41.66
N ARG H 184 -30.30 -10.79 -42.59
CA ARG H 184 -30.84 -11.57 -43.70
C ARG H 184 -30.46 -13.03 -43.62
N ILE H 185 -31.35 -14.03 -43.64
CA ILE H 185 -30.87 -15.41 -43.64
C ILE H 185 -30.94 -16.01 -45.04
N ALA H 186 -29.94 -16.75 -45.52
CA ALA H 186 -29.93 -17.30 -46.86
C ALA H 186 -29.80 -18.81 -46.81
N ALA H 187 -30.90 -19.53 -46.81
CA ALA H 187 -30.83 -20.97 -46.75
C ALA H 187 -31.97 -21.56 -47.59
N PRO H 188 -31.95 -22.82 -48.03
CA PRO H 188 -33.05 -23.42 -48.74
C PRO H 188 -34.25 -23.55 -47.80
N LYS H 189 -35.48 -23.25 -48.21
CA LYS H 189 -36.71 -23.33 -47.39
C LYS H 189 -36.90 -24.52 -46.49
N ALA H 190 -36.32 -25.68 -46.79
CA ALA H 190 -36.40 -26.85 -45.91
C ALA H 190 -35.63 -26.66 -44.61
N LEU H 191 -34.83 -25.59 -44.59
CA LEU H 191 -33.85 -25.27 -43.57
C LEU H 191 -33.93 -23.84 -43.02
N TRP H 192 -35.11 -23.24 -43.04
CA TRP H 192 -35.34 -21.92 -42.46
C TRP H 192 -35.63 -22.11 -40.96
N PRO H 193 -35.56 -21.15 -40.03
CA PRO H 193 -35.93 -21.35 -38.62
C PRO H 193 -37.42 -21.76 -38.54
N HIS H 194 -38.07 -22.57 -37.65
CA HIS H 194 -39.50 -22.79 -37.94
C HIS H 194 -40.19 -21.49 -37.63
N ASP H 195 -41.02 -21.30 -38.63
CA ASP H 195 -41.87 -20.15 -38.74
C ASP H 195 -42.50 -19.68 -37.45
N GLU H 196 -42.83 -20.43 -36.37
CA GLU H 196 -43.34 -19.70 -35.21
C GLU H 196 -42.22 -18.88 -34.57
N PHE H 197 -40.96 -19.37 -34.64
CA PHE H 197 -39.80 -18.62 -34.17
C PHE H 197 -39.64 -17.47 -35.15
N VAL H 198 -39.65 -17.54 -36.49
CA VAL H 198 -39.59 -16.31 -37.27
C VAL H 198 -40.75 -15.39 -36.86
N ALA H 199 -41.93 -15.90 -36.47
CA ALA H 199 -43.02 -15.02 -36.07
C ALA H 199 -42.61 -14.24 -34.83
N GLN H 200 -41.85 -14.87 -33.94
CA GLN H 200 -41.36 -14.17 -32.75
C GLN H 200 -40.37 -13.14 -33.21
N CYS H 201 -39.33 -13.54 -33.95
CA CYS H 201 -38.37 -12.59 -34.45
C CYS H 201 -39.06 -11.48 -35.20
N LYS H 202 -40.27 -11.62 -35.75
CA LYS H 202 -40.87 -10.46 -36.34
C LYS H 202 -41.56 -9.57 -35.32
N LYS H 203 -42.12 -10.13 -34.24
CA LYS H 203 -42.72 -9.37 -33.15
C LYS H 203 -41.63 -8.40 -32.71
N PHE H 204 -40.50 -8.97 -32.28
CA PHE H 204 -39.31 -8.21 -31.90
C PHE H 204 -38.85 -7.22 -32.95
N ALA H 205 -38.69 -7.70 -34.17
CA ALA H 205 -38.18 -6.86 -35.25
C ALA H 205 -38.95 -5.60 -35.53
N GLU H 206 -40.15 -5.47 -34.96
CA GLU H 206 -41.00 -4.33 -35.21
C GLU H 206 -40.88 -3.22 -34.18
N GLU H 207 -40.62 -3.64 -32.93
CA GLU H 207 -40.50 -2.71 -31.84
C GLU H 207 -39.19 -1.94 -32.14
N SER H 208 -38.09 -2.63 -32.44
CA SER H 208 -36.85 -2.01 -32.95
C SER H 208 -37.01 -1.78 -34.46
N GLY H 209 -36.20 -1.09 -35.24
CA GLY H 209 -36.47 -1.07 -36.69
C GLY H 209 -35.83 -2.28 -37.38
N ALA H 210 -35.98 -3.51 -36.93
CA ALA H 210 -35.14 -4.55 -37.52
C ALA H 210 -35.62 -5.09 -38.87
N LYS H 211 -34.80 -5.26 -39.91
CA LYS H 211 -35.26 -5.86 -41.15
C LYS H 211 -34.87 -7.33 -41.14
N LEU H 212 -35.76 -8.31 -41.42
CA LEU H 212 -35.42 -9.72 -41.46
C LEU H 212 -35.72 -10.30 -42.85
N THR H 213 -34.85 -10.54 -43.84
CA THR H 213 -35.35 -11.27 -45.01
C THR H 213 -35.14 -12.75 -44.66
N LEU H 214 -35.59 -13.69 -45.47
CA LEU H 214 -35.22 -15.08 -45.36
C LEU H 214 -35.38 -15.43 -46.83
N THR H 215 -34.31 -15.68 -47.56
CA THR H 215 -34.37 -15.99 -48.98
C THR H 215 -33.80 -17.41 -49.13
N GLU H 216 -33.46 -17.88 -50.34
CA GLU H 216 -32.79 -19.16 -50.63
C GLU H 216 -31.73 -18.87 -51.68
N ASP H 217 -31.62 -17.59 -52.04
CA ASP H 217 -30.72 -17.08 -53.04
C ASP H 217 -29.55 -16.39 -52.32
N PRO H 218 -28.35 -16.96 -52.11
CA PRO H 218 -27.18 -16.28 -51.57
C PRO H 218 -26.86 -14.92 -52.15
N LYS H 219 -26.46 -14.78 -53.42
CA LYS H 219 -26.10 -13.48 -53.98
C LYS H 219 -27.07 -12.33 -53.62
N GLU H 220 -28.32 -12.66 -53.39
CA GLU H 220 -29.32 -11.68 -52.98
C GLU H 220 -29.11 -11.34 -51.51
N ALA H 221 -29.20 -12.38 -50.67
CA ALA H 221 -29.10 -12.27 -49.21
C ALA H 221 -27.91 -11.44 -48.78
N VAL H 222 -26.79 -11.75 -49.38
CA VAL H 222 -25.55 -11.09 -49.11
C VAL H 222 -25.37 -9.75 -49.81
N LYS H 223 -26.38 -9.10 -50.43
CA LYS H 223 -26.12 -7.90 -51.20
C LYS H 223 -25.92 -6.70 -50.30
N GLY H 224 -24.80 -5.99 -50.49
CA GLY H 224 -24.46 -4.78 -49.69
C GLY H 224 -24.39 -4.89 -48.15
N VAL H 225 -24.19 -6.08 -47.66
CA VAL H 225 -24.11 -6.39 -46.26
C VAL H 225 -22.71 -6.00 -45.77
N ASP H 226 -22.50 -5.92 -44.47
CA ASP H 226 -21.17 -5.74 -43.85
C ASP H 226 -21.06 -7.11 -43.21
N PHE H 227 -20.12 -8.07 -43.22
CA PHE H 227 -20.22 -9.32 -42.41
C PHE H 227 -21.22 -10.32 -42.98
N VAL H 228 -20.64 -11.47 -43.36
CA VAL H 228 -21.24 -12.65 -43.98
C VAL H 228 -20.92 -13.70 -42.92
N HIS H 229 -21.86 -14.51 -42.40
CA HIS H 229 -21.59 -15.50 -41.35
C HIS H 229 -21.85 -16.86 -41.91
N THR H 230 -21.13 -17.89 -41.52
CA THR H 230 -21.55 -19.22 -41.91
C THR H 230 -21.23 -20.16 -40.77
N ASP H 231 -21.41 -21.47 -40.93
CA ASP H 231 -21.10 -22.44 -39.89
C ASP H 231 -21.06 -23.86 -40.42
N VAL H 232 -20.31 -24.80 -39.85
CA VAL H 232 -20.17 -26.15 -40.41
C VAL H 232 -21.54 -26.76 -40.37
N TRP H 233 -22.01 -27.20 -41.55
CA TRP H 233 -23.28 -27.90 -41.67
C TRP H 233 -23.23 -29.42 -41.74
N VAL H 234 -22.07 -30.05 -41.85
CA VAL H 234 -22.02 -31.49 -41.96
C VAL H 234 -21.94 -31.98 -40.53
N SER H 235 -22.76 -32.96 -40.15
CA SER H 235 -22.76 -33.49 -38.80
C SER H 235 -21.88 -34.72 -38.67
N MET H 236 -20.66 -34.40 -38.23
CA MET H 236 -19.65 -35.36 -37.82
C MET H 236 -20.39 -36.44 -37.03
N GLY H 237 -20.41 -37.66 -37.52
CA GLY H 237 -21.08 -38.68 -36.75
C GLY H 237 -22.21 -39.28 -37.54
N GLU H 238 -23.20 -38.53 -38.06
CA GLU H 238 -24.26 -39.13 -38.88
C GLU H 238 -23.37 -39.51 -40.09
N PRO H 239 -23.15 -40.83 -40.29
CA PRO H 239 -21.82 -41.42 -40.43
C PRO H 239 -20.86 -40.53 -41.18
N VAL H 240 -20.90 -40.56 -42.51
CA VAL H 240 -20.08 -39.74 -43.39
C VAL H 240 -20.33 -40.20 -44.81
N GLU H 241 -20.34 -41.52 -44.96
CA GLU H 241 -20.76 -42.21 -46.18
C GLU H 241 -22.10 -41.62 -46.42
N ALA H 242 -21.95 -40.91 -47.52
CA ALA H 242 -23.03 -40.10 -48.01
C ALA H 242 -23.46 -39.06 -46.99
N TRP H 243 -22.64 -38.02 -46.95
CA TRP H 243 -23.25 -36.79 -46.54
C TRP H 243 -23.92 -36.36 -47.85
N GLY H 244 -23.38 -36.74 -49.02
CA GLY H 244 -23.95 -36.55 -50.35
C GLY H 244 -25.20 -35.70 -50.50
N GLU H 245 -26.41 -36.06 -50.03
CA GLU H 245 -27.54 -35.15 -50.20
C GLU H 245 -27.34 -33.86 -49.44
N ARG H 246 -26.92 -33.90 -48.16
CA ARG H 246 -26.63 -32.68 -47.40
C ARG H 246 -25.59 -31.88 -48.18
N ILE H 247 -24.56 -32.55 -48.69
CA ILE H 247 -23.54 -31.83 -49.42
C ILE H 247 -24.11 -31.27 -50.71
N LYS H 248 -25.10 -31.89 -51.34
CA LYS H 248 -25.58 -31.33 -52.58
C LYS H 248 -26.47 -30.14 -52.23
N GLU H 249 -27.12 -30.15 -51.06
CA GLU H 249 -27.99 -29.04 -50.67
C GLU H 249 -27.29 -27.77 -50.32
N LEU H 250 -26.42 -27.86 -49.34
CA LEU H 250 -25.86 -26.65 -48.85
C LEU H 250 -24.69 -26.22 -49.67
N LEU H 251 -24.16 -27.05 -50.59
CA LEU H 251 -22.98 -26.63 -51.33
C LEU H 251 -23.25 -25.38 -52.19
N PRO H 252 -24.44 -24.97 -52.68
CA PRO H 252 -24.60 -23.65 -53.25
C PRO H 252 -24.33 -22.55 -52.24
N TYR H 253 -24.66 -22.72 -50.95
CA TYR H 253 -24.44 -21.75 -49.87
C TYR H 253 -23.04 -21.68 -49.27
N GLN H 254 -22.05 -22.16 -50.01
CA GLN H 254 -20.68 -22.24 -49.57
C GLN H 254 -20.18 -20.80 -49.45
N VAL H 255 -19.78 -20.17 -48.34
CA VAL H 255 -19.26 -18.81 -48.48
C VAL H 255 -17.95 -18.94 -49.24
N ASN H 256 -17.78 -18.27 -50.38
CA ASN H 256 -16.51 -18.33 -51.10
C ASN H 256 -16.24 -17.01 -51.79
N MET H 257 -15.10 -16.80 -52.45
CA MET H 257 -14.83 -15.49 -53.05
C MET H 257 -15.86 -15.00 -54.04
N GLU H 258 -16.79 -15.81 -54.54
CA GLU H 258 -17.83 -15.32 -55.42
C GLU H 258 -18.77 -14.69 -54.41
N ILE H 259 -19.39 -15.42 -53.46
CA ILE H 259 -20.25 -14.83 -52.43
C ILE H 259 -19.70 -13.61 -51.71
N MET H 260 -18.41 -13.63 -51.36
CA MET H 260 -17.82 -12.48 -50.67
C MET H 260 -17.78 -11.32 -51.64
N LYS H 261 -17.27 -11.47 -52.88
CA LYS H 261 -17.28 -10.37 -53.84
C LYS H 261 -18.70 -10.01 -54.26
N ALA H 262 -19.63 -10.97 -54.12
CA ALA H 262 -21.03 -10.80 -54.45
C ALA H 262 -21.67 -9.80 -53.56
N THR H 263 -21.11 -9.60 -52.35
CA THR H 263 -21.63 -8.57 -51.49
C THR H 263 -21.25 -7.30 -52.24
N GLY H 264 -21.85 -6.19 -51.88
CA GLY H 264 -21.47 -5.02 -52.65
C GLY H 264 -20.09 -4.52 -52.30
N ASN H 265 -19.64 -4.77 -51.07
CA ASN H 265 -18.74 -3.78 -50.54
C ASN H 265 -17.35 -4.22 -50.17
N PRO H 266 -16.24 -3.48 -50.43
CA PRO H 266 -14.88 -3.96 -50.21
C PRO H 266 -14.50 -4.13 -48.74
N ARG H 267 -15.42 -3.86 -47.83
CA ARG H 267 -15.15 -3.98 -46.43
C ARG H 267 -16.00 -5.09 -45.85
N ALA H 268 -16.81 -5.86 -46.62
CA ALA H 268 -17.56 -6.96 -46.04
C ALA H 268 -16.55 -7.91 -45.40
N LYS H 269 -16.87 -8.53 -44.24
CA LYS H 269 -16.04 -9.50 -43.55
C LYS H 269 -16.77 -10.82 -43.34
N PHE H 270 -16.04 -11.89 -43.16
CA PHE H 270 -16.58 -13.21 -43.01
C PHE H 270 -16.49 -13.51 -41.51
N MET H 271 -17.42 -14.20 -40.91
CA MET H 271 -17.30 -14.54 -39.51
C MET H 271 -17.76 -15.98 -39.42
N HIS H 272 -17.36 -16.74 -38.40
CA HIS H 272 -17.69 -18.15 -38.31
C HIS H 272 -17.50 -18.60 -36.87
N CYS H 273 -18.34 -19.11 -35.96
CA CYS H 273 -17.81 -19.44 -34.62
C CYS H 273 -17.09 -20.78 -34.66
N LEU H 274 -15.83 -20.76 -35.09
CA LEU H 274 -14.95 -21.91 -35.25
C LEU H 274 -15.30 -23.28 -34.59
N PRO H 275 -15.04 -24.50 -35.09
CA PRO H 275 -14.06 -24.85 -36.10
C PRO H 275 -14.67 -24.69 -37.48
N ALA H 276 -13.86 -24.33 -38.46
CA ALA H 276 -14.39 -24.13 -39.77
C ALA H 276 -13.66 -25.15 -40.55
N PHE H 277 -14.44 -25.96 -41.25
CA PHE H 277 -13.94 -26.90 -42.20
C PHE H 277 -13.57 -26.08 -43.40
N HIS H 278 -12.28 -25.84 -43.51
CA HIS H 278 -11.91 -25.01 -44.60
C HIS H 278 -10.75 -25.52 -45.41
N ASN H 279 -10.39 -26.80 -45.23
CA ASN H 279 -9.35 -27.43 -46.02
C ASN H 279 -9.09 -28.82 -45.50
N SER H 280 -8.20 -29.55 -46.15
CA SER H 280 -7.96 -30.92 -45.75
C SER H 280 -6.97 -31.15 -44.63
N GLU H 281 -6.25 -30.14 -44.14
CA GLU H 281 -5.23 -30.30 -43.11
C GLU H 281 -5.68 -30.66 -41.70
N THR H 282 -6.57 -31.63 -41.60
CA THR H 282 -7.12 -32.09 -40.35
C THR H 282 -7.45 -33.54 -40.67
N LYS H 283 -7.71 -34.35 -39.66
CA LYS H 283 -7.96 -35.74 -39.92
C LYS H 283 -9.42 -35.92 -40.36
N VAL H 284 -10.42 -35.23 -39.77
CA VAL H 284 -11.78 -35.25 -40.33
C VAL H 284 -11.64 -34.76 -41.79
N GLY H 285 -10.88 -33.69 -41.96
CA GLY H 285 -10.76 -33.06 -43.27
C GLY H 285 -9.93 -33.82 -44.28
N LYS H 286 -9.38 -35.00 -43.99
CA LYS H 286 -8.78 -35.77 -45.04
C LYS H 286 -9.76 -36.86 -45.42
N GLN H 287 -10.52 -37.39 -44.45
CA GLN H 287 -11.59 -38.35 -44.67
C GLN H 287 -12.47 -37.82 -45.78
N ILE H 288 -13.17 -36.72 -45.47
CA ILE H 288 -14.10 -36.05 -46.38
C ILE H 288 -13.47 -35.76 -47.72
N ALA H 289 -12.32 -35.09 -47.72
CA ALA H 289 -11.57 -34.85 -48.94
C ALA H 289 -11.35 -36.11 -49.73
N GLU H 290 -11.18 -37.31 -49.15
CA GLU H 290 -11.09 -38.52 -49.96
C GLU H 290 -12.45 -38.80 -50.56
N GLN H 291 -13.47 -39.03 -49.71
CA GLN H 291 -14.77 -39.36 -50.24
C GLN H 291 -15.36 -38.23 -51.08
N TYR H 292 -14.80 -37.02 -51.03
CA TYR H 292 -15.34 -35.91 -51.77
C TYR H 292 -14.13 -35.08 -52.10
N PRO H 293 -13.63 -35.37 -53.28
CA PRO H 293 -12.59 -34.59 -53.87
C PRO H 293 -12.99 -33.14 -53.98
N ASN H 294 -14.24 -32.78 -54.29
CA ASN H 294 -14.42 -31.38 -54.57
C ASN H 294 -14.58 -30.53 -53.34
N LEU H 295 -14.65 -31.14 -52.15
CA LEU H 295 -14.58 -30.39 -50.91
C LEU H 295 -13.07 -30.39 -50.72
N ALA H 296 -12.37 -30.76 -49.64
CA ALA H 296 -10.88 -30.80 -49.73
C ALA H 296 -10.23 -29.48 -50.07
N ASN H 297 -10.90 -28.45 -49.54
CA ASN H 297 -10.55 -27.06 -49.80
C ASN H 297 -11.52 -26.08 -49.19
N GLY H 298 -12.50 -26.71 -48.56
CA GLY H 298 -13.34 -25.98 -47.69
C GLY H 298 -14.73 -26.43 -47.94
N ILE H 299 -15.34 -26.91 -46.88
CA ILE H 299 -16.69 -27.35 -47.02
C ILE H 299 -17.52 -26.09 -46.93
N GLU H 300 -17.81 -25.45 -45.79
CA GLU H 300 -18.71 -24.29 -45.77
C GLU H 300 -18.06 -22.92 -45.90
N VAL H 301 -16.74 -22.89 -46.06
CA VAL H 301 -15.97 -21.68 -46.24
C VAL H 301 -14.83 -22.19 -47.09
N THR H 302 -14.39 -21.53 -48.15
CA THR H 302 -13.25 -22.08 -48.85
C THR H 302 -11.99 -21.47 -48.25
N GLU H 303 -10.85 -22.14 -48.27
CA GLU H 303 -9.62 -21.49 -47.87
C GLU H 303 -9.43 -20.19 -48.63
N ASP H 304 -9.89 -20.02 -49.90
CA ASP H 304 -9.66 -18.77 -50.63
C ASP H 304 -10.30 -17.60 -49.87
N VAL H 305 -11.31 -17.86 -49.02
CA VAL H 305 -11.76 -16.84 -48.10
C VAL H 305 -11.22 -16.96 -46.69
N PHE H 306 -11.21 -18.16 -46.11
CA PHE H 306 -10.75 -18.30 -44.74
C PHE H 306 -9.34 -17.75 -44.58
N GLU H 307 -8.35 -18.20 -45.35
CA GLU H 307 -7.03 -17.73 -45.06
C GLU H 307 -6.61 -16.58 -45.93
N SER H 308 -7.39 -15.47 -45.87
CA SER H 308 -6.98 -14.16 -46.41
C SER H 308 -8.01 -13.03 -46.21
N PRO H 309 -7.66 -11.74 -45.91
CA PRO H 309 -8.28 -10.75 -44.99
C PRO H 309 -9.75 -10.41 -44.86
N TYR H 310 -10.61 -11.18 -45.49
CA TYR H 310 -12.04 -11.05 -45.28
C TYR H 310 -12.30 -11.71 -43.96
N ASN H 311 -11.33 -12.32 -43.32
CA ASN H 311 -11.63 -13.21 -42.24
C ASN H 311 -11.30 -12.61 -40.91
N ILE H 312 -12.33 -12.25 -40.12
CA ILE H 312 -12.12 -11.79 -38.77
C ILE H 312 -12.58 -12.93 -37.86
N ALA H 313 -12.46 -14.23 -38.18
CA ALA H 313 -12.95 -15.23 -37.24
C ALA H 313 -12.18 -15.27 -35.92
N PHE H 314 -10.89 -14.89 -35.86
CA PHE H 314 -10.14 -14.98 -34.62
C PHE H 314 -10.30 -13.81 -33.69
N GLU H 315 -10.48 -12.59 -34.21
CA GLU H 315 -10.83 -11.41 -33.42
C GLU H 315 -12.21 -11.71 -32.84
N GLN H 316 -13.17 -12.25 -33.61
CA GLN H 316 -14.44 -12.66 -33.03
C GLN H 316 -14.25 -13.77 -32.00
N ALA H 317 -13.41 -14.77 -32.20
CA ALA H 317 -13.16 -15.77 -31.16
C ALA H 317 -12.64 -15.18 -29.85
N GLU H 318 -11.75 -14.19 -29.88
CA GLU H 318 -11.29 -13.47 -28.71
C GLU H 318 -12.42 -12.73 -28.01
N ASN H 319 -13.22 -11.96 -28.74
CA ASN H 319 -14.39 -11.28 -28.23
C ASN H 319 -15.36 -12.07 -27.40
N ARG H 320 -15.17 -13.37 -27.36
CA ARG H 320 -15.98 -14.22 -26.55
C ARG H 320 -15.50 -14.22 -25.11
N MET H 321 -14.22 -13.90 -24.92
CA MET H 321 -13.60 -13.74 -23.62
C MET H 321 -13.99 -12.40 -23.03
N HIS H 322 -14.03 -11.31 -23.82
CA HIS H 322 -14.39 -10.04 -23.26
C HIS H 322 -15.84 -10.09 -22.93
N THR H 323 -16.75 -10.82 -23.62
CA THR H 323 -18.15 -10.97 -23.19
C THR H 323 -18.34 -11.77 -21.90
N ILE H 324 -17.69 -12.93 -21.74
CA ILE H 324 -17.86 -13.68 -20.51
C ILE H 324 -17.31 -12.84 -19.38
N LYS H 325 -16.27 -12.03 -19.58
CA LYS H 325 -15.91 -11.11 -18.54
C LYS H 325 -17.04 -10.11 -18.31
N ALA H 326 -17.84 -9.62 -19.30
CA ALA H 326 -18.94 -8.69 -19.00
C ALA H 326 -19.98 -9.35 -18.14
N ILE H 327 -20.29 -10.63 -18.43
CA ILE H 327 -21.19 -11.45 -17.62
C ILE H 327 -20.55 -11.73 -16.25
N LEU H 328 -19.27 -12.03 -15.98
CA LEU H 328 -18.86 -12.25 -14.60
C LEU H 328 -18.87 -10.90 -13.87
N VAL H 329 -18.46 -9.79 -14.49
CA VAL H 329 -18.46 -8.53 -13.78
C VAL H 329 -19.86 -8.03 -13.56
N SER H 330 -20.93 -8.12 -14.37
CA SER H 330 -22.19 -7.57 -13.88
C SER H 330 -22.99 -8.47 -12.94
N THR H 331 -22.60 -9.76 -12.85
CA THR H 331 -23.24 -10.71 -11.95
C THR H 331 -22.62 -10.66 -10.55
N LEU H 332 -21.29 -10.84 -10.56
CA LEU H 332 -20.46 -10.95 -9.38
C LEU H 332 -19.86 -9.60 -9.00
N ALA H 333 -18.77 -9.01 -9.46
CA ALA H 333 -18.24 -7.71 -9.03
C ALA H 333 -18.95 -6.68 -8.19
N ASP H 334 -18.08 -6.10 -7.36
CA ASP H 334 -18.43 -5.08 -6.40
C ASP H 334 -18.39 -3.69 -7.02
N ILE H 335 -19.36 -3.44 -7.86
CA ILE H 335 -19.57 -2.17 -8.53
C ILE H 335 -21.08 -2.14 -8.67
N ALA I 1 3.02 -19.44 20.43
CA ALA I 1 2.85 -20.68 19.73
C ALA I 1 1.79 -21.56 20.40
N PHE I 2 1.96 -22.89 20.37
CA PHE I 2 0.99 -23.97 20.55
C PHE I 2 0.63 -23.96 19.08
N ASN I 3 1.26 -24.92 18.46
CA ASN I 3 1.20 -25.08 17.03
C ASN I 3 1.38 -26.54 16.69
N MET I 4 0.99 -26.88 15.47
CA MET I 4 1.26 -28.17 14.89
C MET I 4 1.82 -27.92 13.48
N HIS I 5 2.62 -26.84 13.46
CA HIS I 5 3.35 -26.34 12.31
C HIS I 5 4.10 -27.50 11.72
N ASN I 6 4.06 -27.75 10.41
CA ASN I 6 4.74 -28.84 9.74
C ASN I 6 4.33 -30.27 9.94
N ARG I 7 3.35 -30.42 10.81
CA ARG I 7 2.87 -31.74 11.06
C ARG I 7 2.06 -32.21 9.84
N ASN I 8 2.37 -33.37 9.24
CA ASN I 8 1.48 -33.97 8.24
C ASN I 8 0.13 -34.22 8.90
N LEU I 9 -1.01 -34.14 8.22
CA LEU I 9 -2.21 -34.68 8.84
C LEU I 9 -2.35 -35.98 8.06
N LEU I 10 -1.47 -36.99 8.08
CA LEU I 10 -1.83 -38.11 7.23
C LEU I 10 -2.61 -39.14 8.04
N SER I 11 -3.83 -38.73 8.43
CA SER I 11 -4.81 -39.60 9.08
C SER I 11 -4.62 -39.98 10.53
N LEU I 12 -4.98 -39.06 11.43
CA LEU I 12 -4.65 -39.43 12.78
C LEU I 12 -5.53 -39.88 13.91
N MET I 13 -5.19 -41.18 13.95
CA MET I 13 -5.51 -42.09 15.03
C MET I 13 -4.71 -41.60 16.24
N HIS I 14 -3.64 -40.79 16.11
CA HIS I 14 -2.88 -40.28 17.23
C HIS I 14 -2.91 -38.75 17.22
N HIS I 15 -3.50 -38.17 18.29
CA HIS I 15 -3.84 -36.76 18.54
C HIS I 15 -4.56 -36.58 19.87
N SER I 16 -3.89 -35.76 20.65
CA SER I 16 -4.33 -35.28 21.96
C SER I 16 -5.79 -34.88 22.02
N THR I 17 -6.68 -35.04 23.04
CA THR I 17 -7.96 -34.34 22.93
C THR I 17 -7.71 -32.86 22.77
N ARG I 18 -6.55 -32.37 23.28
CA ARG I 18 -6.07 -30.99 23.12
C ARG I 18 -5.78 -30.61 21.66
N GLU I 19 -5.14 -31.40 20.76
CA GLU I 19 -4.94 -30.99 19.36
C GLU I 19 -6.25 -31.02 18.59
N LEU I 20 -7.09 -32.03 18.84
CA LEU I 20 -8.36 -32.14 18.18
C LEU I 20 -9.13 -30.93 18.62
N ARG I 21 -9.19 -30.55 19.90
CA ARG I 21 -9.91 -29.34 20.15
C ARG I 21 -9.36 -28.05 19.55
N TYR I 22 -8.03 -27.94 19.42
CA TYR I 22 -7.42 -26.83 18.74
C TYR I 22 -7.87 -26.83 17.30
N LEU I 23 -7.76 -27.95 16.60
CA LEU I 23 -8.19 -28.04 15.23
C LEU I 23 -9.66 -27.72 14.98
N LEU I 24 -10.61 -28.01 15.87
CA LEU I 24 -12.00 -27.63 15.63
C LEU I 24 -12.30 -26.21 16.04
N ASP I 25 -11.54 -25.63 17.00
CA ASP I 25 -11.75 -24.26 17.35
C ASP I 25 -11.24 -23.55 16.13
N LEU I 26 -10.05 -23.82 15.62
CA LEU I 26 -9.60 -23.11 14.44
C LEU I 26 -10.52 -23.20 13.25
N SER I 27 -11.19 -24.33 12.92
CA SER I 27 -12.07 -24.32 11.77
C SER I 27 -13.36 -23.56 12.05
N ARG I 28 -13.72 -23.49 13.33
CA ARG I 28 -14.92 -22.77 13.70
C ARG I 28 -14.68 -21.30 13.43
N ASP I 29 -13.50 -20.82 13.87
CA ASP I 29 -13.13 -19.45 13.70
C ASP I 29 -12.72 -19.10 12.31
N LEU I 30 -12.25 -20.05 11.49
CA LEU I 30 -11.98 -19.73 10.12
C LEU I 30 -13.28 -19.70 9.31
N LYS I 31 -14.40 -20.31 9.78
CA LYS I 31 -15.68 -20.30 9.06
C LYS I 31 -16.29 -18.94 9.25
N ARG I 32 -16.30 -18.60 10.54
CA ARG I 32 -16.76 -17.28 10.90
C ARG I 32 -15.91 -16.24 10.20
N ALA I 33 -14.60 -16.44 9.96
CA ALA I 33 -13.81 -15.36 9.38
C ALA I 33 -14.18 -15.13 7.95
N LYS I 34 -14.54 -16.20 7.22
CA LYS I 34 -14.90 -16.06 5.82
C LYS I 34 -16.17 -15.22 5.74
N TYR I 35 -17.22 -15.65 6.46
CA TYR I 35 -18.52 -14.98 6.47
C TYR I 35 -18.73 -13.52 6.78
N THR I 36 -17.82 -13.12 7.66
CA THR I 36 -17.70 -11.80 8.21
C THR I 36 -16.71 -10.97 7.42
N GLY I 37 -15.88 -11.61 6.60
CA GLY I 37 -14.86 -10.88 5.84
C GLY I 37 -13.69 -10.32 6.67
N THR I 38 -13.48 -10.97 7.78
CA THR I 38 -12.43 -10.75 8.71
C THR I 38 -11.27 -11.66 8.28
N GLU I 39 -11.42 -12.60 7.32
CA GLU I 39 -10.36 -13.49 6.91
C GLU I 39 -9.19 -12.82 6.23
N GLN I 40 -7.97 -13.04 6.72
CA GLN I 40 -6.74 -12.52 6.13
C GLN I 40 -6.04 -13.70 5.40
N GLN I 41 -5.38 -13.52 4.26
CA GLN I 41 -4.70 -14.62 3.61
C GLN I 41 -3.35 -14.92 4.20
N HIS I 42 -3.15 -16.03 4.92
CA HIS I 42 -1.88 -16.42 5.49
C HIS I 42 -1.15 -17.55 4.76
N LEU I 43 -1.48 -17.84 3.50
CA LEU I 43 -0.79 -18.84 2.70
C LEU I 43 -0.42 -18.25 1.34
N LYS I 44 -0.26 -16.93 1.25
CA LYS I 44 0.06 -16.30 -0.04
C LYS I 44 1.38 -16.84 -0.47
N ARG I 45 1.53 -17.18 -1.74
CA ARG I 45 2.82 -17.59 -2.29
C ARG I 45 3.15 -19.03 -1.88
N LYS I 46 2.20 -19.88 -1.45
CA LYS I 46 2.41 -21.28 -1.09
C LYS I 46 1.77 -22.08 -2.22
N ASN I 47 2.36 -23.11 -2.84
CA ASN I 47 1.73 -23.82 -3.94
C ASN I 47 1.50 -25.23 -3.49
N ILE I 48 0.31 -25.84 -3.52
CA ILE I 48 0.22 -27.22 -3.08
C ILE I 48 -0.16 -28.03 -4.32
N ALA I 49 0.21 -29.32 -4.32
CA ALA I 49 0.04 -30.32 -5.40
C ALA I 49 -1.10 -31.20 -4.95
N LEU I 50 -1.94 -31.80 -5.77
CA LEU I 50 -3.05 -32.58 -5.26
C LEU I 50 -2.96 -33.82 -6.10
N ILE I 51 -2.46 -34.95 -5.60
CA ILE I 51 -2.33 -36.17 -6.35
C ILE I 51 -3.59 -36.95 -6.02
N PHE I 52 -4.54 -37.13 -6.93
CA PHE I 52 -5.72 -37.89 -6.58
C PHE I 52 -5.70 -39.22 -7.34
N GLU I 53 -5.57 -40.41 -6.73
CA GLU I 53 -5.63 -41.67 -7.46
C GLU I 53 -7.10 -41.99 -7.71
N LYS I 54 -8.11 -41.81 -6.84
CA LYS I 54 -9.47 -41.98 -7.34
C LYS I 54 -10.00 -40.55 -7.56
N THR I 55 -10.77 -40.26 -8.63
CA THR I 55 -11.44 -38.97 -8.77
C THR I 55 -12.42 -38.79 -7.62
N SER I 56 -12.34 -37.63 -6.93
CA SER I 56 -13.23 -37.27 -5.85
C SER I 56 -13.54 -35.77 -5.83
N THR I 57 -14.41 -35.29 -6.69
CA THR I 57 -14.73 -33.89 -6.81
C THR I 57 -15.02 -33.09 -5.57
N ARG I 58 -15.84 -33.60 -4.66
CA ARG I 58 -16.15 -32.92 -3.43
C ARG I 58 -14.91 -32.77 -2.57
N THR I 59 -13.91 -33.64 -2.68
CA THR I 59 -12.75 -33.43 -1.83
C THR I 59 -11.71 -32.59 -2.54
N ARG I 60 -11.64 -32.67 -3.86
CA ARG I 60 -10.83 -31.75 -4.62
C ARG I 60 -11.42 -30.37 -4.37
N CYS I 61 -12.67 -30.00 -4.72
CA CYS I 61 -13.18 -28.67 -4.47
C CYS I 61 -12.95 -28.14 -3.07
N ALA I 62 -13.11 -28.95 -2.01
CA ALA I 62 -12.80 -28.48 -0.67
C ALA I 62 -11.33 -28.12 -0.57
N PHE I 63 -10.36 -28.89 -1.08
CA PHE I 63 -8.96 -28.48 -1.01
C PHE I 63 -8.78 -27.22 -1.83
N GLU I 64 -9.27 -27.21 -3.06
CA GLU I 64 -9.12 -26.10 -3.94
C GLU I 64 -9.69 -24.81 -3.38
N VAL I 65 -10.96 -24.66 -3.00
CA VAL I 65 -11.46 -23.46 -2.37
C VAL I 65 -10.71 -23.10 -1.09
N ALA I 66 -10.35 -24.03 -0.18
CA ALA I 66 -9.62 -23.65 1.02
C ALA I 66 -8.24 -23.09 0.74
N ALA I 67 -7.53 -23.74 -0.17
CA ALA I 67 -6.22 -23.28 -0.54
C ALA I 67 -6.29 -21.92 -1.17
N TYR I 68 -7.29 -21.66 -2.04
CA TYR I 68 -7.49 -20.38 -2.67
C TYR I 68 -7.90 -19.27 -1.76
N ASP I 69 -8.79 -19.46 -0.80
CA ASP I 69 -9.15 -18.38 0.05
C ASP I 69 -7.95 -17.78 0.78
N GLN I 70 -7.02 -18.67 1.11
CA GLN I 70 -5.86 -18.30 1.82
C GLN I 70 -4.77 -17.87 0.84
N GLY I 71 -5.02 -17.37 -0.35
CA GLY I 71 -3.93 -17.06 -1.25
C GLY I 71 -3.02 -18.20 -1.73
N ALA I 72 -3.19 -19.51 -1.51
CA ALA I 72 -2.25 -20.48 -2.06
C ALA I 72 -2.58 -20.81 -3.50
N ASN I 73 -1.83 -21.70 -4.14
CA ASN I 73 -2.09 -22.06 -5.52
C ASN I 73 -2.09 -23.54 -5.62
N VAL I 74 -2.82 -24.19 -6.52
CA VAL I 74 -3.02 -25.62 -6.44
C VAL I 74 -2.68 -26.29 -7.76
N THR I 75 -1.93 -27.38 -7.85
CA THR I 75 -1.76 -28.10 -9.12
C THR I 75 -2.59 -29.36 -9.01
N TYR I 76 -3.76 -29.59 -9.63
CA TYR I 76 -4.41 -30.87 -9.53
C TYR I 76 -3.77 -31.89 -10.49
N ILE I 77 -3.38 -33.05 -9.97
CA ILE I 77 -2.77 -34.12 -10.74
C ILE I 77 -3.75 -35.27 -10.59
N ASP I 78 -4.36 -35.65 -11.71
CA ASP I 78 -5.31 -36.75 -11.86
C ASP I 78 -5.21 -38.16 -11.36
N PRO I 79 -6.27 -38.96 -11.53
CA PRO I 79 -6.12 -40.37 -11.80
C PRO I 79 -5.68 -40.58 -13.23
N ASN I 80 -6.22 -39.94 -14.26
CA ASN I 80 -5.82 -40.30 -15.65
C ASN I 80 -4.35 -40.27 -15.97
N SER I 81 -3.52 -39.46 -15.31
CA SER I 81 -2.15 -39.35 -15.78
C SER I 81 -1.12 -38.90 -14.75
N SER I 82 -1.16 -39.76 -13.74
CA SER I 82 -0.20 -39.81 -12.68
C SER I 82 -0.04 -41.31 -12.71
N GLN I 83 0.66 -41.88 -13.70
CA GLN I 83 0.79 -43.32 -13.74
C GLN I 83 1.81 -43.76 -12.66
N ILE I 84 1.40 -43.62 -11.38
CA ILE I 84 2.28 -43.73 -10.22
C ILE I 84 3.05 -45.02 -10.11
N GLY I 85 2.41 -46.15 -9.84
CA GLY I 85 3.21 -47.36 -9.71
C GLY I 85 3.79 -47.76 -11.06
N HIS I 86 3.36 -47.14 -12.19
CA HIS I 86 3.71 -47.66 -13.50
C HIS I 86 5.19 -47.85 -13.73
N LYS I 87 5.87 -46.72 -13.79
CA LYS I 87 7.28 -46.70 -14.07
C LYS I 87 7.96 -45.68 -13.16
N GLU I 88 7.35 -45.30 -12.03
CA GLU I 88 8.08 -44.38 -11.21
C GLU I 88 8.17 -44.75 -9.75
N SER I 89 7.12 -44.78 -8.93
CA SER I 89 7.14 -45.11 -7.49
C SER I 89 6.98 -43.86 -6.69
N MET I 90 5.99 -43.88 -5.80
CA MET I 90 5.71 -42.82 -4.86
C MET I 90 6.97 -42.29 -4.19
N LYS I 91 7.92 -43.15 -3.81
CA LYS I 91 9.12 -42.69 -3.13
C LYS I 91 9.93 -41.79 -4.03
N ASP I 92 10.06 -42.11 -5.31
CA ASP I 92 10.78 -41.26 -6.24
C ASP I 92 10.01 -40.06 -6.71
N THR I 93 8.68 -40.12 -6.80
CA THR I 93 8.06 -38.91 -7.29
C THR I 93 7.75 -37.99 -6.10
N ALA I 94 7.62 -38.40 -4.83
CA ALA I 94 7.46 -37.48 -3.72
C ALA I 94 8.74 -36.68 -3.56
N ARG I 95 9.90 -37.30 -3.75
CA ARG I 95 11.13 -36.55 -3.64
C ARG I 95 11.23 -35.48 -4.71
N VAL I 96 10.73 -35.72 -5.94
CA VAL I 96 10.79 -34.64 -6.89
C VAL I 96 9.76 -33.60 -6.47
N LEU I 97 8.51 -33.99 -6.25
CA LEU I 97 7.47 -33.02 -5.89
C LEU I 97 7.64 -32.26 -4.55
N GLY I 98 8.33 -32.69 -3.50
CA GLY I 98 8.53 -31.84 -2.36
C GLY I 98 9.58 -30.78 -2.72
N ARG I 99 10.26 -30.93 -3.84
CA ARG I 99 11.18 -29.87 -4.19
C ARG I 99 10.46 -28.77 -4.93
N MET I 100 9.38 -29.03 -5.65
CA MET I 100 8.70 -27.93 -6.23
C MET I 100 7.53 -27.43 -5.42
N TYR I 101 6.74 -28.27 -4.72
CA TYR I 101 5.60 -27.81 -3.96
C TYR I 101 5.89 -27.49 -2.52
N ASP I 102 4.89 -26.97 -1.81
CA ASP I 102 5.01 -26.57 -0.41
C ASP I 102 4.29 -27.49 0.53
N ALA I 103 3.38 -28.29 0.05
CA ALA I 103 2.62 -29.23 0.85
C ALA I 103 2.03 -30.18 -0.18
N ILE I 104 1.46 -31.36 0.10
CA ILE I 104 0.92 -32.19 -0.99
C ILE I 104 -0.39 -32.76 -0.49
N GLY I 105 -1.48 -32.82 -1.25
CA GLY I 105 -2.70 -33.42 -0.75
C GLY I 105 -2.80 -34.77 -1.41
N TYR I 106 -3.22 -35.80 -0.70
CA TYR I 106 -3.27 -37.07 -1.36
C TYR I 106 -4.59 -37.73 -1.14
N ARG I 107 -5.00 -38.44 -2.19
CA ARG I 107 -6.22 -39.18 -2.10
C ARG I 107 -6.21 -40.34 -3.08
N GLY I 108 -6.02 -41.49 -2.47
CA GLY I 108 -5.87 -42.71 -3.18
C GLY I 108 -6.56 -43.74 -2.34
N PHE I 109 -6.39 -44.99 -2.73
CA PHE I 109 -7.06 -46.05 -2.01
C PHE I 109 -6.21 -46.53 -0.84
N LYS I 110 -4.99 -46.82 -1.27
CA LYS I 110 -4.08 -47.60 -0.47
C LYS I 110 -3.28 -46.89 0.60
N GLN I 111 -3.86 -46.51 1.75
CA GLN I 111 -3.16 -45.82 2.85
C GLN I 111 -1.68 -46.16 2.96
N GLU I 112 -1.29 -47.45 2.77
CA GLU I 112 0.10 -47.85 2.67
C GLU I 112 0.91 -46.83 1.81
N ILE I 113 0.52 -46.49 0.56
CA ILE I 113 1.17 -45.44 -0.27
C ILE I 113 1.24 -44.05 0.35
N VAL I 114 0.18 -43.55 0.99
CA VAL I 114 0.16 -42.25 1.66
C VAL I 114 1.38 -42.15 2.55
N GLU I 115 1.67 -43.24 3.28
CA GLU I 115 2.83 -43.26 4.14
C GLU I 115 4.11 -43.10 3.35
N GLU I 116 4.35 -43.66 2.15
CA GLU I 116 5.59 -43.38 1.43
C GLU I 116 5.76 -41.91 1.11
N LEU I 117 4.66 -41.34 0.65
CA LEU I 117 4.56 -39.95 0.26
C LEU I 117 4.94 -39.14 1.48
N ALA I 118 4.28 -39.40 2.60
CA ALA I 118 4.54 -38.67 3.81
C ALA I 118 5.98 -38.86 4.25
N LYS I 119 6.54 -40.05 4.04
CA LYS I 119 7.87 -40.31 4.55
C LYS I 119 8.98 -39.59 3.79
N PHE I 120 8.92 -39.66 2.45
CA PHE I 120 9.94 -39.10 1.56
C PHE I 120 9.69 -37.72 1.00
N ALA I 121 8.48 -37.20 0.94
CA ALA I 121 8.26 -35.91 0.29
C ALA I 121 9.10 -34.76 0.81
N GLY I 122 9.27 -34.61 2.13
CA GLY I 122 10.07 -33.54 2.68
C GLY I 122 9.25 -32.30 2.99
N VAL I 123 7.92 -32.35 2.81
CA VAL I 123 7.08 -31.18 2.97
C VAL I 123 5.73 -31.64 3.53
N PRO I 124 4.90 -30.98 4.36
CA PRO I 124 3.59 -31.48 4.79
C PRO I 124 2.76 -32.33 3.84
N VAL I 125 2.40 -33.53 4.22
CA VAL I 125 1.54 -34.30 3.32
C VAL I 125 0.19 -34.43 4.03
N PHE I 126 -0.88 -34.06 3.36
CA PHE I 126 -2.17 -34.07 4.01
C PHE I 126 -2.91 -35.16 3.32
N ASN I 127 -3.24 -36.16 4.11
CA ASN I 127 -4.07 -37.17 3.52
C ASN I 127 -5.47 -36.58 3.39
N GLY I 128 -5.85 -36.22 2.16
CA GLY I 128 -7.22 -35.88 1.88
C GLY I 128 -8.01 -37.13 2.25
N LEU I 129 -7.60 -38.34 1.83
CA LEU I 129 -8.10 -39.65 2.28
C LEU I 129 -7.67 -40.93 1.54
N THR I 130 -8.04 -42.08 2.14
CA THR I 130 -7.82 -43.42 1.60
C THR I 130 -8.92 -44.31 2.16
N ASP I 131 -8.89 -45.64 2.01
CA ASP I 131 -9.88 -46.58 2.56
C ASP I 131 -9.91 -46.56 4.07
N GLU I 132 -8.69 -46.55 4.63
CA GLU I 132 -8.38 -46.46 6.05
C GLU I 132 -9.10 -45.20 6.54
N TYR I 133 -9.18 -44.21 5.63
CA TYR I 133 -10.07 -43.09 5.83
C TYR I 133 -9.62 -42.06 6.84
N HIS I 134 -10.43 -41.02 6.56
CA HIS I 134 -10.67 -39.69 7.08
C HIS I 134 -10.65 -39.07 8.48
N PRO I 135 -9.49 -38.54 8.78
CA PRO I 135 -9.34 -37.40 9.63
C PRO I 135 -10.23 -36.17 9.32
N THR I 136 -10.46 -35.66 8.10
CA THR I 136 -11.23 -34.42 7.99
C THR I 136 -12.72 -34.55 7.91
N GLN I 137 -13.34 -35.65 7.40
CA GLN I 137 -14.79 -35.66 7.46
C GLN I 137 -15.06 -35.92 8.93
N MET I 138 -14.17 -36.59 9.70
CA MET I 138 -14.36 -36.66 11.15
C MET I 138 -14.54 -35.35 11.88
N LEU I 139 -13.65 -34.38 11.64
CA LEU I 139 -13.75 -33.07 12.27
C LEU I 139 -14.78 -32.19 11.59
N ALA I 140 -15.17 -32.40 10.32
CA ALA I 140 -16.24 -31.64 9.67
C ALA I 140 -17.54 -31.95 10.41
N ASP I 141 -17.92 -33.22 10.52
CA ASP I 141 -19.11 -33.60 11.24
C ASP I 141 -19.14 -33.12 12.64
N VAL I 142 -18.07 -33.26 13.44
CA VAL I 142 -18.27 -32.78 14.78
C VAL I 142 -18.26 -31.26 14.75
N LEU I 143 -17.56 -30.55 13.81
CA LEU I 143 -17.72 -29.09 13.66
C LEU I 143 -19.21 -28.89 13.39
N THR I 144 -19.88 -29.74 12.61
CA THR I 144 -21.29 -29.52 12.33
C THR I 144 -22.19 -29.80 13.52
N MET I 145 -21.89 -30.84 14.31
CA MET I 145 -22.79 -31.12 15.39
C MET I 145 -22.67 -29.99 16.38
N ARG I 146 -21.46 -29.46 16.54
CA ARG I 146 -21.28 -28.44 17.54
C ARG I 146 -21.87 -27.10 17.19
N GLU I 147 -21.85 -26.66 15.94
CA GLU I 147 -22.44 -25.36 15.71
C GLU I 147 -23.91 -25.24 15.54
N HIS I 148 -24.46 -26.39 15.21
CA HIS I 148 -25.86 -26.45 14.97
C HIS I 148 -26.55 -26.67 16.28
N SER I 149 -26.07 -27.55 17.18
CA SER I 149 -26.78 -27.78 18.41
C SER I 149 -26.60 -26.64 19.40
N ASP I 150 -25.50 -25.89 19.26
CA ASP I 150 -25.17 -24.76 20.11
C ASP I 150 -24.90 -25.12 21.59
N LYS I 151 -24.59 -26.42 21.80
CA LYS I 151 -24.30 -27.05 23.08
C LYS I 151 -22.80 -27.27 23.20
N PRO I 152 -22.16 -27.43 24.36
CA PRO I 152 -20.73 -27.75 24.47
C PRO I 152 -20.45 -29.08 23.81
N LEU I 153 -19.27 -29.47 23.30
CA LEU I 153 -19.11 -30.82 22.73
C LEU I 153 -19.73 -31.95 23.59
N HIS I 154 -19.34 -32.12 24.85
CA HIS I 154 -19.95 -33.11 25.73
C HIS I 154 -21.45 -33.04 26.00
N ASP I 155 -22.31 -32.26 25.35
CA ASP I 155 -23.74 -32.42 25.61
C ASP I 155 -24.29 -32.68 24.23
N ILE I 156 -23.54 -33.34 23.36
CA ILE I 156 -24.08 -33.63 22.05
C ILE I 156 -24.07 -35.13 22.05
N SER I 157 -25.19 -35.71 21.69
CA SER I 157 -25.22 -37.14 21.50
C SER I 157 -25.70 -37.42 20.10
N TYR I 158 -25.30 -38.50 19.48
CA TYR I 158 -25.71 -38.81 18.12
C TYR I 158 -25.70 -40.31 17.86
N ALA I 159 -26.32 -40.84 16.81
CA ALA I 159 -26.37 -42.26 16.57
C ALA I 159 -25.95 -42.56 15.15
N TYR I 160 -25.42 -43.75 14.89
CA TYR I 160 -25.01 -44.10 13.55
C TYR I 160 -25.84 -45.32 13.22
N LEU I 161 -26.56 -45.42 12.11
CA LEU I 161 -27.37 -46.59 11.88
C LEU I 161 -26.92 -47.47 10.73
N GLY I 162 -26.38 -48.58 11.23
CA GLY I 162 -26.09 -49.78 10.47
C GLY I 162 -25.04 -49.87 9.39
N ASP I 163 -24.16 -50.78 9.80
CA ASP I 163 -22.95 -51.27 9.15
C ASP I 163 -21.96 -50.34 9.78
N ALA I 164 -21.70 -50.63 11.05
CA ALA I 164 -20.75 -49.80 11.70
C ALA I 164 -19.40 -50.46 11.40
N ARG I 165 -19.05 -50.75 10.15
CA ARG I 165 -17.78 -51.41 9.84
C ARG I 165 -17.15 -50.70 8.69
N ASN I 166 -17.91 -50.54 7.58
CA ASN I 166 -17.66 -49.53 6.56
C ASN I 166 -17.55 -48.32 7.53
N ASN I 167 -16.27 -47.95 7.65
CA ASN I 167 -15.75 -47.20 8.77
C ASN I 167 -16.21 -45.81 9.12
N MET I 168 -17.27 -45.25 8.52
CA MET I 168 -17.85 -44.02 9.05
C MET I 168 -18.35 -44.36 10.46
N GLY I 169 -18.71 -45.63 10.66
CA GLY I 169 -19.07 -46.18 11.93
C GLY I 169 -17.87 -46.12 12.85
N ASN I 170 -16.67 -46.49 12.40
CA ASN I 170 -15.50 -46.40 13.27
C ASN I 170 -15.01 -45.00 13.55
N SER I 171 -15.15 -44.14 12.57
CA SER I 171 -14.58 -42.85 12.73
C SER I 171 -15.55 -42.07 13.57
N LEU I 172 -16.87 -42.26 13.46
CA LEU I 172 -17.73 -41.57 14.39
C LEU I 172 -17.51 -42.05 15.81
N LEU I 173 -17.41 -43.35 16.11
CA LEU I 173 -17.11 -43.83 17.45
C LEU I 173 -15.76 -43.31 17.96
N LEU I 174 -14.72 -43.27 17.12
CA LEU I 174 -13.41 -42.81 17.54
C LEU I 174 -13.49 -41.37 18.03
N ILE I 175 -14.09 -40.44 17.26
CA ILE I 175 -14.04 -39.10 17.72
C ILE I 175 -15.08 -38.87 18.80
N GLY I 176 -16.30 -39.44 18.79
CA GLY I 176 -17.17 -39.32 19.96
C GLY I 176 -16.42 -39.73 21.25
N ALA I 177 -15.55 -40.75 21.18
CA ALA I 177 -14.82 -41.21 22.35
C ALA I 177 -13.77 -40.22 22.82
N LYS I 178 -12.91 -39.69 21.95
CA LYS I 178 -11.90 -38.75 22.42
C LYS I 178 -12.47 -37.42 22.87
N LEU I 179 -13.63 -36.98 22.39
CA LEU I 179 -14.09 -35.67 22.78
C LEU I 179 -15.17 -35.72 23.85
N GLY I 180 -15.52 -36.92 24.28
CA GLY I 180 -16.45 -37.04 25.39
C GLY I 180 -17.88 -36.72 25.07
N MET I 181 -18.30 -37.05 23.85
CA MET I 181 -19.67 -36.83 23.47
C MET I 181 -20.39 -38.12 23.82
N ASP I 182 -21.69 -38.21 23.55
CA ASP I 182 -22.46 -39.40 23.83
C ASP I 182 -22.75 -40.08 22.49
N VAL I 183 -21.90 -41.02 22.10
CA VAL I 183 -22.07 -41.68 20.81
C VAL I 183 -22.71 -43.07 20.84
N ARG I 184 -23.82 -43.31 20.14
CA ARG I 184 -24.50 -44.60 20.13
C ARG I 184 -24.43 -45.28 18.78
N ILE I 185 -23.97 -46.52 18.59
CA ILE I 185 -24.04 -47.11 17.25
C ILE I 185 -25.20 -48.09 17.16
N ALA I 186 -25.99 -48.11 16.09
CA ALA I 186 -27.13 -48.99 15.96
C ALA I 186 -27.00 -49.87 14.73
N ALA I 187 -26.45 -51.06 14.88
CA ALA I 187 -26.28 -51.93 13.74
C ALA I 187 -26.47 -53.38 14.20
N PRO I 188 -26.74 -54.36 13.33
CA PRO I 188 -26.84 -55.75 13.72
C PRO I 188 -25.46 -56.24 14.17
N LYS I 189 -25.32 -57.00 15.26
CA LYS I 189 -24.05 -57.53 15.79
C LYS I 189 -23.03 -58.09 14.81
N ALA I 190 -23.45 -58.59 13.64
CA ALA I 190 -22.50 -59.06 12.63
C ALA I 190 -21.69 -57.93 12.00
N LEU I 191 -22.13 -56.70 12.30
CA LEU I 191 -21.68 -55.46 11.71
C LEU I 191 -21.29 -54.36 12.71
N TRP I 192 -20.86 -54.75 13.90
CA TRP I 192 -20.37 -53.80 14.90
C TRP I 192 -18.89 -53.53 14.62
N PRO I 193 -18.18 -52.49 15.10
CA PRO I 193 -16.74 -52.32 14.87
C PRO I 193 -15.98 -53.52 15.47
N HIS I 194 -14.82 -54.13 15.07
CA HIS I 194 -14.43 -55.31 15.86
C HIS I 194 -13.98 -54.78 17.21
N ASP I 195 -14.54 -55.59 18.08
CA ASP I 195 -14.39 -55.43 19.50
C ASP I 195 -13.00 -55.03 19.97
N GLU I 196 -11.82 -55.32 19.37
CA GLU I 196 -10.63 -54.72 19.98
C GLU I 196 -10.64 -53.20 19.76
N PHE I 197 -11.19 -52.73 18.62
CA PHE I 197 -11.36 -51.31 18.36
C PHE I 197 -12.42 -50.84 19.33
N VAL I 198 -13.61 -51.42 19.58
CA VAL I 198 -14.45 -50.87 20.63
C VAL I 198 -13.67 -50.86 21.95
N ALA I 199 -12.76 -51.81 22.23
CA ALA I 199 -12.02 -51.78 23.49
C ALA I 199 -11.17 -50.52 23.54
N GLN I 200 -10.64 -50.09 22.39
CA GLN I 200 -9.86 -48.86 22.36
C GLN I 200 -10.80 -47.72 22.61
N CYS I 201 -11.88 -47.60 21.82
CA CYS I 201 -12.84 -46.55 22.05
C CYS I 201 -13.32 -46.56 23.47
N LYS I 202 -13.27 -47.65 24.24
CA LYS I 202 -13.66 -47.51 25.62
C LYS I 202 -12.54 -46.99 26.49
N LYS I 203 -11.27 -47.29 26.19
CA LYS I 203 -10.11 -46.75 26.90
C LYS I 203 -10.29 -45.24 26.85
N PHE I 204 -10.34 -44.72 25.61
CA PHE I 204 -10.60 -43.31 25.36
C PHE I 204 -11.83 -42.76 26.05
N ALA I 205 -12.95 -43.45 25.86
CA ALA I 205 -14.22 -42.99 26.40
C ALA I 205 -14.26 -42.77 27.89
N GLU I 206 -13.25 -43.24 28.61
CA GLU I 206 -13.22 -43.14 30.05
C GLU I 206 -12.46 -41.95 30.58
N GLU I 207 -11.41 -41.56 29.84
CA GLU I 207 -10.58 -40.45 30.22
C GLU I 207 -11.50 -39.22 30.04
N SER I 208 -12.18 -39.07 28.90
CA SER I 208 -13.23 -38.06 28.71
C SER I 208 -14.53 -38.60 29.31
N GLY I 209 -15.66 -37.93 29.49
CA GLY I 209 -16.84 -38.65 29.99
C GLY I 209 -17.61 -39.30 28.83
N ALA I 210 -17.02 -40.03 27.91
CA ALA I 210 -17.81 -40.39 26.74
C ALA I 210 -18.75 -41.58 26.92
N LYS I 211 -20.02 -41.56 26.51
CA LYS I 211 -20.87 -42.74 26.62
C LYS I 211 -20.88 -43.45 25.26
N LEU I 212 -20.65 -44.77 25.15
CA LEU I 212 -20.69 -45.49 23.89
C LEU I 212 -21.74 -46.60 23.95
N THR I 213 -22.98 -46.59 23.43
CA THR I 213 -23.74 -47.84 23.46
C THR I 213 -23.36 -48.53 22.14
N LEU I 214 -23.80 -49.76 21.90
CA LEU I 214 -23.72 -50.39 20.60
C LEU I 214 -24.93 -51.29 20.75
N THR I 215 -26.02 -51.04 20.06
CA THR I 215 -27.23 -51.84 20.17
C THR I 215 -27.47 -52.46 18.79
N GLU I 216 -28.65 -53.02 18.49
CA GLU I 216 -29.07 -53.53 17.18
C GLU I 216 -30.50 -53.06 16.95
N ASP I 217 -31.01 -52.30 17.93
CA ASP I 217 -32.35 -51.77 17.97
C ASP I 217 -32.28 -50.28 17.60
N PRO I 218 -32.56 -49.79 16.37
CA PRO I 218 -32.65 -48.38 16.04
C PRO I 218 -33.45 -47.51 16.97
N LYS I 219 -34.77 -47.65 17.11
CA LYS I 219 -35.56 -46.79 17.99
C LYS I 219 -34.94 -46.52 19.37
N GLU I 220 -34.15 -47.46 19.86
CA GLU I 220 -33.45 -47.30 21.13
C GLU I 220 -32.26 -46.37 20.93
N ALA I 221 -31.36 -46.79 20.02
CA ALA I 221 -30.11 -46.08 19.73
C ALA I 221 -30.33 -44.59 19.51
N VAL I 222 -31.33 -44.31 18.70
CA VAL I 222 -31.69 -42.96 18.37
C VAL I 222 -32.52 -42.25 19.42
N LYS I 223 -32.70 -42.72 20.67
CA LYS I 223 -33.63 -42.07 21.58
C LYS I 223 -33.03 -40.80 22.16
N GLY I 224 -33.76 -39.68 22.03
CA GLY I 224 -33.32 -38.36 22.55
C GLY I 224 -31.97 -37.78 22.09
N VAL I 225 -31.49 -38.25 20.96
CA VAL I 225 -30.24 -37.84 20.37
C VAL I 225 -30.45 -36.50 19.68
N ASP I 226 -29.39 -35.80 19.33
CA ASP I 226 -29.43 -34.58 18.50
C ASP I 226 -28.77 -35.16 17.26
N PHE I 227 -29.09 -35.17 15.95
CA PHE I 227 -28.19 -35.74 14.91
C PHE I 227 -28.16 -37.27 14.90
N VAL I 228 -28.64 -37.78 13.76
CA VAL I 228 -28.82 -39.19 13.39
C VAL I 228 -27.90 -39.26 12.17
N HIS I 229 -26.94 -40.19 12.03
CA HIS I 229 -26.02 -40.26 10.89
C HIS I 229 -26.27 -41.53 10.16
N THR I 230 -26.13 -41.59 8.85
CA THR I 230 -26.16 -42.88 8.21
C THR I 230 -25.18 -42.84 7.05
N ASP I 231 -25.12 -43.88 6.21
CA ASP I 231 -24.23 -43.90 5.07
C ASP I 231 -24.57 -45.01 4.10
N VAL I 232 -24.29 -44.92 2.79
CA VAL I 232 -24.72 -45.93 1.82
C VAL I 232 -24.02 -47.20 2.21
N TRP I 233 -24.82 -48.25 2.43
CA TRP I 233 -24.31 -49.58 2.72
C TRP I 233 -24.24 -50.57 1.57
N VAL I 234 -24.78 -50.27 0.40
CA VAL I 234 -24.76 -51.23 -0.70
C VAL I 234 -23.46 -50.93 -1.42
N SER I 235 -22.66 -51.96 -1.73
CA SER I 235 -21.40 -51.78 -2.42
C SER I 235 -21.54 -51.97 -3.92
N MET I 236 -21.71 -50.79 -4.54
CA MET I 236 -21.69 -50.61 -5.98
C MET I 236 -20.55 -51.48 -6.50
N GLY I 237 -20.86 -52.48 -7.29
CA GLY I 237 -19.77 -53.29 -7.81
C GLY I 237 -19.93 -54.72 -7.38
N GLU I 238 -20.03 -55.07 -6.09
CA GLU I 238 -20.25 -56.47 -5.69
C GLU I 238 -21.67 -56.62 -6.27
N PRO I 239 -21.81 -57.42 -7.36
CA PRO I 239 -22.46 -57.00 -8.60
C PRO I 239 -23.64 -56.08 -8.36
N VAL I 240 -24.81 -56.64 -8.07
CA VAL I 240 -26.04 -55.92 -7.78
C VAL I 240 -27.15 -56.94 -7.66
N GLU I 241 -27.15 -57.86 -8.61
CA GLU I 241 -27.99 -59.06 -8.60
C GLU I 241 -27.68 -59.64 -7.27
N ALA I 242 -28.80 -59.51 -6.58
CA ALA I 242 -28.85 -59.87 -5.20
C ALA I 242 -27.85 -59.07 -4.37
N TRP I 243 -28.28 -57.84 -4.11
CA TRP I 243 -27.77 -57.28 -2.90
C TRP I 243 -28.70 -57.93 -1.87
N GLY I 244 -29.94 -58.29 -2.24
CA GLY I 244 -30.91 -59.05 -1.45
C GLY I 244 -30.58 -59.37 0.01
N GLU I 245 -29.60 -60.21 0.38
CA GLU I 245 -29.35 -60.41 1.81
C GLU I 245 -28.88 -59.14 2.48
N ARG I 246 -27.92 -58.40 1.92
CA ARG I 246 -27.49 -57.11 2.47
C ARG I 246 -28.73 -56.22 2.61
N ILE I 247 -29.56 -56.19 1.56
CA ILE I 247 -30.73 -55.34 1.63
C ILE I 247 -31.69 -55.85 2.68
N LYS I 248 -31.76 -57.14 2.98
CA LYS I 248 -32.72 -57.58 3.97
C LYS I 248 -32.14 -57.24 5.34
N GLU I 249 -30.81 -57.20 5.48
CA GLU I 249 -30.19 -56.89 6.77
C GLU I 249 -30.32 -55.47 7.21
N LEU I 250 -29.81 -54.58 6.38
CA LEU I 250 -29.73 -53.24 6.84
C LEU I 250 -31.03 -52.52 6.61
N LEU I 251 -32.00 -53.08 5.86
CA LEU I 251 -33.21 -52.33 5.60
C LEU I 251 -33.99 -52.02 6.89
N PRO I 252 -33.95 -52.71 8.05
CA PRO I 252 -34.53 -52.18 9.26
C PRO I 252 -33.85 -50.89 9.70
N TYR I 253 -32.53 -50.71 9.50
CA TYR I 253 -31.76 -49.51 9.86
C TYR I 253 -31.84 -48.33 8.89
N GLN I 254 -32.89 -48.28 8.08
CA GLN I 254 -33.08 -47.27 7.07
C GLN I 254 -33.34 -45.97 7.81
N VAL I 255 -32.58 -44.86 7.78
CA VAL I 255 -33.08 -43.69 8.51
C VAL I 255 -34.31 -43.22 7.76
N ASN I 256 -35.47 -43.11 8.41
CA ASN I 256 -36.66 -42.61 7.73
C ASN I 256 -37.53 -41.84 8.70
N MET I 257 -38.64 -41.23 8.30
CA MET I 257 -39.43 -40.42 9.24
C MET I 257 -39.92 -41.16 10.46
N GLU I 258 -39.88 -42.49 10.55
CA GLU I 258 -40.26 -43.19 11.76
C GLU I 258 -39.02 -42.98 12.60
N ILE I 259 -37.82 -43.49 12.23
CA ILE I 259 -36.59 -43.27 12.98
C ILE I 259 -36.31 -41.83 13.39
N MET I 260 -36.55 -40.87 12.50
CA MET I 260 -36.31 -39.47 12.84
C MET I 260 -37.31 -39.06 13.90
N LYS I 261 -38.62 -39.31 13.74
CA LYS I 261 -39.59 -38.97 14.78
C LYS I 261 -39.39 -39.83 16.03
N ALA I 262 -38.75 -41.00 15.86
CA ALA I 262 -38.46 -41.92 16.93
C ALA I 262 -37.48 -41.34 17.89
N THR I 263 -36.67 -40.38 17.42
CA THR I 263 -35.78 -39.70 18.33
C THR I 263 -36.74 -38.92 19.21
N GLY I 264 -36.27 -38.45 20.34
CA GLY I 264 -37.25 -37.73 21.15
C GLY I 264 -37.58 -36.37 20.59
N ASN I 265 -36.65 -35.77 19.84
CA ASN I 265 -36.67 -34.33 19.91
C ASN I 265 -36.90 -33.57 18.64
N PRO I 266 -37.69 -32.47 18.55
CA PRO I 266 -38.04 -31.81 17.29
C PRO I 266 -36.88 -31.11 16.61
N ARG I 267 -35.68 -31.17 17.19
CA ARG I 267 -34.53 -30.53 16.62
C ARG I 267 -33.54 -31.58 16.19
N ALA I 268 -33.79 -32.91 16.29
CA ALA I 268 -32.84 -33.88 15.81
C ALA I 268 -32.61 -33.60 14.32
N LYS I 269 -31.37 -33.77 13.80
CA LYS I 269 -31.01 -33.59 12.41
C LYS I 269 -30.38 -34.84 11.83
N PHE I 270 -30.42 -35.00 10.53
CA PHE I 270 -29.92 -36.15 9.85
C PHE I 270 -28.59 -35.71 9.24
N MET I 271 -27.57 -36.53 9.17
CA MET I 271 -26.34 -36.14 8.53
C MET I 271 -25.91 -37.33 7.72
N HIS I 272 -25.09 -37.17 6.68
CA HIS I 272 -24.73 -38.28 5.81
C HIS I 272 -23.47 -37.88 5.04
N CYS I 273 -22.24 -38.41 4.98
CA CYS I 273 -21.24 -37.75 4.11
C CYS I 273 -21.45 -38.19 2.66
N LEU I 274 -22.39 -37.52 1.98
CA LEU I 274 -22.80 -37.77 0.61
C LEU I 274 -21.92 -38.62 -0.34
N PRO I 275 -22.35 -39.45 -1.32
CA PRO I 275 -23.65 -39.44 -1.97
C PRO I 275 -24.64 -40.27 -1.17
N ALA I 276 -25.90 -39.89 -1.18
CA ALA I 276 -26.86 -40.61 -0.42
C ALA I 276 -27.78 -41.11 -1.47
N PHE I 277 -27.98 -42.42 -1.43
CA PHE I 277 -28.95 -43.08 -2.24
C PHE I 277 -30.27 -42.77 -1.60
N HIS I 278 -30.95 -41.82 -2.20
CA HIS I 278 -32.18 -41.46 -1.57
C HIS I 278 -33.35 -41.36 -2.51
N ASN I 279 -33.22 -41.89 -3.72
CA ASN I 279 -34.31 -41.93 -4.68
C ASN I 279 -33.81 -42.48 -5.99
N SER I 280 -34.71 -42.63 -6.95
CA SER I 280 -34.32 -43.21 -8.21
C SER I 280 -33.72 -42.29 -9.25
N GLU I 281 -33.70 -40.96 -9.05
CA GLU I 281 -33.21 -40.00 -10.04
C GLU I 281 -31.71 -39.98 -10.34
N THR I 282 -31.14 -41.15 -10.52
CA THR I 282 -29.74 -41.32 -10.80
C THR I 282 -29.73 -42.61 -11.61
N LYS I 283 -28.63 -42.91 -12.28
CA LYS I 283 -28.61 -44.09 -13.11
C LYS I 283 -28.35 -45.33 -12.24
N VAL I 284 -27.46 -45.30 -11.22
CA VAL I 284 -27.37 -46.41 -10.27
C VAL I 284 -28.78 -46.57 -9.66
N GLY I 285 -29.38 -45.44 -9.30
CA GLY I 285 -30.66 -45.46 -8.62
C GLY I 285 -31.85 -45.81 -9.48
N LYS I 286 -31.71 -46.11 -10.77
CA LYS I 286 -32.83 -46.64 -11.50
C LYS I 286 -32.64 -48.13 -11.62
N GLN I 287 -31.38 -48.60 -11.76
CA GLN I 287 -31.02 -50.00 -11.76
C GLN I 287 -31.68 -50.66 -10.56
N ILE I 288 -31.21 -50.27 -9.38
CA ILE I 288 -31.69 -50.79 -8.09
C ILE I 288 -33.19 -50.72 -7.97
N ALA I 289 -33.76 -49.53 -8.20
CA ALA I 289 -35.21 -49.36 -8.21
C ALA I 289 -35.88 -50.36 -9.13
N GLU I 290 -35.30 -50.80 -10.26
CA GLU I 290 -35.95 -51.85 -11.04
C GLU I 290 -35.87 -53.14 -10.28
N GLN I 291 -34.64 -53.63 -10.00
CA GLN I 291 -34.52 -54.89 -9.32
C GLN I 291 -35.13 -54.86 -7.91
N TYR I 292 -35.44 -53.69 -7.37
CA TYR I 292 -35.99 -53.61 -6.04
C TYR I 292 -36.89 -52.41 -6.10
N PRO I 293 -38.14 -52.74 -6.37
CA PRO I 293 -39.20 -51.78 -6.30
C PRO I 293 -39.27 -51.13 -4.94
N ASN I 294 -39.03 -51.83 -3.83
CA ASN I 294 -39.35 -51.14 -2.60
C ASN I 294 -38.27 -50.21 -2.13
N LEU I 295 -37.11 -50.19 -2.81
CA LEU I 295 -36.11 -49.17 -2.56
C LEU I 295 -36.59 -48.12 -3.54
N ALA I 296 -35.89 -47.49 -4.49
CA ALA I 296 -36.62 -46.58 -5.44
C ALA I 296 -37.34 -45.43 -4.77
N ASN I 297 -36.68 -44.98 -3.70
CA ASN I 297 -37.21 -43.95 -2.82
C ASN I 297 -36.34 -43.70 -1.61
N GLY I 298 -35.29 -44.50 -1.61
CA GLY I 298 -34.21 -44.22 -0.73
C GLY I 298 -33.79 -45.52 -0.15
N ILE I 299 -32.52 -45.82 -0.36
CA ILE I 299 -32.02 -47.03 0.19
C ILE I 299 -31.70 -46.71 1.63
N GLU I 300 -30.63 -46.04 2.05
CA GLU I 300 -30.33 -45.85 3.47
C GLU I 300 -30.88 -44.59 4.12
N VAL I 301 -31.59 -43.78 3.35
CA VAL I 301 -32.21 -42.55 3.82
C VAL I 301 -33.42 -42.48 2.91
N THR I 302 -34.62 -42.18 3.36
CA THR I 302 -35.69 -42.07 2.39
C THR I 302 -35.76 -40.62 1.94
N GLU I 303 -36.21 -40.32 0.72
CA GLU I 303 -36.46 -38.95 0.35
C GLU I 303 -37.34 -38.27 1.37
N ASP I 304 -38.30 -38.95 2.07
CA ASP I 304 -39.18 -38.27 3.02
C ASP I 304 -38.34 -37.62 4.14
N VAL I 305 -37.12 -38.12 4.38
CA VAL I 305 -36.20 -37.39 5.23
C VAL I 305 -35.16 -36.57 4.49
N PHE I 306 -34.52 -37.12 3.45
CA PHE I 306 -33.49 -36.37 2.77
C PHE I 306 -34.01 -35.04 2.26
N GLU I 307 -35.08 -34.99 1.48
CA GLU I 307 -35.44 -33.72 0.94
C GLU I 307 -36.53 -33.03 1.73
N SER I 308 -36.24 -32.79 3.04
CA SER I 308 -37.04 -31.88 3.88
C SER I 308 -36.53 -31.72 5.33
N PRO I 309 -36.55 -30.54 6.01
CA PRO I 309 -35.55 -29.93 6.94
C PRO I 309 -34.83 -30.62 8.08
N TYR I 310 -34.93 -31.92 8.19
CA TYR I 310 -34.15 -32.68 9.13
C TYR I 310 -32.78 -32.77 8.51
N ASN I 311 -32.57 -32.29 7.30
CA ASN I 311 -31.38 -32.64 6.59
C ASN I 311 -30.39 -31.52 6.54
N ILE I 312 -29.28 -31.65 7.28
CA ILE I 312 -28.21 -30.69 7.20
C ILE I 312 -27.08 -31.37 6.43
N ALA I 313 -27.29 -32.27 5.46
CA ALA I 313 -26.13 -32.87 4.80
C ALA I 313 -25.28 -31.89 4.01
N PHE I 314 -25.83 -30.77 3.47
CA PHE I 314 -25.03 -29.87 2.67
C PHE I 314 -24.25 -28.84 3.43
N GLU I 315 -24.77 -28.37 4.58
CA GLU I 315 -24.02 -27.51 5.51
C GLU I 315 -22.87 -28.38 6.02
N GLN I 316 -23.09 -29.65 6.38
CA GLN I 316 -21.98 -30.52 6.74
C GLN I 316 -21.02 -30.72 5.57
N ALA I 317 -21.47 -30.91 4.33
CA ALA I 317 -20.55 -31.00 3.20
C ALA I 317 -19.65 -29.76 3.03
N GLU I 318 -20.17 -28.55 3.23
CA GLU I 318 -19.40 -27.32 3.22
C GLU I 318 -18.36 -27.30 4.33
N ASN I 319 -18.74 -27.59 5.56
CA ASN I 319 -17.85 -27.71 6.70
C ASN I 319 -16.60 -28.53 6.53
N ARG I 320 -16.52 -29.24 5.42
CA ARG I 320 -15.35 -30.01 5.11
C ARG I 320 -14.27 -29.14 4.50
N MET I 321 -14.69 -28.03 3.90
CA MET I 321 -13.81 -27.00 3.35
C MET I 321 -13.25 -26.16 4.47
N HIS I 322 -14.06 -25.78 5.48
CA HIS I 322 -13.52 -24.96 6.54
C HIS I 322 -12.59 -25.81 7.34
N THR I 323 -12.74 -27.15 7.51
CA THR I 323 -11.73 -27.98 8.18
C THR I 323 -10.42 -28.13 7.41
N ILE I 324 -10.44 -28.40 6.10
CA ILE I 324 -9.19 -28.52 5.38
C ILE I 324 -8.50 -27.18 5.41
N LYS I 325 -9.21 -26.05 5.41
CA LYS I 325 -8.53 -24.81 5.65
C LYS I 325 -7.94 -24.80 7.06
N ALA I 326 -8.52 -25.38 8.15
CA ALA I 326 -7.87 -25.37 9.46
C ALA I 326 -6.58 -26.14 9.43
N ILE I 327 -6.58 -27.29 8.73
CA ILE I 327 -5.38 -28.10 8.49
C ILE I 327 -4.40 -27.33 7.59
N LEU I 328 -4.69 -26.59 6.51
CA LEU I 328 -3.61 -25.93 5.78
C LEU I 328 -3.08 -24.77 6.64
N VAL I 329 -3.93 -24.02 7.35
CA VAL I 329 -3.43 -22.92 8.14
C VAL I 329 -2.67 -23.42 9.34
N SER I 330 -2.92 -24.48 10.12
CA SER I 330 -1.99 -24.76 11.21
C SER I 330 -0.72 -25.49 10.83
N THR I 331 -0.67 -26.05 9.60
CA THR I 331 0.51 -26.73 9.09
C THR I 331 1.49 -25.76 8.43
N LEU I 332 0.92 -25.01 7.47
CA LEU I 332 1.63 -24.08 6.62
C LEU I 332 1.57 -22.66 7.17
N ALA I 333 0.62 -21.75 7.03
CA ALA I 333 0.64 -20.39 7.58
C ALA I 333 1.60 -19.85 8.61
N ASP I 334 1.91 -18.58 8.32
CA ASP I 334 2.81 -17.77 9.10
C ASP I 334 2.10 -17.08 10.25
N ILE I 335 1.74 -17.87 11.23
CA ILE I 335 1.11 -17.44 12.46
C ILE I 335 1.63 -18.45 13.45
N ALA J 1 -3.53 -11.51 -25.69
CA ALA J 1 -2.61 -10.77 -26.50
C ALA J 1 -3.30 -10.19 -27.74
N PHE J 2 -2.60 -10.10 -28.87
CA PHE J 2 -2.82 -9.28 -30.06
C PHE J 2 -2.04 -8.13 -29.47
N ASN J 3 -0.82 -8.11 -29.95
CA ASN J 3 0.18 -7.19 -29.47
C ASN J 3 1.16 -6.92 -30.59
N MET J 4 1.90 -5.83 -30.42
CA MET J 4 3.02 -5.50 -31.26
C MET J 4 4.20 -5.16 -30.33
N HIS J 5 4.21 -5.94 -29.25
CA HIS J 5 5.20 -5.92 -28.19
C HIS J 5 6.55 -5.98 -28.84
N ASN J 6 7.53 -5.14 -28.49
CA ASN J 6 8.86 -5.12 -29.06
C ASN J 6 9.11 -4.69 -30.48
N ARG J 7 8.01 -4.41 -31.15
CA ARG J 7 8.13 -3.98 -32.50
C ARG J 7 8.69 -2.54 -32.51
N ASN J 8 9.79 -2.25 -33.22
CA ASN J 8 10.20 -0.87 -33.45
C ASN J 8 9.07 -0.15 -34.18
N LEU J 9 8.82 1.14 -33.98
CA LEU J 9 7.93 1.81 -34.92
C LEU J 9 8.95 2.58 -35.75
N LEU J 10 9.90 2.03 -36.52
CA LEU J 10 10.76 2.98 -37.20
C LEU J 10 10.19 3.28 -38.58
N SER J 11 9.04 3.95 -38.58
CA SER J 11 8.39 4.48 -39.79
C SER J 11 7.69 3.53 -40.73
N LEU J 12 6.47 3.14 -40.36
CA LEU J 12 5.91 2.14 -41.23
C LEU J 12 4.82 2.24 -42.27
N MET J 13 5.57 2.14 -43.37
CA MET J 13 5.04 1.89 -44.71
C MET J 13 4.48 0.47 -44.68
N HIS J 14 4.85 -0.42 -43.74
CA HIS J 14 4.31 -1.77 -43.66
C HIS J 14 3.63 -1.97 -42.31
N HIS J 15 2.30 -2.22 -42.35
CA HIS J 15 1.31 -2.32 -41.27
C HIS J 15 -0.09 -2.56 -41.80
N SER J 16 -0.58 -3.68 -41.31
CA SER J 16 -1.94 -4.18 -41.53
C SER J 16 -3.02 -3.12 -41.42
N THR J 17 -4.16 -2.99 -42.16
CA THR J 17 -5.15 -2.01 -41.69
C THR J 17 -5.55 -2.35 -40.27
N ARG J 18 -5.43 -3.64 -39.87
CA ARG J 18 -5.64 -4.13 -38.51
C ARG J 18 -4.64 -3.56 -37.49
N GLU J 19 -3.31 -3.42 -37.69
CA GLU J 19 -2.43 -2.81 -36.69
C GLU J 19 -2.66 -1.31 -36.58
N LEU J 20 -2.89 -0.64 -37.71
CA LEU J 20 -3.14 0.78 -37.72
C LEU J 20 -4.42 0.94 -36.96
N ARG J 21 -5.49 0.17 -37.19
CA ARG J 21 -6.62 0.41 -36.34
C ARG J 21 -6.45 0.13 -34.85
N TYR J 22 -5.63 -0.86 -34.50
CA TYR J 22 -5.30 -1.11 -33.11
C TYR J 22 -4.58 0.10 -32.56
N LEU J 23 -3.55 0.59 -33.22
CA LEU J 23 -2.84 1.76 -32.77
C LEU J 23 -3.68 3.02 -32.61
N LEU J 24 -4.72 3.29 -33.40
CA LEU J 24 -5.54 4.48 -33.18
C LEU J 24 -6.63 4.26 -32.15
N ASP J 25 -7.07 3.00 -31.93
CA ASP J 25 -8.04 2.75 -30.92
C ASP J 25 -7.22 2.96 -29.67
N LEU J 26 -6.05 2.36 -29.50
CA LEU J 26 -5.30 2.59 -28.28
C LEU J 26 -5.00 4.04 -27.99
N SER J 27 -4.68 4.94 -28.95
CA SER J 27 -4.42 6.31 -28.57
C SER J 27 -5.70 7.04 -28.22
N ARG J 28 -6.81 6.57 -28.77
CA ARG J 28 -8.09 7.19 -28.49
C ARG J 28 -8.41 6.94 -27.03
N ASP J 29 -8.22 5.67 -26.62
CA ASP J 29 -8.49 5.27 -25.27
C ASP J 29 -7.46 5.71 -24.29
N LEU J 30 -6.21 5.97 -24.69
CA LEU J 30 -5.26 6.52 -23.77
C LEU J 30 -5.49 8.02 -23.59
N LYS J 31 -6.21 8.72 -24.52
CA LYS J 31 -6.48 10.16 -24.39
C LYS J 31 -7.56 10.32 -23.37
N ARG J 32 -8.59 9.52 -23.63
CA ARG J 32 -9.69 9.47 -22.69
C ARG J 32 -9.17 9.05 -21.33
N ALA J 33 -8.15 8.18 -21.20
CA ALA J 33 -7.76 7.73 -19.87
C ALA J 33 -7.11 8.84 -19.09
N LYS J 34 -6.36 9.72 -19.77
CA LYS J 34 -5.69 10.81 -19.09
C LYS J 34 -6.74 11.73 -18.52
N TYR J 35 -7.67 12.20 -19.38
CA TYR J 35 -8.73 13.13 -18.99
C TYR J 35 -9.71 12.88 -17.87
N THR J 36 -9.95 11.59 -17.76
CA THR J 36 -10.82 10.96 -16.80
C THR J 36 -10.08 10.52 -15.57
N GLY J 37 -8.75 10.45 -15.65
CA GLY J 37 -7.95 9.98 -14.51
C GLY J 37 -8.06 8.47 -14.19
N THR J 38 -8.41 7.75 -15.23
CA THR J 38 -8.52 6.34 -15.27
C THR J 38 -7.15 5.81 -15.71
N GLU J 39 -6.17 6.64 -16.14
CA GLU J 39 -4.87 6.18 -16.59
C GLU J 39 -4.02 5.55 -15.51
N GLN J 40 -3.53 4.33 -15.73
CA GLN J 40 -2.63 3.62 -14.83
C GLN J 40 -1.21 3.68 -15.44
N GLN J 41 -0.13 3.80 -14.68
CA GLN J 41 1.20 3.82 -15.26
C GLN J 41 1.73 2.44 -15.58
N HIS J 42 1.84 2.03 -16.84
CA HIS J 42 2.38 0.75 -17.23
C HIS J 42 3.80 0.77 -17.80
N LEU J 43 4.59 1.83 -17.56
CA LEU J 43 5.98 1.90 -17.99
C LEU J 43 6.86 2.32 -16.82
N LYS J 44 6.44 2.05 -15.58
CA LYS J 44 7.22 2.46 -14.41
C LYS J 44 8.53 1.74 -14.49
N ARG J 45 9.62 2.44 -14.21
CA ARG J 45 10.94 1.80 -14.13
C ARG J 45 11.49 1.51 -15.53
N LYS J 46 11.01 2.15 -16.62
CA LYS J 46 11.51 1.98 -17.98
C LYS J 46 12.24 3.27 -18.30
N ASN J 47 13.46 3.33 -18.85
CA ASN J 47 14.15 4.58 -19.09
C ASN J 47 14.32 4.72 -20.58
N ILE J 48 13.91 5.77 -21.29
CA ILE J 48 14.17 5.79 -22.72
C ILE J 48 15.14 6.95 -22.96
N ALA J 49 15.93 6.85 -24.04
CA ALA J 49 17.00 7.78 -24.47
C ALA J 49 16.40 8.55 -25.63
N LEU J 50 16.72 9.79 -25.94
CA LEU J 50 16.07 10.49 -27.03
C LEU J 50 17.23 11.11 -27.74
N ILE J 51 17.69 10.58 -28.88
CA ILE J 51 18.81 11.11 -29.61
C ILE J 51 18.18 12.03 -30.64
N PHE J 52 18.32 13.35 -30.55
CA PHE J 52 17.72 14.19 -31.56
C PHE J 52 18.82 14.83 -32.40
N GLU J 53 19.02 14.54 -33.70
CA GLU J 53 20.03 15.22 -34.51
C GLU J 53 19.47 16.58 -34.92
N LYS J 54 18.21 16.84 -35.30
CA LYS J 54 17.82 18.24 -35.44
C LYS J 54 17.03 18.56 -34.16
N THR J 55 17.17 19.76 -33.55
CA THR J 55 16.30 20.19 -32.46
C THR J 55 14.86 20.24 -32.95
N SER J 56 13.94 19.61 -32.22
CA SER J 56 12.52 19.62 -32.51
C SER J 56 11.67 19.62 -31.24
N THR J 57 11.53 20.74 -30.58
CA THR J 57 10.80 20.86 -29.33
C THR J 57 9.44 20.24 -29.21
N ARG J 58 8.56 20.42 -30.18
CA ARG J 58 7.25 19.84 -30.17
C ARG J 58 7.33 18.32 -30.22
N THR J 59 8.38 17.73 -30.79
CA THR J 59 8.40 16.27 -30.79
C THR J 59 9.13 15.74 -29.57
N ARG J 60 10.09 16.48 -29.05
CA ARG J 60 10.68 16.14 -27.79
C ARG J 60 9.56 16.26 -26.76
N CYS J 61 8.90 17.40 -26.48
CA CYS J 61 7.84 17.45 -25.49
C CYS J 61 6.79 16.36 -25.60
N ALA J 62 6.34 15.98 -26.80
CA ALA J 62 5.41 14.87 -26.93
C ALA J 62 6.04 13.59 -26.42
N PHE J 63 7.31 13.24 -26.72
CA PHE J 63 7.90 12.03 -26.17
C PHE J 63 8.01 12.18 -24.67
N GLU J 64 8.55 13.30 -24.20
CA GLU J 64 8.75 13.53 -22.81
C GLU J 64 7.46 13.45 -22.01
N VAL J 65 6.39 14.21 -22.23
CA VAL J 65 5.14 14.05 -21.53
C VAL J 65 4.56 12.65 -21.66
N ALA J 66 4.57 11.96 -22.81
CA ALA J 66 4.02 10.62 -22.89
C ALA J 66 4.77 9.61 -22.06
N ALA J 67 6.10 9.68 -22.12
CA ALA J 67 6.91 8.79 -21.35
C ALA J 67 6.71 9.02 -19.88
N TYR J 68 6.58 10.28 -19.43
CA TYR J 68 6.34 10.61 -18.05
C TYR J 68 4.99 10.24 -17.53
N ASP J 69 3.90 10.40 -18.26
CA ASP J 69 2.63 10.02 -17.72
C ASP J 69 2.59 8.55 -17.33
N GLN J 70 3.30 7.75 -18.11
CA GLN J 70 3.34 6.36 -17.91
C GLN J 70 4.46 6.01 -16.94
N GLY J 71 4.90 6.83 -16.02
CA GLY J 71 6.02 6.45 -15.17
C GLY J 71 7.39 6.19 -15.83
N ALA J 72 7.71 6.39 -17.11
CA ALA J 72 9.06 6.12 -17.58
C ALA J 72 9.99 7.28 -17.29
N ASN J 73 11.25 7.21 -17.69
CA ASN J 73 12.19 8.28 -17.44
C ASN J 73 12.91 8.56 -18.72
N VAL J 74 13.38 9.77 -19.01
CA VAL J 74 13.83 10.10 -20.34
C VAL J 74 15.22 10.71 -20.30
N THR J 75 16.21 10.34 -21.11
CA THR J 75 17.48 11.07 -21.17
C THR J 75 17.47 11.85 -22.46
N TYR J 76 17.30 13.18 -22.57
CA TYR J 76 17.41 13.83 -23.86
C TYR J 76 18.89 14.04 -24.23
N ILE J 77 19.27 13.61 -25.43
CA ILE J 77 20.62 13.74 -25.95
C ILE J 77 20.45 14.60 -27.18
N ASP J 78 21.01 15.80 -27.12
CA ASP J 78 21.04 16.81 -28.18
C ASP J 78 21.38 16.65 -29.63
N PRO J 79 21.22 17.71 -30.43
CA PRO J 79 22.10 17.97 -31.54
C PRO J 79 23.43 18.50 -31.03
N ASN J 80 23.53 19.44 -30.09
CA ASN J 80 24.86 20.00 -29.75
C ASN J 80 25.93 19.02 -29.35
N SER J 81 25.63 17.85 -28.79
CA SER J 81 26.69 17.02 -28.27
C SER J 81 26.41 15.53 -28.17
N SER J 82 26.08 15.09 -29.37
CA SER J 82 25.95 13.72 -29.73
C SER J 82 26.73 13.83 -31.02
N GLN J 83 28.06 13.95 -30.98
CA GLN J 83 28.80 14.09 -32.23
C GLN J 83 28.86 12.71 -32.92
N ILE J 84 27.69 12.26 -33.43
CA ILE J 84 27.47 10.90 -33.89
C ILE J 84 28.42 10.42 -34.96
N GLY J 85 28.36 10.94 -36.18
CA GLY J 85 29.27 10.42 -37.19
C GLY J 85 30.70 10.81 -36.86
N HIS J 86 30.94 11.72 -35.88
CA HIS J 86 32.26 12.30 -35.71
C HIS J 86 33.37 11.29 -35.55
N LYS J 87 33.32 10.61 -34.41
CA LYS J 87 34.33 9.66 -34.05
C LYS J 87 33.67 8.43 -33.44
N GLU J 88 32.37 8.19 -33.70
CA GLU J 88 31.85 6.98 -33.13
C GLU J 88 31.08 6.11 -34.08
N SER J 89 29.91 6.46 -34.63
CA SER J 89 29.09 5.65 -35.55
C SER J 89 27.91 5.10 -34.82
N MET J 90 26.73 5.36 -35.38
CA MET J 90 25.46 4.87 -34.90
C MET J 90 25.52 3.40 -34.52
N LYS J 91 26.20 2.55 -35.31
CA LYS J 91 26.25 1.13 -35.01
C LYS J 91 26.93 0.88 -33.69
N ASP J 92 28.02 1.58 -33.39
CA ASP J 92 28.70 1.44 -32.12
C ASP J 92 28.04 2.14 -30.98
N THR J 93 27.35 3.25 -31.19
CA THR J 93 26.78 3.85 -30.01
C THR J 93 25.39 3.26 -29.76
N ALA J 94 24.62 2.67 -30.70
CA ALA J 94 23.37 2.00 -30.39
C ALA J 94 23.67 0.77 -29.55
N ARG J 95 24.76 0.05 -29.84
CA ARG J 95 25.08 -1.10 -29.03
C ARG J 95 25.39 -0.71 -27.60
N VAL J 96 26.04 0.45 -27.35
CA VAL J 96 26.24 0.80 -25.97
C VAL J 96 24.90 1.21 -25.40
N LEU J 97 24.18 2.13 -26.03
CA LEU J 97 22.90 2.59 -25.50
C LEU J 97 21.76 1.55 -25.38
N GLY J 98 21.64 0.45 -26.11
CA GLY J 98 20.61 -0.52 -25.83
C GLY J 98 21.01 -1.29 -24.57
N ARG J 99 22.23 -1.14 -24.10
CA ARG J 99 22.55 -1.83 -22.86
C ARG J 99 22.15 -0.99 -21.68
N MET J 100 22.11 0.33 -21.77
CA MET J 100 21.62 1.05 -20.64
C MET J 100 20.16 1.42 -20.74
N TYR J 101 19.59 1.76 -21.91
CA TYR J 101 18.20 2.14 -22.02
C TYR J 101 17.25 1.01 -22.32
N ASP J 102 15.95 1.31 -22.32
CA ASP J 102 14.90 0.32 -22.56
C ASP J 102 14.24 0.47 -23.90
N ALA J 103 14.38 1.60 -24.54
CA ALA J 103 13.81 1.88 -25.85
C ALA J 103 14.57 3.09 -26.33
N ILE J 104 14.57 3.56 -27.58
CA ILE J 104 15.35 4.76 -27.92
C ILE J 104 14.49 5.59 -28.86
N GLY J 105 14.39 6.91 -28.75
CA GLY J 105 13.59 7.68 -29.68
C GLY J 105 14.57 8.35 -30.61
N TYR J 106 14.29 8.42 -31.89
CA TYR J 106 15.26 9.04 -32.74
C TYR J 106 14.63 10.06 -33.63
N ARG J 107 15.41 11.10 -33.86
CA ARG J 107 14.96 12.14 -34.75
C ARG J 107 16.13 12.88 -35.34
N GLY J 108 16.34 12.55 -36.60
CA GLY J 108 17.45 13.03 -37.34
C GLY J 108 16.92 13.24 -38.73
N PHE J 109 17.84 13.53 -39.64
CA PHE J 109 17.41 13.80 -41.00
C PHE J 109 17.34 12.50 -41.80
N LYS J 110 18.47 11.83 -41.68
CA LYS J 110 18.81 10.76 -42.58
C LYS J 110 18.24 9.39 -42.29
N GLN J 111 16.96 9.11 -42.56
CA GLN J 111 16.33 7.80 -42.31
C GLN J 111 17.27 6.62 -42.43
N GLU J 112 18.19 6.62 -43.42
CA GLU J 112 19.26 5.63 -43.53
C GLU J 112 19.87 5.34 -42.12
N ILE J 113 20.34 6.34 -41.33
CA ILE J 113 20.82 6.16 -39.93
C ILE J 113 19.84 5.52 -38.96
N VAL J 114 18.55 5.91 -38.97
CA VAL J 114 17.52 5.33 -38.12
C VAL J 114 17.59 3.82 -38.23
N GLU J 115 17.75 3.33 -39.46
CA GLU J 115 17.86 1.90 -39.68
C GLU J 115 19.08 1.32 -38.99
N GLU J 116 20.28 1.93 -38.92
CA GLU J 116 21.38 1.33 -38.16
C GLU J 116 21.05 1.17 -36.70
N LEU J 117 20.46 2.23 -36.16
CA LEU J 117 20.05 2.32 -34.78
C LEU J 117 19.10 1.18 -34.53
N ALA J 118 18.06 1.07 -35.36
CA ALA J 118 17.07 0.04 -35.20
C ALA J 118 17.71 -1.33 -35.33
N LYS J 119 18.70 -1.47 -36.21
CA LYS J 119 19.26 -2.78 -36.45
C LYS J 119 20.11 -3.32 -35.31
N PHE J 120 21.01 -2.47 -34.79
CA PHE J 120 21.97 -2.84 -33.75
C PHE J 120 21.60 -2.53 -32.32
N ALA J 121 20.70 -1.60 -32.02
CA ALA J 121 20.44 -1.25 -30.64
C ALA J 121 20.08 -2.39 -29.71
N GLY J 122 19.23 -3.33 -30.13
CA GLY J 122 18.85 -4.45 -29.29
C GLY J 122 17.61 -4.17 -28.46
N VAL J 123 16.97 -3.01 -28.63
CA VAL J 123 15.85 -2.62 -27.81
C VAL J 123 14.88 -1.80 -28.67
N PRO J 124 13.54 -1.74 -28.58
CA PRO J 124 12.69 -0.88 -29.41
C PRO J 124 13.22 0.47 -29.88
N VAL J 125 13.28 0.72 -31.16
CA VAL J 125 13.71 2.04 -31.59
C VAL J 125 12.50 2.71 -32.22
N PHE J 126 12.16 3.90 -31.76
CA PHE J 126 10.96 4.54 -32.26
C PHE J 126 11.47 5.70 -33.05
N ASN J 127 11.18 5.65 -34.32
CA ASN J 127 11.53 6.80 -35.09
C ASN J 127 10.54 7.90 -34.73
N GLY J 128 10.99 8.87 -33.93
CA GLY J 128 10.22 10.08 -33.72
C GLY J 128 10.05 10.67 -35.12
N LEU J 129 11.11 10.78 -35.94
CA LEU J 129 11.08 11.11 -37.38
C LEU J 129 12.40 11.40 -38.12
N THR J 130 12.29 11.51 -39.45
CA THR J 130 13.36 11.87 -40.37
C THR J 130 12.73 12.54 -41.57
N ASP J 131 13.44 12.81 -42.68
CA ASP J 131 12.89 13.41 -43.90
C ASP J 131 11.83 12.53 -44.56
N GLU J 132 12.17 11.24 -44.61
CA GLU J 132 11.35 10.14 -45.10
C GLU J 132 10.05 10.23 -44.31
N TYR J 133 10.18 10.68 -43.04
CA TYR J 133 9.02 11.09 -42.28
C TYR J 133 8.16 9.98 -41.74
N HIS J 134 7.41 10.63 -40.83
CA HIS J 134 6.33 10.31 -39.91
C HIS J 134 5.12 9.38 -39.97
N PRO J 135 5.38 8.20 -39.45
CA PRO J 135 4.38 7.41 -38.79
C PRO J 135 3.53 8.10 -37.70
N THR J 136 4.00 8.93 -36.75
CA THR J 136 3.07 9.42 -35.73
C THR J 136 2.30 10.67 -36.04
N GLN J 137 2.77 11.62 -36.88
CA GLN J 137 1.88 12.74 -37.15
C GLN J 137 0.83 12.12 -38.06
N MET J 138 1.13 11.07 -38.86
CA MET J 138 0.07 10.37 -39.59
C MET J 138 -1.11 9.88 -38.77
N LEU J 139 -0.85 9.17 -37.67
CA LEU J 139 -1.91 8.68 -36.80
C LEU J 139 -2.44 9.76 -35.89
N ALA J 140 -1.71 10.85 -35.57
CA ALA J 140 -2.24 11.97 -34.79
C ALA J 140 -3.38 12.60 -35.59
N ASP J 141 -3.12 13.04 -36.82
CA ASP J 141 -4.14 13.61 -37.66
C ASP J 141 -5.32 12.73 -37.85
N VAL J 142 -5.16 11.44 -38.16
CA VAL J 142 -6.40 10.73 -38.35
C VAL J 142 -7.04 10.51 -36.99
N LEU J 143 -6.31 10.40 -35.84
CA LEU J 143 -6.94 10.40 -34.51
C LEU J 143 -7.72 11.71 -34.44
N THR J 144 -7.22 12.82 -34.96
CA THR J 144 -7.96 14.07 -34.86
C THR J 144 -9.16 14.13 -35.77
N MET J 145 -9.07 13.58 -36.99
CA MET J 145 -10.21 13.70 -37.85
C MET J 145 -11.32 12.85 -37.27
N ARG J 146 -10.93 11.71 -36.68
CA ARG J 146 -11.95 10.82 -36.19
C ARG J 146 -12.65 11.29 -34.94
N GLU J 147 -11.99 11.95 -34.00
CA GLU J 147 -12.75 12.35 -32.84
C GLU J 147 -13.56 13.60 -32.88
N HIS J 148 -13.15 14.41 -33.84
CA HIS J 148 -13.79 15.66 -34.01
C HIS J 148 -14.98 15.47 -34.89
N SER J 149 -14.93 14.69 -35.99
CA SER J 149 -16.08 14.56 -36.84
C SER J 149 -17.14 13.66 -36.24
N ASP J 150 -16.73 12.76 -35.34
CA ASP J 150 -17.61 11.82 -34.66
C ASP J 150 -18.28 10.79 -35.58
N LYS J 151 -17.68 10.62 -36.78
CA LYS J 151 -18.11 9.73 -37.85
C LYS J 151 -17.20 8.50 -37.86
N PRO J 152 -17.54 7.34 -38.41
CA PRO J 152 -16.63 6.19 -38.52
C PRO J 152 -15.43 6.56 -39.36
N LEU J 153 -14.22 5.98 -39.30
CA LEU J 153 -13.15 6.40 -40.23
C LEU J 153 -13.60 6.56 -41.70
N HIS J 154 -14.14 5.53 -42.34
CA HIS J 154 -14.66 5.64 -43.70
C HIS J 154 -15.77 6.66 -43.98
N ASP J 155 -16.18 7.60 -43.14
CA ASP J 155 -17.13 8.61 -43.62
C ASP J 155 -16.40 9.90 -43.34
N ILE J 156 -15.08 9.92 -43.43
CA ILE J 156 -14.38 11.16 -43.19
C ILE J 156 -13.72 11.39 -44.52
N SER J 157 -13.88 12.58 -45.05
CA SER J 157 -13.14 12.93 -46.24
C SER J 157 -12.35 14.18 -45.95
N TYR J 158 -11.22 14.39 -46.57
CA TYR J 158 -10.41 15.56 -46.31
C TYR J 158 -9.57 15.94 -47.52
N ALA J 159 -8.99 17.14 -47.63
CA ALA J 159 -8.23 17.53 -48.79
C ALA J 159 -6.89 18.09 -48.37
N TYR J 160 -5.88 18.00 -49.22
CA TYR J 160 -4.58 18.52 -48.89
C TYR J 160 -4.31 19.56 -49.95
N LEU J 161 -3.93 20.81 -49.67
CA LEU J 161 -3.74 21.75 -50.73
C LEU J 161 -2.31 22.21 -50.94
N GLY J 162 -1.85 21.66 -52.05
CA GLY J 162 -0.63 22.06 -52.74
C GLY J 162 0.76 21.88 -52.18
N ASP J 163 1.40 21.09 -53.03
CA ASP J 163 2.77 20.58 -52.99
C ASP J 163 2.51 19.28 -52.28
N ALA J 164 1.94 18.38 -53.06
CA ALA J 164 1.70 17.11 -52.46
C ALA J 164 2.98 16.32 -52.70
N ARG J 165 4.17 16.82 -52.35
CA ARG J 165 5.42 16.10 -52.61
C ARG J 165 6.25 16.17 -51.38
N ASN J 166 6.49 17.40 -50.86
CA ASN J 166 6.88 17.66 -49.48
C ASN J 166 5.76 16.81 -48.83
N ASN J 167 6.27 15.67 -48.36
CA ASN J 167 5.49 14.48 -48.09
C ASN J 167 4.37 14.43 -47.09
N MET J 168 3.90 15.54 -46.50
CA MET J 168 2.66 15.49 -45.73
C MET J 168 1.56 15.11 -46.72
N GLY J 169 1.77 15.48 -47.99
CA GLY J 169 0.94 15.09 -49.09
C GLY J 169 1.00 13.59 -49.25
N ASN J 170 2.17 12.96 -49.20
CA ASN J 170 2.24 11.50 -49.32
C ASN J 170 1.72 10.74 -48.13
N SER J 171 1.92 11.30 -46.95
CA SER J 171 1.59 10.56 -45.79
C SER J 171 0.10 10.71 -45.63
N LEU J 172 -0.52 11.85 -45.95
CA LEU J 172 -1.96 11.87 -45.87
C LEU J 172 -2.58 10.93 -46.89
N LEU J 173 -2.16 10.87 -48.16
CA LEU J 173 -2.67 9.92 -49.12
C LEU J 173 -2.46 8.47 -48.67
N LEU J 174 -1.29 8.13 -48.10
CA LEU J 174 -1.01 6.78 -47.68
C LEU J 174 -2.01 6.33 -46.63
N ILE J 175 -2.26 7.12 -45.57
CA ILE J 175 -3.13 6.61 -44.57
C ILE J 175 -4.57 6.76 -45.00
N GLY J 176 -5.04 7.82 -45.69
CA GLY J 176 -6.39 7.79 -46.23
C GLY J 176 -6.65 6.50 -47.05
N ALA J 177 -5.64 6.00 -47.78
CA ALA J 177 -5.79 4.81 -48.59
C ALA J 177 -5.93 3.55 -47.75
N LYS J 178 -5.06 3.30 -46.77
CA LYS J 178 -5.20 2.08 -45.98
C LYS J 178 -6.43 2.06 -45.09
N LEU J 179 -6.97 3.20 -44.68
CA LEU J 179 -8.09 3.13 -43.75
C LEU J 179 -9.43 3.36 -44.44
N GLY J 180 -9.40 3.57 -45.74
CA GLY J 180 -10.64 3.67 -46.48
C GLY J 180 -11.41 4.94 -46.28
N MET J 181 -10.69 6.04 -46.11
CA MET J 181 -11.34 7.32 -45.96
C MET J 181 -11.44 7.88 -47.37
N ASP J 182 -11.98 9.08 -47.53
CA ASP J 182 -12.10 9.71 -48.83
C ASP J 182 -11.07 10.83 -48.88
N VAL J 183 -9.88 10.53 -49.41
CA VAL J 183 -8.82 11.53 -49.46
C VAL J 183 -8.61 12.23 -50.81
N ARG J 184 -8.68 13.56 -50.89
CA ARG J 184 -8.51 14.31 -52.13
C ARG J 184 -7.26 15.15 -52.13
N ILE J 185 -6.32 15.09 -53.07
CA ILE J 185 -5.19 16.02 -53.02
C ILE J 185 -5.38 17.15 -54.03
N ALA J 186 -5.11 18.41 -53.70
CA ALA J 186 -5.31 19.53 -54.60
C ALA J 186 -4.02 20.28 -54.82
N ALA J 187 -3.27 19.93 -55.85
CA ALA J 187 -2.01 20.60 -56.10
C ALA J 187 -1.80 20.71 -57.61
N PRO J 188 -0.94 21.58 -58.15
CA PRO J 188 -0.66 21.64 -59.56
C PRO J 188 0.07 20.36 -59.98
N LYS J 189 -0.25 19.72 -61.11
CA LYS J 189 0.37 18.49 -61.61
C LYS J 189 1.88 18.34 -61.52
N ALA J 190 2.64 19.43 -61.51
CA ALA J 190 4.10 19.35 -61.34
C ALA J 190 4.50 18.91 -59.94
N LEU J 191 3.50 18.89 -59.05
CA LEU J 191 3.62 18.70 -57.62
C LEU J 191 2.69 17.63 -57.03
N TRP J 192 2.31 16.65 -57.82
CA TRP J 192 1.50 15.53 -57.35
C TRP J 192 2.45 14.48 -56.75
N PRO J 193 2.09 13.48 -55.93
CA PRO J 193 3.02 12.44 -55.45
C PRO J 193 3.59 11.67 -56.66
N HIS J 194 4.81 11.08 -56.84
CA HIS J 194 5.02 10.48 -58.17
C HIS J 194 4.14 9.25 -58.22
N ASP J 195 3.58 9.29 -59.41
CA ASP J 195 2.63 8.32 -59.86
C ASP J 195 2.96 6.88 -59.50
N GLU J 196 4.19 6.34 -59.30
CA GLU J 196 4.21 4.95 -58.86
C GLU J 196 3.69 4.85 -57.42
N PHE J 197 3.93 5.89 -56.59
CA PHE J 197 3.38 5.96 -55.24
C PHE J 197 1.89 6.15 -55.42
N VAL J 198 1.28 7.04 -56.22
CA VAL J 198 -0.18 7.00 -56.33
C VAL J 198 -0.61 5.60 -56.78
N ALA J 199 0.15 4.86 -57.59
CA ALA J 199 -0.27 3.53 -58.00
C ALA J 199 -0.36 2.63 -56.78
N GLN J 200 0.54 2.82 -55.82
CA GLN J 200 0.48 2.04 -54.59
C GLN J 200 -0.74 2.47 -53.84
N CYS J 201 -0.90 3.76 -53.56
CA CYS J 201 -2.08 4.23 -52.87
C CYS J 201 -3.32 3.77 -53.58
N LYS J 202 -3.33 3.45 -54.88
CA LYS J 202 -4.56 2.92 -55.42
C LYS J 202 -4.72 1.43 -55.16
N LYS J 203 -3.63 0.66 -55.10
CA LYS J 203 -3.66 -0.76 -54.75
C LYS J 203 -4.40 -0.82 -53.42
N PHE J 204 -3.83 -0.13 -52.42
CA PHE J 204 -4.42 0.00 -51.10
C PHE J 204 -5.86 0.49 -51.11
N ALA J 205 -6.08 1.60 -51.81
CA ALA J 205 -7.41 2.21 -51.84
C ALA J 205 -8.53 1.33 -52.31
N GLU J 206 -8.22 0.18 -52.88
CA GLU J 206 -9.22 -0.72 -53.42
C GLU J 206 -9.66 -1.81 -52.47
N GLU J 207 -8.70 -2.26 -51.64
CA GLU J 207 -8.96 -3.32 -50.69
C GLU J 207 -9.92 -2.67 -49.67
N SER J 208 -9.62 -1.48 -49.15
CA SER J 208 -10.55 -0.68 -48.33
C SER J 208 -11.49 0.07 -49.28
N GLY J 209 -12.57 0.76 -48.94
CA GLY J 209 -13.28 1.50 -49.98
C GLY J 209 -12.68 2.90 -50.17
N ALA J 210 -11.37 3.09 -50.32
CA ALA J 210 -10.89 4.46 -50.25
C ALA J 210 -11.05 5.28 -51.53
N LYS J 211 -11.52 6.53 -51.53
CA LYS J 211 -11.58 7.31 -52.76
C LYS J 211 -10.36 8.23 -52.79
N LEU J 212 -9.57 8.31 -53.88
CA LEU J 212 -8.42 9.20 -53.97
C LEU J 212 -8.59 10.16 -55.15
N THR J 213 -8.99 11.45 -55.10
CA THR J 213 -8.90 12.23 -56.34
C THR J 213 -7.48 12.81 -56.31
N LEU J 214 -7.03 13.49 -57.36
CA LEU J 214 -5.82 14.29 -57.34
C LEU J 214 -6.25 15.29 -58.39
N THR J 215 -6.53 16.54 -58.04
CA THR J 215 -6.98 17.55 -58.99
C THR J 215 -5.91 18.64 -58.96
N GLU J 216 -6.15 19.85 -59.51
CA GLU J 216 -5.29 21.03 -59.46
C GLU J 216 -6.19 22.23 -59.17
N ASP J 217 -7.48 21.94 -59.00
CA ASP J 217 -8.53 22.89 -58.75
C ASP J 217 -8.90 22.83 -57.26
N PRO J 218 -8.44 23.70 -56.34
CA PRO J 218 -8.89 23.76 -54.96
C PRO J 218 -10.38 23.70 -54.72
N LYS J 219 -11.19 24.69 -55.11
CA LYS J 219 -12.63 24.67 -54.86
C LYS J 219 -13.32 23.31 -55.13
N GLU J 220 -12.76 22.54 -56.05
CA GLU J 220 -13.28 21.21 -56.35
C GLU J 220 -12.85 20.25 -55.26
N ALA J 221 -11.53 20.14 -55.09
CA ALA J 221 -10.90 19.21 -54.14
C ALA J 221 -11.53 19.29 -52.76
N VAL J 222 -11.70 20.51 -52.31
CA VAL J 222 -12.28 20.79 -51.03
C VAL J 222 -13.80 20.72 -50.99
N LYS J 223 -14.54 20.20 -51.98
CA LYS J 223 -15.99 20.30 -51.95
C LYS J 223 -16.59 19.29 -50.99
N GLY J 224 -17.43 19.77 -50.05
CA GLY J 224 -18.10 18.91 -49.05
C GLY J 224 -17.24 18.02 -48.12
N VAL J 225 -15.99 18.39 -47.96
CA VAL J 225 -15.03 17.68 -47.15
C VAL J 225 -15.28 18.05 -45.69
N ASP J 226 -14.72 17.31 -44.75
CA ASP J 226 -14.72 17.65 -43.32
C ASP J 226 -13.23 17.94 -43.18
N PHE J 227 -12.53 18.97 -42.67
CA PHE J 227 -11.05 18.97 -42.57
C PHE J 227 -10.35 19.18 -43.92
N VAL J 228 -9.64 20.31 -43.96
CA VAL J 228 -8.87 20.89 -45.06
C VAL J 228 -7.47 20.89 -44.45
N HIS J 229 -6.41 20.35 -45.06
CA HIS J 229 -5.06 20.31 -44.48
C HIS J 229 -4.15 21.13 -45.32
N THR J 230 -3.15 21.80 -44.78
CA THR J 230 -2.17 22.40 -45.65
C THR J 230 -0.82 22.31 -44.96
N ASP J 231 0.24 22.91 -45.49
CA ASP J 231 1.55 22.88 -44.88
C ASP J 231 2.49 23.90 -45.49
N VAL J 232 3.50 24.44 -44.79
CA VAL J 232 4.35 25.50 -45.32
C VAL J 232 5.05 24.92 -46.51
N TRP J 233 4.89 25.58 -47.67
CA TRP J 233 5.58 25.20 -48.89
C TRP J 233 6.84 25.98 -49.25
N VAL J 234 7.18 27.06 -48.56
CA VAL J 234 8.36 27.83 -48.92
C VAL J 234 9.49 27.18 -48.14
N SER J 235 10.62 26.89 -48.79
CA SER J 235 11.75 26.27 -48.14
C SER J 235 12.77 27.30 -47.66
N MET J 236 12.57 27.62 -46.38
CA MET J 236 13.48 28.42 -45.58
C MET J 236 14.88 27.96 -45.95
N GLY J 237 15.68 28.83 -46.54
CA GLY J 237 17.02 28.39 -46.86
C GLY J 237 17.27 28.48 -48.34
N GLU J 238 16.49 27.86 -49.23
CA GLU J 238 16.70 28.01 -50.67
C GLU J 238 16.32 29.50 -50.77
N PRO J 239 17.32 30.37 -51.03
CA PRO J 239 17.60 31.56 -50.21
C PRO J 239 16.34 32.21 -49.69
N VAL J 240 15.70 33.05 -50.50
CA VAL J 240 14.46 33.74 -50.18
C VAL J 240 14.17 34.71 -51.31
N GLU J 241 15.22 35.41 -51.71
CA GLU J 241 15.24 36.25 -52.90
C GLU J 241 14.78 35.31 -53.95
N ALA J 242 13.59 35.77 -54.31
CA ALA J 242 12.79 35.04 -55.24
C ALA J 242 12.47 33.64 -54.75
N TRP J 243 11.50 33.64 -53.84
CA TRP J 243 10.73 32.44 -53.79
C TRP J 243 9.77 32.66 -54.96
N GLY J 244 9.45 33.92 -55.31
CA GLY J 244 8.67 34.34 -56.49
C GLY J 244 8.02 33.27 -57.35
N GLU J 245 8.71 32.39 -58.10
CA GLU J 245 7.98 31.39 -58.87
C GLU J 245 7.24 30.42 -57.96
N ARG J 246 7.87 29.88 -56.91
CA ARG J 246 7.18 29.02 -55.95
C ARG J 246 5.97 29.78 -55.41
N ILE J 247 6.17 31.05 -55.05
CA ILE J 247 5.06 31.81 -54.51
C ILE J 247 4.00 32.03 -55.58
N LYS J 248 4.33 32.10 -56.86
CA LYS J 248 3.28 32.34 -57.83
C LYS J 248 2.55 31.02 -58.04
N GLU J 249 3.22 29.88 -57.87
CA GLU J 249 2.58 28.58 -58.05
C GLU J 249 1.58 28.20 -57.02
N LEU J 250 2.05 28.15 -55.78
CA LEU J 250 1.20 27.62 -54.78
C LEU J 250 0.27 28.67 -54.25
N LEU J 251 0.46 29.97 -54.56
CA LEU J 251 -0.41 30.97 -53.97
C LEU J 251 -1.89 30.77 -54.39
N PRO J 252 -2.34 30.16 -55.50
CA PRO J 252 -3.74 29.82 -55.65
C PRO J 252 -4.20 28.84 -54.59
N TYR J 253 -3.36 27.88 -54.14
CA TYR J 253 -3.68 26.88 -53.12
C TYR J 253 -3.60 27.33 -51.66
N GLN J 254 -3.69 28.63 -51.43
CA GLN J 254 -3.55 29.23 -50.12
C GLN J 254 -4.78 28.80 -49.33
N VAL J 255 -4.80 28.04 -48.22
CA VAL J 255 -6.10 27.83 -47.58
C VAL J 255 -6.53 29.17 -47.03
N ASN J 256 -7.70 29.69 -47.40
CA ASN J 256 -8.16 30.97 -46.85
C ASN J 256 -9.67 30.96 -46.72
N MET J 257 -10.32 31.99 -46.17
CA MET J 257 -11.78 31.93 -46.00
C MET J 257 -12.57 31.71 -47.26
N GLU J 258 -12.02 31.83 -48.47
CA GLU J 258 -12.77 31.52 -49.68
C GLU J 258 -12.68 30.01 -49.67
N ILE J 259 -11.50 29.36 -49.77
CA ILE J 259 -11.39 27.90 -49.71
C ILE J 259 -12.13 27.22 -48.58
N MET J 260 -12.09 27.79 -47.37
CA MET J 260 -12.79 27.18 -46.24
C MET J 260 -14.28 27.29 -46.50
N LYS J 261 -14.84 28.46 -46.86
CA LYS J 261 -16.26 28.56 -47.16
C LYS J 261 -16.61 27.80 -48.44
N ALA J 262 -15.61 27.57 -49.30
CA ALA J 262 -15.76 26.85 -50.54
C ALA J 262 -16.09 25.42 -50.29
N THR J 263 -15.71 24.90 -49.11
CA THR J 263 -16.10 23.55 -48.77
C THR J 263 -17.61 23.68 -48.61
N GLY J 264 -18.30 22.57 -48.61
CA GLY J 264 -19.74 22.76 -48.49
C GLY J 264 -20.15 23.14 -47.09
N ASN J 265 -19.37 22.76 -46.08
CA ASN J 265 -20.06 22.51 -44.84
C ASN J 265 -19.66 23.33 -43.64
N PRO J 266 -20.56 23.84 -42.76
CA PRO J 266 -20.19 24.75 -41.68
C PRO J 266 -19.35 24.13 -40.57
N ARG J 267 -19.01 22.86 -40.70
CA ARG J 267 -18.23 22.18 -39.71
C ARG J 267 -16.89 21.81 -40.29
N ALA J 268 -16.53 22.16 -41.55
CA ALA J 268 -15.21 21.83 -42.05
C ALA J 268 -14.19 22.49 -41.12
N LYS J 269 -13.03 21.83 -40.84
CA LYS J 269 -11.96 22.35 -40.02
C LYS J 269 -10.64 22.38 -40.78
N PHE J 270 -9.72 23.20 -40.35
CA PHE J 270 -8.45 23.38 -41.00
C PHE J 270 -7.45 22.63 -40.13
N MET J 271 -6.44 21.98 -40.67
CA MET J 271 -5.46 21.32 -39.85
C MET J 271 -4.12 21.65 -40.48
N HIS J 272 -3.01 21.59 -39.76
CA HIS J 272 -1.72 21.99 -40.30
C HIS J 272 -0.63 21.39 -39.41
N CYS J 273 0.37 20.52 -39.66
CA CYS J 273 1.26 20.14 -38.55
C CYS J 273 2.31 21.24 -38.33
N LEU J 274 1.92 22.28 -37.59
CA LEU J 274 2.72 23.45 -37.27
C LEU J 274 4.26 23.45 -37.47
N PRO J 275 5.03 24.49 -37.85
CA PRO J 275 4.70 25.91 -37.75
C PRO J 275 3.93 26.34 -38.99
N ALA J 276 3.03 27.29 -38.85
CA ALA J 276 2.27 27.71 -39.97
C ALA J 276 2.66 29.13 -40.10
N PHE J 277 3.09 29.47 -41.31
CA PHE J 277 3.35 30.82 -41.69
C PHE J 277 2.00 31.44 -41.89
N HIS J 278 1.59 32.18 -40.90
CA HIS J 278 0.28 32.73 -41.05
C HIS J 278 0.18 34.20 -40.74
N ASN J 279 1.32 34.89 -40.65
CA ASN J 279 1.34 36.33 -40.45
C ASN J 279 2.76 36.80 -40.27
N SER J 280 2.95 38.10 -40.13
CA SER J 280 4.29 38.62 -40.03
C SER J 280 4.94 38.62 -38.66
N GLU J 281 4.23 38.29 -37.58
CA GLU J 281 4.77 38.33 -36.22
C GLU J 281 5.85 37.32 -35.84
N THR J 282 6.83 37.15 -36.70
CA THR J 282 7.91 36.24 -36.51
C THR J 282 9.03 36.90 -37.30
N LYS J 283 10.27 36.47 -37.10
CA LYS J 283 11.36 37.13 -37.77
C LYS J 283 11.47 36.59 -39.21
N VAL J 284 11.29 35.28 -39.49
CA VAL J 284 11.18 34.82 -40.87
C VAL J 284 10.01 35.60 -41.50
N GLY J 285 8.92 35.69 -40.76
CA GLY J 285 7.71 36.31 -41.27
C GLY J 285 7.75 37.81 -41.39
N LYS J 286 8.84 38.51 -41.07
CA LYS J 286 8.90 39.91 -41.39
C LYS J 286 9.75 40.06 -42.63
N GLN J 287 10.79 39.21 -42.79
CA GLN J 287 11.61 39.14 -43.98
C GLN J 287 10.71 39.05 -45.18
N ILE J 288 10.01 37.92 -45.28
CA ILE J 288 9.09 37.62 -46.39
C ILE J 288 8.09 38.73 -46.61
N ALA J 289 7.38 39.14 -45.55
CA ALA J 289 6.47 40.26 -45.62
C ALA J 289 7.13 41.49 -46.20
N GLU J 290 8.43 41.77 -46.01
CA GLU J 290 9.03 42.90 -46.70
C GLU J 290 9.14 42.58 -48.16
N GLN J 291 9.88 41.52 -48.53
CA GLN J 291 10.05 41.21 -49.92
C GLN J 291 8.73 40.86 -50.60
N TYR J 292 7.66 40.61 -49.86
CA TYR J 292 6.40 40.24 -50.45
C TYR J 292 5.38 40.81 -49.50
N PRO J 293 4.97 42.01 -49.87
CA PRO J 293 3.88 42.66 -49.21
C PRO J 293 2.63 41.82 -49.25
N ASN J 294 2.32 41.08 -50.32
CA ASN J 294 1.00 40.50 -50.29
C ASN J 294 0.91 39.22 -49.50
N LEU J 295 2.04 38.70 -49.01
CA LEU J 295 2.02 37.61 -48.06
C LEU J 295 1.94 38.41 -46.78
N ALA J 296 2.72 38.32 -45.69
CA ALA J 296 2.53 39.32 -44.59
C ALA J 296 1.15 39.32 -43.97
N ASN J 297 0.61 38.10 -43.94
CA ASN J 297 -0.74 37.83 -43.49
C ASN J 297 -1.16 36.40 -43.66
N GLY J 298 -0.19 35.69 -44.21
CA GLY J 298 -0.28 34.27 -44.19
C GLY J 298 0.15 33.79 -45.52
N ILE J 299 1.17 32.95 -45.50
CA ILE J 299 1.63 32.42 -46.73
C ILE J 299 0.70 31.27 -47.03
N GLU J 300 0.76 30.06 -46.45
CA GLU J 300 -0.11 28.96 -46.86
C GLU J 300 -1.43 28.82 -46.11
N VAL J 301 -1.69 29.71 -45.17
CA VAL J 301 -2.91 29.74 -44.38
C VAL J 301 -3.03 31.22 -44.11
N THR J 302 -4.18 31.86 -44.23
CA THR J 302 -4.21 33.27 -43.87
C THR J 302 -4.58 33.37 -42.40
N GLU J 303 -4.15 34.40 -41.68
CA GLU J 303 -4.64 34.61 -40.34
C GLU J 303 -6.16 34.60 -40.32
N ASP J 304 -6.89 35.05 -41.38
CA ASP J 304 -8.36 35.08 -41.33
C ASP J 304 -8.90 33.65 -41.11
N VAL J 305 -8.13 32.62 -41.47
CA VAL J 305 -8.49 31.28 -41.05
C VAL J 305 -7.73 30.77 -39.84
N PHE J 306 -6.41 30.96 -39.77
CA PHE J 306 -5.66 30.43 -38.65
C PHE J 306 -6.22 30.95 -37.33
N GLU J 307 -6.33 32.25 -37.11
CA GLU J 307 -6.75 32.66 -35.81
C GLU J 307 -8.22 32.94 -35.71
N SER J 308 -9.05 31.91 -36.03
CA SER J 308 -10.48 31.90 -35.71
C SER J 308 -11.23 30.62 -36.13
N PRO J 309 -12.23 30.05 -35.38
CA PRO J 309 -12.54 28.62 -35.10
C PRO J 309 -12.58 27.48 -36.09
N TYR J 310 -12.14 27.70 -37.31
CA TYR J 310 -11.98 26.63 -38.27
C TYR J 310 -10.72 25.93 -37.87
N ASN J 311 -9.99 26.40 -36.88
CA ASN J 311 -8.65 25.94 -36.69
C ASN J 311 -8.52 25.02 -35.52
N ILE J 312 -8.31 23.71 -35.79
CA ILE J 312 -8.05 22.77 -34.73
C ILE J 312 -6.56 22.43 -34.83
N ALA J 313 -5.63 23.31 -35.23
CA ALA J 313 -4.24 22.87 -35.29
C ALA J 313 -3.63 22.51 -33.94
N PHE J 314 -4.08 23.10 -32.80
CA PHE J 314 -3.46 22.80 -31.52
C PHE J 314 -3.97 21.58 -30.83
N GLU J 315 -5.26 21.23 -30.99
CA GLU J 315 -5.82 19.97 -30.52
C GLU J 315 -5.11 18.88 -31.34
N GLN J 316 -4.93 19.03 -32.65
CA GLN J 316 -4.13 18.08 -33.41
C GLN J 316 -2.69 18.04 -32.92
N ALA J 317 -2.03 19.15 -32.62
CA ALA J 317 -0.68 19.10 -32.06
C ALA J 317 -0.58 18.31 -30.75
N GLU J 318 -1.55 18.42 -29.84
CA GLU J 318 -1.64 17.62 -28.63
C GLU J 318 -1.78 16.14 -28.94
N ASN J 319 -2.71 15.76 -29.80
CA ASN J 319 -2.90 14.40 -30.25
C ASN J 319 -1.69 13.64 -30.72
N ARG J 320 -0.58 14.34 -30.85
CA ARG J 320 0.66 13.71 -31.21
C ARG J 320 1.32 13.08 -30.00
N MET J 321 0.99 13.60 -28.82
CA MET J 321 1.44 13.08 -27.54
C MET J 321 0.64 11.84 -27.19
N HIS J 322 -0.69 11.82 -27.43
CA HIS J 322 -1.45 10.65 -27.08
C HIS J 322 -1.07 9.57 -28.04
N THR J 323 -0.69 9.79 -29.32
CA THR J 323 -0.18 8.72 -30.19
C THR J 323 1.19 8.16 -29.78
N ILE J 324 2.18 8.99 -29.45
CA ILE J 324 3.46 8.44 -29.05
C ILE J 324 3.25 7.67 -27.76
N LYS J 325 2.33 8.07 -26.88
CA LYS J 325 2.03 7.20 -25.78
C LYS J 325 1.42 5.89 -26.29
N ALA J 326 0.60 5.80 -27.37
CA ALA J 326 0.08 4.51 -27.84
C ALA J 326 1.21 3.63 -28.30
N ILE J 327 2.19 4.21 -29.01
CA ILE J 327 3.41 3.52 -29.44
C ILE J 327 4.26 3.16 -28.22
N LEU J 328 4.50 3.92 -27.13
CA LEU J 328 5.34 3.39 -26.05
C LEU J 328 4.56 2.29 -25.33
N VAL J 329 3.25 2.43 -25.10
CA VAL J 329 2.52 1.39 -24.39
C VAL J 329 2.37 0.16 -25.24
N SER J 330 2.17 0.06 -26.56
CA SER J 330 2.10 -1.28 -27.14
C SER J 330 3.43 -1.95 -27.42
N THR J 331 4.54 -1.18 -27.37
CA THR J 331 5.88 -1.71 -27.57
C THR J 331 6.47 -2.24 -26.26
N LEU J 332 6.46 -1.33 -25.27
CA LEU J 332 7.05 -1.53 -23.96
C LEU J 332 6.02 -2.03 -22.96
N ALA J 333 5.15 -1.33 -22.24
CA ALA J 333 4.19 -1.88 -21.27
C ALA J 333 3.83 -3.34 -21.10
N ASP J 334 3.64 -3.60 -19.80
CA ASP J 334 3.29 -4.90 -19.27
C ASP J 334 1.79 -5.12 -19.28
N ILE J 335 1.26 -5.30 -20.47
CA ILE J 335 -0.13 -5.59 -20.72
C ILE J 335 -0.05 -6.43 -21.97
N ALA K 1 -20.28 -19.82 -0.81
CA ALA K 1 -21.47 -19.06 -0.65
C ALA K 1 -22.34 -19.62 0.48
N PHE K 2 -23.67 -19.54 0.36
CA PHE K 2 -24.72 -19.62 1.37
C PHE K 2 -24.65 -18.12 1.62
N ASN K 3 -25.61 -17.51 0.98
CA ASN K 3 -25.71 -16.07 0.93
C ASN K 3 -27.17 -15.69 0.78
N MET K 4 -27.44 -14.43 1.09
CA MET K 4 -28.72 -13.83 0.82
C MET K 4 -28.44 -12.48 0.14
N HIS K 5 -27.39 -12.56 -0.69
CA HIS K 5 -26.88 -11.49 -1.53
C HIS K 5 -28.04 -10.90 -2.28
N ASN K 6 -28.24 -9.59 -2.33
CA ASN K 6 -29.33 -8.93 -3.02
C ASN K 6 -30.75 -9.04 -2.55
N ARG K 7 -30.90 -9.83 -1.50
CA ARG K 7 -32.21 -10.00 -0.96
C ARG K 7 -32.60 -8.70 -0.23
N ASN K 8 -33.74 -8.07 -0.54
CA ASN K 8 -34.27 -6.99 0.29
C ASN K 8 -34.51 -7.54 1.70
N LEU K 9 -34.36 -6.78 2.78
CA LEU K 9 -34.88 -7.28 4.04
C LEU K 9 -36.14 -6.45 4.16
N LEU K 10 -37.18 -6.49 3.32
CA LEU K 10 -38.26 -5.58 3.65
C LEU K 10 -39.29 -6.29 4.53
N SER K 11 -38.85 -6.60 5.75
CA SER K 11 -39.70 -7.14 6.81
C SER K 11 -40.14 -8.58 6.75
N LEU K 12 -39.24 -9.49 7.13
CA LEU K 12 -39.67 -10.84 6.92
C LEU K 12 -40.14 -11.89 7.90
N MET K 13 -41.44 -11.90 7.61
CA MET K 13 -42.38 -12.92 8.04
C MET K 13 -41.97 -14.21 7.32
N HIS K 14 -41.19 -14.18 6.22
CA HIS K 14 -40.75 -15.38 5.52
C HIS K 14 -39.23 -15.42 5.50
N HIS K 15 -38.66 -16.47 6.15
CA HIS K 15 -37.25 -16.75 6.47
C HIS K 15 -37.09 -18.03 7.27
N SER K 16 -36.33 -18.89 6.64
CA SER K 16 -35.88 -20.18 7.16
C SER K 16 -35.42 -20.15 8.60
N THR K 17 -35.60 -21.09 9.57
CA THR K 17 -34.84 -20.91 10.82
C THR K 17 -33.37 -20.83 10.50
N ARG K 18 -32.94 -21.44 9.37
CA ARG K 18 -31.57 -21.37 8.84
C ARG K 18 -31.15 -19.95 8.42
N GLU K 19 -31.93 -19.08 7.74
CA GLU K 19 -31.48 -17.72 7.43
C GLU K 19 -31.43 -16.85 8.67
N LEU K 20 -32.42 -16.99 9.56
CA LEU K 20 -32.45 -16.23 10.79
C LEU K 20 -31.24 -16.66 11.54
N ARG K 21 -30.90 -17.95 11.69
CA ARG K 21 -29.67 -18.20 12.39
C ARG K 21 -28.38 -17.68 11.74
N TYR K 22 -28.32 -17.67 10.41
CA TYR K 22 -27.20 -17.07 9.71
C TYR K 22 -27.14 -15.60 10.05
N LEU K 23 -28.23 -14.87 9.92
CA LEU K 23 -28.26 -13.47 10.25
C LEU K 23 -27.87 -13.12 11.69
N LEU K 24 -28.16 -13.93 12.71
CA LEU K 24 -27.73 -13.60 14.07
C LEU K 24 -26.31 -14.05 14.35
N ASP K 25 -25.79 -15.08 13.64
CA ASP K 25 -24.44 -15.47 13.84
C ASP K 25 -23.70 -14.31 13.22
N LEU K 26 -24.00 -13.88 12.00
CA LEU K 26 -23.25 -12.77 11.43
C LEU K 26 -23.27 -11.52 12.27
N SER K 27 -24.36 -11.09 12.95
CA SER K 27 -24.28 -9.88 13.74
C SER K 27 -23.48 -10.10 15.01
N ARG K 28 -23.44 -11.34 15.47
CA ARG K 28 -22.69 -11.65 16.67
C ARG K 28 -21.23 -11.45 16.36
N ASP K 29 -20.81 -12.00 15.20
CA ASP K 29 -19.44 -11.91 14.77
C ASP K 29 -19.06 -10.58 14.25
N LEU K 30 -20.00 -9.75 13.75
CA LEU K 30 -19.64 -8.42 13.37
C LEU K 30 -19.53 -7.51 14.60
N LYS K 31 -20.12 -7.88 15.77
CA LYS K 31 -20.03 -7.07 16.99
C LYS K 31 -18.66 -7.27 17.57
N ARG K 32 -18.37 -8.56 17.67
CA ARG K 32 -17.05 -8.94 18.11
C ARG K 32 -16.01 -8.35 17.18
N ALA K 33 -16.25 -8.20 15.86
CA ALA K 33 -15.18 -7.72 14.99
C ALA K 33 -14.89 -6.27 15.24
N LYS K 34 -15.91 -5.48 15.58
CA LYS K 34 -15.71 -4.06 15.83
C LYS K 34 -14.83 -3.92 17.06
N TYR K 35 -15.24 -4.55 18.18
CA TYR K 35 -14.52 -4.48 19.44
C TYR K 35 -13.07 -4.84 19.63
N THR K 36 -12.73 -5.80 18.78
CA THR K 36 -11.44 -6.40 18.65
C THR K 36 -10.62 -5.73 17.58
N GLY K 37 -11.26 -4.94 16.72
CA GLY K 37 -10.53 -4.29 15.61
C GLY K 37 -10.05 -5.22 14.49
N THR K 38 -10.75 -6.32 14.39
CA THR K 38 -10.60 -7.33 13.41
C THR K 38 -11.53 -6.96 12.25
N GLU K 39 -12.43 -5.96 12.36
CA GLU K 39 -13.35 -5.59 11.30
C GLU K 39 -12.69 -5.03 10.06
N GLN K 40 -12.98 -5.59 8.89
CA GLN K 40 -12.49 -5.12 7.60
C GLN K 40 -13.66 -4.40 6.89
N GLN K 41 -13.46 -3.32 6.13
CA GLN K 41 -14.56 -2.67 5.45
C GLN K 41 -14.94 -3.36 4.15
N HIS K 42 -16.07 -4.05 4.05
CA HIS K 42 -16.53 -4.69 2.84
C HIS K 42 -17.66 -3.97 2.09
N LEU K 43 -17.89 -2.68 2.34
CA LEU K 43 -18.89 -1.89 1.62
C LEU K 43 -18.26 -0.59 1.13
N LYS K 44 -16.95 -0.56 0.92
CA LYS K 44 -16.28 0.67 0.49
C LYS K 44 -16.85 1.02 -0.85
N ARG K 45 -17.14 2.30 -1.07
CA ARG K 45 -17.59 2.77 -2.40
C ARG K 45 -19.05 2.38 -2.64
N LYS K 46 -19.88 2.06 -1.63
CA LYS K 46 -21.30 1.74 -1.77
C LYS K 46 -22.03 2.95 -1.19
N ASN K 47 -23.06 3.56 -1.79
CA ASN K 47 -23.70 4.73 -1.23
C ASN K 47 -25.12 4.35 -0.91
N ILE K 48 -25.69 4.49 0.30
CA ILE K 48 -27.07 4.12 0.46
C ILE K 48 -27.83 5.41 0.78
N ALA K 49 -29.13 5.44 0.45
CA ALA K 49 -30.08 6.57 0.57
C ALA K 49 -30.94 6.24 1.77
N LEU K 50 -31.48 7.14 2.56
CA LEU K 50 -32.24 6.74 3.74
C LEU K 50 -33.45 7.62 3.63
N ILE K 51 -34.61 7.13 3.20
CA ILE K 51 -35.81 7.92 3.05
C ILE K 51 -36.55 7.71 4.36
N PHE K 52 -36.66 8.70 5.24
CA PHE K 52 -37.39 8.47 6.47
C PHE K 52 -38.69 9.27 6.45
N GLU K 53 -39.90 8.70 6.40
CA GLU K 53 -41.13 9.49 6.45
C GLU K 53 -41.40 9.85 7.91
N LYS K 54 -41.21 9.06 8.97
CA LYS K 54 -41.31 9.66 10.30
C LYS K 54 -39.85 9.86 10.75
N THR K 55 -39.50 10.97 11.43
CA THR K 55 -38.18 11.12 12.05
C THR K 55 -38.00 10.03 13.10
N SER K 56 -36.88 9.30 13.04
CA SER K 56 -36.53 8.27 14.00
C SER K 56 -35.02 8.21 14.25
N THR K 57 -34.48 9.12 15.04
CA THR K 57 -33.06 9.21 15.31
C THR K 57 -32.30 7.96 15.66
N ARG K 58 -32.80 7.13 16.56
CA ARG K 58 -32.16 5.91 16.94
C ARG K 58 -32.09 4.95 15.77
N THR K 59 -32.99 5.02 14.79
CA THR K 59 -32.85 4.08 13.69
C THR K 59 -32.03 4.68 12.57
N ARG K 60 -32.06 5.99 12.41
CA ARG K 60 -31.15 6.65 11.51
C ARG K 60 -29.75 6.39 12.07
N CYS K 61 -29.33 6.82 13.28
CA CYS K 61 -27.98 6.55 13.76
C CYS K 61 -27.52 5.12 13.62
N ALA K 62 -28.36 4.11 13.88
CA ALA K 62 -27.95 2.73 13.66
C ALA K 62 -27.65 2.51 12.19
N PHE K 63 -28.43 2.98 11.21
CA PHE K 63 -28.08 2.79 9.80
C PHE K 63 -26.80 3.54 9.53
N GLU K 64 -26.72 4.80 9.92
CA GLU K 64 -25.59 5.63 9.67
C GLU K 64 -24.30 5.06 10.24
N VAL K 65 -24.11 4.77 11.53
CA VAL K 65 -22.93 4.13 12.03
C VAL K 65 -22.64 2.79 11.37
N ALA K 66 -23.61 1.89 11.11
CA ALA K 66 -23.30 0.62 10.46
C ALA K 66 -22.78 0.77 9.05
N ALA K 67 -23.43 1.66 8.29
CA ALA K 67 -23.00 1.91 6.94
C ALA K 67 -21.62 2.50 6.92
N TYR K 68 -21.29 3.42 7.84
CA TYR K 68 -19.99 4.01 7.95
C TYR K 68 -18.89 3.10 8.39
N ASP K 69 -19.09 2.21 9.36
CA ASP K 69 -18.02 1.35 9.74
C ASP K 69 -17.50 0.51 8.58
N GLN K 70 -18.43 0.15 7.71
CA GLN K 70 -18.13 -0.66 6.59
C GLN K 70 -17.71 0.22 5.42
N GLY K 71 -17.16 1.40 5.56
CA GLY K 71 -16.84 2.20 4.40
C GLY K 71 -18.01 2.67 3.49
N ALA K 72 -19.32 2.51 3.72
CA ALA K 72 -20.29 3.02 2.77
C ALA K 72 -20.56 4.50 3.00
N ASN K 73 -21.45 5.12 2.24
CA ASN K 73 -21.75 6.52 2.40
C ASN K 73 -23.23 6.67 2.45
N VAL K 74 -23.82 7.66 3.13
CA VAL K 74 -25.24 7.64 3.38
C VAL K 74 -25.87 8.96 2.97
N THR K 75 -26.99 9.04 2.25
CA THR K 75 -27.67 10.32 2.01
C THR K 75 -28.90 10.32 2.89
N TYR K 76 -29.06 11.04 4.01
CA TYR K 76 -30.32 11.04 4.71
C TYR K 76 -31.33 11.98 4.03
N ILE K 77 -32.52 11.48 3.73
CA ILE K 77 -33.58 12.24 3.10
C ILE K 77 -34.70 12.21 4.12
N ASP K 78 -35.01 13.38 4.66
CA ASP K 78 -36.07 13.65 5.63
C ASP K 78 -37.50 13.20 5.61
N PRO K 79 -38.26 13.48 6.68
CA PRO K 79 -39.66 13.79 6.56
C PRO K 79 -39.84 15.19 6.02
N ASN K 80 -39.14 16.24 6.47
CA ASN K 80 -39.46 17.60 5.97
C ASN K 80 -39.48 17.81 4.48
N SER K 81 -38.72 17.07 3.67
CA SER K 81 -38.64 17.42 2.28
C SER K 81 -38.27 16.30 1.30
N SER K 82 -39.16 15.33 1.45
CA SER K 82 -39.28 14.21 0.58
C SER K 82 -40.79 14.28 0.46
N GLN K 83 -41.34 15.24 -0.29
CA GLN K 83 -42.79 15.33 -0.38
C GLN K 83 -43.31 14.20 -1.30
N ILE K 84 -43.20 12.95 -0.79
CA ILE K 84 -43.38 11.73 -1.57
C ILE K 84 -44.70 11.61 -2.29
N GLY K 85 -45.82 11.44 -1.60
CA GLY K 85 -47.06 11.30 -2.34
C GLY K 85 -47.43 12.61 -3.01
N HIS K 86 -46.75 13.74 -2.69
CA HIS K 86 -47.23 15.04 -3.12
C HIS K 86 -47.47 15.17 -4.60
N LYS K 87 -46.37 15.14 -5.33
CA LYS K 87 -46.39 15.31 -6.75
C LYS K 87 -45.43 14.31 -7.40
N GLU K 88 -45.07 13.21 -6.71
CA GLU K 88 -44.21 12.31 -7.41
C GLU K 88 -44.64 10.86 -7.37
N SER K 89 -44.65 10.12 -6.26
CA SER K 89 -45.04 8.70 -6.16
C SER K 89 -43.81 7.86 -5.99
N MET K 90 -43.83 7.05 -4.94
CA MET K 90 -42.80 6.09 -4.62
C MET K 90 -42.33 5.32 -5.84
N LYS K 91 -43.25 4.90 -6.73
CA LYS K 91 -42.86 4.12 -7.90
C LYS K 91 -41.94 4.91 -8.79
N ASP K 92 -42.22 6.19 -9.01
CA ASP K 92 -41.37 7.04 -9.82
C ASP K 92 -40.13 7.51 -9.13
N THR K 93 -40.14 7.70 -7.82
CA THR K 93 -38.89 8.19 -7.27
C THR K 93 -38.00 7.00 -6.91
N ALA K 94 -38.45 5.75 -6.67
CA ALA K 94 -37.56 4.62 -6.45
C ALA K 94 -36.82 4.34 -7.74
N ARG K 95 -37.47 4.46 -8.90
CA ARG K 95 -36.77 4.23 -10.14
C ARG K 95 -35.67 5.25 -10.35
N VAL K 96 -35.85 6.52 -9.95
CA VAL K 96 -34.73 7.42 -10.11
C VAL K 96 -33.68 7.04 -9.09
N LEU K 97 -34.02 6.93 -7.81
CA LEU K 97 -33.04 6.61 -6.78
C LEU K 97 -32.33 5.23 -6.88
N GLY K 98 -32.82 4.15 -7.47
CA GLY K 98 -32.02 2.96 -7.61
C GLY K 98 -30.99 3.21 -8.72
N ARG K 99 -31.12 4.28 -9.47
CA ARG K 99 -30.08 4.52 -10.45
C ARG K 99 -28.94 5.26 -9.83
N MET K 100 -29.13 6.07 -8.80
CA MET K 100 -27.98 6.66 -8.20
C MET K 100 -27.47 5.92 -6.99
N TYR K 101 -28.31 5.31 -6.13
CA TYR K 101 -27.83 4.62 -4.95
C TYR K 101 -27.57 3.15 -5.13
N ASP K 102 -27.04 2.50 -4.10
CA ASP K 102 -26.70 1.08 -4.13
C ASP K 102 -27.63 0.23 -3.31
N ALA K 103 -28.38 0.81 -2.41
CA ALA K 103 -29.32 0.11 -1.57
C ALA K 103 -30.21 1.21 -1.02
N ILE K 104 -31.38 1.02 -0.40
CA ILE K 104 -32.14 2.18 0.09
C ILE K 104 -32.69 1.80 1.45
N GLY K 105 -32.68 2.64 2.48
CA GLY K 105 -33.25 2.26 3.76
C GLY K 105 -34.57 2.97 3.85
N TYR K 106 -35.61 2.34 4.36
CA TYR K 106 -36.85 3.05 4.40
C TYR K 106 -37.47 2.96 5.76
N ARG K 107 -38.13 4.05 6.10
CA ARG K 107 -38.82 4.09 7.35
C ARG K 107 -39.95 5.11 7.31
N GLY K 108 -41.12 4.53 7.21
CA GLY K 108 -42.33 5.28 7.04
C GLY K 108 -43.36 4.53 7.83
N PHE K 109 -44.60 4.96 7.67
CA PHE K 109 -45.66 4.33 8.43
C PHE K 109 -46.21 3.12 7.69
N LYS K 110 -46.53 3.47 6.44
CA LYS K 110 -47.37 2.63 5.63
C LYS K 110 -46.73 1.48 4.89
N GLN K 111 -46.38 0.36 5.54
CA GLN K 111 -45.75 -0.81 4.90
C GLN K 111 -46.15 -1.01 3.45
N GLU K 112 -47.44 -0.80 3.09
CA GLU K 112 -47.89 -0.80 1.71
C GLU K 112 -46.87 -0.04 0.81
N ILE K 113 -46.46 1.23 1.09
CA ILE K 113 -45.41 1.96 0.34
C ILE K 113 -44.04 1.29 0.27
N VAL K 114 -43.54 0.70 1.36
CA VAL K 114 -42.26 -0.02 1.39
C VAL K 114 -42.24 -0.99 0.24
N GLU K 115 -43.36 -1.70 0.04
CA GLU K 115 -43.46 -2.64 -1.05
C GLU K 115 -43.31 -1.96 -2.40
N GLU K 116 -43.83 -0.76 -2.71
CA GLU K 116 -43.58 -0.14 -4.01
C GLU K 116 -42.11 0.11 -4.25
N LEU K 117 -41.48 0.63 -3.20
CA LEU K 117 -40.07 0.96 -3.18
C LEU K 117 -39.32 -0.31 -3.50
N ALA K 118 -39.60 -1.37 -2.75
CA ALA K 118 -38.92 -2.62 -2.94
C ALA K 118 -39.18 -3.16 -4.33
N LYS K 119 -40.38 -2.95 -4.87
CA LYS K 119 -40.70 -3.54 -6.14
C LYS K 119 -40.01 -2.89 -7.33
N PHE K 120 -40.02 -1.55 -7.37
CA PHE K 120 -39.46 -0.76 -8.47
C PHE K 120 -38.06 -0.24 -8.32
N ALA K 121 -37.49 -0.11 -7.13
CA ALA K 121 -36.18 0.50 -7.00
C ALA K 121 -35.08 -0.12 -7.84
N GLY K 122 -34.98 -1.45 -7.92
CA GLY K 122 -33.96 -2.10 -8.71
C GLY K 122 -32.70 -2.40 -7.91
N VAL K 123 -32.70 -2.12 -6.60
CA VAL K 123 -31.51 -2.27 -5.79
C VAL K 123 -31.93 -2.70 -4.38
N PRO K 124 -31.28 -3.50 -3.51
CA PRO K 124 -31.74 -3.81 -2.15
C PRO K 124 -32.53 -2.76 -1.37
N VAL K 125 -33.73 -3.07 -0.94
CA VAL K 125 -34.44 -2.08 -0.13
C VAL K 125 -34.54 -2.68 1.27
N PHE K 126 -34.10 -1.95 2.28
CA PHE K 126 -34.09 -2.50 3.61
C PHE K 126 -35.13 -1.72 4.33
N ASN K 127 -36.14 -2.44 4.76
CA ASN K 127 -37.10 -1.75 5.57
C ASN K 127 -36.46 -1.54 6.93
N GLY K 128 -36.03 -0.30 7.21
CA GLY K 128 -35.63 0.07 8.54
C GLY K 128 -36.87 -0.20 9.40
N LEU K 129 -38.08 0.24 9.00
CA LEU K 129 -39.39 -0.12 9.58
C LEU K 129 -40.65 0.63 9.14
N THR K 130 -41.81 0.11 9.58
CA THR K 130 -43.13 0.69 9.37
C THR K 130 -44.00 0.25 10.54
N ASP K 131 -45.33 0.45 10.54
CA ASP K 131 -46.25 0.01 11.60
C ASP K 131 -46.28 -1.50 11.75
N GLU K 132 -46.34 -2.15 10.58
CA GLU K 132 -46.31 -3.59 10.37
C GLU K 132 -45.05 -4.07 11.08
N TYR K 133 -44.02 -3.19 11.06
CA TYR K 133 -42.88 -3.38 11.92
C TYR K 133 -41.90 -4.46 11.51
N HIS K 134 -40.83 -4.16 12.27
CA HIS K 134 -39.51 -4.71 12.50
C HIS K 134 -38.94 -6.13 12.57
N PRO K 135 -38.46 -6.53 11.41
CA PRO K 135 -37.36 -7.43 11.30
C PRO K 135 -36.09 -7.11 12.11
N THR K 136 -35.52 -5.90 12.23
CA THR K 136 -34.25 -5.78 12.96
C THR K 136 -34.33 -5.58 14.44
N GLN K 137 -35.38 -4.98 15.05
CA GLN K 137 -35.35 -4.94 16.50
C GLN K 137 -35.65 -6.37 16.89
N MET K 138 -36.38 -7.18 16.08
CA MET K 138 -36.50 -8.61 16.38
C MET K 138 -35.21 -9.37 16.57
N LEU K 139 -34.26 -9.24 15.64
CA LEU K 139 -32.98 -9.91 15.74
C LEU K 139 -32.04 -9.19 16.69
N ALA K 140 -32.18 -7.88 16.98
CA ALA K 140 -31.36 -7.19 17.98
C ALA K 140 -31.65 -7.82 19.34
N ASP K 141 -32.91 -7.85 19.77
CA ASP K 141 -33.27 -8.47 21.03
C ASP K 141 -32.84 -9.88 21.14
N VAL K 142 -33.05 -10.75 20.14
CA VAL K 142 -32.61 -12.09 20.42
C VAL K 142 -31.10 -12.11 20.36
N LEU K 143 -30.37 -11.26 19.57
CA LEU K 143 -28.91 -11.15 19.67
C LEU K 143 -28.64 -10.78 21.13
N THR K 144 -29.44 -9.93 21.77
CA THR K 144 -29.16 -9.55 23.14
C THR K 144 -29.45 -10.65 24.13
N MET K 145 -30.52 -11.42 23.93
CA MET K 145 -30.81 -12.42 24.92
C MET K 145 -29.72 -13.47 24.84
N ARG K 146 -29.25 -13.73 23.62
CA ARG K 146 -28.27 -14.78 23.49
C ARG K 146 -26.90 -14.45 24.00
N GLU K 147 -26.41 -13.22 23.87
CA GLU K 147 -25.08 -13.00 24.40
C GLU K 147 -24.90 -12.72 25.85
N HIS K 148 -26.02 -12.30 26.41
CA HIS K 148 -26.02 -11.96 27.79
C HIS K 148 -26.27 -13.21 28.58
N SER K 149 -27.19 -14.11 28.20
CA SER K 149 -27.44 -15.27 29.01
C SER K 149 -26.35 -16.32 28.87
N ASP K 150 -25.63 -16.29 27.74
CA ASP K 150 -24.54 -17.20 27.43
C ASP K 150 -24.97 -18.68 27.28
N LYS K 151 -26.29 -18.86 27.04
CA LYS K 151 -26.97 -20.14 26.87
C LYS K 151 -27.25 -20.36 25.39
N PRO K 152 -27.48 -21.55 24.85
CA PRO K 152 -27.85 -21.76 23.44
C PRO K 152 -29.17 -21.07 23.15
N LEU K 153 -29.58 -20.63 21.95
CA LEU K 153 -30.91 -20.03 21.80
C LEU K 153 -32.05 -20.79 22.52
N HIS K 154 -32.29 -22.06 22.23
CA HIS K 154 -33.28 -22.86 22.93
C HIS K 154 -33.16 -23.02 24.45
N ASP K 155 -32.33 -22.34 25.23
CA ASP K 155 -32.45 -22.49 26.68
C ASP K 155 -32.64 -21.07 27.14
N ILE K 156 -33.30 -20.22 26.34
CA ILE K 156 -33.52 -18.87 26.79
C ILE K 156 -35.02 -18.81 26.83
N SER K 157 -35.54 -18.34 27.94
CA SER K 157 -36.96 -18.10 28.00
C SER K 157 -37.17 -16.65 28.39
N TYR K 158 -38.24 -16.02 27.97
CA TYR K 158 -38.48 -14.63 28.29
C TYR K 158 -39.97 -14.31 28.31
N ALA K 159 -40.44 -13.19 28.87
CA ALA K 159 -41.85 -12.90 28.95
C ALA K 159 -42.11 -11.50 28.44
N TYR K 160 -43.31 -11.24 27.93
CA TYR K 160 -43.62 -9.92 27.43
C TYR K 160 -44.80 -9.48 28.28
N LEU K 161 -44.84 -8.31 28.91
CA LEU K 161 -45.97 -7.98 29.73
C LEU K 161 -46.82 -6.84 29.23
N GLY K 162 -47.97 -7.33 28.77
CA GLY K 162 -49.15 -6.54 28.46
C GLY K 162 -49.23 -5.55 27.34
N ASP K 163 -50.19 -5.98 26.53
CA ASP K 163 -50.70 -5.41 25.28
C ASP K 163 -49.83 -6.15 24.32
N ALA K 164 -50.18 -7.41 24.16
CA ALA K 164 -49.41 -8.17 23.23
C ALA K 164 -50.10 -7.94 21.89
N ARG K 165 -50.36 -6.71 21.45
CA ARG K 165 -51.05 -6.47 20.18
C ARG K 165 -50.33 -5.40 19.45
N ASN K 166 -50.10 -4.24 20.11
CA ASN K 166 -49.06 -3.29 19.76
C ASN K 166 -47.90 -4.31 19.68
N ASN K 167 -47.58 -4.54 18.40
CA ASN K 167 -46.89 -5.72 17.94
C ASN K 167 -45.49 -6.09 18.39
N MET K 168 -44.87 -5.44 19.38
CA MET K 168 -43.64 -5.97 19.95
C MET K 168 -44.01 -7.32 20.57
N GLY K 169 -45.28 -7.44 20.99
CA GLY K 169 -45.86 -8.67 21.46
C GLY K 169 -45.88 -9.67 20.33
N ASN K 170 -46.27 -9.30 19.11
CA ASN K 170 -46.26 -10.26 18.00
C ASN K 170 -44.89 -10.63 17.49
N SER K 171 -43.98 -9.67 17.53
CA SER K 171 -42.73 -9.92 16.93
C SER K 171 -41.95 -10.72 17.94
N LEU K 172 -42.09 -10.50 19.25
CA LEU K 172 -41.39 -11.39 20.15
C LEU K 172 -41.93 -12.81 20.05
N LEU K 173 -43.25 -13.06 20.03
CA LEU K 173 -43.79 -14.40 19.84
C LEU K 173 -43.33 -15.03 18.52
N LEU K 174 -43.30 -14.27 17.42
CA LEU K 174 -42.91 -14.81 16.13
C LEU K 174 -41.48 -15.34 16.20
N ILE K 175 -40.51 -14.57 16.71
CA ILE K 175 -39.18 -15.08 16.65
C ILE K 175 -38.96 -16.09 17.75
N GLY K 176 -39.48 -15.97 18.99
CA GLY K 176 -39.37 -17.07 19.94
C GLY K 176 -39.86 -18.40 19.31
N ALA K 177 -40.90 -18.36 18.46
CA ALA K 177 -41.43 -19.55 17.84
C ALA K 177 -40.50 -20.14 16.80
N LYS K 178 -39.97 -19.36 15.85
CA LYS K 178 -39.08 -19.94 14.86
C LYS K 178 -37.75 -20.40 15.41
N LEU K 179 -37.26 -19.85 16.52
CA LEU K 179 -35.94 -20.25 16.96
C LEU K 179 -35.99 -21.24 18.12
N GLY K 180 -37.20 -21.59 18.54
CA GLY K 180 -37.32 -22.63 19.55
C GLY K 180 -36.94 -22.22 20.95
N MET K 181 -37.21 -20.95 21.28
CA MET K 181 -36.92 -20.48 22.61
C MET K 181 -38.20 -20.73 23.40
N ASP K 182 -38.23 -20.36 24.68
CA ASP K 182 -39.40 -20.53 25.51
C ASP K 182 -40.02 -19.15 25.71
N VAL K 183 -40.97 -18.79 24.87
CA VAL K 183 -41.58 -17.46 24.96
C VAL K 183 -42.95 -17.40 25.66
N ARG K 184 -43.12 -16.60 26.71
CA ARG K 184 -44.39 -16.49 27.44
C ARG K 184 -45.02 -15.13 27.29
N ILE K 185 -46.26 -14.92 26.86
CA ILE K 185 -46.80 -13.56 26.85
C ILE K 185 -47.74 -13.35 28.03
N ALA K 186 -47.69 -12.21 28.73
CA ALA K 186 -48.52 -11.97 29.89
C ALA K 186 -49.36 -10.72 29.69
N ALA K 187 -50.57 -10.87 29.20
CA ALA K 187 -51.41 -9.71 28.97
C ALA K 187 -52.86 -10.09 29.24
N PRO K 188 -53.80 -9.17 29.48
CA PRO K 188 -55.20 -9.50 29.66
C PRO K 188 -55.76 -10.03 28.33
N LYS K 189 -56.56 -11.09 28.30
CA LYS K 189 -57.16 -11.69 27.09
C LYS K 189 -57.72 -10.77 26.02
N ALA K 190 -58.15 -9.56 26.36
CA ALA K 190 -58.62 -8.60 25.36
C ALA K 190 -57.50 -8.08 24.47
N LEU K 191 -56.27 -8.40 24.89
CA LEU K 191 -55.02 -7.89 24.35
C LEU K 191 -53.98 -8.96 24.00
N TRP K 192 -54.42 -10.16 23.68
CA TRP K 192 -53.53 -11.23 23.24
C TRP K 192 -53.31 -11.07 21.73
N PRO K 193 -52.31 -11.64 21.02
CA PRO K 193 -52.18 -11.53 19.56
C PRO K 193 -53.43 -12.13 18.89
N HIS K 194 -54.07 -11.80 17.73
CA HIS K 194 -55.29 -12.57 17.44
C HIS K 194 -54.83 -13.96 17.07
N ASP K 195 -55.65 -14.76 17.72
CA ASP K 195 -55.54 -16.19 17.67
C ASP K 195 -55.22 -16.78 16.32
N GLU K 196 -55.52 -16.26 15.10
CA GLU K 196 -54.99 -16.98 13.94
C GLU K 196 -53.47 -16.82 13.88
N PHE K 197 -52.94 -15.66 14.33
CA PHE K 197 -51.49 -15.44 14.43
C PHE K 197 -51.03 -16.35 15.54
N VAL K 198 -51.57 -16.49 16.77
CA VAL K 198 -51.03 -17.50 17.67
C VAL K 198 -51.10 -18.87 16.99
N ALA K 199 -52.08 -19.17 16.14
CA ALA K 199 -52.13 -20.48 15.49
C ALA K 199 -50.91 -20.65 14.61
N GLN K 200 -50.46 -19.56 13.97
CA GLN K 200 -49.25 -19.64 13.16
C GLN K 200 -48.09 -19.86 14.08
N CYS K 201 -47.90 -19.00 15.08
CA CYS K 201 -46.83 -19.19 16.03
C CYS K 201 -46.87 -20.58 16.61
N LYS K 202 -47.99 -21.30 16.66
CA LYS K 202 -47.89 -22.65 17.14
C LYS K 202 -47.44 -23.63 16.08
N LYS K 203 -47.78 -23.40 14.80
CA LYS K 203 -47.31 -24.22 13.68
C LYS K 203 -45.79 -24.21 13.81
N PHE K 204 -45.22 -23.00 13.75
CA PHE K 204 -43.79 -22.79 13.93
C PHE K 204 -43.22 -23.40 15.20
N ALA K 205 -43.86 -23.10 16.32
CA ALA K 205 -43.38 -23.57 17.61
C ALA K 205 -43.21 -25.06 17.76
N GLU K 206 -43.75 -25.83 16.82
CA GLU K 206 -43.70 -27.27 16.89
C GLU K 206 -42.55 -27.90 16.14
N GLU K 207 -42.18 -27.26 15.02
CA GLU K 207 -41.11 -27.74 14.18
C GLU K 207 -39.85 -27.55 15.05
N SER K 208 -39.63 -26.37 15.64
CA SER K 208 -38.58 -26.13 16.64
C SER K 208 -39.09 -26.61 18.00
N GLY K 209 -38.38 -26.73 19.11
CA GLY K 209 -39.09 -27.12 20.35
C GLY K 209 -39.66 -25.88 21.05
N ALA K 210 -40.38 -24.98 20.41
CA ALA K 210 -40.67 -23.74 21.12
C ALA K 210 -41.83 -23.80 22.12
N LYS K 211 -41.75 -23.30 23.35
CA LYS K 211 -42.90 -23.30 24.24
C LYS K 211 -43.55 -21.92 24.18
N LEU K 212 -44.88 -21.78 23.98
CA LEU K 212 -45.55 -20.49 23.95
C LEU K 212 -46.63 -20.43 25.04
N THR K 213 -46.55 -19.82 26.24
CA THR K 213 -47.77 -19.74 27.04
C THR K 213 -48.43 -18.43 26.58
N LEU K 214 -49.62 -18.11 27.04
CA LEU K 214 -50.21 -16.79 26.88
C LEU K 214 -51.07 -16.82 28.13
N THR K 215 -50.76 -16.05 29.16
CA THR K 215 -51.52 -16.05 30.40
C THR K 215 -52.07 -14.63 30.55
N GLU K 216 -52.58 -14.22 31.73
CA GLU K 216 -53.03 -12.86 32.07
C GLU K 216 -52.50 -12.55 33.46
N ASP K 217 -51.76 -13.51 34.01
CA ASP K 217 -51.17 -13.47 35.33
C ASP K 217 -49.68 -13.17 35.19
N PRO K 218 -49.14 -11.94 35.35
CA PRO K 218 -47.71 -11.66 35.38
C PRO K 218 -46.84 -12.57 36.21
N LYS K 219 -46.95 -12.60 37.54
CA LYS K 219 -46.09 -13.45 38.37
C LYS K 219 -45.90 -14.89 37.84
N GLU K 220 -46.88 -15.39 37.12
CA GLU K 220 -46.79 -16.72 36.52
C GLU K 220 -45.90 -16.64 35.29
N ALA K 221 -46.32 -15.79 34.34
CA ALA K 221 -45.64 -15.62 33.05
C ALA K 221 -44.14 -15.44 33.19
N VAL K 222 -43.79 -14.58 34.12
CA VAL K 222 -42.42 -14.27 34.41
C VAL K 222 -41.71 -15.28 35.30
N LYS K 223 -42.23 -16.50 35.59
CA LYS K 223 -41.57 -17.36 36.56
C LYS K 223 -40.36 -18.03 35.96
N GLY K 224 -39.20 -17.89 36.64
CA GLY K 224 -37.92 -18.50 36.20
C GLY K 224 -37.38 -18.16 34.79
N VAL K 225 -37.81 -17.05 34.25
CA VAL K 225 -37.44 -16.57 32.95
C VAL K 225 -36.06 -15.92 33.06
N ASP K 226 -35.39 -15.67 31.95
CA ASP K 226 -34.14 -14.89 31.89
C ASP K 226 -34.69 -13.69 31.15
N PHE K 227 -34.65 -12.36 31.37
CA PHE K 227 -35.21 -11.36 30.42
C PHE K 227 -36.74 -11.30 30.45
N VAL K 228 -37.19 -10.11 30.85
CA VAL K 228 -38.58 -9.67 31.05
C VAL K 228 -38.64 -8.52 30.04
N HIS K 229 -39.59 -8.42 29.11
CA HIS K 229 -39.66 -7.35 28.10
C HIS K 229 -40.89 -6.54 28.34
N THR K 230 -40.91 -5.25 28.10
CA THR K 230 -42.17 -4.56 28.13
C THR K 230 -42.13 -3.48 27.07
N ASP K 231 -43.13 -2.61 26.97
CA ASP K 231 -43.15 -1.53 26.00
C ASP K 231 -44.21 -0.49 26.31
N VAL K 232 -44.08 0.78 25.93
CA VAL K 232 -45.03 1.82 26.31
C VAL K 232 -46.34 1.43 25.69
N TRP K 233 -47.37 1.31 26.54
CA TRP K 233 -48.73 1.04 26.10
C TRP K 233 -49.68 2.22 25.97
N VAL K 234 -49.32 3.41 26.42
CA VAL K 234 -50.23 4.54 26.34
C VAL K 234 -49.96 5.15 24.98
N SER K 235 -51.00 5.44 24.20
CA SER K 235 -50.85 6.03 22.88
C SER K 235 -50.97 7.55 22.91
N MET K 236 -49.77 8.13 23.00
CA MET K 236 -49.53 9.55 22.86
C MET K 236 -50.43 10.02 21.72
N GLY K 237 -51.38 10.87 22.00
CA GLY K 237 -52.21 11.33 20.90
C GLY K 237 -53.65 10.98 21.14
N GLU K 238 -54.05 9.72 21.35
CA GLU K 238 -55.45 9.39 21.65
C GLU K 238 -55.52 10.08 23.02
N PRO K 239 -56.28 11.20 23.11
CA PRO K 239 -55.79 12.47 23.65
C PRO K 239 -54.84 12.28 24.81
N VAL K 240 -55.37 12.10 26.02
CA VAL K 240 -54.61 11.87 27.24
C VAL K 240 -55.59 11.88 28.39
N GLU K 241 -56.48 12.86 28.35
CA GLU K 241 -57.65 12.96 29.22
C GLU K 241 -58.29 11.63 29.04
N ALA K 242 -58.14 11.03 30.20
CA ALA K 242 -58.55 9.67 30.36
C ALA K 242 -57.82 8.74 29.41
N TRP K 243 -56.58 8.46 29.81
CA TRP K 243 -56.08 7.19 29.38
C TRP K 243 -56.74 6.27 30.40
N GLY K 244 -57.04 6.74 31.63
CA GLY K 244 -57.80 6.05 32.68
C GLY K 244 -58.18 4.59 32.47
N GLU K 245 -59.06 4.18 31.55
CA GLU K 245 -59.33 2.74 31.42
C GLU K 245 -58.10 1.99 30.96
N ARG K 246 -57.37 2.45 29.93
CA ARG K 246 -56.13 1.81 29.50
C ARG K 246 -55.20 1.74 30.71
N ILE K 247 -55.09 2.84 31.46
CA ILE K 247 -54.20 2.83 32.60
C ILE K 247 -54.72 1.87 33.66
N LYS K 248 -56.02 1.63 33.80
CA LYS K 248 -56.45 0.73 34.84
C LYS K 248 -56.19 -0.70 34.35
N GLU K 249 -56.20 -0.94 33.04
CA GLU K 249 -55.96 -2.27 32.51
C GLU K 249 -54.56 -2.77 32.62
N LEU K 250 -53.66 -2.01 32.02
CA LEU K 250 -52.33 -2.53 31.93
C LEU K 250 -51.56 -2.23 33.18
N LEU K 251 -52.06 -1.38 34.11
CA LEU K 251 -51.25 -1.06 35.28
C LEU K 251 -50.96 -2.31 36.14
N PRO K 252 -51.70 -3.44 36.21
CA PRO K 252 -51.19 -4.63 36.86
C PRO K 252 -49.94 -5.16 36.18
N TYR K 253 -49.81 -5.06 34.84
CA TYR K 253 -48.65 -5.52 34.06
C TYR K 253 -47.43 -4.61 34.03
N GLN K 254 -47.32 -3.72 35.01
CA GLN K 254 -46.26 -2.73 35.09
C GLN K 254 -44.98 -3.51 35.36
N VAL K 255 -43.90 -3.58 34.56
CA VAL K 255 -42.74 -4.32 35.07
C VAL K 255 -42.20 -3.50 36.23
N ASN K 256 -42.07 -4.06 37.43
CA ASN K 256 -41.50 -3.31 38.55
C ASN K 256 -40.73 -4.24 39.47
N MET K 257 -40.07 -3.78 40.52
CA MET K 257 -39.27 -4.70 41.35
C MET K 257 -40.03 -5.85 41.96
N GLU K 258 -41.37 -5.89 41.96
CA GLU K 258 -42.09 -7.04 42.46
C GLU K 258 -41.97 -7.97 41.28
N ILE K 259 -42.50 -7.67 40.07
CA ILE K 259 -42.36 -8.53 38.89
C ILE K 259 -40.95 -9.01 38.60
N MET K 260 -39.94 -8.14 38.74
CA MET K 260 -38.56 -8.56 38.48
C MET K 260 -38.16 -9.55 39.54
N LYS K 261 -38.36 -9.29 40.84
CA LYS K 261 -38.02 -10.26 41.88
C LYS K 261 -38.93 -11.49 41.80
N ALA K 262 -40.11 -11.32 41.19
CA ALA K 262 -41.09 -12.37 41.02
C ALA K 262 -40.57 -13.42 40.10
N THR K 263 -39.62 -13.06 39.21
CA THR K 263 -39.01 -14.06 38.37
C THR K 263 -38.23 -14.89 39.38
N GLY K 264 -37.82 -16.07 38.98
CA GLY K 264 -37.10 -16.83 39.99
C GLY K 264 -35.70 -16.30 40.23
N ASN K 265 -35.11 -15.65 39.23
CA ASN K 265 -33.67 -15.77 39.20
C ASN K 265 -32.86 -14.52 39.31
N PRO K 266 -31.73 -14.42 40.06
CA PRO K 266 -31.02 -13.16 40.28
C PRO K 266 -30.33 -12.59 39.05
N ARG K 267 -30.46 -13.25 37.90
CA ARG K 267 -29.84 -12.80 36.70
C ARG K 267 -30.91 -12.40 35.71
N ALA K 268 -32.23 -12.43 36.01
CA ALA K 268 -33.22 -11.99 35.06
C ALA K 268 -32.89 -10.53 34.71
N LYS K 269 -33.08 -10.10 33.44
CA LYS K 269 -32.87 -8.74 32.97
C LYS K 269 -34.12 -8.17 32.34
N PHE K 270 -34.23 -6.87 32.29
CA PHE K 270 -35.38 -6.18 31.77
C PHE K 270 -34.95 -5.68 30.39
N MET K 271 -35.82 -5.66 29.39
CA MET K 271 -35.44 -5.13 28.11
C MET K 271 -36.62 -4.30 27.66
N HIS K 272 -36.45 -3.33 26.76
CA HIS K 272 -37.54 -2.45 26.37
C HIS K 272 -37.16 -1.79 25.04
N CYS K 273 -37.73 -1.81 23.83
CA CYS K 273 -37.08 -1.04 22.75
C CYS K 273 -37.45 0.44 22.86
N LEU K 274 -36.73 1.16 23.72
CA LEU K 274 -36.91 2.57 24.03
C LEU K 274 -37.76 3.48 23.12
N PRO K 275 -38.53 4.52 23.50
CA PRO K 275 -38.45 5.26 24.75
C PRO K 275 -39.27 4.57 25.82
N ALA K 276 -38.85 4.66 27.06
CA ALA K 276 -39.57 4.01 28.10
C ALA K 276 -39.99 5.14 28.95
N PHE K 277 -41.29 5.17 29.20
CA PHE K 277 -41.89 6.07 30.13
C PHE K 277 -41.55 5.52 31.48
N HIS K 278 -40.55 6.12 32.08
CA HIS K 278 -40.18 5.58 33.34
C HIS K 278 -40.00 6.59 34.44
N ASN K 279 -40.48 7.82 34.23
CA ASN K 279 -40.46 8.85 35.25
C ASN K 279 -40.97 10.14 34.67
N SER K 280 -41.05 11.18 35.50
CA SER K 280 -41.60 12.43 35.03
C SER K 280 -40.67 13.38 34.33
N GLU K 281 -39.35 13.13 34.28
CA GLU K 281 -38.37 14.03 33.68
C GLU K 281 -38.40 14.22 32.16
N THR K 282 -39.58 14.41 31.62
CA THR K 282 -39.79 14.59 30.21
C THR K 282 -41.05 15.44 30.18
N LYS K 283 -41.37 16.04 29.04
CA LYS K 283 -42.51 16.92 29.00
C LYS K 283 -43.79 16.08 28.85
N VAL K 284 -43.83 14.99 28.04
CA VAL K 284 -44.97 14.08 28.06
C VAL K 284 -45.10 13.59 29.51
N GLY K 285 -43.97 13.22 30.10
CA GLY K 285 -43.97 12.64 31.43
C GLY K 285 -44.24 13.61 32.56
N LYS K 286 -44.50 14.89 32.33
CA LYS K 286 -44.96 15.72 33.42
C LYS K 286 -46.46 15.89 33.27
N GLN K 287 -46.96 15.95 32.02
CA GLN K 287 -48.37 15.98 31.71
C GLN K 287 -49.05 14.86 32.47
N ILE K 288 -48.72 13.63 32.08
CA ILE K 288 -49.28 12.41 32.68
C ILE K 288 -49.15 12.40 34.18
N ALA K 289 -47.94 12.62 34.69
CA ALA K 289 -47.71 12.73 36.12
C ALA K 289 -48.65 13.73 36.76
N GLU K 290 -49.08 14.83 36.11
CA GLU K 290 -50.07 15.70 36.74
C GLU K 290 -51.39 14.98 36.75
N GLN K 291 -51.93 14.63 35.57
CA GLN K 291 -53.22 14.00 35.54
C GLN K 291 -53.22 12.64 36.25
N TYR K 292 -52.06 12.07 36.56
CA TYR K 292 -52.01 10.79 37.21
C TYR K 292 -50.77 10.87 38.06
N PRO K 293 -51.05 11.24 39.29
CA PRO K 293 -50.05 11.22 40.32
C PRO K 293 -49.45 9.84 40.48
N ASN K 294 -50.20 8.74 40.35
CA ASN K 294 -49.54 7.51 40.74
C ASN K 294 -48.67 6.93 39.66
N LEU K 295 -48.67 7.52 38.46
CA LEU K 295 -47.70 7.16 37.44
C LEU K 295 -46.59 8.13 37.81
N ALA K 296 -45.95 9.00 37.02
CA ALA K 296 -44.99 9.96 37.64
C ALA K 296 -43.83 9.31 38.38
N ASN K 297 -43.45 8.18 37.79
CA ASN K 297 -42.43 7.29 38.34
C ASN K 297 -42.26 6.02 37.56
N GLY K 298 -43.09 5.97 36.54
CA GLY K 298 -42.89 5.00 35.52
C GLY K 298 -44.22 4.44 35.19
N ILE K 299 -44.56 4.57 33.92
CA ILE K 299 -45.81 4.03 33.51
C ILE K 299 -45.55 2.56 33.29
N GLU K 300 -44.94 2.04 32.22
CA GLU K 300 -44.82 0.59 32.03
C GLU K 300 -43.56 -0.07 32.58
N VAL K 301 -42.69 0.72 33.20
CA VAL K 301 -41.46 0.25 33.82
C VAL K 301 -41.31 1.25 34.95
N THR K 302 -40.98 0.87 36.17
CA THR K 302 -40.80 1.91 37.16
C THR K 302 -39.34 2.32 37.15
N GLU K 303 -38.98 3.55 37.49
CA GLU K 303 -37.58 3.89 37.66
C GLU K 303 -36.91 2.91 38.60
N ASP K 304 -37.58 2.31 39.63
CA ASP K 304 -36.90 1.40 40.56
C ASP K 304 -36.33 0.20 39.78
N VAL K 305 -36.88 -0.12 38.60
CA VAL K 305 -36.21 -1.06 37.73
C VAL K 305 -35.41 -0.43 36.60
N PHE K 306 -35.94 0.58 35.91
CA PHE K 306 -35.20 1.15 34.80
C PHE K 306 -33.84 1.65 35.25
N GLU K 307 -33.72 2.50 36.25
CA GLU K 307 -32.42 3.01 36.53
C GLU K 307 -31.72 2.28 37.64
N SER K 308 -31.54 0.95 37.45
CA SER K 308 -30.63 0.13 38.27
C SER K 308 -30.54 -1.35 37.87
N PRO K 309 -29.39 -2.08 37.90
CA PRO K 309 -28.85 -3.11 36.96
C PRO K 309 -29.61 -4.27 36.35
N TYR K 310 -30.91 -4.31 36.51
CA TYR K 310 -31.73 -5.28 35.82
C TYR K 310 -31.85 -4.76 34.41
N ASN K 311 -31.33 -3.59 34.09
CA ASN K 311 -31.70 -2.95 32.87
C ASN K 311 -30.61 -3.02 31.84
N ILE K 312 -30.81 -3.84 30.79
CA ILE K 312 -29.88 -3.88 29.69
C ILE K 312 -30.58 -3.17 28.53
N ALA K 313 -31.43 -2.15 28.69
CA ALA K 313 -32.05 -1.56 27.51
C ALA K 313 -31.07 -0.87 26.57
N PHE K 314 -29.92 -0.34 27.04
CA PHE K 314 -29.01 0.37 26.15
C PHE K 314 -28.05 -0.49 25.40
N GLU K 315 -27.59 -1.61 25.98
CA GLU K 315 -26.80 -2.62 25.28
C GLU K 315 -27.73 -3.19 24.20
N GLN K 316 -29.00 -3.48 24.49
CA GLN K 316 -29.93 -3.89 23.44
C GLN K 316 -30.12 -2.79 22.40
N ALA K 317 -30.24 -1.51 22.76
CA ALA K 317 -30.32 -0.45 21.76
C ALA K 317 -29.12 -0.40 20.81
N GLU K 318 -27.90 -0.60 21.30
CA GLU K 318 -26.69 -0.70 20.49
C GLU K 318 -26.75 -1.88 19.54
N ASN K 319 -27.08 -3.07 20.03
CA ASN K 319 -27.27 -4.26 19.22
C ASN K 319 -28.13 -4.16 17.99
N ARG K 320 -28.80 -3.03 17.85
CA ARG K 320 -29.60 -2.78 16.69
C ARG K 320 -28.74 -2.28 15.54
N MET K 321 -27.60 -1.70 15.88
CA MET K 321 -26.59 -1.25 14.93
C MET K 321 -25.80 -2.45 14.42
N HIS K 322 -25.44 -3.41 15.29
CA HIS K 322 -24.67 -4.53 14.81
C HIS K 322 -25.59 -5.37 13.97
N THR K 323 -26.92 -5.47 14.18
CA THR K 323 -27.82 -6.18 13.24
C THR K 323 -27.98 -5.51 11.88
N ILE K 324 -28.21 -4.19 11.81
CA ILE K 324 -28.35 -3.56 10.52
C ILE K 324 -27.03 -3.70 9.79
N LYS K 325 -25.88 -3.69 10.47
CA LYS K 325 -24.68 -4.03 9.76
C LYS K 325 -24.74 -5.48 9.27
N ALA K 326 -25.33 -6.49 9.96
CA ALA K 326 -25.39 -7.85 9.41
C ALA K 326 -26.21 -7.88 8.15
N ILE K 327 -27.33 -7.14 8.13
CA ILE K 327 -28.18 -6.96 6.95
C ILE K 327 -27.42 -6.17 5.88
N LEU K 328 -26.62 -5.09 6.05
CA LEU K 328 -25.97 -4.48 4.91
C LEU K 328 -24.87 -5.42 4.41
N VAL K 329 -24.11 -6.09 5.28
CA VAL K 329 -23.06 -6.96 4.80
C VAL K 329 -23.63 -8.20 4.16
N SER K 330 -24.71 -8.90 4.50
CA SER K 330 -25.06 -10.05 3.66
C SER K 330 -25.83 -9.74 2.39
N THR K 331 -26.34 -8.49 2.26
CA THR K 331 -27.05 -8.05 1.07
C THR K 331 -26.08 -7.51 0.02
N LEU K 332 -25.29 -6.53 0.49
CA LEU K 332 -24.35 -5.77 -0.31
C LEU K 332 -22.95 -6.37 -0.26
N ALA K 333 -22.00 -6.20 0.65
CA ALA K 333 -20.66 -6.80 0.62
C ALA K 333 -20.20 -7.92 -0.28
N ASP K 334 -18.93 -7.71 -0.65
CA ASP K 334 -18.18 -8.58 -1.52
C ASP K 334 -17.51 -9.70 -0.74
N ILE K 335 -18.32 -10.62 -0.29
CA ILE K 335 -17.91 -11.82 0.42
C ILE K 335 -18.98 -12.80 0.01
N ALA L 1 10.11 -26.43 -2.03
CA ALA L 1 10.70 -26.65 -0.74
C ALA L 1 12.15 -27.13 -0.86
N PHE L 2 12.61 -27.99 0.05
CA PHE L 2 13.98 -28.32 0.43
C PHE L 2 14.02 -27.20 1.45
N ASN L 3 13.80 -27.67 2.65
CA ASN L 3 13.66 -26.82 3.80
C ASN L 3 14.11 -27.58 5.03
N MET L 4 14.38 -26.81 6.08
CA MET L 4 14.64 -27.35 7.39
C MET L 4 13.77 -26.55 8.37
N HIS L 5 12.58 -26.24 7.84
CA HIS L 5 11.50 -25.54 8.51
C HIS L 5 11.28 -26.21 9.83
N ASN L 6 11.18 -25.49 10.95
CA ASN L 6 10.97 -26.04 12.28
C ASN L 6 12.02 -26.85 12.98
N ARG L 7 13.10 -27.05 12.25
CA ARG L 7 14.17 -27.80 12.83
C ARG L 7 14.87 -26.92 13.88
N ASN L 8 15.02 -27.38 15.14
CA ASN L 8 15.88 -26.69 16.10
C ASN L 8 17.30 -26.65 15.52
N LEU L 9 18.12 -25.64 15.76
CA LEU L 9 19.53 -25.81 15.44
C LEU L 9 20.10 -26.04 16.82
N LEU L 10 19.81 -27.07 17.63
CA LEU L 10 20.48 -27.04 18.91
C LEU L 10 21.78 -27.83 18.83
N SER L 11 22.72 -27.27 18.06
CA SER L 11 24.10 -27.76 17.95
C SER L 11 24.38 -29.02 17.15
N LEU L 12 24.42 -28.88 15.83
CA LEU L 12 24.56 -30.12 15.13
C LEU L 12 25.75 -30.72 14.42
N MET L 13 26.05 -31.69 15.29
CA MET L 13 26.95 -32.80 15.02
C MET L 13 26.25 -33.65 13.95
N HIS L 14 24.93 -33.57 13.73
CA HIS L 14 24.24 -34.33 12.70
C HIS L 14 23.56 -33.38 11.73
N HIS L 15 24.00 -33.44 10.45
CA HIS L 15 23.70 -32.59 9.28
C HIS L 15 24.48 -33.01 8.06
N SER L 16 23.67 -33.32 7.07
CA SER L 16 24.07 -33.67 5.71
C SER L 16 25.16 -32.79 5.13
N THR L 17 26.20 -33.14 4.32
CA THR L 17 26.97 -32.05 3.71
C THR L 17 26.04 -31.17 2.92
N ARG L 18 24.90 -31.73 2.44
CA ARG L 18 23.82 -31.00 1.76
C ARG L 18 23.12 -29.97 2.65
N GLU L 19 22.76 -30.17 3.94
CA GLU L 19 22.15 -29.10 4.75
C GLU L 19 23.15 -28.02 5.10
N LEU L 20 24.39 -28.41 5.41
CA LEU L 20 25.43 -27.46 5.73
C LEU L 20 25.61 -26.65 4.49
N ARG L 21 25.73 -27.22 3.28
CA ARG L 21 25.84 -26.31 2.18
C ARG L 21 24.66 -25.39 1.90
N TYR L 22 23.43 -25.86 2.16
CA TYR L 22 22.26 -25.02 2.06
C TYR L 22 22.39 -23.88 3.05
N LEU L 23 22.68 -24.17 4.31
CA LEU L 23 22.84 -23.14 5.31
C LEU L 23 23.92 -22.10 5.01
N LEU L 24 25.04 -22.42 4.36
CA LEU L 24 26.03 -21.39 4.04
C LEU L 24 25.72 -20.65 2.76
N ASP L 25 24.96 -21.27 1.82
CA ASP L 25 24.59 -20.57 0.64
C ASP L 25 23.59 -19.58 1.18
N LEU L 26 22.59 -19.96 1.95
CA LEU L 26 21.65 -18.98 2.44
C LEU L 26 22.27 -17.84 3.21
N SER L 27 23.32 -18.00 4.07
CA SER L 27 23.86 -16.85 4.75
C SER L 27 24.67 -15.98 3.81
N ARG L 28 25.20 -16.59 2.75
CA ARG L 28 25.97 -15.84 1.79
C ARG L 28 25.04 -14.88 1.09
N ASP L 29 23.88 -15.41 0.68
CA ASP L 29 22.89 -14.64 -0.02
C ASP L 29 22.12 -13.73 0.86
N LEU L 30 22.00 -13.98 2.17
CA LEU L 30 21.36 -13.03 3.03
C LEU L 30 22.33 -11.89 3.37
N LYS L 31 23.67 -12.05 3.21
CA LYS L 31 24.63 -10.99 3.50
C LYS L 31 24.58 -10.01 2.36
N ARG L 32 24.67 -10.62 1.19
CA ARG L 32 24.53 -9.84 -0.02
C ARG L 32 23.18 -9.15 -0.02
N ALA L 33 22.09 -9.72 0.53
CA ALA L 33 20.80 -9.05 0.42
C ALA L 33 20.75 -7.81 1.26
N LYS L 34 21.42 -7.83 2.42
CA LYS L 34 21.41 -6.67 3.30
C LYS L 34 22.11 -5.53 2.59
N TYR L 35 23.35 -5.77 2.13
CA TYR L 35 24.17 -4.77 1.46
C TYR L 35 23.74 -3.99 0.24
N THR L 36 22.93 -4.73 -0.50
CA THR L 36 22.31 -4.33 -1.74
C THR L 36 20.93 -3.78 -1.51
N GLY L 37 20.36 -4.02 -0.33
CA GLY L 37 18.99 -3.55 -0.05
C GLY L 37 17.87 -4.28 -0.81
N THR L 38 18.19 -5.50 -1.17
CA THR L 38 17.35 -6.44 -1.81
C THR L 38 16.69 -7.25 -0.69
N GLU L 39 17.07 -7.14 0.59
CA GLU L 39 16.48 -7.91 1.68
C GLU L 39 15.03 -7.60 1.96
N GLN L 40 14.17 -8.61 1.97
CA GLN L 40 12.75 -8.48 2.30
C GLN L 40 12.56 -9.05 3.72
N GLN L 41 11.68 -8.51 4.57
CA GLN L 41 11.48 -9.06 5.90
C GLN L 41 10.56 -10.26 5.90
N HIS L 42 11.03 -11.49 6.12
CA HIS L 42 10.21 -12.68 6.19
C HIS L 42 9.96 -13.23 7.59
N LEU L 43 10.15 -12.44 8.65
CA LEU L 43 9.86 -12.86 10.02
C LEU L 43 9.02 -11.79 10.71
N LYS L 44 8.25 -11.00 9.96
CA LYS L 44 7.45 -9.93 10.56
C LYS L 44 6.47 -10.59 11.47
N ARG L 45 6.27 -10.04 12.66
CA ARG L 45 5.23 -10.53 13.58
C ARG L 45 5.68 -11.83 14.26
N LYS L 46 6.98 -12.18 14.31
CA LYS L 46 7.50 -13.36 14.99
C LYS L 46 8.22 -12.83 16.23
N ASN L 47 8.07 -13.33 17.46
CA ASN L 47 8.74 -12.76 18.62
C ASN L 47 9.68 -13.81 19.15
N ILE L 48 10.99 -13.61 19.35
CA ILE L 48 11.77 -14.69 19.89
C ILE L 48 12.26 -14.21 21.27
N ALA L 49 12.53 -15.17 22.17
CA ALA L 49 12.93 -15.00 23.58
C ALA L 49 14.41 -15.30 23.61
N LEU L 50 15.27 -14.75 24.45
CA LEU L 50 16.69 -15.04 24.37
C LEU L 50 17.03 -15.30 25.81
N ILE L 51 17.20 -16.54 26.26
CA ILE L 51 17.51 -16.86 27.63
C ILE L 51 19.02 -16.96 27.65
N PHE L 52 19.76 -16.05 28.27
CA PHE L 52 21.20 -16.19 28.29
C PHE L 52 21.66 -16.52 29.70
N GLU L 53 22.20 -17.70 30.04
CA GLU L 53 22.71 -17.96 31.39
C GLU L 53 24.09 -17.33 31.51
N LYS L 54 25.04 -17.31 30.57
CA LYS L 54 26.21 -16.46 30.79
C LYS L 54 25.96 -15.21 29.93
N THR L 55 26.30 -13.99 30.39
CA THR L 55 26.26 -12.80 29.55
C THR L 55 27.24 -12.99 28.39
N SER L 56 26.77 -12.76 27.15
CA SER L 56 27.58 -12.83 25.95
C SER L 56 27.15 -11.79 24.91
N THR L 57 27.53 -10.54 25.08
CA THR L 57 27.14 -9.45 24.20
C THR L 57 27.26 -9.64 22.72
N ARG L 58 28.37 -10.16 22.21
CA ARG L 58 28.55 -10.39 20.81
C ARG L 58 27.57 -11.43 20.31
N THR L 59 27.08 -12.35 21.13
CA THR L 59 26.13 -13.30 20.58
C THR L 59 24.71 -12.81 20.76
N ARG L 60 24.44 -12.04 21.80
CA ARG L 60 23.18 -11.37 21.92
C ARG L 60 23.10 -10.41 20.73
N CYS L 61 23.95 -9.39 20.53
CA CYS L 61 23.82 -8.50 19.38
C CYS L 61 23.64 -9.19 18.05
N ALA L 62 24.34 -10.30 17.76
CA ALA L 62 24.11 -11.02 16.52
C ALA L 62 22.69 -11.54 16.48
N PHE L 63 22.10 -12.12 17.54
CA PHE L 63 20.71 -12.57 17.48
C PHE L 63 19.82 -11.35 17.31
N GLU L 64 20.01 -10.32 18.12
CA GLU L 64 19.21 -9.15 18.09
C GLU L 64 19.22 -8.47 16.73
N VAL L 65 20.32 -8.03 16.11
CA VAL L 65 20.32 -7.48 14.78
C VAL L 65 19.74 -8.43 13.74
N ALA L 66 20.02 -9.75 13.73
CA ALA L 66 19.43 -10.63 12.73
C ALA L 66 17.93 -10.75 12.83
N ALA L 67 17.44 -10.88 14.06
CA ALA L 67 16.02 -10.97 14.28
C ALA L 67 15.34 -9.69 13.86
N TYR L 68 15.93 -8.52 14.14
CA TYR L 68 15.40 -7.24 13.75
C TYR L 68 15.41 -6.96 12.29
N ASP L 69 16.45 -7.29 11.53
CA ASP L 69 16.42 -7.01 10.13
C ASP L 69 15.24 -7.67 9.43
N GLN L 70 14.90 -8.85 9.93
CA GLN L 70 13.85 -9.62 9.38
C GLN L 70 12.53 -9.23 10.04
N GLY L 71 12.30 -8.05 10.55
CA GLY L 71 11.04 -7.77 11.21
C GLY L 71 10.68 -8.58 12.48
N ALA L 72 11.48 -9.44 13.13
CA ALA L 72 11.01 -10.11 14.33
C ALA L 72 11.17 -9.22 15.55
N ASN L 73 10.82 -9.70 16.74
CA ASN L 73 10.95 -8.91 17.95
C ASN L 73 11.62 -9.75 18.98
N VAL L 74 12.38 -9.23 19.93
CA VAL L 74 13.24 -10.06 20.76
C VAL L 74 13.01 -9.77 22.22
N THR L 75 12.84 -10.72 23.14
CA THR L 75 12.79 -10.41 24.58
C THR L 75 14.11 -10.87 25.16
N TYR L 76 15.11 -10.07 25.55
CA TYR L 76 16.29 -10.62 26.18
C TYR L 76 16.02 -10.91 27.67
N ILE L 77 16.32 -12.13 28.10
CA ILE L 77 16.14 -12.57 29.47
C ILE L 77 17.55 -12.92 29.92
N ASP L 78 18.04 -12.14 30.88
CA ASP L 78 19.35 -12.28 31.53
C ASP L 78 20.00 -13.51 32.09
N PRO L 79 21.26 -13.40 32.54
CA PRO L 79 21.73 -14.15 33.67
C PRO L 79 21.17 -13.56 34.95
N ASN L 80 21.16 -12.25 35.20
CA ASN L 80 20.73 -11.76 36.53
C ASN L 80 19.38 -12.22 37.03
N SER L 81 18.40 -12.53 36.18
CA SER L 81 17.08 -12.79 36.69
C SER L 81 16.16 -13.66 35.84
N SER L 82 16.78 -14.81 35.64
CA SER L 82 16.17 -15.97 35.06
C SER L 82 16.71 -16.94 36.08
N GLN L 83 16.19 -16.96 37.31
CA GLN L 83 16.73 -17.88 38.30
C GLN L 83 16.24 -19.31 37.97
N ILE L 84 16.78 -19.86 36.86
CA ILE L 84 16.28 -21.08 36.23
C ILE L 84 16.22 -22.29 37.12
N GLY L 85 17.35 -22.86 37.54
CA GLY L 85 17.24 -24.05 38.37
C GLY L 85 16.67 -23.69 39.73
N HIS L 86 16.54 -22.39 40.09
CA HIS L 86 16.24 -22.02 41.45
C HIS L 86 15.00 -22.67 42.02
N LYS L 87 13.87 -22.26 41.47
CA LYS L 87 12.59 -22.71 41.92
C LYS L 87 11.70 -22.99 40.71
N GLU L 88 12.27 -23.21 39.52
CA GLU L 88 11.36 -23.52 38.46
C GLU L 88 11.72 -24.72 37.63
N SER L 89 12.80 -24.79 36.84
CA SER L 89 13.20 -25.93 36.00
C SER L 89 12.91 -25.62 34.56
N MET L 90 13.94 -25.74 33.74
CA MET L 90 13.87 -25.58 32.30
C MET L 90 12.66 -26.26 31.70
N LYS L 91 12.30 -27.47 32.15
CA LYS L 91 11.17 -28.18 31.57
C LYS L 91 9.89 -27.42 31.80
N ASP L 92 9.68 -26.85 32.98
CA ASP L 92 8.50 -26.06 33.26
C ASP L 92 8.53 -24.68 32.69
N THR L 93 9.69 -24.05 32.55
CA THR L 93 9.58 -22.71 32.01
C THR L 93 9.64 -22.77 30.49
N ALA L 94 10.18 -23.78 29.78
CA ALA L 94 10.10 -23.86 28.33
C ALA L 94 8.65 -24.06 27.93
N ARG L 95 7.89 -24.86 28.69
CA ARG L 95 6.50 -25.04 28.35
C ARG L 95 5.73 -23.74 28.47
N VAL L 96 6.04 -22.87 29.44
CA VAL L 96 5.32 -21.62 29.46
C VAL L 96 5.81 -20.79 28.29
N LEU L 97 7.11 -20.58 28.15
CA LEU L 97 7.64 -19.75 27.07
C LEU L 97 7.39 -20.23 25.61
N GLY L 98 7.18 -21.49 25.24
CA GLY L 98 6.82 -21.80 23.88
C GLY L 98 5.36 -21.40 23.66
N ARG L 99 4.63 -21.08 24.71
CA ARG L 99 3.28 -20.63 24.46
C ARG L 99 3.26 -19.16 24.16
N MET L 100 4.18 -18.36 24.66
CA MET L 100 4.16 -16.99 24.26
C MET L 100 5.10 -16.68 23.12
N TYR L 101 6.30 -17.28 23.00
CA TYR L 101 7.22 -16.96 21.92
C TYR L 101 7.09 -17.83 20.70
N ASP L 102 7.84 -17.51 19.65
CA ASP L 102 7.81 -18.23 18.38
C ASP L 102 9.04 -19.06 18.15
N ALA L 103 10.11 -18.82 18.85
CA ALA L 103 11.35 -19.56 18.73
C ALA L 103 12.11 -19.20 19.99
N ILE L 104 13.19 -19.84 20.45
CA ILE L 104 13.85 -19.39 21.69
C ILE L 104 15.34 -19.46 21.45
N GLY L 105 16.17 -18.50 21.85
CA GLY L 105 17.60 -18.62 21.63
C GLY L 105 18.18 -18.98 22.98
N TYR L 106 19.16 -19.87 23.03
CA TYR L 106 19.66 -20.19 24.33
C TYR L 106 21.16 -20.13 24.35
N ARG L 107 21.64 -19.70 25.51
CA ARG L 107 23.06 -19.64 25.70
C ARG L 107 23.40 -19.72 27.18
N GLY L 108 23.88 -20.90 27.50
CA GLY L 108 24.18 -21.26 28.85
C GLY L 108 25.41 -22.11 28.76
N PHE L 109 25.76 -22.69 29.89
CA PHE L 109 26.97 -23.50 29.91
C PHE L 109 26.67 -24.94 29.52
N LYS L 110 25.66 -25.40 30.25
CA LYS L 110 25.39 -26.81 30.33
C LYS L 110 24.56 -27.43 29.22
N GLN L 111 25.10 -27.68 28.02
CA GLN L 111 24.37 -28.29 26.89
C GLN L 111 23.27 -29.25 27.30
N GLU L 112 23.49 -30.09 28.34
CA GLU L 112 22.45 -30.92 28.94
C GLU L 112 21.12 -30.11 29.06
N ILE L 113 21.07 -28.91 29.70
CA ILE L 113 19.87 -28.04 29.76
C ILE L 113 19.28 -27.62 28.41
N VAL L 114 20.09 -27.25 27.42
CA VAL L 114 19.64 -26.88 26.08
C VAL L 114 18.69 -27.95 25.58
N GLU L 115 19.08 -29.22 25.80
CA GLU L 115 18.24 -30.32 25.39
C GLU L 115 16.90 -30.31 26.10
N GLU L 116 16.73 -29.98 27.39
CA GLU L 116 15.39 -29.92 27.98
C GLU L 116 14.51 -28.89 27.30
N LEU L 117 15.12 -27.74 27.07
CA LEU L 117 14.50 -26.60 26.44
C LEU L 117 14.02 -27.07 25.09
N ALA L 118 14.92 -27.65 24.30
CA ALA L 118 14.58 -28.10 22.98
C ALA L 118 13.50 -29.16 23.05
N LYS L 119 13.52 -30.02 24.07
CA LYS L 119 12.58 -31.11 24.11
C LYS L 119 11.15 -30.69 24.42
N PHE L 120 10.98 -29.84 25.44
CA PHE L 120 9.67 -29.40 25.92
C PHE L 120 9.14 -28.08 25.40
N ALA L 121 9.95 -27.17 24.89
CA ALA L 121 9.43 -25.87 24.50
C ALA L 121 8.26 -25.89 23.53
N GLY L 122 8.29 -26.72 22.48
CA GLY L 122 7.20 -26.79 21.53
C GLY L 122 7.40 -25.86 20.35
N VAL L 123 8.54 -25.16 20.27
CA VAL L 123 8.77 -24.18 19.24
C VAL L 123 10.26 -24.19 18.87
N PRO L 124 10.83 -23.94 17.68
CA PRO L 124 12.27 -23.92 17.44
C PRO L 124 13.21 -23.44 18.54
N VAL L 125 14.15 -24.25 18.97
CA VAL L 125 15.08 -23.75 19.97
C VAL L 125 16.44 -23.66 19.28
N PHE L 126 17.08 -22.51 19.34
CA PHE L 126 18.32 -22.34 18.62
C PHE L 126 19.34 -22.22 19.70
N ASN L 127 20.23 -23.18 19.70
CA ASN L 127 21.31 -23.04 20.63
C ASN L 127 22.22 -21.95 20.10
N GLY L 128 22.16 -20.76 20.70
CA GLY L 128 23.14 -19.73 20.44
C GLY L 128 24.48 -20.38 20.82
N LEU L 129 24.60 -21.03 22.00
CA LEU L 129 25.72 -21.89 22.41
C LEU L 129 25.80 -22.39 23.87
N THR L 130 26.76 -23.31 24.10
CA THR L 130 27.09 -23.87 25.40
C THR L 130 28.55 -24.27 25.36
N ASP L 131 29.11 -25.00 26.34
CA ASP L 131 30.50 -25.47 26.35
C ASP L 131 30.80 -26.42 25.21
N GLU L 132 29.85 -27.34 25.02
CA GLU L 132 29.80 -28.35 23.96
C GLU L 132 29.93 -27.56 22.66
N TYR L 133 29.38 -26.33 22.68
CA TYR L 133 29.67 -25.37 21.64
C TYR L 133 28.99 -25.61 20.31
N HIS L 134 29.17 -24.42 19.70
CA HIS L 134 28.86 -23.83 18.41
C HIS L 134 28.81 -24.36 16.97
N PRO L 135 27.61 -24.77 16.62
CA PRO L 135 27.12 -24.69 15.29
C PRO L 135 27.26 -23.34 14.56
N THR L 136 27.00 -22.13 15.09
CA THR L 136 27.08 -20.94 14.22
C THR L 136 28.42 -20.29 14.09
N GLN L 137 29.37 -20.34 15.07
CA GLN L 137 30.65 -19.72 14.76
C GLN L 137 31.27 -20.70 13.79
N MET L 138 30.95 -22.02 13.81
CA MET L 138 31.42 -22.91 12.75
C MET L 138 31.10 -22.50 11.34
N LEU L 139 29.84 -22.17 11.05
CA LEU L 139 29.44 -21.73 9.72
C LEU L 139 29.80 -20.28 9.47
N ALA L 140 30.00 -19.41 10.47
CA ALA L 140 30.46 -18.03 10.26
C ALA L 140 31.87 -18.10 9.67
N ASP L 141 32.81 -18.77 10.34
CA ASP L 141 34.15 -18.92 9.83
C ASP L 141 34.21 -19.52 8.48
N VAL L 142 33.49 -20.61 8.18
CA VAL L 142 33.69 -21.09 6.83
C VAL L 142 32.98 -20.15 5.88
N LEU L 143 31.87 -19.43 6.24
CA LEU L 143 31.31 -18.37 5.39
C LEU L 143 32.46 -17.39 5.18
N THR L 144 33.29 -17.10 6.18
CA THR L 144 34.36 -16.14 5.99
C THR L 144 35.49 -16.66 5.13
N MET L 145 35.85 -17.94 5.26
CA MET L 145 36.96 -18.39 4.48
C MET L 145 36.53 -18.40 3.03
N ARG L 146 35.25 -18.74 2.80
CA ARG L 146 34.82 -18.84 1.44
C ARG L 146 34.65 -17.53 0.72
N GLU L 147 34.20 -16.47 1.36
CA GLU L 147 34.06 -15.25 0.58
C GLU L 147 35.25 -14.39 0.36
N HIS L 148 36.20 -14.62 1.25
CA HIS L 148 37.40 -13.86 1.20
C HIS L 148 38.34 -14.53 0.25
N SER L 149 38.49 -15.86 0.24
CA SER L 149 39.45 -16.47 -0.65
C SER L 149 38.95 -16.50 -2.09
N ASP L 150 37.63 -16.46 -2.27
CA ASP L 150 36.97 -16.47 -3.57
C ASP L 150 37.17 -17.77 -4.37
N LYS L 151 37.55 -18.84 -3.64
CA LYS L 151 37.83 -20.18 -4.13
C LYS L 151 36.64 -21.08 -3.80
N PRO L 152 36.38 -22.23 -4.44
CA PRO L 152 35.30 -23.15 -4.05
C PRO L 152 35.55 -23.66 -2.65
N LEU L 153 34.61 -24.12 -1.80
CA LEU L 153 34.99 -24.65 -0.48
C LEU L 153 36.21 -25.60 -0.50
N HIS L 154 36.18 -26.70 -1.24
CA HIS L 154 37.32 -27.59 -1.37
C HIS L 154 38.64 -27.02 -1.90
N ASP L 155 38.91 -25.74 -2.08
CA ASP L 155 40.28 -25.34 -2.43
C ASP L 155 40.62 -24.36 -1.34
N ILE L 156 40.11 -24.55 -0.13
CA ILE L 156 40.47 -23.63 0.92
C ILE L 156 41.16 -24.55 1.89
N SER L 157 42.33 -24.15 2.33
CA SER L 157 42.98 -24.89 3.39
C SER L 157 43.27 -23.93 4.52
N TYR L 158 43.30 -24.37 5.75
CA TYR L 158 43.54 -23.49 6.88
C TYR L 158 44.18 -24.24 8.04
N ALA L 159 44.77 -23.60 9.05
CA ALA L 159 45.42 -24.29 10.14
C ALA L 159 44.93 -23.75 11.45
N TYR L 160 44.97 -24.55 12.51
CA TYR L 160 44.53 -24.09 13.81
C TYR L 160 45.76 -24.23 14.68
N LEU L 161 46.22 -23.25 15.45
CA LEU L 161 47.42 -23.44 16.22
C LEU L 161 47.22 -23.44 17.72
N GLY L 162 47.36 -24.68 18.17
CA GLY L 162 47.51 -25.06 19.57
C GLY L 162 46.44 -24.90 20.61
N ASP L 163 46.18 -26.12 21.06
CA ASP L 163 45.23 -26.57 22.08
C ASP L 163 44.06 -26.86 21.19
N ALA L 164 44.21 -27.97 20.50
CA ALA L 164 43.12 -28.33 19.65
C ALA L 164 42.20 -29.15 20.54
N ARG L 165 41.79 -28.69 21.72
CA ARG L 165 40.93 -29.48 22.62
C ARG L 165 39.85 -28.59 23.13
N ASN L 166 40.23 -27.42 23.71
CA ASN L 166 39.36 -26.27 23.85
C ASN L 166 38.88 -26.21 22.37
N ASN L 167 37.63 -26.65 22.28
CA ASN L 167 37.04 -27.16 21.07
C ASN L 167 36.86 -26.32 19.82
N MET L 168 37.42 -25.11 19.71
CA MET L 168 37.44 -24.44 18.41
C MET L 168 38.30 -25.32 17.50
N GLY L 169 39.24 -26.05 18.11
CA GLY L 169 40.03 -27.05 17.45
C GLY L 169 39.14 -28.15 16.95
N ASN L 170 38.18 -28.64 17.74
CA ASN L 170 37.28 -29.69 17.26
C ASN L 170 36.27 -29.25 16.24
N SER L 171 35.81 -28.01 16.38
CA SER L 171 34.75 -27.60 15.54
C SER L 171 35.39 -27.22 14.24
N LEU L 172 36.60 -26.66 14.20
CA LEU L 172 37.20 -26.44 12.90
C LEU L 172 37.49 -27.75 12.20
N LEU L 173 38.06 -28.78 12.83
CA LEU L 173 38.27 -30.08 12.21
C LEU L 173 36.95 -30.71 11.74
N LEU L 174 35.87 -30.62 12.53
CA LEU L 174 34.61 -31.22 12.16
C LEU L 174 34.10 -30.62 10.86
N ILE L 175 34.06 -29.28 10.72
CA ILE L 175 33.48 -28.78 9.52
C ILE L 175 34.47 -28.87 8.38
N GLY L 176 35.79 -28.64 8.53
CA GLY L 176 36.70 -28.92 7.42
C GLY L 176 36.49 -30.36 6.87
N ALA L 177 36.18 -31.33 7.74
CA ALA L 177 35.98 -32.70 7.31
C ALA L 177 34.70 -32.88 6.52
N LYS L 178 33.55 -32.40 6.98
CA LYS L 178 32.33 -32.60 6.20
C LYS L 178 32.29 -31.81 4.91
N LEU L 179 33.01 -30.70 4.77
CA LEU L 179 32.87 -29.94 3.55
C LEU L 179 34.03 -30.17 2.59
N GLY L 180 34.97 -31.01 2.98
CA GLY L 180 36.03 -31.38 2.06
C GLY L 180 37.07 -30.32 1.83
N MET L 181 37.36 -29.54 2.87
CA MET L 181 38.38 -28.52 2.75
C MET L 181 39.66 -29.21 3.19
N ASP L 182 40.79 -28.49 3.21
CA ASP L 182 42.05 -29.04 3.63
C ASP L 182 42.37 -28.45 5.00
N VAL L 183 41.99 -29.16 6.06
CA VAL L 183 42.20 -28.66 7.42
C VAL L 183 43.41 -29.23 8.16
N ARG L 184 44.35 -28.41 8.64
CA ARG L 184 45.54 -28.88 9.35
C ARG L 184 45.54 -28.45 10.80
N ILE L 185 45.68 -29.29 11.83
CA ILE L 185 45.76 -28.76 13.19
C ILE L 185 47.20 -28.76 13.68
N ALA L 186 47.70 -27.72 14.34
CA ALA L 186 49.07 -27.64 14.80
C ALA L 186 49.13 -27.45 16.29
N ALA L 187 49.23 -28.52 17.05
CA ALA L 187 49.27 -28.40 18.49
C ALA L 187 50.19 -29.48 19.05
N PRO L 188 50.72 -29.40 20.28
CA PRO L 188 51.52 -30.45 20.86
C PRO L 188 50.63 -31.68 21.11
N LYS L 189 51.06 -32.91 20.82
CA LYS L 189 50.30 -34.15 21.00
C LYS L 189 49.49 -34.33 22.27
N ALA L 190 49.86 -33.69 23.38
CA ALA L 190 49.07 -33.76 24.61
C ALA L 190 47.74 -33.04 24.50
N LEU L 191 47.60 -32.28 23.40
CA LEU L 191 46.53 -31.35 23.12
C LEU L 191 45.88 -31.51 21.75
N TRP L 192 45.90 -32.71 21.19
CA TRP L 192 45.23 -33.01 19.93
C TRP L 192 43.76 -33.34 20.24
N PRO L 193 42.76 -33.34 19.35
CA PRO L 193 41.38 -33.75 19.67
C PRO L 193 41.39 -35.22 20.14
N HIS L 194 40.59 -35.87 21.04
CA HIS L 194 40.94 -37.28 21.29
C HIS L 194 40.56 -38.03 20.04
N ASP L 195 41.57 -38.84 19.81
CA ASP L 195 41.63 -39.72 18.68
C ASP L 195 40.33 -40.42 18.33
N GLU L 196 39.33 -40.75 19.18
CA GLU L 196 38.13 -41.33 18.55
C GLU L 196 37.40 -40.26 17.74
N PHE L 197 37.45 -38.99 18.18
CA PHE L 197 36.89 -37.87 17.42
C PHE L 197 37.77 -37.73 16.20
N VAL L 198 39.12 -37.69 16.17
CA VAL L 198 39.79 -37.64 14.88
C VAL L 198 39.36 -38.85 14.04
N ALA L 199 39.05 -40.03 14.62
CA ALA L 199 38.63 -41.16 13.81
C ALA L 199 37.32 -40.82 13.11
N GLN L 200 36.45 -40.07 13.78
CA GLN L 200 35.20 -39.65 13.16
C GLN L 200 35.54 -38.69 12.06
N CYS L 201 36.27 -37.61 12.37
CA CYS L 201 36.67 -36.67 11.34
C CYS L 201 37.35 -37.38 10.21
N LYS L 202 37.96 -38.56 10.35
CA LYS L 202 38.48 -39.19 9.17
C LYS L 202 37.43 -39.95 8.39
N LYS L 203 36.41 -40.52 9.05
CA LYS L 203 35.29 -41.18 8.39
C LYS L 203 34.74 -40.15 7.42
N PHE L 204 34.31 -39.01 7.98
CA PHE L 204 33.84 -37.87 7.21
C PHE L 204 34.78 -37.41 6.12
N ALA L 205 36.03 -37.19 6.50
CA ALA L 205 37.03 -36.68 5.56
C ALA L 205 37.24 -37.49 4.31
N GLU L 206 36.71 -38.70 4.27
CA GLU L 206 36.90 -39.59 3.15
C GLU L 206 35.79 -39.55 2.12
N GLU L 207 34.57 -39.32 2.62
CA GLU L 207 33.40 -39.27 1.77
C GLU L 207 33.60 -37.99 0.94
N SER L 208 33.92 -36.85 1.56
CA SER L 208 34.33 -35.62 0.86
C SER L 208 35.82 -35.74 0.52
N GLY L 209 36.52 -34.92 -0.25
CA GLY L 209 37.97 -35.15 -0.38
C GLY L 209 38.72 -34.43 0.75
N ALA L 210 38.37 -34.56 2.02
CA ALA L 210 39.01 -33.66 2.98
C ALA L 210 40.41 -34.07 3.44
N LYS L 211 41.43 -33.21 3.50
CA LYS L 211 42.73 -33.61 4.02
C LYS L 211 42.81 -33.15 5.47
N LEU L 212 43.20 -34.00 6.45
CA LEU L 212 43.33 -33.60 7.85
C LEU L 212 44.77 -33.83 8.33
N THR L 213 45.74 -32.92 8.47
CA THR L 213 46.98 -33.35 9.12
C THR L 213 46.73 -33.09 10.61
N LEU L 214 47.63 -33.48 11.50
CA LEU L 214 47.61 -33.06 12.89
C LEU L 214 49.10 -33.15 13.13
N THR L 215 49.81 -32.05 13.29
CA THR L 215 51.25 -32.06 13.49
C THR L 215 51.48 -31.43 14.87
N GLU L 216 52.71 -31.03 15.24
CA GLU L 216 53.07 -30.30 16.46
C GLU L 216 54.06 -29.21 16.06
N ASP L 217 54.32 -29.14 14.75
CA ASP L 217 55.25 -28.23 14.13
C ASP L 217 54.44 -27.11 13.46
N PRO L 218 54.22 -25.90 14.00
CA PRO L 218 53.59 -24.78 13.32
C PRO L 218 54.06 -24.48 11.91
N LYS L 219 55.29 -24.05 11.66
CA LYS L 219 55.75 -23.73 10.31
C LYS L 219 55.34 -24.75 9.22
N GLU L 220 55.18 -26.00 9.62
CA GLU L 220 54.73 -27.04 8.70
C GLU L 220 53.23 -26.89 8.47
N ALA L 221 52.48 -26.98 9.58
CA ALA L 221 51.02 -26.93 9.57
C ALA L 221 50.47 -25.78 8.73
N VAL L 222 51.06 -24.63 8.96
CA VAL L 222 50.70 -23.43 8.27
C VAL L 222 51.28 -23.29 6.87
N LYS L 223 51.89 -24.30 6.22
CA LYS L 223 52.56 -24.06 4.96
C LYS L 223 51.57 -23.94 3.82
N GLY L 224 51.66 -22.84 3.05
CA GLY L 224 50.77 -22.58 1.90
C GLY L 224 49.24 -22.55 2.12
N VAL L 225 48.83 -22.32 3.34
CA VAL L 225 47.45 -22.27 3.75
C VAL L 225 46.89 -20.91 3.35
N ASP L 226 45.57 -20.74 3.36
CA ASP L 226 44.90 -19.45 3.18
C ASP L 226 44.36 -19.31 4.59
N PHE L 227 44.40 -18.32 5.51
CA PHE L 227 43.69 -18.40 6.82
C PHE L 227 44.37 -19.35 7.81
N VAL L 228 44.81 -18.71 8.90
CA VAL L 228 45.55 -19.24 10.05
C VAL L 228 44.55 -18.92 11.17
N HIS L 229 44.13 -19.84 12.05
CA HIS L 229 43.15 -19.57 13.11
C HIS L 229 43.81 -19.75 14.43
N THR L 230 43.47 -19.01 15.46
CA THR L 230 43.98 -19.37 16.77
C THR L 230 42.90 -19.05 17.79
N ASP L 231 43.16 -19.16 19.08
CA ASP L 231 42.19 -18.85 20.11
C ASP L 231 42.82 -18.74 21.49
N VAL L 232 42.30 -17.97 22.45
CA VAL L 232 42.95 -17.76 23.74
C VAL L 232 43.00 -19.10 24.40
N TRP L 233 44.22 -19.52 24.77
CA TRP L 233 44.45 -20.76 25.50
C TRP L 233 44.63 -20.65 27.01
N VAL L 234 44.75 -19.46 27.58
CA VAL L 234 44.96 -19.35 29.01
C VAL L 234 43.56 -19.30 29.60
N SER L 235 43.28 -20.09 30.64
CA SER L 235 41.98 -20.12 31.27
C SER L 235 41.91 -19.20 32.48
N MET L 236 41.41 -18.00 32.14
CA MET L 236 41.03 -16.97 33.10
C MET L 236 40.36 -17.69 34.26
N GLY L 237 40.93 -17.64 35.43
CA GLY L 237 40.27 -18.31 36.53
C GLY L 237 41.14 -19.38 37.12
N GLU L 238 41.63 -20.38 36.37
CA GLU L 238 42.54 -21.39 36.93
C GLU L 238 43.73 -20.45 37.20
N PRO L 239 44.02 -20.17 38.49
CA PRO L 239 44.17 -18.81 39.02
C PRO L 239 44.81 -17.87 38.03
N VAL L 240 46.14 -17.86 37.96
CA VAL L 240 46.92 -17.04 37.05
C VAL L 240 48.38 -17.22 37.42
N GLU L 241 48.63 -17.18 38.72
CA GLU L 241 49.91 -17.52 39.33
C GLU L 241 50.16 -18.88 38.77
N ALA L 242 51.20 -18.73 37.97
CA ALA L 242 51.66 -19.82 37.18
C ALA L 242 50.58 -20.33 36.23
N TRP L 243 50.44 -19.55 35.16
CA TRP L 243 49.96 -20.22 34.00
C TRP L 243 51.25 -20.86 33.49
N GLY L 244 52.43 -20.26 33.76
CA GLY L 244 53.77 -20.79 33.49
C GLY L 244 53.90 -22.07 32.67
N GLU L 245 53.50 -23.28 33.12
CA GLU L 245 53.64 -24.44 32.24
C GLU L 245 52.78 -24.31 31.00
N ARG L 246 51.49 -23.94 31.12
CA ARG L 246 50.63 -23.72 29.96
C ARG L 246 51.32 -22.69 29.06
N ILE L 247 51.83 -21.61 29.66
CA ILE L 247 52.47 -20.60 28.84
C ILE L 247 53.73 -21.15 28.21
N LYS L 248 54.45 -22.10 28.81
CA LYS L 248 55.66 -22.56 28.18
C LYS L 248 55.26 -23.51 27.06
N GLU L 249 54.11 -24.19 27.17
CA GLU L 249 53.67 -25.11 26.14
C GLU L 249 53.21 -24.48 24.87
N LEU L 250 52.20 -23.63 25.00
CA LEU L 250 51.60 -23.15 23.81
C LEU L 250 52.35 -21.96 23.28
N LEU L 251 53.31 -21.37 24.01
CA LEU L 251 53.97 -20.18 23.50
C LEU L 251 54.74 -20.48 22.19
N PRO L 252 55.24 -21.66 21.79
CA PRO L 252 55.72 -21.86 20.44
C PRO L 252 54.62 -21.66 19.41
N TYR L 253 53.36 -22.03 19.69
CA TYR L 253 52.20 -21.89 18.79
C TYR L 253 51.55 -20.51 18.72
N GLN L 254 52.29 -19.47 19.10
CA GLN L 254 51.80 -18.11 19.17
C GLN L 254 51.56 -17.68 17.73
N VAL L 255 50.39 -17.34 17.17
CA VAL L 255 50.42 -16.87 15.79
C VAL L 255 51.13 -15.53 15.81
N ASN L 256 52.21 -15.35 15.05
CA ASN L 256 52.89 -14.06 15.01
C ASN L 256 53.46 -13.81 13.63
N MET L 257 54.07 -12.66 13.33
CA MET L 257 54.56 -12.42 11.97
C MET L 257 55.55 -13.43 11.44
N GLU L 258 56.14 -14.32 12.25
CA GLU L 258 57.02 -15.35 11.72
C GLU L 258 56.00 -16.34 11.21
N ILE L 259 55.13 -16.96 12.03
CA ILE L 259 54.09 -17.88 11.55
C ILE L 259 53.26 -17.40 10.38
N MET L 260 52.87 -16.12 10.37
CA MET L 260 52.07 -15.60 9.26
C MET L 260 52.95 -15.58 8.02
N LYS L 261 54.17 -15.03 8.06
CA LYS L 261 55.05 -15.04 6.90
C LYS L 261 55.50 -16.46 6.56
N ALA L 262 55.46 -17.36 7.56
CA ALA L 262 55.83 -18.75 7.41
C ALA L 262 54.89 -19.46 6.51
N THR L 263 53.65 -18.95 6.38
CA THR L 263 52.73 -19.54 5.44
C THR L 263 53.38 -19.18 4.10
N GLY L 264 52.96 -19.84 3.05
CA GLY L 264 53.63 -19.48 1.81
C GLY L 264 53.18 -18.13 1.28
N ASN L 265 51.96 -17.71 1.62
CA ASN L 265 51.33 -16.87 0.63
C ASN L 265 50.94 -15.48 1.04
N PRO L 266 51.11 -14.39 0.25
CA PRO L 266 50.87 -13.02 0.69
C PRO L 266 49.41 -12.68 0.96
N ARG L 267 48.51 -13.64 0.80
CA ARG L 267 47.12 -13.42 1.01
C ARG L 267 46.65 -14.24 2.20
N ALA L 268 47.51 -14.99 2.93
CA ALA L 268 47.04 -15.72 4.09
C ALA L 268 46.43 -14.69 5.06
N LYS L 269 45.34 -15.03 5.78
CA LYS L 269 44.69 -14.18 6.76
C LYS L 269 44.61 -14.87 8.12
N PHE L 270 44.48 -14.10 9.17
CA PHE L 270 44.44 -14.60 10.52
C PHE L 270 42.97 -14.54 10.92
N MET L 271 42.46 -15.47 11.70
CA MET L 271 41.09 -15.39 12.14
C MET L 271 41.12 -15.78 13.60
N HIS L 272 40.14 -15.39 14.42
CA HIS L 272 40.18 -15.67 15.84
C HIS L 272 38.76 -15.51 16.39
N CYS L 273 37.92 -16.36 17.00
CA CYS L 273 36.59 -15.87 17.40
C CYS L 273 36.70 -15.09 18.72
N LEU L 274 37.09 -13.82 18.62
CA LEU L 274 37.30 -12.89 19.72
C LEU L 274 36.76 -13.20 21.14
N PRO L 275 37.33 -12.88 22.31
CA PRO L 275 38.33 -11.85 22.55
C PRO L 275 39.72 -12.42 22.31
N ALA L 276 40.64 -11.60 21.84
CA ALA L 276 41.95 -12.09 21.57
C ALA L 276 42.78 -11.29 22.50
N PHE L 277 43.57 -12.02 23.28
CA PHE L 277 44.56 -11.45 24.13
C PHE L 277 45.68 -11.07 23.20
N HIS L 278 45.72 -9.79 22.90
CA HIS L 278 46.74 -9.42 21.98
C HIS L 278 47.54 -8.21 22.39
N ASN L 279 47.44 -7.81 23.66
CA ASN L 279 48.24 -6.72 24.20
C ASN L 279 47.81 -6.43 25.61
N SER L 280 48.49 -5.48 26.26
CA SER L 280 48.18 -5.21 27.64
C SER L 280 47.04 -4.25 27.93
N GLU L 281 46.46 -3.58 26.92
CA GLU L 281 45.40 -2.59 27.13
C GLU L 281 44.04 -3.07 27.61
N THR L 282 44.04 -3.93 28.61
CA THR L 282 42.86 -4.49 29.18
C THR L 282 43.29 -4.77 30.62
N LYS L 283 42.35 -5.02 31.51
CA LYS L 283 42.72 -5.21 32.89
C LYS L 283 43.23 -6.64 33.09
N VAL L 284 42.63 -7.70 32.48
CA VAL L 284 43.24 -9.03 32.51
C VAL L 284 44.65 -8.86 31.91
N GLY L 285 44.72 -8.14 30.80
CA GLY L 285 45.97 -8.00 30.07
C GLY L 285 47.00 -7.11 30.72
N LYS L 286 46.77 -6.52 31.89
CA LYS L 286 47.86 -5.85 32.56
C LYS L 286 48.36 -6.78 33.66
N GLN L 287 47.46 -7.55 34.29
CA GLN L 287 47.79 -8.57 35.26
C GLN L 287 48.88 -9.44 34.68
N ILE L 288 48.52 -10.19 33.63
CA ILE L 288 49.42 -11.11 32.93
C ILE L 288 50.71 -10.45 32.52
N ALA L 289 50.61 -9.32 31.81
CA ALA L 289 51.78 -8.54 31.45
C ALA L 289 52.66 -8.25 32.64
N GLU L 290 52.15 -8.05 33.88
CA GLU L 290 53.06 -7.89 35.01
C GLU L 290 53.72 -9.21 35.30
N GLN L 291 52.93 -10.25 35.63
CA GLN L 291 53.53 -11.52 35.96
C GLN L 291 54.30 -12.12 34.79
N TYR L 292 54.14 -11.62 33.57
CA TYR L 292 54.82 -12.17 32.43
C TYR L 292 55.04 -10.99 31.54
N PRO L 293 56.22 -10.44 31.72
CA PRO L 293 56.71 -9.41 30.85
C PRO L 293 56.73 -9.86 29.42
N ASN L 294 57.06 -11.12 29.09
CA ASN L 294 57.24 -11.34 27.67
C ASN L 294 55.95 -11.58 26.92
N LEU L 295 54.82 -11.66 27.63
CA LEU L 295 53.52 -11.66 26.97
C LEU L 295 53.28 -10.16 26.93
N ALA L 296 52.20 -9.49 27.36
CA ALA L 296 52.24 -7.99 27.34
C ALA L 296 52.46 -7.39 25.96
N ASN L 297 51.88 -8.10 25.00
CA ASN L 297 52.02 -7.81 23.59
C ASN L 297 51.38 -8.83 22.69
N GLY L 298 50.84 -9.80 23.40
CA GLY L 298 49.94 -10.71 22.77
C GLY L 298 50.27 -12.06 23.25
N ILE L 299 49.27 -12.70 23.84
CA ILE L 299 49.50 -14.02 24.31
C ILE L 299 49.34 -14.90 23.09
N GLU L 300 48.18 -15.26 22.55
CA GLU L 300 48.09 -16.20 21.43
C GLU L 300 48.11 -15.59 20.03
N VAL L 301 48.21 -14.27 19.94
CA VAL L 301 48.27 -13.54 18.69
C VAL L 301 49.12 -12.36 19.10
N THR L 302 50.10 -11.91 18.34
CA THR L 302 50.80 -10.73 18.79
C THR L 302 50.12 -9.52 18.18
N GLU L 303 50.14 -8.34 18.81
CA GLU L 303 49.65 -7.15 18.15
C GLU L 303 50.30 -6.99 16.79
N ASP L 304 51.57 -7.42 16.54
CA ASP L 304 52.20 -7.21 15.23
C ASP L 304 51.38 -7.92 14.14
N VAL L 305 50.59 -8.95 14.50
CA VAL L 305 49.61 -9.47 13.57
C VAL L 305 48.20 -8.98 13.79
N PHE L 306 47.71 -8.93 15.02
CA PHE L 306 46.34 -8.51 15.24
C PHE L 306 46.09 -7.13 14.66
N GLU L 307 46.85 -6.10 15.01
CA GLU L 307 46.48 -4.82 14.52
C GLU L 307 47.24 -4.41 13.29
N SER L 308 47.13 -5.24 12.22
CA SER L 308 47.55 -4.86 10.86
C SER L 308 47.31 -5.93 9.78
N PRO L 309 46.91 -5.64 8.51
CA PRO L 309 45.93 -6.34 7.61
C PRO L 309 45.84 -7.82 7.34
N TYR L 310 46.55 -8.64 8.09
CA TYR L 310 46.39 -10.07 8.03
C TYR L 310 45.13 -10.35 8.79
N ASN L 311 44.50 -9.38 9.42
CA ASN L 311 43.50 -9.68 10.39
C ASN L 311 42.11 -9.42 9.89
N ILE L 312 41.34 -10.49 9.62
CA ILE L 312 39.96 -10.34 9.26
C ILE L 312 39.15 -10.78 10.48
N ALA L 313 39.56 -10.61 11.75
CA ALA L 313 38.71 -11.08 12.83
C ALA L 313 37.37 -10.36 12.95
N PHE L 314 37.24 -9.09 12.52
CA PHE L 314 35.98 -8.38 12.68
C PHE L 314 34.98 -8.61 11.59
N GLU L 315 35.41 -8.82 10.34
CA GLU L 315 34.55 -9.25 9.24
C GLU L 315 34.04 -10.64 9.64
N GLN L 316 34.88 -11.54 10.15
CA GLN L 316 34.39 -12.82 10.65
C GLN L 316 33.43 -12.62 11.82
N ALA L 317 33.67 -11.73 12.78
CA ALA L 317 32.71 -11.48 13.84
C ALA L 317 31.33 -11.03 13.34
N GLU L 318 31.26 -10.18 12.32
CA GLU L 318 30.02 -9.78 11.66
C GLU L 318 29.31 -10.96 11.02
N ASN L 319 30.01 -11.76 10.23
CA ASN L 319 29.49 -12.98 9.63
C ASN L 319 28.76 -13.95 10.52
N ARG L 320 28.81 -13.70 11.81
CA ARG L 320 28.10 -14.51 12.75
C ARG L 320 26.64 -14.08 12.84
N MET L 321 26.39 -12.82 12.49
CA MET L 321 25.05 -12.25 12.40
C MET L 321 24.38 -12.72 11.13
N HIS L 322 25.09 -12.77 9.98
CA HIS L 322 24.45 -13.20 8.77
C HIS L 322 24.18 -14.66 8.90
N THR L 323 24.96 -15.51 9.61
CA THR L 323 24.58 -16.92 9.84
C THR L 323 23.37 -17.11 10.75
N ILE L 324 23.27 -16.43 11.89
CA ILE L 324 22.11 -16.61 12.73
C ILE L 324 20.90 -16.13 11.96
N LYS L 325 21.00 -15.12 11.11
CA LYS L 325 19.88 -14.83 10.25
C LYS L 325 19.62 -16.01 9.31
N ALA L 326 20.59 -16.79 8.78
CA ALA L 326 20.27 -17.94 7.91
C ALA L 326 19.50 -18.97 8.68
N ILE L 327 19.90 -19.22 9.94
CA ILE L 327 19.18 -20.12 10.86
C ILE L 327 17.82 -19.52 11.21
N LEU L 328 17.52 -18.24 11.48
CA LEU L 328 16.15 -17.86 11.79
C LEU L 328 15.32 -17.96 10.50
N VAL L 329 15.84 -17.56 9.34
CA VAL L 329 15.04 -17.64 8.13
C VAL L 329 14.83 -19.06 7.70
N SER L 330 15.68 -20.10 7.77
CA SER L 330 15.20 -21.40 7.31
C SER L 330 14.37 -22.19 8.31
N THR L 331 14.35 -21.76 9.58
CA THR L 331 13.55 -22.39 10.62
C THR L 331 12.13 -21.82 10.66
N LEU L 332 12.10 -20.48 10.79
CA LEU L 332 10.90 -19.69 10.95
C LEU L 332 10.40 -19.15 9.61
N ALA L 333 10.78 -18.07 8.95
CA ALA L 333 10.24 -17.61 7.66
C ALA L 333 9.35 -18.39 6.73
N ASP L 334 8.44 -17.57 6.18
CA ASP L 334 7.43 -17.99 5.25
C ASP L 334 7.94 -17.99 3.82
N ILE L 335 8.79 -18.94 3.54
CA ILE L 335 9.37 -19.18 2.23
C ILE L 335 9.57 -20.67 2.25
#